data_4L06
#
_entry.id   4L06
#
_cell.length_a   96.220
_cell.length_b   116.550
_cell.length_c   275.710
_cell.angle_alpha   90.00
_cell.angle_beta   90.00
_cell.angle_gamma   90.00
#
_symmetry.space_group_name_H-M   'P 21 21 21'
#
loop_
_entity.id
_entity.type
_entity.pdbx_description
1 polymer 'Isocitrate dehydrogenase [NADP] cytoplasmic'
2 non-polymer 'CALCIUM ION'
3 non-polymer 'NADP NICOTINAMIDE-ADENINE-DINUCLEOTIDE PHOSPHATE'
4 non-polymer '2-OXOGLUTARIC ACID'
5 water water
#
_entity_poly.entity_id   1
_entity_poly.type   'polypeptide(L)'
_entity_poly.pdbx_seq_one_letter_code
;MSKKISGGSVVEMQGDEMTRIIWELIKEKLIFPYVELDLHSYDLGIENRDATNDQVTKDAAEAIKKHNVGVKCATITPDE
KRVEEFKLKQMWKSPNGTIRNILGGTVFREAIICKNIPRLVSGWVKPIIIGRHAYGDQDRATDFVVPGPGKVEITYTPSD
GTQKVTYLVHNFEEGGGVAMGMYNQDKSIEDFAHSSFQMALSKGWPLYLSTKNTILKKYDGRFKDIFQEIYDKQYKSQFE
AQKIWYEHRLIDDMVAQAMKSEGGFIWACKNYDGDVQSDSVAQGYGSLGMMTSVLVCPDGKTVEAEAAHGTVTRHYRMYQ
KGQETSTNPIASIFAWTRGLAHRAKLDNNKELAFFANALEEVSIETIEAGFMTKDLAACIKGLPNVQRSDYLNTFEFMDK
LGENLKIKLAQAKLSLEHHHHHHHH
;
_entity_poly.pdbx_strand_id   A,B,C,D,E,F
#
loop_
_chem_comp.id
_chem_comp.type
_chem_comp.name
_chem_comp.formula
AKG non-polymer '2-OXOGLUTARIC ACID' 'C5 H6 O5'
CA non-polymer 'CALCIUM ION' 'Ca 2'
NAP non-polymer 'NADP NICOTINAMIDE-ADENINE-DINUCLEOTIDE PHOSPHATE' 'C21 H28 N7 O17 P3'
#
# COMPACT_ATOMS: atom_id res chain seq x y z
N LYS A 3 -46.96 -16.63 -12.28
CA LYS A 3 -45.54 -16.97 -12.36
C LYS A 3 -44.79 -15.93 -13.20
N LYS A 4 -45.32 -14.70 -13.21
CA LYS A 4 -44.95 -13.69 -14.21
C LYS A 4 -43.62 -13.01 -13.92
N ILE A 5 -43.33 -12.68 -12.66
CA ILE A 5 -42.12 -11.93 -12.37
C ILE A 5 -40.92 -12.81 -12.63
N SER A 6 -39.94 -12.29 -13.38
CA SER A 6 -38.72 -13.04 -13.65
C SER A 6 -37.74 -12.68 -12.55
N GLY A 7 -37.46 -13.64 -11.69
CA GLY A 7 -36.67 -13.40 -10.50
C GLY A 7 -35.18 -13.40 -10.76
N GLY A 8 -34.75 -14.25 -11.67
CA GLY A 8 -33.34 -14.46 -11.90
C GLY A 8 -32.82 -15.68 -11.16
N SER A 9 -31.50 -15.74 -11.03
CA SER A 9 -30.84 -16.91 -10.47
C SER A 9 -30.82 -16.83 -8.94
N VAL A 10 -31.30 -17.88 -8.28
CA VAL A 10 -31.29 -18.00 -6.82
C VAL A 10 -30.92 -19.43 -6.46
N VAL A 11 -30.05 -19.58 -5.45
CA VAL A 11 -29.66 -20.88 -4.93
C VAL A 11 -30.59 -21.25 -3.78
N GLU A 12 -31.30 -22.36 -3.91
CA GLU A 12 -32.21 -22.85 -2.88
C GLU A 12 -31.59 -24.07 -2.21
N MET A 13 -31.59 -24.09 -0.87
CA MET A 13 -31.08 -25.22 -0.10
C MET A 13 -32.19 -25.76 0.79
N GLN A 14 -32.63 -27.00 0.51
CA GLN A 14 -33.72 -27.62 1.24
C GLN A 14 -33.19 -28.27 2.52
N GLY A 15 -34.00 -28.19 3.58
CA GLY A 15 -33.61 -28.58 4.93
C GLY A 15 -34.24 -29.87 5.44
N ASP A 16 -34.43 -29.96 6.76
CA ASP A 16 -34.99 -31.16 7.38
C ASP A 16 -36.24 -30.86 8.22
N GLU A 17 -36.98 -31.92 8.49
CA GLU A 17 -38.00 -31.99 9.55
C GLU A 17 -39.06 -30.91 9.36
N MET A 18 -39.46 -30.18 10.41
CA MET A 18 -40.62 -29.28 10.30
C MET A 18 -40.36 -28.14 9.33
N THR A 19 -39.14 -27.59 9.33
CA THR A 19 -38.81 -26.51 8.40
C THR A 19 -38.89 -26.95 6.94
N ARG A 20 -38.62 -28.23 6.65
CA ARG A 20 -38.64 -28.67 5.25
C ARG A 20 -40.06 -28.71 4.72
N ILE A 21 -41.02 -29.10 5.57
CA ILE A 21 -42.44 -29.03 5.23
C ILE A 21 -42.85 -27.58 4.98
N ILE A 22 -42.50 -26.69 5.91
CA ILE A 22 -42.80 -25.27 5.76
C ILE A 22 -42.15 -24.72 4.49
N TRP A 23 -40.89 -25.09 4.26
CA TRP A 23 -40.17 -24.66 3.05
C TRP A 23 -40.97 -24.97 1.79
N GLU A 24 -41.58 -26.16 1.73
CA GLU A 24 -42.32 -26.56 0.54
C GLU A 24 -43.65 -25.83 0.45
N LEU A 25 -44.30 -25.58 1.59
CA LEU A 25 -45.49 -24.75 1.56
C LEU A 25 -45.18 -23.32 1.14
N ILE A 26 -43.99 -22.82 1.50
CA ILE A 26 -43.59 -21.46 1.12
C ILE A 26 -43.44 -21.35 -0.40
N LYS A 27 -42.66 -22.25 -1.00
CA LYS A 27 -42.49 -22.24 -2.45
C LYS A 27 -43.83 -22.39 -3.16
N GLU A 28 -44.66 -23.33 -2.72
CA GLU A 28 -45.89 -23.60 -3.43
C GLU A 28 -46.88 -22.44 -3.31
N LYS A 29 -47.16 -22.00 -2.08
CA LYS A 29 -48.20 -20.99 -1.87
C LYS A 29 -47.72 -19.55 -2.10
N LEU A 30 -46.58 -19.16 -1.53
CA LEU A 30 -46.17 -17.75 -1.53
C LEU A 30 -45.22 -17.33 -2.64
N ILE A 31 -44.58 -18.25 -3.37
CA ILE A 31 -43.50 -17.86 -4.28
C ILE A 31 -43.80 -18.22 -5.73
N PHE A 32 -43.76 -19.51 -6.05
CA PHE A 32 -43.92 -19.98 -7.43
C PHE A 32 -45.17 -19.47 -8.16
N PRO A 33 -46.33 -19.27 -7.53
CA PRO A 33 -47.44 -18.69 -8.28
C PRO A 33 -47.17 -17.32 -8.86
N TYR A 34 -46.49 -16.45 -8.11
CA TYR A 34 -46.18 -15.10 -8.60
C TYR A 34 -44.79 -14.94 -9.21
N VAL A 35 -43.89 -15.91 -9.06
CA VAL A 35 -42.49 -15.68 -9.38
C VAL A 35 -41.97 -16.85 -10.19
N GLU A 36 -41.25 -16.55 -11.27
CA GLU A 36 -40.53 -17.53 -12.06
C GLU A 36 -39.05 -17.28 -11.82
N LEU A 37 -38.35 -18.30 -11.33
CA LEU A 37 -36.96 -18.17 -10.94
C LEU A 37 -36.11 -19.13 -11.75
N ASP A 38 -34.85 -18.77 -11.94
CA ASP A 38 -33.86 -19.74 -12.40
C ASP A 38 -33.27 -20.29 -11.10
N LEU A 39 -33.62 -21.52 -10.78
CA LEU A 39 -33.54 -22.01 -9.41
C LEU A 39 -32.55 -23.14 -9.38
N HIS A 40 -31.43 -22.93 -8.70
CA HIS A 40 -30.44 -23.98 -8.53
C HIS A 40 -30.66 -24.53 -7.14
N SER A 41 -31.25 -25.71 -7.09
CA SER A 41 -31.74 -26.33 -5.87
C SER A 41 -30.75 -27.38 -5.43
N TYR A 42 -30.33 -27.32 -4.17
CA TYR A 42 -29.46 -28.29 -3.56
C TYR A 42 -30.18 -28.86 -2.35
N ASP A 43 -30.30 -30.18 -2.29
CA ASP A 43 -31.06 -30.81 -1.22
C ASP A 43 -30.07 -31.09 -0.10
N LEU A 44 -30.19 -30.31 0.98
CA LEU A 44 -29.37 -30.43 2.18
C LEU A 44 -30.03 -31.26 3.26
N GLY A 45 -31.15 -31.89 2.96
CA GLY A 45 -31.72 -32.85 3.90
C GLY A 45 -30.70 -33.90 4.30
N ILE A 46 -30.90 -34.44 5.50
CA ILE A 46 -29.88 -35.30 6.10
C ILE A 46 -29.60 -36.52 5.22
N GLU A 47 -30.64 -37.07 4.59
CA GLU A 47 -30.46 -38.28 3.77
C GLU A 47 -29.59 -38.00 2.54
N ASN A 48 -29.80 -36.85 1.88
CA ASN A 48 -29.02 -36.57 0.69
C ASN A 48 -27.59 -36.15 1.01
N ARG A 49 -27.37 -35.47 2.14
CA ARG A 49 -26.00 -35.21 2.57
C ARG A 49 -25.27 -36.52 2.86
N ASP A 50 -25.95 -37.46 3.51
CA ASP A 50 -25.32 -38.75 3.76
C ASP A 50 -24.99 -39.45 2.45
N ALA A 51 -25.91 -39.43 1.49
CA ALA A 51 -25.68 -40.15 0.23
C ALA A 51 -24.53 -39.57 -0.59
N THR A 52 -24.31 -38.25 -0.51
CA THR A 52 -23.25 -37.55 -1.22
C THR A 52 -21.99 -37.35 -0.39
N ASN A 53 -21.94 -37.89 0.82
CA ASN A 53 -20.79 -37.68 1.72
C ASN A 53 -20.54 -36.21 1.97
N ASP A 54 -21.63 -35.45 2.19
CA ASP A 54 -21.59 -34.02 2.47
C ASP A 54 -21.22 -33.18 1.26
N GLN A 55 -20.95 -33.79 0.10
CA GLN A 55 -20.48 -33.03 -1.05
C GLN A 55 -21.52 -32.02 -1.52
N VAL A 56 -22.81 -32.39 -1.49
CA VAL A 56 -23.86 -31.45 -1.88
C VAL A 56 -23.75 -30.15 -1.08
N THR A 57 -23.31 -30.22 0.18
CA THR A 57 -23.17 -29.01 0.98
C THR A 57 -22.14 -28.07 0.36
N LYS A 58 -20.98 -28.61 -0.04
CA LYS A 58 -19.95 -27.79 -0.64
C LYS A 58 -20.38 -27.26 -2.00
N ASP A 59 -20.98 -28.13 -2.83
CA ASP A 59 -21.51 -27.66 -4.12
C ASP A 59 -22.46 -26.50 -3.93
N ALA A 60 -23.37 -26.59 -2.96
CA ALA A 60 -24.29 -25.47 -2.72
C ALA A 60 -23.54 -24.18 -2.37
N ALA A 61 -22.46 -24.30 -1.60
CA ALA A 61 -21.71 -23.11 -1.22
C ALA A 61 -21.07 -22.45 -2.43
N GLU A 62 -20.44 -23.26 -3.29
CA GLU A 62 -19.84 -22.71 -4.50
C GLU A 62 -20.91 -22.17 -5.46
N ALA A 63 -22.10 -22.80 -5.47
CA ALA A 63 -23.20 -22.26 -6.28
C ALA A 63 -23.67 -20.89 -5.78
N ILE A 64 -23.59 -20.63 -4.46
CA ILE A 64 -23.92 -19.32 -3.93
C ILE A 64 -22.89 -18.29 -4.37
N LYS A 65 -21.60 -18.65 -4.32
CA LYS A 65 -20.55 -17.76 -4.81
C LYS A 65 -20.83 -17.30 -6.23
N LYS A 66 -21.32 -18.22 -7.07
CA LYS A 66 -21.52 -17.92 -8.49
C LYS A 66 -22.76 -17.07 -8.72
N HIS A 67 -23.88 -17.41 -8.06
CA HIS A 67 -25.14 -16.72 -8.34
C HIS A 67 -25.44 -15.54 -7.42
N ASN A 68 -24.64 -15.32 -6.36
CA ASN A 68 -24.65 -14.17 -5.47
C ASN A 68 -25.78 -14.17 -4.43
N VAL A 69 -26.75 -15.08 -4.50
CA VAL A 69 -27.84 -15.11 -3.53
C VAL A 69 -28.23 -16.56 -3.25
N GLY A 70 -28.50 -16.85 -1.98
CA GLY A 70 -29.05 -18.14 -1.63
C GLY A 70 -29.94 -18.02 -0.42
N VAL A 71 -30.85 -18.98 -0.31
CA VAL A 71 -31.83 -19.06 0.76
C VAL A 71 -31.79 -20.47 1.29
N LYS A 72 -31.68 -20.62 2.61
CA LYS A 72 -31.43 -21.92 3.23
C LYS A 72 -32.47 -22.23 4.28
N CYS A 73 -33.11 -23.38 4.12
CA CYS A 73 -33.91 -24.03 5.14
C CYS A 73 -33.01 -24.60 6.25
N ALA A 74 -33.57 -24.73 7.45
CA ALA A 74 -32.80 -25.24 8.58
C ALA A 74 -32.48 -26.73 8.40
N THR A 75 -31.31 -27.14 8.89
CA THR A 75 -30.78 -28.48 8.64
C THR A 75 -30.38 -29.17 9.94
N ILE A 76 -30.49 -30.50 9.96
CA ILE A 76 -30.00 -31.29 11.09
C ILE A 76 -28.47 -31.32 11.08
N THR A 77 -27.86 -30.98 12.23
CA THR A 77 -26.45 -31.26 12.43
C THR A 77 -26.36 -32.50 13.32
N PRO A 78 -25.96 -33.64 12.77
CA PRO A 78 -26.09 -34.91 13.51
C PRO A 78 -25.08 -35.09 14.63
N ASP A 79 -25.54 -35.68 15.74
CA ASP A 79 -24.75 -36.26 16.81
C ASP A 79 -25.01 -37.77 16.80
N GLU A 80 -24.46 -38.47 17.80
CA GLU A 80 -24.60 -39.93 17.86
C GLU A 80 -26.04 -40.39 17.72
N LYS A 81 -26.97 -39.71 18.40
CA LYS A 81 -28.37 -40.14 18.34
C LYS A 81 -28.93 -40.00 16.93
N ARG A 82 -28.54 -38.94 16.22
CA ARG A 82 -28.99 -38.77 14.85
C ARG A 82 -28.38 -39.81 13.93
N VAL A 83 -27.13 -40.18 14.17
CA VAL A 83 -26.48 -41.24 13.38
C VAL A 83 -27.28 -42.53 13.48
N GLU A 84 -27.63 -42.91 14.71
CA GLU A 84 -28.47 -44.08 14.93
C GLU A 84 -29.88 -43.88 14.38
N GLU A 85 -30.40 -42.65 14.38
CA GLU A 85 -31.77 -42.45 13.89
C GLU A 85 -31.86 -42.64 12.39
N PHE A 86 -30.93 -42.04 11.64
CA PHE A 86 -30.97 -42.11 10.18
C PHE A 86 -30.04 -43.17 9.60
N LYS A 87 -29.34 -43.95 10.44
CA LYS A 87 -28.35 -44.92 9.98
C LYS A 87 -27.30 -44.25 9.08
N LEU A 88 -26.71 -43.19 9.60
CA LEU A 88 -25.74 -42.37 8.90
C LEU A 88 -24.38 -43.08 8.84
N LYS A 89 -23.56 -42.67 7.87
CA LYS A 89 -22.20 -43.20 7.76
C LYS A 89 -21.26 -42.56 8.77
N GLN A 90 -21.39 -41.25 8.99
CA GLN A 90 -20.51 -40.47 9.85
C GLN A 90 -21.36 -39.45 10.59
N MET A 91 -20.76 -38.78 11.58
CA MET A 91 -21.46 -37.62 12.15
C MET A 91 -20.99 -36.43 11.34
N TRP A 92 -21.86 -35.94 10.46
CA TRP A 92 -21.46 -34.91 9.52
C TRP A 92 -21.44 -33.56 10.22
N LYS A 93 -20.59 -32.67 9.72
CA LYS A 93 -20.50 -31.33 10.25
C LYS A 93 -21.71 -30.50 9.85
N SER A 94 -21.94 -29.42 10.61
CA SER A 94 -22.99 -28.48 10.33
C SER A 94 -22.88 -27.93 8.91
N PRO A 95 -23.92 -28.06 8.09
CA PRO A 95 -23.91 -27.38 6.79
C PRO A 95 -23.81 -25.87 6.90
N ASN A 96 -24.39 -25.29 7.96
CA ASN A 96 -24.26 -23.86 8.18
C ASN A 96 -22.80 -23.46 8.36
N GLY A 97 -22.09 -24.19 9.24
CA GLY A 97 -20.67 -23.89 9.44
C GLY A 97 -19.88 -24.07 8.16
N THR A 98 -20.19 -25.12 7.38
CA THR A 98 -19.49 -25.37 6.13
C THR A 98 -19.72 -24.23 5.13
N ILE A 99 -20.98 -23.83 4.95
CA ILE A 99 -21.29 -22.75 4.01
C ILE A 99 -20.66 -21.43 4.49
N ARG A 100 -20.81 -21.12 5.79
CA ARG A 100 -20.31 -19.85 6.30
C ARG A 100 -18.80 -19.75 6.21
N ASN A 101 -18.09 -20.86 6.39
CA ASN A 101 -16.63 -20.75 6.36
C ASN A 101 -16.06 -20.70 4.95
N ILE A 102 -16.83 -21.15 3.94
CA ILE A 102 -16.42 -20.95 2.55
C ILE A 102 -16.66 -19.52 2.09
N LEU A 103 -17.86 -18.99 2.36
CA LEU A 103 -18.22 -17.64 1.91
C LEU A 103 -17.57 -16.54 2.75
N GLY A 104 -17.51 -16.72 4.07
CA GLY A 104 -16.99 -15.69 4.96
C GLY A 104 -18.06 -14.66 5.34
N GLY A 105 -17.59 -13.54 5.90
CA GLY A 105 -18.47 -12.42 6.19
C GLY A 105 -19.08 -12.29 7.58
N THR A 106 -20.22 -11.61 7.66
CA THR A 106 -20.93 -11.30 8.91
C THR A 106 -22.37 -11.73 8.73
N VAL A 107 -22.97 -12.27 9.81
CA VAL A 107 -24.39 -12.65 9.81
C VAL A 107 -25.15 -11.65 10.67
N PHE A 108 -26.07 -10.90 10.07
CA PHE A 108 -26.86 -9.91 10.79
C PHE A 108 -28.20 -10.52 11.22
N ARG A 109 -28.50 -10.40 12.50
CA ARG A 109 -29.70 -11.00 13.06
C ARG A 109 -30.51 -9.93 13.78
N GLU A 110 -31.81 -9.88 13.48
CA GLU A 110 -32.67 -8.81 13.98
C GLU A 110 -34.07 -9.39 14.11
N ALA A 111 -34.78 -8.97 15.16
CA ALA A 111 -36.12 -9.47 15.38
C ALA A 111 -37.08 -8.92 14.34
N ILE A 112 -38.22 -9.60 14.19
CA ILE A 112 -39.28 -9.20 13.26
C ILE A 112 -40.47 -8.73 14.11
N ILE A 113 -40.72 -7.43 14.12
CA ILE A 113 -41.50 -6.78 15.17
C ILE A 113 -42.94 -6.59 14.73
N CYS A 114 -43.87 -7.11 15.52
CA CYS A 114 -45.31 -6.89 15.36
C CYS A 114 -45.84 -6.11 16.54
N LYS A 115 -46.84 -5.25 16.29
CA LYS A 115 -47.31 -4.29 17.30
C LYS A 115 -48.12 -4.95 18.40
N ASN A 116 -48.83 -6.03 18.09
CA ASN A 116 -49.71 -6.72 19.02
C ASN A 116 -48.99 -7.81 19.81
N ILE A 117 -47.67 -7.93 19.67
CA ILE A 117 -46.92 -9.04 20.25
C ILE A 117 -46.12 -8.51 21.44
N PRO A 118 -46.50 -8.86 22.66
CA PRO A 118 -45.71 -8.42 23.83
C PRO A 118 -44.33 -9.05 23.82
N ARG A 119 -43.40 -8.44 24.56
CA ARG A 119 -42.08 -9.02 24.66
C ARG A 119 -41.93 -9.75 26.00
N LEU A 120 -40.81 -10.48 26.11
CA LEU A 120 -40.34 -11.01 27.38
C LEU A 120 -39.51 -10.00 28.15
N VAL A 121 -38.68 -9.25 27.45
CA VAL A 121 -37.80 -8.25 28.05
C VAL A 121 -38.50 -6.91 27.96
N SER A 122 -38.77 -6.31 29.13
CA SER A 122 -39.71 -5.19 29.21
C SER A 122 -39.25 -4.01 28.37
N GLY A 123 -38.00 -3.59 28.53
CA GLY A 123 -37.53 -2.32 28.04
C GLY A 123 -37.01 -2.23 26.62
N TRP A 124 -37.17 -3.24 25.76
CA TRP A 124 -36.66 -3.08 24.40
C TRP A 124 -37.81 -2.54 23.56
N VAL A 125 -37.78 -1.24 23.29
CA VAL A 125 -38.71 -0.60 22.35
C VAL A 125 -38.09 -0.32 20.99
N LYS A 126 -36.80 -0.58 20.81
CA LYS A 126 -36.05 -0.34 19.58
C LYS A 126 -35.28 -1.60 19.24
N PRO A 127 -35.12 -1.92 17.96
CA PRO A 127 -34.53 -3.22 17.62
C PRO A 127 -33.06 -3.28 17.98
N ILE A 128 -32.64 -4.44 18.50
CA ILE A 128 -31.24 -4.79 18.65
C ILE A 128 -30.84 -5.56 17.40
N ILE A 129 -29.63 -5.30 16.89
CA ILE A 129 -29.11 -5.92 15.68
C ILE A 129 -27.77 -6.54 16.01
N ILE A 130 -27.63 -7.84 15.79
CA ILE A 130 -26.41 -8.57 16.10
C ILE A 130 -25.64 -8.78 14.80
N GLY A 131 -24.49 -8.13 14.65
CA GLY A 131 -23.48 -8.62 13.75
C GLY A 131 -22.84 -9.85 14.37
N ARG A 132 -22.85 -10.98 13.67
CA ARG A 132 -22.18 -12.18 14.14
C ARG A 132 -21.07 -12.48 13.16
N HIS A 133 -19.83 -12.44 13.63
CA HIS A 133 -18.72 -12.89 12.81
C HIS A 133 -19.00 -14.34 12.42
N ALA A 134 -18.95 -14.64 11.13
CA ALA A 134 -19.37 -15.94 10.63
C ALA A 134 -18.23 -16.94 10.48
N TYR A 135 -16.99 -16.54 10.73
CA TYR A 135 -15.83 -17.34 10.32
C TYR A 135 -15.04 -17.81 11.53
N GLY A 136 -14.51 -19.04 11.44
CA GLY A 136 -13.52 -19.51 12.39
C GLY A 136 -14.11 -19.83 13.77
N ASP A 137 -13.25 -19.74 14.79
CA ASP A 137 -13.63 -19.98 16.19
C ASP A 137 -14.22 -21.39 16.33
N GLN A 138 -15.35 -21.56 17.05
CA GLN A 138 -15.82 -22.90 17.40
CA GLN A 138 -15.82 -22.90 17.40
C GLN A 138 -16.26 -23.68 16.17
N ASP A 139 -16.87 -22.99 15.20
CA ASP A 139 -17.36 -23.68 14.00
C ASP A 139 -16.25 -24.46 13.31
N ARG A 140 -15.04 -23.90 13.29
CA ARG A 140 -13.88 -24.48 12.61
C ARG A 140 -12.93 -25.27 13.52
N ALA A 141 -13.29 -25.47 14.79
CA ALA A 141 -12.34 -25.98 15.78
C ALA A 141 -11.97 -27.45 15.52
N THR A 142 -10.83 -27.86 16.07
CA THR A 142 -10.40 -29.26 16.04
C THR A 142 -10.37 -29.76 17.48
N ASP A 143 -11.33 -30.63 17.83
CA ASP A 143 -11.48 -31.15 19.18
C ASP A 143 -11.36 -32.67 19.16
N PHE A 144 -10.82 -33.22 20.25
CA PHE A 144 -10.64 -34.67 20.38
C PHE A 144 -10.68 -35.08 21.86
N VAL A 145 -10.95 -36.36 22.07
CA VAL A 145 -10.91 -36.95 23.41
C VAL A 145 -9.46 -37.32 23.72
N VAL A 146 -8.99 -36.94 24.92
CA VAL A 146 -7.67 -37.32 25.40
C VAL A 146 -7.83 -38.67 26.13
N PRO A 147 -7.30 -39.76 25.60
CA PRO A 147 -7.63 -41.09 26.17
C PRO A 147 -7.01 -41.37 27.53
N GLY A 148 -5.91 -40.71 27.88
CA GLY A 148 -5.19 -41.00 29.10
C GLY A 148 -4.03 -40.05 29.34
N PRO A 149 -3.17 -40.37 30.29
CA PRO A 149 -2.05 -39.48 30.62
C PRO A 149 -1.20 -39.17 29.38
N GLY A 150 -0.69 -37.94 29.32
CA GLY A 150 0.11 -37.52 28.20
C GLY A 150 0.11 -36.01 28.06
N LYS A 151 0.74 -35.55 26.97
CA LYS A 151 1.03 -34.14 26.76
C LYS A 151 0.23 -33.61 25.56
N VAL A 152 -0.49 -32.51 25.77
CA VAL A 152 -1.21 -31.84 24.69
C VAL A 152 -0.50 -30.52 24.39
N GLU A 153 -0.07 -30.37 23.13
CA GLU A 153 0.69 -29.20 22.70
C GLU A 153 0.05 -28.59 21.46
N ILE A 154 0.23 -27.28 21.29
CA ILE A 154 -0.23 -26.56 20.11
C ILE A 154 0.96 -25.79 19.55
N THR A 155 1.22 -25.97 18.25
CA THR A 155 2.46 -25.52 17.64
C THR A 155 2.16 -24.69 16.41
N TYR A 156 3.09 -23.79 16.07
CA TYR A 156 2.99 -22.93 14.90
C TYR A 156 4.30 -22.99 14.13
N THR A 157 4.23 -23.38 12.86
CA THR A 157 5.37 -23.39 11.96
C THR A 157 5.12 -22.45 10.79
N PRO A 158 5.90 -21.38 10.61
CA PRO A 158 5.74 -20.53 9.42
C PRO A 158 5.98 -21.31 8.13
N SER A 159 5.49 -20.77 7.01
CA SER A 159 5.48 -21.49 5.74
C SER A 159 6.88 -21.87 5.26
N ASP A 160 7.88 -21.05 5.58
CA ASP A 160 9.29 -21.24 5.22
C ASP A 160 9.95 -22.37 5.97
N GLY A 161 9.23 -23.08 6.84
CA GLY A 161 9.52 -22.93 8.24
C GLY A 161 10.97 -23.06 8.62
N THR A 162 11.39 -21.91 9.11
CA THR A 162 12.67 -21.64 9.73
C THR A 162 12.57 -21.68 11.23
N GLN A 163 11.37 -21.91 11.75
CA GLN A 163 11.19 -22.08 13.19
C GLN A 163 9.97 -22.95 13.46
N LYS A 164 9.81 -23.28 14.74
CA LYS A 164 8.64 -23.95 15.30
C LYS A 164 8.44 -23.33 16.67
N VAL A 165 7.21 -22.90 16.96
CA VAL A 165 6.88 -22.36 18.28
C VAL A 165 5.90 -23.34 18.90
N THR A 166 6.31 -23.99 20.00
CA THR A 166 5.54 -25.05 20.64
C THR A 166 5.03 -24.57 21.99
N TYR A 167 3.71 -24.61 22.18
CA TYR A 167 3.03 -24.19 23.40
C TYR A 167 2.48 -25.40 24.14
N LEU A 168 2.61 -25.41 25.47
CA LEU A 168 1.99 -26.44 26.29
C LEU A 168 0.53 -26.07 26.53
N VAL A 169 -0.39 -26.92 26.07
CA VAL A 169 -1.80 -26.77 26.41
C VAL A 169 -2.06 -27.33 27.79
N HIS A 170 -1.84 -28.64 27.96
CA HIS A 170 -1.94 -29.28 29.26
C HIS A 170 -1.07 -30.52 29.26
N ASN A 171 -0.61 -30.92 30.44
CA ASN A 171 -0.04 -32.24 30.64
C ASN A 171 -1.02 -33.01 31.51
N PHE A 172 -1.52 -34.14 31.01
CA PHE A 172 -2.48 -34.93 31.76
C PHE A 172 -1.67 -35.94 32.57
N GLU A 173 -1.62 -35.73 33.89
CA GLU A 173 -0.81 -36.59 34.74
C GLU A 173 -1.53 -37.89 35.08
N GLU A 174 -2.82 -37.82 35.38
CA GLU A 174 -3.65 -38.99 35.58
C GLU A 174 -4.99 -38.77 34.88
N GLY A 175 -5.49 -39.82 34.25
CA GLY A 175 -6.78 -39.76 33.58
C GLY A 175 -6.72 -39.00 32.26
N GLY A 176 -7.85 -39.02 31.56
CA GLY A 176 -8.00 -38.33 30.31
C GLY A 176 -8.87 -37.09 30.42
N GLY A 177 -9.45 -36.70 29.29
CA GLY A 177 -10.13 -35.41 29.19
C GLY A 177 -10.45 -35.11 27.73
N VAL A 178 -10.55 -33.81 27.43
CA VAL A 178 -10.73 -33.34 26.07
C VAL A 178 -9.73 -32.21 25.81
N ALA A 179 -9.48 -31.96 24.53
CA ALA A 179 -8.65 -30.85 24.09
C ALA A 179 -9.15 -30.39 22.72
N MET A 180 -8.91 -29.12 22.41
CA MET A 180 -9.26 -28.58 21.11
C MET A 180 -8.34 -27.41 20.76
N GLY A 181 -8.00 -27.28 19.47
CA GLY A 181 -7.47 -26.05 18.92
C GLY A 181 -8.54 -25.28 18.14
N MET A 182 -8.31 -23.97 17.98
CA MET A 182 -9.20 -23.12 17.19
C MET A 182 -8.42 -21.90 16.73
N TYR A 183 -8.98 -21.17 15.76
CA TYR A 183 -8.24 -20.09 15.10
C TYR A 183 -9.21 -19.07 14.51
N ASN A 184 -8.66 -17.89 14.19
CA ASN A 184 -9.33 -16.91 13.34
C ASN A 184 -8.27 -16.21 12.50
N GLN A 185 -8.71 -15.51 11.46
CA GLN A 185 -7.81 -14.83 10.52
C GLN A 185 -7.98 -13.32 10.60
N ASP A 186 -6.84 -12.61 10.51
CA ASP A 186 -6.86 -11.14 10.59
C ASP A 186 -7.80 -10.53 9.56
N LYS A 187 -7.70 -10.98 8.30
CA LYS A 187 -8.49 -10.38 7.23
C LYS A 187 -9.99 -10.61 7.43
N SER A 188 -10.37 -11.77 7.97
CA SER A 188 -11.79 -11.98 8.26
C SER A 188 -12.27 -11.08 9.40
N ILE A 189 -11.41 -10.86 10.41
CA ILE A 189 -11.75 -9.95 11.50
C ILE A 189 -11.93 -8.53 10.96
N GLU A 190 -11.01 -8.10 10.10
CA GLU A 190 -11.12 -6.76 9.49
C GLU A 190 -12.42 -6.61 8.73
N ASP A 191 -12.74 -7.61 7.89
CA ASP A 191 -14.02 -7.59 7.17
C ASP A 191 -15.18 -7.52 8.14
N PHE A 192 -15.09 -8.27 9.24
CA PHE A 192 -16.12 -8.26 10.28
C PHE A 192 -16.27 -6.86 10.88
N ALA A 193 -15.16 -6.17 11.10
CA ALA A 193 -15.21 -4.81 11.62
C ALA A 193 -15.83 -3.84 10.61
N HIS A 194 -15.31 -3.81 9.38
CA HIS A 194 -15.83 -2.91 8.36
C HIS A 194 -17.33 -3.10 8.17
N SER A 195 -17.80 -4.35 8.24
CA SER A 195 -19.23 -4.60 8.10
C SER A 195 -20.01 -4.08 9.30
N SER A 196 -19.43 -4.19 10.50
CA SER A 196 -20.12 -3.73 11.71
C SER A 196 -20.22 -2.20 11.74
N PHE A 197 -19.11 -1.52 11.45
CA PHE A 197 -19.12 -0.06 11.41
C PHE A 197 -20.10 0.47 10.35
N GLN A 198 -20.06 -0.11 9.15
CA GLN A 198 -20.92 0.40 8.08
C GLN A 198 -22.40 0.20 8.41
N MET A 199 -22.75 -0.92 9.05
CA MET A 199 -24.12 -1.12 9.49
C MET A 199 -24.52 -0.12 10.55
N ALA A 200 -23.58 0.30 11.39
CA ALA A 200 -23.87 1.33 12.38
C ALA A 200 -24.29 2.63 11.69
N LEU A 201 -23.45 3.12 10.77
CA LEU A 201 -23.78 4.36 10.05
C LEU A 201 -25.02 4.19 9.18
N SER A 202 -25.26 2.99 8.67
CA SER A 202 -26.41 2.78 7.79
C SER A 202 -27.72 2.91 8.54
N LYS A 203 -27.77 2.46 9.79
CA LYS A 203 -28.95 2.64 10.64
C LYS A 203 -28.84 3.84 11.57
N GLY A 204 -27.72 4.54 11.57
CA GLY A 204 -27.54 5.71 12.43
C GLY A 204 -27.47 5.41 13.90
N TRP A 205 -26.82 4.31 14.29
CA TRP A 205 -26.84 3.80 15.66
C TRP A 205 -25.43 3.51 16.13
N PRO A 206 -25.19 3.54 17.44
CA PRO A 206 -23.85 3.24 17.94
C PRO A 206 -23.57 1.75 17.85
N LEU A 207 -22.33 1.39 18.18
CA LEU A 207 -21.83 0.05 17.93
C LEU A 207 -21.13 -0.46 19.17
N TYR A 208 -21.64 -1.54 19.74
CA TYR A 208 -20.98 -2.24 20.84
C TYR A 208 -20.36 -3.53 20.32
N LEU A 209 -19.08 -3.72 20.62
CA LEU A 209 -18.38 -4.98 20.39
C LEU A 209 -18.04 -5.58 21.74
N SER A 210 -18.26 -6.89 21.88
CA SER A 210 -18.07 -7.59 23.14
C SER A 210 -16.97 -8.63 22.98
N THR A 211 -16.00 -8.66 23.91
CA THR A 211 -15.04 -9.76 23.97
C THR A 211 -14.80 -10.17 25.43
N LYS A 212 -13.98 -11.22 25.56
CA LYS A 212 -13.40 -11.72 26.80
C LYS A 212 -11.98 -11.22 27.06
N ASN A 213 -11.50 -10.21 26.32
CA ASN A 213 -10.06 -9.97 26.15
C ASN A 213 -9.26 -9.91 27.45
N THR A 214 -9.90 -9.65 28.60
CA THR A 214 -9.19 -9.80 29.88
C THR A 214 -8.78 -11.25 30.15
N ILE A 215 -9.53 -12.22 29.63
CA ILE A 215 -9.20 -13.64 29.82
C ILE A 215 -8.31 -14.14 28.69
N LEU A 216 -8.80 -14.08 27.45
CA LEU A 216 -7.94 -14.38 26.30
C LEU A 216 -7.31 -13.07 25.85
N LYS A 217 -6.02 -12.89 26.14
CA LYS A 217 -5.36 -11.61 25.91
C LYS A 217 -4.89 -11.43 24.47
N LYS A 218 -4.28 -12.47 23.89
CA LYS A 218 -3.88 -12.40 22.49
C LYS A 218 -5.07 -12.62 21.57
N TYR A 219 -5.86 -13.66 21.84
CA TYR A 219 -6.92 -14.05 20.92
C TYR A 219 -7.98 -12.95 20.79
N ASP A 220 -8.61 -12.60 21.92
CA ASP A 220 -9.64 -11.57 21.89
C ASP A 220 -9.07 -10.17 21.84
N GLY A 221 -7.83 -9.99 22.30
CA GLY A 221 -7.19 -8.70 22.13
C GLY A 221 -7.04 -8.31 20.67
N ARG A 222 -6.84 -9.30 19.78
CA ARG A 222 -6.70 -9.03 18.36
C ARG A 222 -7.96 -8.39 17.80
N PHE A 223 -9.14 -8.90 18.19
CA PHE A 223 -10.39 -8.31 17.75
C PHE A 223 -10.51 -6.87 18.23
N LYS A 224 -10.23 -6.64 19.52
CA LYS A 224 -10.36 -5.30 20.07
C LYS A 224 -9.40 -4.33 19.39
N ASP A 225 -8.15 -4.77 19.16
CA ASP A 225 -7.16 -3.95 18.48
C ASP A 225 -7.60 -3.64 17.05
N ILE A 226 -8.03 -4.66 16.30
CA ILE A 226 -8.44 -4.46 14.92
C ILE A 226 -9.64 -3.52 14.84
N PHE A 227 -10.62 -3.71 15.73
CA PHE A 227 -11.78 -2.82 15.71
C PHE A 227 -11.38 -1.38 16.07
N GLN A 228 -10.45 -1.21 17.02
CA GLN A 228 -10.08 0.14 17.44
C GLN A 228 -9.22 0.86 16.40
N GLU A 229 -8.23 0.16 15.82
CA GLU A 229 -7.41 0.79 14.79
C GLU A 229 -8.26 1.26 13.62
N ILE A 230 -9.13 0.40 13.10
CA ILE A 230 -9.95 0.74 11.95
C ILE A 230 -10.89 1.90 12.29
N TYR A 231 -11.50 1.86 13.48
CA TYR A 231 -12.39 2.94 13.89
C TYR A 231 -11.63 4.25 14.05
N ASP A 232 -10.46 4.21 14.68
CA ASP A 232 -9.67 5.42 14.86
C ASP A 232 -9.30 6.03 13.51
N LYS A 233 -8.65 5.26 12.64
CA LYS A 233 -8.25 5.79 11.35
C LYS A 233 -9.45 6.06 10.45
N GLN A 234 -10.23 5.03 10.13
CA GLN A 234 -11.20 5.15 9.04
C GLN A 234 -12.52 5.80 9.43
N TYR A 235 -13.16 5.34 10.51
CA TYR A 235 -14.58 5.64 10.75
C TYR A 235 -14.88 6.76 11.75
N LYS A 236 -13.87 7.33 12.41
CA LYS A 236 -14.15 8.11 13.63
C LYS A 236 -14.83 9.44 13.30
N SER A 237 -14.31 10.16 12.31
CA SER A 237 -14.93 11.43 11.91
C SER A 237 -16.37 11.21 11.46
N GLN A 238 -16.64 10.13 10.72
CA GLN A 238 -17.99 9.85 10.28
C GLN A 238 -18.91 9.49 11.45
N PHE A 239 -18.39 8.75 12.43
CA PHE A 239 -19.21 8.36 13.57
C PHE A 239 -19.61 9.57 14.40
N GLU A 240 -18.68 10.48 14.63
CA GLU A 240 -18.98 11.69 15.40
C GLU A 240 -20.02 12.54 14.70
N ALA A 241 -19.88 12.74 13.39
CA ALA A 241 -20.77 13.62 12.64
C ALA A 241 -22.22 13.15 12.65
N GLN A 242 -22.47 11.86 12.91
CA GLN A 242 -23.82 11.34 13.08
C GLN A 242 -24.26 11.24 14.55
N LYS A 243 -23.44 11.72 15.48
CA LYS A 243 -23.76 11.72 16.92
C LYS A 243 -23.94 10.30 17.46
N ILE A 244 -23.08 9.39 17.03
CA ILE A 244 -23.01 8.02 17.54
C ILE A 244 -21.54 7.69 17.85
N TRP A 245 -21.29 6.48 18.32
CA TRP A 245 -19.96 6.14 18.82
C TRP A 245 -19.75 4.63 18.73
N TYR A 246 -18.48 4.22 18.83
CA TYR A 246 -18.10 2.83 18.96
C TYR A 246 -17.45 2.60 20.32
N GLU A 247 -17.78 1.49 20.96
CA GLU A 247 -17.26 1.18 22.29
C GLU A 247 -17.07 -0.32 22.45
N HIS A 248 -16.00 -0.72 23.12
CA HIS A 248 -15.78 -2.12 23.48
C HIS A 248 -16.26 -2.36 24.91
N ARG A 249 -16.84 -3.54 25.14
CA ARG A 249 -17.31 -3.95 26.44
C ARG A 249 -17.01 -5.42 26.67
N LEU A 250 -16.72 -5.77 27.92
CA LEU A 250 -16.61 -7.18 28.29
C LEU A 250 -17.97 -7.85 28.13
N ILE A 251 -17.97 -9.08 27.61
CA ILE A 251 -19.23 -9.78 27.34
C ILE A 251 -20.11 -9.84 28.57
N ASP A 252 -19.50 -9.96 29.77
CA ASP A 252 -20.25 -9.94 31.02
C ASP A 252 -21.09 -8.67 31.13
N ASP A 253 -20.44 -7.51 31.06
CA ASP A 253 -21.16 -6.24 31.12
C ASP A 253 -22.09 -6.09 29.93
N MET A 254 -21.64 -6.52 28.75
CA MET A 254 -22.40 -6.29 27.53
C MET A 254 -23.77 -6.96 27.59
N VAL A 255 -23.82 -8.22 28.03
CA VAL A 255 -25.10 -8.92 28.09
C VAL A 255 -26.01 -8.32 29.15
N ALA A 256 -25.43 -7.81 30.24
CA ALA A 256 -26.24 -7.16 31.27
C ALA A 256 -26.77 -5.82 30.76
N GLN A 257 -25.90 -5.03 30.12
CA GLN A 257 -26.31 -3.76 29.51
C GLN A 257 -27.39 -3.96 28.46
N ALA A 258 -27.17 -4.89 27.53
CA ALA A 258 -28.16 -5.17 26.50
C ALA A 258 -29.51 -5.51 27.11
N MET A 259 -29.50 -6.23 28.26
CA MET A 259 -30.74 -6.70 28.86
C MET A 259 -31.56 -5.55 29.45
N LYS A 260 -30.90 -4.54 30.03
CA LYS A 260 -31.61 -3.44 30.66
C LYS A 260 -31.76 -2.22 29.74
N SER A 261 -31.24 -2.27 28.53
CA SER A 261 -31.28 -1.10 27.66
C SER A 261 -32.63 -1.01 26.96
N GLU A 262 -32.75 0.01 26.09
CA GLU A 262 -33.92 0.19 25.25
C GLU A 262 -33.73 -0.35 23.84
N GLY A 263 -32.61 -0.98 23.54
CA GLY A 263 -32.32 -1.35 22.17
C GLY A 263 -31.69 -0.20 21.42
N GLY A 264 -31.90 -0.21 20.11
CA GLY A 264 -31.39 0.85 19.26
C GLY A 264 -29.88 0.90 19.20
N PHE A 265 -29.25 -0.25 18.94
CA PHE A 265 -27.80 -0.33 18.83
C PHE A 265 -27.45 -1.53 17.96
N ILE A 266 -26.25 -1.48 17.37
CA ILE A 266 -25.67 -2.62 16.67
C ILE A 266 -24.75 -3.34 17.64
N TRP A 267 -24.86 -4.67 17.70
CA TRP A 267 -24.07 -5.51 18.61
C TRP A 267 -23.17 -6.40 17.77
N ALA A 268 -21.87 -6.15 17.78
CA ALA A 268 -20.94 -6.96 17.02
C ALA A 268 -20.43 -8.06 17.95
N CYS A 269 -20.80 -9.30 17.64
CA CYS A 269 -20.45 -10.45 18.47
C CYS A 269 -19.48 -11.36 17.73
N LYS A 270 -18.61 -12.01 18.51
CA LYS A 270 -17.82 -13.12 18.02
C LYS A 270 -18.73 -14.30 17.68
N ASN A 271 -18.20 -15.20 16.85
CA ASN A 271 -18.99 -16.26 16.23
C ASN A 271 -19.87 -17.01 17.24
N TYR A 272 -19.26 -17.43 18.36
CA TYR A 272 -20.02 -18.20 19.34
C TYR A 272 -21.08 -17.32 20.04
N ASP A 273 -20.69 -16.12 20.47
CA ASP A 273 -21.61 -15.25 21.20
C ASP A 273 -22.83 -14.90 20.34
N GLY A 274 -22.60 -14.49 19.09
CA GLY A 274 -23.71 -14.14 18.22
C GLY A 274 -24.66 -15.30 17.99
N ASP A 275 -24.12 -16.52 17.89
CA ASP A 275 -24.95 -17.71 17.79
C ASP A 275 -25.90 -17.83 18.99
N VAL A 276 -25.35 -17.71 20.20
CA VAL A 276 -26.15 -17.90 21.41
C VAL A 276 -27.01 -16.66 21.72
N GLN A 277 -26.46 -15.47 21.57
CA GLN A 277 -27.19 -14.26 21.96
C GLN A 277 -28.37 -13.99 21.04
N SER A 278 -28.25 -14.32 19.74
CA SER A 278 -29.39 -14.10 18.84
C SER A 278 -30.58 -14.98 19.20
N ASP A 279 -30.33 -16.16 19.77
CA ASP A 279 -31.45 -16.94 20.31
C ASP A 279 -32.08 -16.24 21.52
N SER A 280 -31.26 -15.75 22.46
CA SER A 280 -31.80 -15.04 23.61
C SER A 280 -32.54 -13.77 23.18
N VAL A 281 -31.93 -12.98 22.30
CA VAL A 281 -32.56 -11.76 21.82
C VAL A 281 -33.89 -12.07 21.13
N ALA A 282 -33.85 -12.99 20.16
CA ALA A 282 -35.06 -13.33 19.41
C ALA A 282 -36.17 -13.79 20.34
N GLN A 283 -35.83 -14.59 21.35
CA GLN A 283 -36.84 -15.02 22.32
C GLN A 283 -37.29 -13.87 23.21
N GLY A 284 -36.39 -12.91 23.49
CA GLY A 284 -36.76 -11.77 24.28
C GLY A 284 -37.89 -10.98 23.65
N TYR A 285 -37.77 -10.68 22.35
CA TYR A 285 -38.85 -10.06 21.59
C TYR A 285 -40.06 -11.00 21.46
N GLY A 286 -39.92 -12.25 21.89
CA GLY A 286 -41.04 -13.16 22.06
C GLY A 286 -41.12 -14.36 21.12
N SER A 287 -40.39 -14.42 20.01
CA SER A 287 -40.36 -15.70 19.30
C SER A 287 -39.07 -15.90 18.51
N LEU A 288 -38.55 -17.14 18.54
CA LEU A 288 -37.53 -17.54 17.57
C LEU A 288 -38.10 -17.63 16.17
N GLY A 289 -39.41 -17.80 16.05
CA GLY A 289 -40.04 -17.74 14.75
C GLY A 289 -39.98 -16.37 14.11
N MET A 290 -39.73 -15.31 14.90
CA MET A 290 -39.58 -13.98 14.30
C MET A 290 -38.15 -13.53 14.53
N MET A 291 -37.33 -13.68 13.49
CA MET A 291 -36.01 -13.08 13.37
C MET A 291 -35.61 -13.20 11.90
N THR A 292 -34.69 -12.34 11.47
CA THR A 292 -34.05 -12.47 10.17
C THR A 292 -32.58 -12.78 10.43
N SER A 293 -32.00 -13.60 9.57
CA SER A 293 -30.57 -13.89 9.59
C SER A 293 -30.10 -13.81 8.15
N VAL A 294 -29.21 -12.87 7.87
CA VAL A 294 -28.70 -12.65 6.52
C VAL A 294 -27.18 -12.59 6.61
N LEU A 295 -26.51 -13.53 5.96
CA LEU A 295 -25.06 -13.51 5.84
C LEU A 295 -24.67 -12.54 4.72
N VAL A 296 -23.88 -11.53 5.05
CA VAL A 296 -23.38 -10.54 4.10
C VAL A 296 -21.88 -10.77 3.93
N CYS A 297 -21.47 -11.09 2.71
CA CYS A 297 -20.08 -11.47 2.46
C CYS A 297 -19.20 -10.24 2.26
N PRO A 298 -17.87 -10.39 2.37
CA PRO A 298 -16.99 -9.20 2.28
C PRO A 298 -16.97 -8.53 0.90
N ASP A 299 -17.43 -9.20 -0.16
CA ASP A 299 -17.49 -8.61 -1.49
C ASP A 299 -18.55 -7.52 -1.62
N GLY A 300 -19.44 -7.39 -0.63
CA GLY A 300 -20.57 -6.49 -0.77
C GLY A 300 -21.60 -6.89 -1.81
N LYS A 301 -21.52 -8.13 -2.32
CA LYS A 301 -22.33 -8.61 -3.44
C LYS A 301 -23.10 -9.89 -3.09
N THR A 302 -22.40 -10.96 -2.74
CA THR A 302 -23.03 -12.22 -2.41
C THR A 302 -23.69 -12.16 -1.03
N VAL A 303 -24.88 -12.77 -0.92
CA VAL A 303 -25.68 -12.77 0.32
C VAL A 303 -26.28 -14.16 0.49
N GLU A 304 -26.34 -14.63 1.73
CA GLU A 304 -27.05 -15.87 2.05
C GLU A 304 -28.02 -15.59 3.19
N ALA A 305 -29.31 -15.77 2.92
CA ALA A 305 -30.35 -15.57 3.90
C ALA A 305 -30.88 -16.93 4.35
N GLU A 306 -31.28 -17.01 5.62
CA GLU A 306 -31.70 -18.27 6.22
C GLU A 306 -32.60 -17.97 7.40
N ALA A 307 -33.14 -19.02 7.99
CA ALA A 307 -33.71 -18.92 9.32
C ALA A 307 -32.65 -19.35 10.32
N ALA A 308 -32.57 -18.63 11.43
CA ALA A 308 -31.55 -18.89 12.43
C ALA A 308 -31.96 -19.94 13.46
N HIS A 309 -33.24 -20.32 13.49
CA HIS A 309 -33.68 -21.39 14.37
C HIS A 309 -33.52 -22.75 13.67
N GLY A 310 -33.83 -23.82 14.39
CA GLY A 310 -33.58 -25.16 13.91
C GLY A 310 -34.78 -25.79 13.25
N THR A 311 -34.75 -27.12 13.16
CA THR A 311 -35.74 -27.90 12.44
C THR A 311 -37.01 -28.16 13.24
N VAL A 312 -37.11 -27.70 14.50
CA VAL A 312 -38.31 -27.85 15.32
C VAL A 312 -38.71 -29.32 15.44
N THR A 313 -37.77 -30.17 15.89
CA THR A 313 -37.99 -31.61 15.94
C THR A 313 -39.27 -31.98 16.69
N ARG A 314 -39.48 -31.42 17.88
CA ARG A 314 -40.67 -31.75 18.66
C ARG A 314 -41.95 -31.54 17.88
N HIS A 315 -42.02 -30.48 17.07
CA HIS A 315 -43.21 -30.28 16.25
C HIS A 315 -43.29 -31.34 15.15
N TYR A 316 -42.15 -31.64 14.52
CA TYR A 316 -42.12 -32.69 13.50
C TYR A 316 -42.66 -34.01 14.04
N ARG A 317 -42.34 -34.34 15.29
CA ARG A 317 -42.80 -35.61 15.86
C ARG A 317 -44.31 -35.66 15.95
N MET A 318 -44.95 -34.53 16.27
CA MET A 318 -46.39 -34.51 16.26
C MET A 318 -46.92 -34.59 14.84
N TYR A 319 -46.25 -33.93 13.89
CA TYR A 319 -46.63 -34.05 12.48
C TYR A 319 -46.64 -35.50 12.04
N GLN A 320 -45.59 -36.27 12.39
CA GLN A 320 -45.52 -37.67 11.99
C GLN A 320 -46.65 -38.52 12.58
N LYS A 321 -47.25 -38.11 13.70
CA LYS A 321 -48.38 -38.84 14.26
C LYS A 321 -49.73 -38.32 13.77
N GLY A 322 -49.74 -37.36 12.85
CA GLY A 322 -50.98 -36.78 12.34
C GLY A 322 -51.54 -35.64 13.17
N GLN A 323 -50.92 -35.34 14.31
CA GLN A 323 -51.42 -34.27 15.16
C GLN A 323 -51.18 -32.91 14.50
N GLU A 324 -52.09 -31.97 14.78
CA GLU A 324 -51.93 -30.62 14.30
C GLU A 324 -50.69 -29.98 14.90
N THR A 325 -49.98 -29.23 14.08
CA THR A 325 -48.86 -28.42 14.54
C THR A 325 -49.18 -26.96 14.26
N SER A 326 -48.64 -26.11 15.12
CA SER A 326 -48.58 -24.67 14.85
C SER A 326 -47.12 -24.31 15.03
N THR A 327 -46.44 -24.00 13.93
CA THR A 327 -45.01 -23.74 13.87
C THR A 327 -44.83 -22.45 13.10
N ASN A 328 -43.97 -21.57 13.58
CA ASN A 328 -43.92 -20.24 13.00
C ASN A 328 -43.08 -20.23 11.71
N PRO A 329 -43.72 -20.07 10.55
CA PRO A 329 -42.98 -19.99 9.28
C PRO A 329 -42.25 -18.67 9.02
N ILE A 330 -42.55 -17.61 9.77
CA ILE A 330 -42.17 -16.25 9.36
C ILE A 330 -40.67 -16.15 9.10
N ALA A 331 -39.86 -16.69 10.01
CA ALA A 331 -38.41 -16.66 9.82
C ALA A 331 -38.01 -17.30 8.50
N SER A 332 -38.65 -18.42 8.14
CA SER A 332 -38.37 -19.04 6.85
C SER A 332 -38.81 -18.15 5.69
N ILE A 333 -40.04 -17.62 5.77
CA ILE A 333 -40.53 -16.73 4.71
C ILE A 333 -39.57 -15.57 4.50
N PHE A 334 -39.07 -14.98 5.59
CA PHE A 334 -38.17 -13.84 5.47
C PHE A 334 -36.80 -14.21 4.92
N ALA A 335 -36.42 -15.48 4.97
CA ALA A 335 -35.21 -15.90 4.24
C ALA A 335 -35.39 -15.68 2.75
N TRP A 336 -36.56 -16.05 2.20
CA TRP A 336 -36.84 -15.80 0.79
C TRP A 336 -36.91 -14.31 0.49
N THR A 337 -37.66 -13.56 1.29
CA THR A 337 -37.83 -12.14 1.00
C THR A 337 -36.51 -11.38 1.11
N ARG A 338 -35.69 -11.72 2.10
CA ARG A 338 -34.36 -11.12 2.15
C ARG A 338 -33.49 -11.58 0.98
N GLY A 339 -33.71 -12.80 0.48
CA GLY A 339 -32.95 -13.26 -0.67
C GLY A 339 -33.41 -12.61 -1.96
N LEU A 340 -34.73 -12.58 -2.19
CA LEU A 340 -35.24 -12.00 -3.43
C LEU A 340 -34.99 -10.50 -3.50
N ALA A 341 -34.98 -9.81 -2.35
CA ALA A 341 -34.71 -8.37 -2.36
C ALA A 341 -33.27 -8.06 -2.75
N HIS A 342 -32.31 -8.85 -2.25
CA HIS A 342 -30.93 -8.65 -2.68
C HIS A 342 -30.75 -9.03 -4.15
N ARG A 343 -31.53 -10.00 -4.63
CA ARG A 343 -31.48 -10.36 -6.04
C ARG A 343 -32.00 -9.23 -6.92
N ALA A 344 -33.09 -8.58 -6.50
CA ALA A 344 -33.57 -7.41 -7.22
C ALA A 344 -32.55 -6.29 -7.22
N LYS A 345 -31.87 -6.07 -6.09
CA LYS A 345 -30.87 -5.02 -6.04
C LYS A 345 -29.75 -5.27 -7.05
N LEU A 346 -29.35 -6.53 -7.22
CA LEU A 346 -28.29 -6.84 -8.17
C LEU A 346 -28.76 -6.71 -9.61
N ASP A 347 -30.01 -7.06 -9.88
CA ASP A 347 -30.56 -7.02 -11.23
C ASP A 347 -31.32 -5.74 -11.56
N ASN A 348 -31.43 -4.81 -10.61
CA ASN A 348 -32.28 -3.62 -10.78
C ASN A 348 -33.67 -4.03 -11.26
N ASN A 349 -34.28 -4.96 -10.52
CA ASN A 349 -35.62 -5.47 -10.81
C ASN A 349 -36.55 -4.81 -9.81
N LYS A 350 -37.37 -3.87 -10.28
CA LYS A 350 -38.30 -3.19 -9.38
C LYS A 350 -39.49 -4.09 -9.08
N GLU A 351 -39.90 -4.89 -10.05
CA GLU A 351 -41.04 -5.79 -9.89
C GLU A 351 -40.76 -6.82 -8.80
N LEU A 352 -39.56 -7.42 -8.83
CA LEU A 352 -39.19 -8.37 -7.79
C LEU A 352 -38.98 -7.68 -6.45
N ALA A 353 -38.33 -6.52 -6.47
CA ALA A 353 -38.12 -5.75 -5.24
C ALA A 353 -39.45 -5.39 -4.59
N PHE A 354 -40.48 -5.11 -5.40
CA PHE A 354 -41.80 -4.82 -4.87
C PHE A 354 -42.42 -6.07 -4.26
N PHE A 355 -42.31 -7.21 -4.95
CA PHE A 355 -42.89 -8.45 -4.45
C PHE A 355 -42.27 -8.86 -3.12
N ALA A 356 -40.96 -8.66 -2.96
CA ALA A 356 -40.30 -9.06 -1.72
C ALA A 356 -40.81 -8.23 -0.54
N ASN A 357 -40.93 -6.91 -0.73
CA ASN A 357 -41.38 -6.04 0.34
C ASN A 357 -42.84 -6.32 0.69
N ALA A 358 -43.66 -6.59 -0.32
CA ALA A 358 -45.09 -6.79 -0.11
C ALA A 358 -45.37 -8.03 0.74
N LEU A 359 -44.57 -9.09 0.55
CA LEU A 359 -44.77 -10.31 1.32
C LEU A 359 -44.40 -10.11 2.78
N GLU A 360 -43.36 -9.31 3.05
CA GLU A 360 -43.02 -8.97 4.43
C GLU A 360 -44.15 -8.20 5.10
N GLU A 361 -44.76 -7.25 4.38
CA GLU A 361 -45.87 -6.50 4.96
C GLU A 361 -47.09 -7.38 5.18
N VAL A 362 -47.35 -8.32 4.27
CA VAL A 362 -48.51 -9.19 4.42
C VAL A 362 -48.38 -10.03 5.69
N SER A 363 -47.18 -10.55 5.96
CA SER A 363 -46.97 -11.36 7.15
C SER A 363 -47.21 -10.56 8.43
N ILE A 364 -46.61 -9.37 8.51
CA ILE A 364 -46.80 -8.51 9.67
C ILE A 364 -48.26 -8.10 9.81
N GLU A 365 -48.86 -7.61 8.71
CA GLU A 365 -50.28 -7.23 8.73
C GLU A 365 -51.16 -8.40 9.17
N THR A 366 -50.89 -9.60 8.65
CA THR A 366 -51.70 -10.76 9.01
C THR A 366 -51.59 -11.07 10.50
N ILE A 367 -50.42 -10.87 11.08
CA ILE A 367 -50.21 -11.11 12.51
C ILE A 367 -50.80 -9.96 13.33
N GLU A 368 -50.50 -8.72 12.94
CA GLU A 368 -51.06 -7.55 13.63
C GLU A 368 -52.58 -7.53 13.56
N ALA A 369 -53.17 -8.20 12.58
CA ALA A 369 -54.62 -8.33 12.45
C ALA A 369 -55.18 -9.54 13.17
N GLY A 370 -54.36 -10.29 13.90
CA GLY A 370 -54.86 -11.31 14.82
C GLY A 370 -54.83 -12.74 14.32
N PHE A 371 -54.23 -13.00 13.17
CA PHE A 371 -54.06 -14.37 12.68
C PHE A 371 -52.61 -14.79 12.91
N MET A 372 -52.41 -15.81 13.73
CA MET A 372 -51.08 -16.12 14.24
C MET A 372 -50.97 -17.59 14.59
N THR A 373 -49.73 -18.07 14.69
CA THR A 373 -49.49 -19.41 15.20
C THR A 373 -49.47 -19.39 16.73
N LYS A 374 -49.34 -20.59 17.32
CA LYS A 374 -49.56 -20.76 18.76
C LYS A 374 -48.54 -20.00 19.59
N ASP A 375 -47.28 -19.99 19.16
CA ASP A 375 -46.24 -19.24 19.88
C ASP A 375 -46.63 -17.79 20.08
N LEU A 376 -47.02 -17.11 19.00
CA LEU A 376 -47.34 -15.68 19.12
C LEU A 376 -48.57 -15.44 19.96
N ALA A 377 -49.58 -16.30 19.84
CA ALA A 377 -50.75 -16.21 20.72
C ALA A 377 -50.36 -16.42 22.18
N ALA A 378 -49.34 -17.26 22.42
CA ALA A 378 -48.86 -17.48 23.77
C ALA A 378 -48.19 -16.25 24.35
N CYS A 379 -47.62 -15.39 23.50
CA CYS A 379 -47.15 -14.11 23.99
C CYS A 379 -48.31 -13.27 24.51
N ILE A 380 -49.45 -13.31 23.81
CA ILE A 380 -50.60 -12.51 24.19
C ILE A 380 -51.26 -13.04 25.46
N LYS A 381 -51.65 -14.32 25.47
CA LYS A 381 -52.42 -14.86 26.59
C LYS A 381 -51.58 -15.53 27.68
N GLY A 382 -50.30 -15.81 27.43
CA GLY A 382 -49.57 -16.76 28.27
C GLY A 382 -49.86 -18.16 27.79
N LEU A 383 -48.92 -19.10 27.98
CA LEU A 383 -49.15 -20.46 27.47
C LEU A 383 -50.32 -21.18 28.11
N PRO A 384 -50.48 -21.20 29.43
CA PRO A 384 -51.61 -21.96 30.02
C PRO A 384 -52.98 -21.42 29.64
N ASN A 385 -53.07 -20.16 29.19
CA ASN A 385 -54.36 -19.53 28.86
C ASN A 385 -54.73 -19.67 27.38
N VAL A 386 -53.84 -20.16 26.53
CA VAL A 386 -54.12 -20.25 25.10
C VAL A 386 -55.03 -21.44 24.86
N GLN A 387 -55.99 -21.27 23.95
CA GLN A 387 -56.91 -22.31 23.54
C GLN A 387 -56.63 -22.64 22.08
N ARG A 388 -57.28 -23.68 21.55
CA ARG A 388 -57.06 -23.99 20.14
C ARG A 388 -57.66 -22.92 19.25
N SER A 389 -58.78 -22.32 19.67
CA SER A 389 -59.43 -21.26 18.92
C SER A 389 -58.62 -19.98 18.85
N ASP A 390 -57.52 -19.87 19.62
CA ASP A 390 -56.73 -18.65 19.69
C ASP A 390 -55.70 -18.51 18.57
N TYR A 391 -55.47 -19.55 17.77
CA TYR A 391 -54.41 -19.51 16.78
C TYR A 391 -54.81 -20.36 15.57
N LEU A 392 -53.94 -20.37 14.56
CA LEU A 392 -54.10 -21.20 13.37
C LEU A 392 -53.00 -22.25 13.33
N ASN A 393 -53.29 -23.41 12.74
CA ASN A 393 -52.25 -24.40 12.55
C ASN A 393 -51.28 -23.94 11.46
N THR A 394 -50.23 -24.72 11.22
CA THR A 394 -49.21 -24.27 10.27
C THR A 394 -49.79 -24.07 8.88
N PHE A 395 -50.71 -24.95 8.46
CA PHE A 395 -51.31 -24.82 7.13
C PHE A 395 -52.31 -23.68 7.09
N GLU A 396 -53.19 -23.58 8.09
CA GLU A 396 -54.14 -22.47 8.14
C GLU A 396 -53.42 -21.13 8.03
N PHE A 397 -52.24 -21.02 8.64
CA PHE A 397 -51.52 -19.75 8.65
C PHE A 397 -50.87 -19.46 7.30
N MET A 398 -50.28 -20.49 6.66
CA MET A 398 -49.76 -20.31 5.30
C MET A 398 -50.89 -19.95 4.34
N ASP A 399 -52.03 -20.66 4.45
CA ASP A 399 -53.13 -20.39 3.54
C ASP A 399 -53.72 -19.00 3.78
N LYS A 400 -53.69 -18.53 5.03
CA LYS A 400 -54.15 -17.17 5.32
C LYS A 400 -53.26 -16.14 4.66
N LEU A 401 -51.95 -16.25 4.86
CA LEU A 401 -51.00 -15.38 4.17
C LEU A 401 -51.13 -15.52 2.66
N GLY A 402 -51.58 -16.69 2.18
CA GLY A 402 -51.82 -16.86 0.76
C GLY A 402 -52.91 -15.92 0.26
N GLU A 403 -54.05 -15.91 0.94
CA GLU A 403 -55.12 -14.98 0.57
C GLU A 403 -54.62 -13.54 0.61
N ASN A 404 -54.04 -13.14 1.74
CA ASN A 404 -53.64 -11.75 1.91
C ASN A 404 -52.54 -11.35 0.94
N LEU A 405 -51.72 -12.30 0.49
CA LEU A 405 -50.70 -11.99 -0.52
C LEU A 405 -51.31 -11.82 -1.90
N LYS A 406 -52.30 -12.68 -2.23
CA LYS A 406 -53.04 -12.52 -3.48
C LYS A 406 -53.77 -11.18 -3.49
N ILE A 407 -54.41 -10.82 -2.38
CA ILE A 407 -55.14 -9.56 -2.29
C ILE A 407 -54.19 -8.37 -2.47
N LYS A 408 -53.07 -8.38 -1.76
CA LYS A 408 -52.16 -7.24 -1.82
C LYS A 408 -51.58 -7.06 -3.22
N LEU A 409 -51.28 -8.16 -3.91
CA LEU A 409 -50.75 -8.08 -5.26
C LEU A 409 -51.84 -7.77 -6.28
N ALA A 410 -53.07 -8.23 -6.05
CA ALA A 410 -54.18 -7.84 -6.90
C ALA A 410 -54.44 -6.35 -6.82
N GLN A 411 -54.61 -5.82 -5.59
CA GLN A 411 -54.83 -4.40 -5.39
C GLN A 411 -53.73 -3.57 -6.04
N ALA A 412 -52.48 -4.05 -6.00
CA ALA A 412 -51.38 -3.28 -6.58
C ALA A 412 -51.46 -3.24 -8.10
N LYS A 413 -52.00 -4.29 -8.71
CA LYS A 413 -52.12 -4.32 -10.17
C LYS A 413 -53.02 -3.20 -10.68
N LEU A 414 -53.92 -2.68 -9.85
CA LEU A 414 -54.75 -1.53 -10.19
C LEU A 414 -54.18 -0.30 -9.49
N SER A 415 -53.55 0.60 -10.27
CA SER A 415 -52.96 1.81 -9.70
C SER A 415 -52.52 2.82 -10.75
N LYS B 3 -17.94 -8.90 74.16
CA LYS B 3 -19.06 -9.81 74.03
C LYS B 3 -19.50 -9.97 72.58
N LYS B 4 -18.61 -10.51 71.75
CA LYS B 4 -18.87 -10.74 70.33
C LYS B 4 -18.97 -12.24 70.06
N ILE B 5 -19.76 -12.60 69.05
CA ILE B 5 -19.79 -13.98 68.59
C ILE B 5 -18.42 -14.37 68.07
N SER B 6 -17.95 -15.56 68.44
CA SER B 6 -16.66 -16.06 67.99
C SER B 6 -16.91 -16.82 66.69
N GLY B 7 -16.37 -16.31 65.59
CA GLY B 7 -16.66 -16.89 64.29
C GLY B 7 -15.77 -18.03 63.85
N GLY B 8 -14.52 -18.03 64.32
CA GLY B 8 -13.55 -18.98 63.81
C GLY B 8 -12.70 -18.40 62.69
N SER B 9 -12.12 -19.30 61.89
CA SER B 9 -11.11 -18.93 60.90
C SER B 9 -11.74 -18.73 59.51
N VAL B 10 -11.60 -17.52 58.98
CA VAL B 10 -12.07 -17.20 57.64
C VAL B 10 -10.92 -16.56 56.86
N VAL B 11 -10.79 -16.93 55.59
CA VAL B 11 -9.78 -16.35 54.71
C VAL B 11 -10.42 -15.16 53.99
N GLU B 12 -9.75 -14.01 54.04
CA GLU B 12 -10.24 -12.78 53.41
C GLU B 12 -9.36 -12.39 52.25
N MET B 13 -9.97 -12.06 51.11
CA MET B 13 -9.28 -11.56 49.93
C MET B 13 -9.88 -10.22 49.55
N GLN B 14 -9.04 -9.18 49.54
CA GLN B 14 -9.50 -7.79 49.37
C GLN B 14 -9.32 -7.34 47.93
N GLY B 15 -10.28 -6.55 47.45
CA GLY B 15 -10.43 -6.23 46.04
C GLY B 15 -9.85 -4.89 45.63
N ASP B 16 -10.49 -4.27 44.63
CA ASP B 16 -10.01 -3.03 44.04
C ASP B 16 -11.20 -2.10 43.82
N GLU B 17 -10.88 -0.81 43.61
CA GLU B 17 -11.85 0.17 43.15
C GLU B 17 -13.12 0.23 44.01
N MET B 18 -14.29 0.33 43.38
CA MET B 18 -15.52 0.58 44.14
C MET B 18 -15.82 -0.55 45.12
N THR B 19 -15.59 -1.80 44.70
CA THR B 19 -15.88 -2.95 45.57
C THR B 19 -15.04 -2.92 46.83
N ARG B 20 -13.77 -2.52 46.71
CA ARG B 20 -12.87 -2.44 47.86
C ARG B 20 -13.36 -1.43 48.89
N ILE B 21 -13.99 -0.34 48.45
CA ILE B 21 -14.59 0.62 49.38
C ILE B 21 -15.74 -0.02 50.15
N ILE B 22 -16.68 -0.64 49.41
CA ILE B 22 -17.85 -1.27 50.03
C ILE B 22 -17.42 -2.40 50.96
N TRP B 23 -16.38 -3.14 50.57
CA TRP B 23 -15.83 -4.22 51.39
C TRP B 23 -15.45 -3.71 52.77
N GLU B 24 -14.74 -2.58 52.83
CA GLU B 24 -14.34 -2.00 54.10
C GLU B 24 -15.53 -1.51 54.90
N LEU B 25 -16.56 -1.00 54.22
CA LEU B 25 -17.79 -0.60 54.90
C LEU B 25 -18.44 -1.78 55.62
N ILE B 26 -18.59 -2.91 54.91
CA ILE B 26 -19.25 -4.09 55.48
C ILE B 26 -18.49 -4.58 56.72
N LYS B 27 -17.16 -4.49 56.70
CA LYS B 27 -16.39 -4.96 57.86
C LYS B 27 -16.63 -4.08 59.08
N GLU B 28 -16.49 -2.77 58.92
CA GLU B 28 -16.61 -1.87 60.07
C GLU B 28 -18.05 -1.80 60.59
N LYS B 29 -19.00 -1.54 59.69
CA LYS B 29 -20.39 -1.31 60.09
C LYS B 29 -21.19 -2.59 60.34
N LEU B 30 -20.87 -3.69 59.66
CA LEU B 30 -21.72 -4.88 59.65
C LEU B 30 -21.10 -6.06 60.39
N ILE B 31 -19.94 -6.55 59.95
CA ILE B 31 -19.38 -7.79 60.49
C ILE B 31 -18.72 -7.56 61.86
N PHE B 32 -17.66 -6.75 61.89
CA PHE B 32 -16.80 -6.60 63.07
C PHE B 32 -17.51 -6.32 64.38
N PRO B 33 -18.40 -5.32 64.50
CA PRO B 33 -18.99 -5.03 65.82
C PRO B 33 -19.58 -6.25 66.50
N TYR B 34 -20.26 -7.10 65.73
CA TYR B 34 -20.99 -8.25 66.25
C TYR B 34 -20.20 -9.56 66.24
N VAL B 35 -19.04 -9.63 65.58
CA VAL B 35 -18.39 -10.90 65.30
C VAL B 35 -16.89 -10.78 65.49
N GLU B 36 -16.31 -11.72 66.23
CA GLU B 36 -14.87 -11.87 66.35
C GLU B 36 -14.43 -13.01 65.45
N LEU B 37 -13.35 -12.79 64.70
CA LEU B 37 -12.92 -13.74 63.68
C LEU B 37 -11.41 -13.94 63.73
N ASP B 38 -10.99 -15.16 63.43
CA ASP B 38 -9.59 -15.46 63.19
C ASP B 38 -9.41 -15.30 61.68
N LEU B 39 -8.72 -14.23 61.28
CA LEU B 39 -8.85 -13.69 59.94
C LEU B 39 -7.49 -13.64 59.28
N HIS B 40 -7.33 -14.40 58.20
CA HIS B 40 -6.10 -14.37 57.42
C HIS B 40 -6.38 -13.52 56.19
N SER B 41 -5.80 -12.32 56.17
CA SER B 41 -6.08 -11.33 55.15
C SER B 41 -4.99 -11.37 54.09
N TYR B 42 -5.38 -11.67 52.86
CA TYR B 42 -4.51 -11.56 51.70
C TYR B 42 -5.07 -10.43 50.86
N ASP B 43 -4.22 -9.44 50.55
CA ASP B 43 -4.67 -8.28 49.81
C ASP B 43 -4.45 -8.58 48.34
N LEU B 44 -5.54 -8.79 47.62
CA LEU B 44 -5.53 -9.10 46.20
C LEU B 44 -5.60 -7.84 45.33
N GLY B 45 -5.52 -6.66 45.95
CA GLY B 45 -5.49 -5.44 45.17
C GLY B 45 -4.42 -5.46 44.10
N ILE B 46 -4.70 -4.83 42.96
CA ILE B 46 -3.85 -4.97 41.78
C ILE B 46 -2.41 -4.54 42.09
N GLU B 47 -2.25 -3.50 42.92
CA GLU B 47 -0.91 -3.01 43.23
C GLU B 47 -0.11 -4.02 44.05
N ASN B 48 -0.78 -4.74 44.96
CA ASN B 48 -0.09 -5.79 45.71
C ASN B 48 0.24 -6.98 44.83
N ARG B 49 -0.71 -7.39 43.98
CA ARG B 49 -0.46 -8.51 43.06
C ARG B 49 0.74 -8.22 42.16
N ASP B 50 0.90 -6.96 41.74
CA ASP B 50 2.09 -6.60 40.98
C ASP B 50 3.35 -6.78 41.84
N ALA B 51 3.29 -6.34 43.10
CA ALA B 51 4.48 -6.34 43.95
C ALA B 51 4.84 -7.74 44.43
N THR B 52 3.85 -8.60 44.64
CA THR B 52 4.08 -10.00 44.99
C THR B 52 4.21 -10.89 43.76
N ASN B 53 4.17 -10.29 42.56
CA ASN B 53 4.21 -11.03 41.30
C ASN B 53 3.11 -12.08 41.20
N ASP B 54 1.93 -11.73 41.72
CA ASP B 54 0.73 -12.55 41.80
C ASP B 54 0.84 -13.69 42.81
N GLN B 55 1.98 -13.87 43.49
CA GLN B 55 2.12 -14.92 44.49
C GLN B 55 1.09 -14.79 45.60
N VAL B 56 0.63 -13.56 45.91
CA VAL B 56 -0.38 -13.38 46.94
C VAL B 56 -1.64 -14.18 46.63
N THR B 57 -1.94 -14.38 45.35
CA THR B 57 -3.18 -15.03 44.95
C THR B 57 -3.11 -16.55 45.17
N LYS B 58 -1.95 -17.16 44.90
CA LYS B 58 -1.80 -18.59 45.18
C LYS B 58 -1.77 -18.86 46.67
N ASP B 59 -1.17 -17.94 47.45
CA ASP B 59 -1.18 -18.07 48.90
C ASP B 59 -2.60 -18.06 49.44
N ALA B 60 -3.45 -17.17 48.93
CA ALA B 60 -4.83 -17.09 49.40
C ALA B 60 -5.60 -18.36 49.11
N ALA B 61 -5.40 -18.96 47.94
CA ALA B 61 -6.08 -20.20 47.60
C ALA B 61 -5.67 -21.33 48.55
N GLU B 62 -4.36 -21.53 48.74
CA GLU B 62 -3.89 -22.55 49.67
C GLU B 62 -4.46 -22.33 51.07
N ALA B 63 -4.60 -21.06 51.48
CA ALA B 63 -5.25 -20.78 52.75
C ALA B 63 -6.70 -21.26 52.77
N ILE B 64 -7.40 -21.13 51.64
CA ILE B 64 -8.78 -21.60 51.54
C ILE B 64 -8.85 -23.12 51.68
N LYS B 65 -7.89 -23.84 51.08
CA LYS B 65 -7.82 -25.28 51.30
C LYS B 65 -7.63 -25.61 52.77
N LYS B 66 -6.75 -24.86 53.46
CA LYS B 66 -6.45 -25.16 54.85
C LYS B 66 -7.67 -24.87 55.75
N HIS B 67 -8.23 -23.66 55.64
CA HIS B 67 -9.29 -23.21 56.54
C HIS B 67 -10.70 -23.45 56.01
N ASN B 68 -10.85 -23.97 54.79
CA ASN B 68 -12.13 -24.42 54.24
C ASN B 68 -13.10 -23.28 53.89
N VAL B 69 -12.81 -22.05 54.29
CA VAL B 69 -13.73 -20.95 54.12
C VAL B 69 -12.96 -19.73 53.63
N GLY B 70 -13.47 -19.08 52.59
CA GLY B 70 -12.90 -17.81 52.15
C GLY B 70 -13.97 -16.94 51.53
N VAL B 71 -13.72 -15.63 51.57
CA VAL B 71 -14.65 -14.63 51.05
C VAL B 71 -13.81 -13.60 50.29
N LYS B 72 -14.29 -13.19 49.12
CA LYS B 72 -13.45 -12.45 48.19
C LYS B 72 -14.16 -11.22 47.66
N CYS B 73 -13.47 -10.09 47.72
CA CYS B 73 -13.90 -8.87 47.04
C CYS B 73 -13.45 -8.91 45.59
N ALA B 74 -14.26 -8.32 44.71
CA ALA B 74 -13.94 -8.35 43.28
C ALA B 74 -12.63 -7.63 43.00
N THR B 75 -11.90 -8.10 41.99
CA THR B 75 -10.54 -7.67 41.70
C THR B 75 -10.41 -7.30 40.23
N ILE B 76 -9.31 -6.62 39.89
CA ILE B 76 -9.05 -6.19 38.52
C ILE B 76 -8.20 -7.23 37.79
N THR B 77 -8.72 -7.75 36.67
CA THR B 77 -7.93 -8.57 35.76
C THR B 77 -7.38 -7.64 34.69
N PRO B 78 -6.09 -7.33 34.69
CA PRO B 78 -5.59 -6.25 33.82
C PRO B 78 -5.50 -6.63 32.35
N ASP B 79 -5.87 -5.66 31.49
CA ASP B 79 -5.51 -5.61 30.07
C ASP B 79 -4.48 -4.51 29.85
N GLU B 80 -4.11 -4.28 28.58
CA GLU B 80 -3.07 -3.31 28.27
C GLU B 80 -3.40 -1.93 28.80
N LYS B 81 -4.68 -1.55 28.80
CA LYS B 81 -5.09 -0.26 29.35
C LYS B 81 -4.79 -0.20 30.84
N ARG B 82 -5.18 -1.25 31.58
CA ARG B 82 -4.88 -1.33 33.01
C ARG B 82 -3.37 -1.36 33.25
N VAL B 83 -2.60 -1.97 32.35
CA VAL B 83 -1.15 -2.00 32.48
C VAL B 83 -0.59 -0.58 32.49
N GLU B 84 -1.12 0.29 31.63
CA GLU B 84 -0.69 1.69 31.64
C GLU B 84 -1.13 2.39 32.92
N GLU B 85 -2.38 2.16 33.34
CA GLU B 85 -2.95 2.86 34.49
C GLU B 85 -2.14 2.60 35.75
N PHE B 86 -1.86 1.34 36.06
CA PHE B 86 -1.19 0.96 37.30
C PHE B 86 0.32 0.78 37.15
N LYS B 87 0.86 0.96 35.95
CA LYS B 87 2.28 0.68 35.67
C LYS B 87 2.68 -0.71 36.15
N LEU B 88 2.03 -1.71 35.54
CA LEU B 88 2.21 -3.10 35.93
C LEU B 88 3.47 -3.70 35.32
N LYS B 89 4.00 -4.72 35.99
CA LYS B 89 5.13 -5.47 35.43
C LYS B 89 4.67 -6.38 34.30
N GLN B 90 3.61 -7.16 34.51
CA GLN B 90 3.03 -8.01 33.49
C GLN B 90 1.52 -7.83 33.48
N MET B 91 0.84 -8.51 32.56
CA MET B 91 -0.62 -8.58 32.61
C MET B 91 -0.97 -9.84 33.37
N TRP B 92 -1.47 -9.67 34.59
CA TRP B 92 -1.69 -10.79 35.48
C TRP B 92 -2.99 -11.48 35.11
N LYS B 93 -3.02 -12.79 35.28
CA LYS B 93 -4.24 -13.51 34.96
C LYS B 93 -5.29 -13.20 36.01
N SER B 94 -6.48 -13.72 35.80
CA SER B 94 -7.57 -13.41 36.70
C SER B 94 -7.37 -14.14 38.01
N PRO B 95 -7.34 -13.45 39.16
CA PRO B 95 -7.29 -14.16 40.44
C PRO B 95 -8.44 -15.13 40.60
N ASN B 96 -9.62 -14.77 40.08
CA ASN B 96 -10.77 -15.66 40.16
C ASN B 96 -10.52 -16.98 39.43
N GLY B 97 -9.95 -16.92 38.22
CA GLY B 97 -9.63 -18.13 37.51
C GLY B 97 -8.49 -18.89 38.16
N THR B 98 -7.44 -18.18 38.58
CA THR B 98 -6.35 -18.79 39.33
C THR B 98 -6.87 -19.55 40.53
N ILE B 99 -7.71 -18.90 41.34
CA ILE B 99 -8.19 -19.52 42.58
C ILE B 99 -9.13 -20.68 42.26
N ARG B 100 -10.06 -20.49 41.32
CA ARG B 100 -10.97 -21.56 40.93
C ARG B 100 -10.20 -22.78 40.43
N ASN B 101 -9.14 -22.56 39.63
CA ASN B 101 -8.45 -23.69 39.03
C ASN B 101 -7.55 -24.43 40.03
N ILE B 102 -7.20 -23.81 41.15
CA ILE B 102 -6.51 -24.52 42.23
C ILE B 102 -7.50 -25.37 43.03
N LEU B 103 -8.63 -24.78 43.42
CA LEU B 103 -9.57 -25.49 44.28
C LEU B 103 -10.46 -26.44 43.48
N GLY B 104 -10.88 -26.04 42.29
CA GLY B 104 -11.79 -26.86 41.50
C GLY B 104 -13.18 -26.78 42.06
N GLY B 105 -14.19 -27.12 41.28
CA GLY B 105 -15.51 -27.20 41.86
C GLY B 105 -16.56 -26.75 40.88
N THR B 106 -17.74 -26.44 41.41
CA THR B 106 -18.84 -25.85 40.68
C THR B 106 -19.19 -24.52 41.34
N VAL B 107 -19.17 -23.43 40.56
CA VAL B 107 -19.63 -22.14 41.07
C VAL B 107 -21.15 -22.09 40.93
N PHE B 108 -21.85 -21.89 42.05
CA PHE B 108 -23.31 -21.86 42.05
C PHE B 108 -23.79 -20.42 42.21
N ARG B 109 -24.70 -20.00 41.31
CA ARG B 109 -25.18 -18.63 41.26
C ARG B 109 -26.69 -18.56 41.20
N GLU B 110 -27.25 -17.62 41.98
CA GLU B 110 -28.69 -17.44 42.12
C GLU B 110 -28.95 -15.98 42.45
N ALA B 111 -30.08 -15.46 41.97
CA ALA B 111 -30.44 -14.08 42.27
C ALA B 111 -31.00 -13.98 43.68
N ILE B 112 -30.87 -12.79 44.27
CA ILE B 112 -31.50 -12.45 45.55
C ILE B 112 -32.79 -11.70 45.24
N ILE B 113 -33.91 -12.19 45.75
CA ILE B 113 -35.23 -11.71 45.35
C ILE B 113 -35.87 -10.94 46.50
N CYS B 114 -36.21 -9.68 46.24
CA CYS B 114 -37.07 -8.87 47.10
C CYS B 114 -38.41 -8.71 46.41
N LYS B 115 -39.49 -8.99 47.13
CA LYS B 115 -40.83 -9.11 46.54
C LYS B 115 -41.27 -7.84 45.82
N ASN B 116 -40.65 -6.70 46.10
CA ASN B 116 -41.08 -5.41 45.56
C ASN B 116 -40.32 -5.00 44.30
N ILE B 117 -39.43 -5.84 43.78
CA ILE B 117 -38.50 -5.44 42.74
C ILE B 117 -38.91 -6.14 41.43
N PRO B 118 -39.34 -5.39 40.42
CA PRO B 118 -39.78 -6.02 39.17
C PRO B 118 -38.61 -6.52 38.34
N ARG B 119 -38.81 -7.67 37.72
CA ARG B 119 -37.84 -8.24 36.79
C ARG B 119 -37.97 -7.59 35.43
N LEU B 120 -36.87 -7.62 34.67
CA LEU B 120 -36.94 -7.27 33.25
C LEU B 120 -37.60 -8.38 32.44
N VAL B 121 -37.45 -9.63 32.87
CA VAL B 121 -37.97 -10.79 32.15
C VAL B 121 -39.28 -11.21 32.82
N SER B 122 -40.34 -11.27 32.02
CA SER B 122 -41.70 -11.31 32.54
C SER B 122 -41.94 -12.53 33.43
N GLY B 123 -41.63 -13.71 32.92
CA GLY B 123 -42.13 -14.94 33.48
C GLY B 123 -41.38 -15.62 34.62
N TRP B 124 -40.23 -15.13 35.09
CA TRP B 124 -39.47 -15.97 36.03
C TRP B 124 -39.97 -15.62 37.42
N VAL B 125 -40.82 -16.50 37.97
CA VAL B 125 -41.32 -16.35 39.32
C VAL B 125 -40.59 -17.25 40.31
N LYS B 126 -39.67 -18.07 39.82
CA LYS B 126 -38.95 -19.09 40.56
C LYS B 126 -37.46 -18.98 40.26
N PRO B 127 -36.61 -19.39 41.18
CA PRO B 127 -35.16 -19.17 41.01
C PRO B 127 -34.60 -19.94 39.82
N ILE B 128 -33.63 -19.32 39.16
CA ILE B 128 -32.76 -19.99 38.20
C ILE B 128 -31.38 -20.08 38.87
N ILE B 129 -30.93 -21.29 39.18
CA ILE B 129 -29.61 -21.48 39.77
C ILE B 129 -28.69 -22.04 38.70
N ILE B 130 -27.62 -21.31 38.39
CA ILE B 130 -26.66 -21.72 37.37
C ILE B 130 -25.48 -22.37 38.09
N GLY B 131 -25.36 -23.69 37.99
CA GLY B 131 -24.10 -24.35 38.32
C GLY B 131 -23.07 -24.09 37.24
N ARG B 132 -21.94 -23.51 37.60
CA ARG B 132 -20.93 -23.13 36.63
C ARG B 132 -19.68 -23.95 36.89
N HIS B 133 -19.24 -24.71 35.88
CA HIS B 133 -18.01 -25.47 35.99
C HIS B 133 -16.85 -24.51 36.18
N ALA B 134 -16.09 -24.70 37.26
CA ALA B 134 -15.07 -23.74 37.65
C ALA B 134 -13.71 -23.98 37.01
N TYR B 135 -13.52 -25.11 36.34
CA TYR B 135 -12.19 -25.58 35.97
C TYR B 135 -12.03 -25.62 34.45
N GLY B 136 -10.82 -25.27 33.99
CA GLY B 136 -10.44 -25.52 32.61
C GLY B 136 -11.14 -24.58 31.63
N ASP B 137 -11.31 -25.09 30.41
CA ASP B 137 -11.80 -24.31 29.27
C ASP B 137 -11.08 -22.97 29.14
N GLN B 138 -11.84 -21.88 28.95
CA GLN B 138 -11.24 -20.59 28.61
C GLN B 138 -10.30 -20.03 29.69
N ASP B 139 -10.46 -20.41 30.96
CA ASP B 139 -9.58 -19.89 32.00
C ASP B 139 -8.15 -20.41 31.83
N ARG B 140 -8.01 -21.67 31.40
CA ARG B 140 -6.73 -22.35 31.26
C ARG B 140 -6.17 -22.34 29.84
N ALA B 141 -6.81 -21.63 28.92
CA ALA B 141 -6.45 -21.72 27.51
C ALA B 141 -5.06 -21.13 27.23
N THR B 142 -4.43 -21.59 26.14
CA THR B 142 -3.20 -21.00 25.63
C THR B 142 -3.52 -20.34 24.30
N ASP B 143 -3.56 -19.02 24.28
CA ASP B 143 -3.83 -18.27 23.05
C ASP B 143 -2.57 -17.50 22.67
N PHE B 144 -2.36 -17.36 21.36
CA PHE B 144 -1.22 -16.64 20.82
C PHE B 144 -1.60 -16.00 19.50
N VAL B 145 -0.80 -15.02 19.09
CA VAL B 145 -1.00 -14.33 17.81
C VAL B 145 -0.22 -15.09 16.76
N VAL B 146 -0.85 -15.35 15.61
CA VAL B 146 -0.21 -15.97 14.47
C VAL B 146 0.40 -14.85 13.62
N PRO B 147 1.72 -14.72 13.55
CA PRO B 147 2.29 -13.56 12.84
C PRO B 147 2.04 -13.58 11.34
N GLY B 148 2.17 -14.75 10.71
CA GLY B 148 2.07 -14.85 9.26
C GLY B 148 1.74 -16.26 8.81
N PRO B 149 1.77 -16.48 7.50
CA PRO B 149 1.34 -17.77 6.94
C PRO B 149 2.10 -18.95 7.55
N GLY B 150 1.39 -20.06 7.71
CA GLY B 150 1.98 -21.26 8.29
C GLY B 150 0.91 -22.18 8.86
N LYS B 151 1.38 -23.30 9.41
CA LYS B 151 0.51 -24.36 9.89
C LYS B 151 0.47 -24.35 11.42
N VAL B 152 -0.72 -24.22 11.99
CA VAL B 152 -0.95 -24.41 13.42
C VAL B 152 -1.46 -25.82 13.63
N GLU B 153 -0.81 -26.58 14.52
CA GLU B 153 -1.14 -27.97 14.77
C GLU B 153 -1.32 -28.22 16.27
N ILE B 154 -2.23 -29.14 16.62
CA ILE B 154 -2.42 -29.61 17.99
C ILE B 154 -2.00 -31.07 18.07
N THR B 155 -1.22 -31.40 19.11
CA THR B 155 -0.54 -32.69 19.23
CA THR B 155 -0.58 -32.71 19.22
C THR B 155 -0.80 -33.28 20.61
N TYR B 156 -0.97 -34.60 20.66
CA TYR B 156 -1.12 -35.38 21.89
C TYR B 156 -0.04 -36.43 21.91
N THR B 157 0.80 -36.42 22.95
CA THR B 157 1.89 -37.39 23.06
C THR B 157 1.60 -38.28 24.26
N PRO B 158 1.25 -39.55 24.06
CA PRO B 158 0.87 -40.40 25.20
C PRO B 158 2.04 -40.65 26.14
N SER B 159 1.70 -40.89 27.42
CA SER B 159 2.72 -41.14 28.46
C SER B 159 3.33 -42.52 28.34
N ASP B 160 2.63 -43.46 27.71
CA ASP B 160 3.13 -44.82 27.54
C ASP B 160 4.08 -44.94 26.36
N GLY B 161 4.36 -43.83 25.67
CA GLY B 161 5.33 -43.81 24.60
C GLY B 161 4.87 -44.46 23.31
N THR B 162 3.58 -44.80 23.18
CA THR B 162 3.10 -45.47 21.98
C THR B 162 3.44 -44.68 20.72
N GLN B 163 2.78 -43.53 20.51
CA GLN B 163 3.02 -42.77 19.28
C GLN B 163 2.17 -41.51 19.32
N LYS B 164 2.61 -40.51 18.57
CA LYS B 164 2.09 -39.16 18.66
C LYS B 164 0.98 -38.98 17.65
N VAL B 165 -0.13 -38.38 18.07
CA VAL B 165 -1.20 -37.95 17.18
C VAL B 165 -1.05 -36.46 16.99
N THR B 166 -1.06 -36.01 15.72
CA THR B 166 -0.94 -34.60 15.35
C THR B 166 -2.13 -34.23 14.47
N TYR B 167 -2.89 -33.22 14.86
CA TYR B 167 -4.03 -32.72 14.10
C TYR B 167 -3.78 -31.30 13.58
N LEU B 168 -4.19 -31.05 12.35
CA LEU B 168 -4.05 -29.73 11.76
C LEU B 168 -5.17 -28.83 12.28
N VAL B 169 -4.80 -27.74 12.96
CA VAL B 169 -5.80 -26.75 13.37
C VAL B 169 -6.18 -25.90 12.18
N HIS B 170 -5.22 -25.17 11.64
CA HIS B 170 -5.50 -24.38 10.45
C HIS B 170 -4.20 -24.17 9.70
N ASN B 171 -4.32 -23.96 8.40
CA ASN B 171 -3.19 -23.60 7.56
C ASN B 171 -3.47 -22.19 7.02
N PHE B 172 -2.63 -21.23 7.39
CA PHE B 172 -2.81 -19.85 6.97
C PHE B 172 -2.00 -19.70 5.69
N GLU B 173 -2.69 -19.57 4.55
CA GLU B 173 -1.97 -19.45 3.29
C GLU B 173 -1.66 -18.01 2.90
N GLU B 174 -2.34 -17.03 3.50
CA GLU B 174 -1.95 -15.63 3.38
C GLU B 174 -2.27 -14.93 4.70
N GLY B 175 -1.33 -14.11 5.18
CA GLY B 175 -1.58 -13.30 6.36
C GLY B 175 -1.72 -14.13 7.63
N GLY B 176 -1.85 -13.43 8.75
CA GLY B 176 -1.91 -14.07 10.04
C GLY B 176 -3.26 -14.08 10.73
N GLY B 177 -3.23 -14.18 12.06
CA GLY B 177 -4.46 -14.36 12.82
C GLY B 177 -4.15 -14.70 14.27
N VAL B 178 -5.11 -15.37 14.91
CA VAL B 178 -4.97 -15.85 16.27
C VAL B 178 -5.26 -17.33 16.30
N ALA B 179 -4.74 -18.00 17.33
CA ALA B 179 -4.96 -19.43 17.52
C ALA B 179 -4.88 -19.73 19.00
N MET B 180 -5.63 -20.75 19.45
CA MET B 180 -5.61 -21.12 20.86
C MET B 180 -5.89 -22.61 21.05
N GLY B 181 -5.20 -23.23 22.03
CA GLY B 181 -5.61 -24.49 22.58
C GLY B 181 -6.33 -24.37 23.92
N MET B 182 -7.12 -25.39 24.25
CA MET B 182 -7.77 -25.46 25.55
C MET B 182 -8.10 -26.91 25.84
N TYR B 183 -8.44 -27.19 27.10
CA TYR B 183 -8.67 -28.57 27.51
C TYR B 183 -9.63 -28.61 28.70
N ASN B 184 -9.96 -29.84 29.10
CA ASN B 184 -10.65 -30.11 30.34
C ASN B 184 -10.33 -31.54 30.76
N GLN B 185 -10.63 -31.85 32.03
CA GLN B 185 -10.23 -33.12 32.62
C GLN B 185 -11.45 -33.96 32.98
N ASP B 186 -11.39 -35.25 32.65
CA ASP B 186 -12.51 -36.17 32.90
C ASP B 186 -12.97 -36.07 34.35
N LYS B 187 -12.02 -36.09 35.29
CA LYS B 187 -12.36 -36.11 36.70
C LYS B 187 -13.09 -34.84 37.12
N SER B 188 -12.63 -33.67 36.66
CA SER B 188 -13.32 -32.42 36.98
C SER B 188 -14.76 -32.42 36.43
N ILE B 189 -14.95 -32.95 35.21
CA ILE B 189 -16.29 -33.03 34.63
C ILE B 189 -17.18 -33.92 35.47
N GLU B 190 -16.63 -35.05 35.94
CA GLU B 190 -17.38 -35.96 36.81
C GLU B 190 -17.81 -35.27 38.10
N ASP B 191 -16.94 -34.46 38.70
CA ASP B 191 -17.31 -33.74 39.91
C ASP B 191 -18.38 -32.68 39.63
N PHE B 192 -18.28 -32.02 38.47
CA PHE B 192 -19.27 -31.04 38.06
C PHE B 192 -20.63 -31.70 37.82
N ALA B 193 -20.62 -32.92 37.28
CA ALA B 193 -21.87 -33.66 37.10
C ALA B 193 -22.50 -34.03 38.44
N HIS B 194 -21.71 -34.67 39.32
CA HIS B 194 -22.22 -35.07 40.63
C HIS B 194 -22.79 -33.89 41.41
N SER B 195 -22.10 -32.75 41.42
CA SER B 195 -22.60 -31.59 42.18
C SER B 195 -23.90 -31.04 41.58
N SER B 196 -24.07 -31.12 40.27
CA SER B 196 -25.31 -30.64 39.66
C SER B 196 -26.49 -31.57 40.00
N PHE B 197 -26.26 -32.88 39.96
CA PHE B 197 -27.32 -33.83 40.35
C PHE B 197 -27.70 -33.69 41.82
N GLN B 198 -26.72 -33.38 42.68
CA GLN B 198 -27.03 -33.23 44.10
C GLN B 198 -27.80 -31.94 44.39
N MET B 199 -27.41 -30.86 43.72
CA MET B 199 -28.11 -29.59 43.92
C MET B 199 -29.56 -29.69 43.44
N ALA B 200 -29.79 -30.35 42.30
CA ALA B 200 -31.14 -30.54 41.82
C ALA B 200 -31.99 -31.36 42.80
N LEU B 201 -31.39 -32.38 43.43
CA LEU B 201 -32.14 -33.20 44.38
C LEU B 201 -32.41 -32.45 45.69
N SER B 202 -31.43 -31.69 46.18
CA SER B 202 -31.62 -30.98 47.44
C SER B 202 -32.61 -29.82 47.30
N LYS B 203 -32.62 -29.15 46.15
CA LYS B 203 -33.60 -28.11 45.90
C LYS B 203 -34.89 -28.64 45.29
N GLY B 204 -34.91 -29.89 44.82
CA GLY B 204 -36.10 -30.45 44.21
C GLY B 204 -36.50 -29.87 42.87
N TRP B 205 -35.52 -29.45 42.04
CA TRP B 205 -35.84 -28.88 40.74
C TRP B 205 -35.22 -29.69 39.61
N PRO B 206 -35.81 -29.63 38.41
CA PRO B 206 -35.21 -30.32 37.26
C PRO B 206 -33.85 -29.73 36.91
N LEU B 207 -32.99 -30.57 36.35
CA LEU B 207 -31.64 -30.17 35.95
C LEU B 207 -31.52 -30.20 34.44
N TYR B 208 -31.01 -29.11 33.88
CA TYR B 208 -30.64 -29.07 32.47
C TYR B 208 -29.13 -28.85 32.36
N LEU B 209 -28.49 -29.59 31.44
CA LEU B 209 -27.15 -29.31 30.99
C LEU B 209 -27.22 -28.74 29.58
N SER B 210 -26.47 -27.67 29.33
CA SER B 210 -26.39 -27.08 27.99
C SER B 210 -24.99 -27.28 27.44
N THR B 211 -24.91 -27.82 26.21
CA THR B 211 -23.65 -27.89 25.47
C THR B 211 -23.90 -27.56 24.00
N LYS B 212 -22.79 -27.54 23.27
CA LYS B 212 -22.68 -27.37 21.82
C LYS B 212 -22.52 -28.70 21.05
N ASN B 213 -22.78 -29.86 21.69
CA ASN B 213 -22.25 -31.15 21.24
C ASN B 213 -22.48 -31.46 19.76
N THR B 214 -23.45 -30.83 19.10
CA THR B 214 -23.57 -30.97 17.65
C THR B 214 -22.39 -30.37 16.89
N ILE B 215 -21.66 -29.42 17.49
CA ILE B 215 -20.57 -28.70 16.84
C ILE B 215 -19.25 -29.27 17.34
N LEU B 216 -18.98 -29.20 18.65
CA LEU B 216 -17.81 -29.88 19.17
C LEU B 216 -18.27 -31.27 19.57
N LYS B 217 -17.96 -32.26 18.73
CA LYS B 217 -18.58 -33.57 18.91
C LYS B 217 -17.86 -34.38 19.97
N LYS B 218 -16.56 -34.19 20.09
CA LYS B 218 -15.77 -34.83 21.15
CA LYS B 218 -15.79 -34.84 21.15
C LYS B 218 -15.81 -34.02 22.44
N TYR B 219 -15.32 -32.78 22.37
CA TYR B 219 -15.17 -31.94 23.56
C TYR B 219 -16.46 -31.84 24.37
N ASP B 220 -17.54 -31.36 23.72
CA ASP B 220 -18.83 -31.25 24.40
C ASP B 220 -19.55 -32.60 24.48
N GLY B 221 -19.31 -33.49 23.51
CA GLY B 221 -19.85 -34.84 23.60
C GLY B 221 -19.40 -35.55 24.87
N ARG B 222 -18.21 -35.21 25.37
CA ARG B 222 -17.71 -35.81 26.61
C ARG B 222 -18.54 -35.36 27.81
N PHE B 223 -18.74 -34.04 27.95
CA PHE B 223 -19.58 -33.53 29.04
C PHE B 223 -20.95 -34.21 29.02
N LYS B 224 -21.51 -34.38 27.83
CA LYS B 224 -22.85 -34.94 27.72
C LYS B 224 -22.85 -36.43 28.04
N ASP B 225 -21.87 -37.17 27.53
CA ASP B 225 -21.78 -38.60 27.86
C ASP B 225 -21.59 -38.82 29.36
N ILE B 226 -20.76 -37.98 30.01
CA ILE B 226 -20.47 -38.21 31.42
C ILE B 226 -21.69 -37.96 32.28
N PHE B 227 -22.37 -36.81 32.07
CA PHE B 227 -23.64 -36.54 32.75
C PHE B 227 -24.64 -37.67 32.56
N GLN B 228 -24.83 -38.12 31.32
CA GLN B 228 -25.81 -39.18 31.07
C GLN B 228 -25.40 -40.49 31.74
N GLU B 229 -24.12 -40.82 31.70
CA GLU B 229 -23.64 -42.03 32.36
C GLU B 229 -23.91 -41.96 33.87
N ILE B 230 -23.48 -40.88 34.52
CA ILE B 230 -23.68 -40.74 35.96
C ILE B 230 -25.17 -40.67 36.31
N TYR B 231 -25.99 -40.04 35.45
CA TYR B 231 -27.41 -39.92 35.73
C TYR B 231 -28.08 -41.29 35.81
N ASP B 232 -27.90 -42.13 34.78
CA ASP B 232 -28.62 -43.39 34.72
C ASP B 232 -28.16 -44.38 35.79
N LYS B 233 -26.85 -44.42 36.06
CA LYS B 233 -26.31 -45.40 37.00
C LYS B 233 -26.44 -44.99 38.46
N GLN B 234 -26.71 -43.71 38.75
CA GLN B 234 -26.60 -43.22 40.12
C GLN B 234 -27.84 -42.46 40.59
N TYR B 235 -28.17 -41.34 39.94
CA TYR B 235 -29.21 -40.45 40.43
C TYR B 235 -30.59 -40.64 39.80
N LYS B 236 -30.73 -41.52 38.79
CA LYS B 236 -31.94 -41.54 37.98
C LYS B 236 -33.18 -41.81 38.82
N SER B 237 -33.18 -42.92 39.57
CA SER B 237 -34.37 -43.30 40.31
C SER B 237 -34.70 -42.35 41.46
N GLN B 238 -33.74 -41.52 41.89
CA GLN B 238 -34.07 -40.52 42.91
C GLN B 238 -34.76 -39.33 42.29
N PHE B 239 -34.31 -38.91 41.10
CA PHE B 239 -35.02 -37.88 40.35
C PHE B 239 -36.48 -38.26 40.13
N GLU B 240 -36.72 -39.51 39.69
CA GLU B 240 -38.08 -39.95 39.43
C GLU B 240 -38.89 -40.06 40.71
N ALA B 241 -38.22 -40.24 41.85
CA ALA B 241 -38.92 -40.28 43.13
C ALA B 241 -39.36 -38.89 43.58
N GLN B 242 -38.63 -37.85 43.17
CA GLN B 242 -39.02 -36.48 43.46
C GLN B 242 -39.80 -35.81 42.33
N LYS B 243 -40.12 -36.56 41.26
CA LYS B 243 -40.85 -36.01 40.11
C LYS B 243 -40.10 -34.83 39.47
N ILE B 244 -38.81 -35.04 39.24
CA ILE B 244 -37.94 -34.12 38.52
C ILE B 244 -37.15 -34.94 37.51
N TRP B 245 -36.50 -34.25 36.58
CA TRP B 245 -35.82 -34.93 35.48
C TRP B 245 -34.47 -34.28 35.23
N TYR B 246 -33.63 -34.96 34.46
CA TYR B 246 -32.40 -34.41 33.90
C TYR B 246 -32.46 -34.47 32.38
N GLU B 247 -32.11 -33.37 31.74
CA GLU B 247 -32.23 -33.28 30.30
C GLU B 247 -31.06 -32.49 29.74
N HIS B 248 -30.49 -32.98 28.65
CA HIS B 248 -29.48 -32.23 27.92
C HIS B 248 -30.14 -31.43 26.80
N ARG B 249 -29.67 -30.21 26.61
CA ARG B 249 -30.20 -29.32 25.57
C ARG B 249 -29.06 -28.57 24.90
N LEU B 250 -29.22 -28.34 23.60
CA LEU B 250 -28.30 -27.45 22.90
C LEU B 250 -28.39 -26.04 23.50
N ILE B 251 -27.25 -25.35 23.58
CA ILE B 251 -27.21 -24.06 24.25
C ILE B 251 -28.17 -23.08 23.59
N ASP B 252 -28.32 -23.15 22.26
CA ASP B 252 -29.27 -22.34 21.50
C ASP B 252 -30.67 -22.47 22.06
N ASP B 253 -31.21 -23.68 21.94
CA ASP B 253 -32.51 -24.03 22.51
C ASP B 253 -32.58 -23.67 23.99
N MET B 254 -31.49 -23.90 24.73
CA MET B 254 -31.56 -23.76 26.19
C MET B 254 -31.89 -22.33 26.61
N VAL B 255 -31.14 -21.36 26.08
CA VAL B 255 -31.29 -19.98 26.52
C VAL B 255 -32.69 -19.45 26.19
N ALA B 256 -33.22 -19.85 25.03
CA ALA B 256 -34.59 -19.48 24.69
C ALA B 256 -35.60 -20.19 25.59
N GLN B 257 -35.32 -21.45 25.94
CA GLN B 257 -36.18 -22.16 26.90
C GLN B 257 -36.16 -21.48 28.26
N ALA B 258 -34.97 -21.04 28.70
CA ALA B 258 -34.88 -20.36 29.98
C ALA B 258 -35.58 -19.01 29.94
N MET B 259 -35.44 -18.27 28.85
CA MET B 259 -36.02 -16.93 28.74
C MET B 259 -37.55 -16.98 28.81
N LYS B 260 -38.17 -18.00 28.21
CA LYS B 260 -39.62 -18.09 28.17
C LYS B 260 -40.23 -18.91 29.30
N SER B 261 -39.39 -19.42 30.22
CA SER B 261 -39.90 -20.28 31.29
C SER B 261 -40.27 -19.42 32.50
N GLU B 262 -40.81 -20.08 33.52
CA GLU B 262 -41.08 -19.46 34.81
C GLU B 262 -39.97 -19.70 35.83
N GLY B 263 -38.88 -20.31 35.43
CA GLY B 263 -37.81 -20.63 36.35
C GLY B 263 -38.05 -21.94 37.06
N GLY B 264 -37.38 -22.09 38.19
CA GLY B 264 -37.48 -23.32 38.97
C GLY B 264 -36.76 -24.49 38.33
N PHE B 265 -35.49 -24.28 37.96
CA PHE B 265 -34.66 -25.37 37.44
C PHE B 265 -33.20 -25.08 37.76
N ILE B 266 -32.40 -26.16 37.80
CA ILE B 266 -30.95 -26.03 37.93
C ILE B 266 -30.35 -26.06 36.53
N TRP B 267 -29.48 -25.09 36.23
CA TRP B 267 -28.87 -24.93 34.93
C TRP B 267 -27.37 -25.21 35.03
N ALA B 268 -26.94 -26.35 34.49
CA ALA B 268 -25.53 -26.71 34.47
C ALA B 268 -24.89 -26.13 33.21
N CYS B 269 -23.91 -25.25 33.39
CA CYS B 269 -23.25 -24.59 32.30
C CYS B 269 -21.76 -24.92 32.32
N LYS B 270 -21.19 -25.02 31.12
CA LYS B 270 -19.73 -25.04 30.98
C LYS B 270 -19.17 -23.69 31.39
N ASN B 271 -17.86 -23.66 31.67
CA ASN B 271 -17.22 -22.51 32.28
C ASN B 271 -17.65 -21.17 31.66
N TYR B 272 -17.32 -20.96 30.38
CA TYR B 272 -17.64 -19.70 29.72
C TYR B 272 -19.14 -19.39 29.78
N ASP B 273 -19.99 -20.36 29.39
CA ASP B 273 -21.43 -20.15 29.38
C ASP B 273 -21.93 -19.72 30.76
N GLY B 274 -21.46 -20.42 31.81
CA GLY B 274 -21.89 -20.08 33.16
C GLY B 274 -21.49 -18.67 33.57
N ASP B 275 -20.30 -18.24 33.16
CA ASP B 275 -19.85 -16.88 33.42
C ASP B 275 -20.83 -15.85 32.83
N VAL B 276 -21.11 -15.96 31.53
CA VAL B 276 -21.89 -14.94 30.84
C VAL B 276 -23.37 -15.03 31.22
N GLN B 277 -23.93 -16.24 31.15
CA GLN B 277 -25.36 -16.41 31.39
C GLN B 277 -25.74 -15.99 32.80
N SER B 278 -24.82 -16.11 33.77
CA SER B 278 -25.11 -15.70 35.14
C SER B 278 -25.29 -14.19 35.25
N ASP B 279 -24.61 -13.41 34.41
CA ASP B 279 -24.79 -11.96 34.41
C ASP B 279 -26.04 -11.53 33.64
N SER B 280 -26.40 -12.27 32.58
CA SER B 280 -27.68 -12.00 31.94
C SER B 280 -28.86 -12.40 32.82
N VAL B 281 -28.72 -13.47 33.61
CA VAL B 281 -29.79 -13.95 34.47
C VAL B 281 -29.96 -13.05 35.70
N ALA B 282 -28.84 -12.64 36.31
CA ALA B 282 -28.93 -11.69 37.41
C ALA B 282 -29.64 -10.41 36.97
N GLN B 283 -29.31 -9.90 35.78
CA GLN B 283 -29.92 -8.65 35.30
C GLN B 283 -31.39 -8.83 34.95
N GLY B 284 -31.77 -10.02 34.46
CA GLY B 284 -33.18 -10.28 34.21
C GLY B 284 -34.01 -10.20 35.48
N TYR B 285 -33.44 -10.63 36.62
CA TYR B 285 -34.04 -10.44 37.93
C TYR B 285 -33.94 -9.00 38.42
N GLY B 286 -33.26 -8.13 37.67
CA GLY B 286 -33.30 -6.69 37.81
C GLY B 286 -32.02 -6.03 38.30
N SER B 287 -31.09 -6.74 38.92
CA SER B 287 -29.81 -6.09 39.19
C SER B 287 -28.69 -7.11 39.24
N LEU B 288 -27.53 -6.72 38.70
CA LEU B 288 -26.29 -7.44 38.98
C LEU B 288 -25.94 -7.35 40.46
N GLY B 289 -26.51 -6.37 41.15
CA GLY B 289 -26.18 -6.16 42.55
C GLY B 289 -26.66 -7.27 43.47
N MET B 290 -27.73 -7.98 43.09
CA MET B 290 -28.19 -9.08 43.92
C MET B 290 -27.97 -10.38 43.19
N MET B 291 -26.89 -11.05 43.53
CA MET B 291 -26.66 -12.42 43.10
C MET B 291 -25.70 -13.03 44.10
N THR B 292 -25.87 -14.32 44.38
CA THR B 292 -24.94 -15.05 45.23
C THR B 292 -24.07 -15.94 44.36
N SER B 293 -22.77 -15.93 44.64
CA SER B 293 -21.80 -16.75 43.92
C SER B 293 -20.97 -17.50 44.95
N VAL B 294 -21.12 -18.83 44.97
CA VAL B 294 -20.38 -19.68 45.91
C VAL B 294 -19.67 -20.75 45.11
N LEU B 295 -18.34 -20.78 45.18
CA LEU B 295 -17.58 -21.91 44.67
C LEU B 295 -17.69 -23.03 45.69
N VAL B 296 -18.26 -24.17 45.29
CA VAL B 296 -18.44 -25.32 46.16
C VAL B 296 -17.48 -26.40 45.66
N CYS B 297 -16.48 -26.71 46.48
CA CYS B 297 -15.42 -27.61 46.05
C CYS B 297 -15.86 -29.07 46.14
N PRO B 298 -15.23 -29.96 45.36
CA PRO B 298 -15.71 -31.35 45.31
C PRO B 298 -15.64 -32.10 46.63
N ASP B 299 -14.85 -31.63 47.61
CA ASP B 299 -14.68 -32.34 48.88
C ASP B 299 -15.93 -32.28 49.76
N GLY B 300 -16.94 -31.49 49.40
CA GLY B 300 -18.08 -31.26 50.26
C GLY B 300 -17.79 -30.41 51.47
N LYS B 301 -16.60 -29.81 51.55
CA LYS B 301 -16.10 -29.14 52.74
C LYS B 301 -15.79 -27.67 52.49
N THR B 302 -14.89 -27.38 51.56
CA THR B 302 -14.46 -26.02 51.29
C THR B 302 -15.45 -25.27 50.38
N VAL B 303 -15.72 -24.00 50.71
CA VAL B 303 -16.42 -23.08 49.80
C VAL B 303 -15.65 -21.76 49.75
N GLU B 304 -15.72 -21.11 48.59
CA GLU B 304 -15.30 -19.72 48.44
C GLU B 304 -16.51 -18.91 48.01
N ALA B 305 -16.83 -17.88 48.79
CA ALA B 305 -17.96 -17.01 48.52
C ALA B 305 -17.44 -15.69 47.98
N GLU B 306 -18.02 -15.23 46.88
CA GLU B 306 -17.61 -13.99 46.21
C GLU B 306 -18.87 -13.23 45.79
N ALA B 307 -18.66 -12.07 45.18
CA ALA B 307 -19.72 -11.38 44.44
C ALA B 307 -19.38 -11.45 42.96
N ALA B 308 -20.32 -11.98 42.16
CA ALA B 308 -20.06 -12.28 40.75
C ALA B 308 -19.83 -11.04 39.88
N HIS B 309 -20.28 -9.86 40.31
CA HIS B 309 -20.10 -8.66 39.49
C HIS B 309 -18.66 -8.19 39.55
N GLY B 310 -18.35 -7.10 38.83
CA GLY B 310 -17.03 -6.54 38.81
C GLY B 310 -16.82 -5.48 39.87
N THR B 311 -15.75 -4.70 39.69
CA THR B 311 -15.36 -3.62 40.59
C THR B 311 -16.24 -2.38 40.44
N VAL B 312 -17.15 -2.36 39.48
CA VAL B 312 -18.03 -1.21 39.23
C VAL B 312 -17.18 0.04 39.00
N THR B 313 -16.26 -0.04 38.03
CA THR B 313 -15.29 1.03 37.81
C THR B 313 -15.95 2.39 37.56
N ARG B 314 -17.01 2.43 36.75
CA ARG B 314 -17.65 3.70 36.45
C ARG B 314 -18.05 4.44 37.71
N HIS B 315 -18.64 3.73 38.69
CA HIS B 315 -18.98 4.36 39.95
C HIS B 315 -17.73 4.78 40.71
N TYR B 316 -16.65 3.99 40.61
CA TYR B 316 -15.41 4.32 41.30
C TYR B 316 -14.83 5.65 40.80
N ARG B 317 -14.98 5.92 39.49
CA ARG B 317 -14.51 7.19 38.93
C ARG B 317 -15.32 8.36 39.46
N MET B 318 -16.62 8.14 39.71
CA MET B 318 -17.44 9.18 40.32
C MET B 318 -17.08 9.36 41.79
N TYR B 319 -16.91 8.24 42.51
CA TYR B 319 -16.47 8.30 43.91
C TYR B 319 -15.16 9.07 44.04
N GLN B 320 -14.27 8.94 43.04
CA GLN B 320 -13.04 9.73 43.02
C GLN B 320 -13.30 11.21 42.74
N LYS B 321 -14.47 11.56 42.20
CA LYS B 321 -14.85 12.95 41.98
C LYS B 321 -15.58 13.55 43.18
N GLY B 322 -15.74 12.80 44.26
CA GLY B 322 -16.50 13.26 45.40
C GLY B 322 -18.00 13.34 45.20
N GLN B 323 -18.50 12.90 44.04
CA GLN B 323 -19.92 12.96 43.76
C GLN B 323 -20.64 11.80 44.43
N GLU B 324 -21.97 11.79 44.33
CA GLU B 324 -22.77 10.81 45.06
C GLU B 324 -22.86 9.53 44.23
N THR B 325 -22.33 8.44 44.79
CA THR B 325 -22.37 7.14 44.15
C THR B 325 -23.39 6.28 44.88
N SER B 326 -24.33 5.72 44.13
CA SER B 326 -25.22 4.69 44.65
C SER B 326 -24.77 3.38 44.00
N THR B 327 -24.19 2.49 44.80
CA THR B 327 -23.72 1.19 44.32
C THR B 327 -24.22 0.11 45.27
N ASN B 328 -24.78 -0.96 44.71
CA ASN B 328 -25.47 -1.97 45.50
C ASN B 328 -24.47 -2.87 46.23
N PRO B 329 -24.40 -2.78 47.56
CA PRO B 329 -23.51 -3.65 48.34
C PRO B 329 -23.96 -5.09 48.45
N ILE B 330 -25.22 -5.39 48.12
CA ILE B 330 -25.87 -6.62 48.59
C ILE B 330 -25.06 -7.86 48.23
N ALA B 331 -24.58 -7.95 46.98
CA ALA B 331 -23.81 -9.13 46.59
C ALA B 331 -22.58 -9.31 47.47
N SER B 332 -21.87 -8.22 47.76
CA SER B 332 -20.69 -8.33 48.63
C SER B 332 -21.07 -8.72 50.05
N ILE B 333 -22.22 -8.26 50.54
CA ILE B 333 -22.70 -8.66 51.87
C ILE B 333 -23.03 -10.14 51.89
N PHE B 334 -23.81 -10.60 50.90
CA PHE B 334 -24.15 -12.01 50.82
C PHE B 334 -22.92 -12.90 50.60
N ALA B 335 -21.82 -12.33 50.11
CA ALA B 335 -20.57 -13.07 50.11
C ALA B 335 -20.14 -13.42 51.53
N TRP B 336 -20.24 -12.46 52.45
CA TRP B 336 -19.85 -12.72 53.84
C TRP B 336 -20.84 -13.68 54.51
N THR B 337 -22.14 -13.48 54.29
CA THR B 337 -23.14 -14.32 54.97
C THR B 337 -23.08 -15.76 54.48
N ARG B 338 -22.98 -15.97 53.16
CA ARG B 338 -22.84 -17.33 52.64
C ARG B 338 -21.60 -18.01 53.20
N GLY B 339 -20.47 -17.28 53.29
CA GLY B 339 -19.29 -17.85 53.92
C GLY B 339 -19.49 -18.16 55.39
N LEU B 340 -20.05 -17.21 56.14
CA LEU B 340 -20.20 -17.38 57.59
C LEU B 340 -21.23 -18.46 57.92
N ALA B 341 -22.29 -18.58 57.12
CA ALA B 341 -23.21 -19.69 57.29
C ALA B 341 -22.50 -21.03 57.07
N HIS B 342 -21.58 -21.07 56.11
CA HIS B 342 -20.78 -22.26 55.90
C HIS B 342 -19.78 -22.44 57.04
N ARG B 343 -19.09 -21.37 57.43
CA ARG B 343 -18.21 -21.42 58.59
C ARG B 343 -18.96 -21.93 59.82
N ALA B 344 -20.24 -21.58 59.94
CA ALA B 344 -21.06 -22.03 61.07
C ALA B 344 -21.48 -23.49 60.90
N LYS B 345 -21.81 -23.91 59.68
CA LYS B 345 -22.20 -25.30 59.47
C LYS B 345 -21.08 -26.26 59.83
N LEU B 346 -19.82 -25.86 59.59
CA LEU B 346 -18.69 -26.72 59.90
C LEU B 346 -18.43 -26.80 61.40
N ASP B 347 -18.43 -25.66 62.08
CA ASP B 347 -18.13 -25.63 63.50
C ASP B 347 -19.37 -25.89 64.37
N ASN B 348 -20.53 -26.11 63.75
CA ASN B 348 -21.80 -26.22 64.46
C ASN B 348 -21.98 -25.07 65.46
N ASN B 349 -21.77 -23.85 64.95
CA ASN B 349 -21.85 -22.63 65.73
C ASN B 349 -23.22 -22.05 65.45
N LYS B 350 -24.10 -22.11 66.44
CA LYS B 350 -25.50 -21.76 66.23
C LYS B 350 -25.70 -20.25 66.20
N GLU B 351 -24.84 -19.50 66.90
CA GLU B 351 -24.97 -18.04 66.90
C GLU B 351 -24.55 -17.45 65.56
N LEU B 352 -23.34 -17.79 65.10
CA LEU B 352 -22.88 -17.32 63.80
C LEU B 352 -23.86 -17.72 62.70
N ALA B 353 -24.51 -18.88 62.85
CA ALA B 353 -25.54 -19.28 61.92
C ALA B 353 -26.79 -18.41 62.05
N PHE B 354 -27.12 -18.00 63.27
CA PHE B 354 -28.25 -17.08 63.45
C PHE B 354 -27.91 -15.69 62.89
N PHE B 355 -26.67 -15.23 63.13
CA PHE B 355 -26.26 -13.93 62.63
C PHE B 355 -26.20 -13.90 61.11
N ALA B 356 -25.70 -14.97 60.50
CA ALA B 356 -25.59 -15.01 59.05
C ALA B 356 -26.95 -14.88 58.37
N ASN B 357 -27.96 -15.59 58.88
CA ASN B 357 -29.31 -15.43 58.34
C ASN B 357 -29.89 -14.05 58.69
N ALA B 358 -29.50 -13.49 59.84
CA ALA B 358 -30.01 -12.17 60.22
C ALA B 358 -29.55 -11.09 59.25
N LEU B 359 -28.26 -11.06 58.92
CA LEU B 359 -27.76 -10.04 57.99
C LEU B 359 -28.35 -10.21 56.60
N GLU B 360 -28.70 -11.44 56.21
CA GLU B 360 -29.41 -11.63 54.95
C GLU B 360 -30.85 -11.19 55.08
N GLU B 361 -31.53 -11.59 56.16
CA GLU B 361 -32.91 -11.18 56.39
C GLU B 361 -33.04 -9.66 56.49
N VAL B 362 -32.06 -9.01 57.14
CA VAL B 362 -32.08 -7.54 57.25
C VAL B 362 -31.90 -6.89 55.88
N SER B 363 -30.92 -7.37 55.10
CA SER B 363 -30.63 -6.75 53.82
C SER B 363 -31.84 -6.79 52.89
N ILE B 364 -32.63 -7.85 52.95
CA ILE B 364 -33.82 -7.97 52.12
C ILE B 364 -34.96 -7.10 52.65
N GLU B 365 -35.08 -6.98 53.99
CA GLU B 365 -36.17 -6.20 54.58
C GLU B 365 -35.96 -4.70 54.36
N THR B 366 -34.71 -4.23 54.43
CA THR B 366 -34.41 -2.82 54.16
C THR B 366 -34.82 -2.42 52.74
N ILE B 367 -34.60 -3.30 51.76
CA ILE B 367 -35.03 -3.02 50.40
C ILE B 367 -36.55 -3.13 50.27
N GLU B 368 -37.15 -4.13 50.91
CA GLU B 368 -38.60 -4.29 50.87
C GLU B 368 -39.35 -3.26 51.71
N ALA B 369 -38.64 -2.42 52.48
CA ALA B 369 -39.25 -1.29 53.17
C ALA B 369 -39.14 0.02 52.39
N GLY B 370 -38.49 0.01 51.22
CA GLY B 370 -38.34 1.20 50.41
C GLY B 370 -36.97 1.84 50.40
N PHE B 371 -36.03 1.30 51.18
CA PHE B 371 -34.67 1.83 51.27
C PHE B 371 -33.81 1.03 50.31
N MET B 372 -33.33 1.68 49.25
CA MET B 372 -32.61 0.97 48.20
C MET B 372 -31.66 1.91 47.49
N THR B 373 -30.65 1.29 46.87
CA THR B 373 -29.74 1.97 45.97
C THR B 373 -30.43 2.25 44.63
N LYS B 374 -29.83 3.17 43.87
CA LYS B 374 -30.42 3.64 42.62
C LYS B 374 -30.79 2.51 41.67
N ASP B 375 -29.93 1.49 41.56
CA ASP B 375 -30.16 0.39 40.62
C ASP B 375 -31.52 -0.26 40.82
N LEU B 376 -31.87 -0.55 42.08
CA LEU B 376 -33.15 -1.19 42.37
C LEU B 376 -34.31 -0.20 42.30
N ALA B 377 -34.06 1.08 42.54
CA ALA B 377 -35.10 2.08 42.34
C ALA B 377 -35.45 2.21 40.87
N ALA B 378 -34.43 2.22 40.00
CA ALA B 378 -34.71 2.22 38.56
C ALA B 378 -35.52 1.01 38.14
N CYS B 379 -35.41 -0.10 38.88
CA CYS B 379 -36.19 -1.29 38.54
C CYS B 379 -37.69 -1.03 38.70
N ILE B 380 -38.09 -0.31 39.75
CA ILE B 380 -39.51 -0.04 39.98
C ILE B 380 -40.04 1.06 39.05
N LYS B 381 -39.38 2.22 39.03
CA LYS B 381 -39.91 3.37 38.32
C LYS B 381 -39.38 3.56 36.91
N GLY B 382 -38.33 2.82 36.52
CA GLY B 382 -37.61 3.10 35.30
C GLY B 382 -36.58 4.18 35.58
N LEU B 383 -35.43 4.13 34.88
CA LEU B 383 -34.37 5.09 35.19
C LEU B 383 -34.71 6.55 34.92
N PRO B 384 -35.39 6.91 33.81
CA PRO B 384 -35.69 8.35 33.60
C PRO B 384 -36.62 8.93 34.64
N ASN B 385 -37.38 8.09 35.35
CA ASN B 385 -38.34 8.50 36.37
C ASN B 385 -37.75 8.56 37.78
N VAL B 386 -36.45 8.37 37.94
CA VAL B 386 -35.85 8.17 39.26
C VAL B 386 -35.49 9.53 39.83
N GLN B 387 -36.18 9.90 40.90
CA GLN B 387 -35.92 11.13 41.64
C GLN B 387 -34.78 10.91 42.63
N ARG B 388 -34.04 11.98 42.90
CA ARG B 388 -33.00 11.91 43.92
C ARG B 388 -33.57 11.48 45.27
N SER B 389 -34.87 11.71 45.49
CA SER B 389 -35.52 11.29 46.72
C SER B 389 -35.83 9.79 46.76
N ASP B 390 -35.62 9.06 45.65
CA ASP B 390 -35.98 7.65 45.56
C ASP B 390 -34.92 6.72 46.13
N TYR B 391 -33.68 7.17 46.29
CA TYR B 391 -32.59 6.26 46.60
C TYR B 391 -31.60 6.92 47.56
N LEU B 392 -30.88 6.08 48.28
CA LEU B 392 -29.79 6.50 49.16
C LEU B 392 -28.47 6.19 48.48
N ASN B 393 -27.46 7.03 48.71
CA ASN B 393 -26.15 6.76 48.13
C ASN B 393 -25.46 5.59 48.86
N THR B 394 -24.23 5.28 48.45
CA THR B 394 -23.54 4.11 48.97
C THR B 394 -23.36 4.17 50.48
N PHE B 395 -22.91 5.32 51.00
CA PHE B 395 -22.71 5.45 52.45
C PHE B 395 -24.04 5.42 53.19
N GLU B 396 -25.02 6.19 52.70
CA GLU B 396 -26.34 6.22 53.34
C GLU B 396 -26.95 4.83 53.47
N PHE B 397 -26.81 4.00 52.43
CA PHE B 397 -27.48 2.70 52.43
C PHE B 397 -26.84 1.75 53.42
N MET B 398 -25.51 1.64 53.40
CA MET B 398 -24.82 0.77 54.37
C MET B 398 -25.09 1.18 55.81
N ASP B 399 -25.47 2.45 56.04
CA ASP B 399 -25.82 2.91 57.38
C ASP B 399 -27.20 2.42 57.80
N LYS B 400 -28.19 2.53 56.90
CA LYS B 400 -29.53 2.03 57.19
C LYS B 400 -29.52 0.53 57.44
N LEU B 401 -28.58 -0.19 56.83
CA LEU B 401 -28.44 -1.61 57.10
C LEU B 401 -27.86 -1.85 58.50
N GLY B 402 -26.76 -1.17 58.83
CA GLY B 402 -26.18 -1.33 60.16
C GLY B 402 -27.14 -0.96 61.27
N GLU B 403 -28.01 0.02 61.00
CA GLU B 403 -29.01 0.43 61.98
C GLU B 403 -30.11 -0.61 62.13
N ASN B 404 -30.60 -1.16 61.01
CA ASN B 404 -31.58 -2.24 61.08
C ASN B 404 -30.94 -3.54 61.59
N LEU B 405 -29.64 -3.71 61.34
CA LEU B 405 -28.92 -4.85 61.90
C LEU B 405 -28.88 -4.77 63.43
N LYS B 406 -28.50 -3.61 63.96
CA LYS B 406 -28.46 -3.42 65.41
C LYS B 406 -29.81 -3.73 66.04
N ILE B 407 -30.90 -3.27 65.41
CA ILE B 407 -32.23 -3.51 65.95
C ILE B 407 -32.59 -4.99 65.92
N LYS B 408 -32.35 -5.66 64.78
CA LYS B 408 -32.80 -7.05 64.65
C LYS B 408 -32.06 -7.98 65.61
N LEU B 409 -30.77 -7.75 65.84
CA LEU B 409 -30.03 -8.56 66.82
C LEU B 409 -30.40 -8.16 68.24
N ALA B 410 -30.65 -6.88 68.49
CA ALA B 410 -31.07 -6.45 69.82
C ALA B 410 -32.43 -7.02 70.21
N GLN B 411 -33.33 -7.18 69.23
CA GLN B 411 -34.68 -7.64 69.53
C GLN B 411 -34.70 -9.12 69.94
N ALA B 412 -33.83 -9.94 69.35
CA ALA B 412 -33.81 -11.37 69.62
C ALA B 412 -32.95 -11.76 70.82
N LYS B 413 -32.13 -10.85 71.36
CA LYS B 413 -31.43 -11.16 72.60
C LYS B 413 -32.41 -11.46 73.73
N LEU B 414 -33.47 -10.67 73.84
CA LEU B 414 -34.59 -10.94 74.75
C LEU B 414 -34.16 -11.16 76.21
N LYS C 3 56.78 9.47 48.16
CA LYS C 3 55.71 8.71 48.78
C LYS C 3 54.94 9.60 49.75
N LYS C 4 54.66 10.85 49.31
CA LYS C 4 54.04 11.81 50.20
C LYS C 4 52.52 11.66 50.28
N ILE C 5 51.83 11.51 49.13
CA ILE C 5 50.38 11.59 49.10
C ILE C 5 49.75 10.26 49.49
N SER C 6 48.71 10.31 50.34
CA SER C 6 47.93 9.13 50.68
C SER C 6 46.95 8.83 49.56
N GLY C 7 47.05 7.64 48.98
CA GLY C 7 46.27 7.34 47.79
C GLY C 7 45.04 6.48 47.99
N GLY C 8 44.87 5.85 49.15
CA GLY C 8 43.76 4.94 49.29
C GLY C 8 44.02 3.62 48.59
N SER C 9 42.95 2.91 48.28
CA SER C 9 43.03 1.55 47.77
C SER C 9 42.83 1.49 46.26
N VAL C 10 43.77 0.84 45.56
CA VAL C 10 43.72 0.66 44.12
C VAL C 10 43.99 -0.80 43.80
N VAL C 11 43.22 -1.37 42.88
CA VAL C 11 43.49 -2.70 42.34
C VAL C 11 44.34 -2.53 41.09
N GLU C 12 45.46 -3.24 41.00
CA GLU C 12 46.40 -3.10 39.91
C GLU C 12 46.55 -4.42 39.17
N MET C 13 46.65 -4.36 37.84
CA MET C 13 46.70 -5.54 37.00
C MET C 13 47.90 -5.45 36.06
N GLN C 14 48.85 -6.37 36.23
CA GLN C 14 50.07 -6.38 35.43
C GLN C 14 49.85 -7.18 34.15
N GLY C 15 50.47 -6.70 33.07
CA GLY C 15 50.29 -7.29 31.76
C GLY C 15 51.50 -7.97 31.15
N ASP C 16 51.53 -8.02 29.81
CA ASP C 16 52.52 -8.78 29.07
C ASP C 16 53.34 -7.88 28.15
N GLU C 17 54.51 -8.40 27.78
CA GLU C 17 55.35 -7.90 26.67
C GLU C 17 55.69 -6.41 26.90
N MET C 18 55.65 -5.58 25.86
CA MET C 18 56.15 -4.21 26.00
C MET C 18 55.38 -3.41 27.04
N THR C 19 54.09 -3.70 27.22
CA THR C 19 53.35 -2.93 28.22
C THR C 19 53.74 -3.33 29.63
N ARG C 20 54.13 -4.59 29.83
CA ARG C 20 54.69 -5.02 31.13
C ARG C 20 55.87 -4.13 31.54
N ILE C 21 56.82 -3.92 30.63
CA ILE C 21 58.02 -3.11 30.92
C ILE C 21 57.62 -1.68 31.29
N ILE C 22 56.87 -1.02 30.40
CA ILE C 22 56.45 0.37 30.63
C ILE C 22 55.70 0.49 31.95
N TRP C 23 54.85 -0.50 32.25
CA TRP C 23 54.05 -0.46 33.46
C TRP C 23 54.91 -0.33 34.71
N GLU C 24 56.04 -1.04 34.76
CA GLU C 24 56.92 -0.94 35.94
C GLU C 24 57.58 0.43 36.03
N LEU C 25 58.09 0.94 34.90
CA LEU C 25 58.64 2.29 34.87
C LEU C 25 57.63 3.32 35.36
N ILE C 26 56.34 3.12 35.02
CA ILE C 26 55.31 4.04 35.49
C ILE C 26 55.18 3.96 37.01
N LYS C 27 55.17 2.74 37.56
CA LYS C 27 55.09 2.60 39.00
C LYS C 27 56.34 3.17 39.68
N GLU C 28 57.52 2.86 39.14
CA GLU C 28 58.76 3.26 39.81
C GLU C 28 59.01 4.75 39.70
N LYS C 29 58.94 5.30 38.48
CA LYS C 29 59.28 6.71 38.31
C LYS C 29 58.13 7.66 38.64
N LEU C 30 56.94 7.41 38.08
CA LEU C 30 55.89 8.43 38.12
C LEU C 30 54.89 8.30 39.26
N ILE C 31 54.81 7.15 39.93
CA ILE C 31 53.71 6.93 40.87
C ILE C 31 54.22 6.77 42.31
N PHE C 32 54.96 5.68 42.55
CA PHE C 32 55.46 5.37 43.89
C PHE C 32 56.27 6.48 44.56
N PRO C 33 57.09 7.28 43.85
CA PRO C 33 57.79 8.37 44.55
C PRO C 33 56.84 9.41 45.13
N TYR C 34 55.71 9.68 44.49
CA TYR C 34 54.81 10.72 44.96
C TYR C 34 53.53 10.24 45.65
N VAL C 35 53.24 8.94 45.68
CA VAL C 35 51.94 8.45 46.14
C VAL C 35 52.14 7.21 47.00
N GLU C 36 51.51 7.18 48.17
CA GLU C 36 51.43 5.99 49.01
C GLU C 36 50.08 5.34 48.79
N LEU C 37 50.08 4.11 48.29
CA LEU C 37 48.86 3.39 47.97
C LEU C 37 48.74 2.17 48.85
N ASP C 38 47.50 1.83 49.20
CA ASP C 38 47.20 0.46 49.62
C ASP C 38 46.84 -0.27 48.35
N LEU C 39 47.74 -1.12 47.88
CA LEU C 39 47.74 -1.60 46.51
C LEU C 39 47.51 -3.11 46.53
N HIS C 40 46.52 -3.56 45.78
CA HIS C 40 46.26 -4.98 45.61
C HIS C 40 46.67 -5.35 44.20
N SER C 41 47.79 -6.05 44.07
CA SER C 41 48.35 -6.36 42.77
C SER C 41 47.90 -7.74 42.32
N TYR C 42 47.63 -7.87 41.03
CA TYR C 42 47.29 -9.13 40.41
C TYR C 42 48.09 -9.23 39.13
N ASP C 43 48.84 -10.33 38.97
CA ASP C 43 49.66 -10.50 37.78
C ASP C 43 48.82 -11.23 36.75
N LEU C 44 48.41 -10.51 35.71
CA LEU C 44 47.65 -11.07 34.61
C LEU C 44 48.54 -11.46 33.45
N GLY C 45 49.85 -11.40 33.63
CA GLY C 45 50.77 -11.93 32.65
C GLY C 45 50.39 -13.34 32.24
N ILE C 46 50.70 -13.71 30.99
CA ILE C 46 50.18 -14.94 30.40
C ILE C 46 50.56 -16.17 31.22
N GLU C 47 51.71 -16.13 31.89
CA GLU C 47 52.14 -17.31 32.65
C GLU C 47 51.39 -17.47 33.96
N ASN C 48 51.17 -16.37 34.69
CA ASN C 48 50.43 -16.49 35.94
C ASN C 48 48.96 -16.85 35.70
N ARG C 49 48.37 -16.37 34.60
CA ARG C 49 47.03 -16.83 34.23
C ARG C 49 47.03 -18.32 33.93
N ASP C 50 48.02 -18.77 33.15
CA ASP C 50 48.17 -20.19 32.84
C ASP C 50 48.36 -21.00 34.13
N ALA C 51 49.18 -20.51 35.06
CA ALA C 51 49.43 -21.25 36.29
C ALA C 51 48.23 -21.25 37.23
N THR C 52 47.39 -20.20 37.19
CA THR C 52 46.21 -20.11 38.04
C THR C 52 44.96 -20.68 37.37
N ASN C 53 45.08 -21.27 36.18
CA ASN C 53 43.92 -21.68 35.40
C ASN C 53 42.95 -20.52 35.20
N ASP C 54 43.52 -19.32 35.01
CA ASP C 54 42.82 -18.05 34.79
C ASP C 54 42.11 -17.54 36.04
N GLN C 55 42.19 -18.24 37.18
CA GLN C 55 41.50 -17.78 38.39
C GLN C 55 41.94 -16.39 38.80
N VAL C 56 43.22 -16.04 38.59
CA VAL C 56 43.70 -14.73 38.98
C VAL C 56 42.95 -13.61 38.26
N THR C 57 42.45 -13.88 37.04
CA THR C 57 41.64 -12.88 36.33
C THR C 57 40.31 -12.63 37.03
N LYS C 58 39.60 -13.71 37.39
CA LYS C 58 38.35 -13.53 38.13
C LYS C 58 38.61 -12.91 39.50
N ASP C 59 39.77 -13.23 40.10
CA ASP C 59 40.15 -12.62 41.36
C ASP C 59 40.35 -11.12 41.21
N ALA C 60 41.05 -10.70 40.15
CA ALA C 60 41.24 -9.28 39.90
C ALA C 60 39.91 -8.55 39.75
N ALA C 61 38.95 -9.17 39.05
CA ALA C 61 37.66 -8.52 38.82
C ALA C 61 36.86 -8.39 40.12
N GLU C 62 36.84 -9.45 40.93
CA GLU C 62 36.10 -9.37 42.19
C GLU C 62 36.74 -8.36 43.13
N ALA C 63 38.06 -8.17 43.03
CA ALA C 63 38.72 -7.13 43.82
C ALA C 63 38.31 -5.72 43.39
N ILE C 64 37.97 -5.54 42.11
CA ILE C 64 37.56 -4.23 41.62
C ILE C 64 36.17 -3.87 42.12
N LYS C 65 35.27 -4.86 42.21
CA LYS C 65 33.96 -4.63 42.83
C LYS C 65 34.12 -4.18 44.27
N LYS C 66 35.11 -4.74 44.98
CA LYS C 66 35.28 -4.43 46.39
C LYS C 66 35.85 -3.03 46.60
N HIS C 67 36.94 -2.71 45.91
CA HIS C 67 37.69 -1.48 46.15
C HIS C 67 37.36 -0.33 45.19
N ASN C 68 36.51 -0.56 44.19
CA ASN C 68 35.91 0.45 43.30
C ASN C 68 36.86 1.03 42.25
N VAL C 69 38.16 0.75 42.30
CA VAL C 69 39.10 1.33 41.36
C VAL C 69 40.07 0.25 40.91
N GLY C 70 40.34 0.18 39.61
CA GLY C 70 41.36 -0.71 39.10
C GLY C 70 42.00 -0.11 37.87
N VAL C 71 43.24 -0.49 37.64
CA VAL C 71 44.03 0.01 36.51
C VAL C 71 44.72 -1.20 35.91
N LYS C 72 44.59 -1.37 34.59
CA LYS C 72 44.97 -2.60 33.92
C LYS C 72 45.95 -2.32 32.80
N CYS C 73 47.08 -3.02 32.85
CA CYS C 73 48.01 -3.10 31.74
C CYS C 73 47.42 -3.98 30.63
N ALA C 74 47.91 -3.81 29.40
CA ALA C 74 47.45 -4.67 28.32
C ALA C 74 47.87 -6.12 28.59
N THR C 75 47.11 -7.08 28.05
CA THR C 75 47.35 -8.51 28.26
C THR C 75 47.24 -9.29 26.96
N ILE C 76 47.99 -10.38 26.85
CA ILE C 76 47.90 -11.26 25.69
C ILE C 76 46.64 -12.11 25.79
N THR C 77 45.85 -12.12 24.71
CA THR C 77 44.75 -13.08 24.57
C THR C 77 45.22 -14.19 23.65
N PRO C 78 45.41 -15.40 24.14
CA PRO C 78 46.08 -16.42 23.32
C PRO C 78 45.21 -16.99 22.22
N ASP C 79 45.83 -17.24 21.07
CA ASP C 79 45.35 -18.15 20.04
C ASP C 79 46.31 -19.34 19.96
N GLU C 80 46.08 -20.24 18.99
CA GLU C 80 46.91 -21.45 18.88
C GLU C 80 48.39 -21.14 18.89
N LYS C 81 48.80 -20.07 18.21
CA LYS C 81 50.21 -19.74 18.11
C LYS C 81 50.80 -19.39 19.47
N ARG C 82 50.02 -18.69 20.31
CA ARG C 82 50.46 -18.35 21.66
C ARG C 82 50.47 -19.57 22.56
N VAL C 83 49.55 -20.51 22.35
CA VAL C 83 49.57 -21.76 23.11
C VAL C 83 50.87 -22.52 22.87
N GLU C 84 51.33 -22.53 21.61
CA GLU C 84 52.63 -23.11 21.31
C GLU C 84 53.75 -22.29 21.94
N GLU C 85 53.69 -20.96 21.82
CA GLU C 85 54.77 -20.10 22.27
C GLU C 85 55.07 -20.31 23.75
N PHE C 86 54.05 -20.24 24.59
CA PHE C 86 54.21 -20.34 26.04
C PHE C 86 53.92 -21.73 26.60
N LYS C 87 53.62 -22.71 25.74
CA LYS C 87 53.25 -24.06 26.20
C LYS C 87 52.09 -23.98 27.19
N LEU C 88 51.03 -23.29 26.79
CA LEU C 88 49.90 -23.03 27.66
C LEU C 88 49.05 -24.28 27.85
N LYS C 89 48.34 -24.31 28.98
CA LYS C 89 47.41 -25.41 29.22
C LYS C 89 46.26 -25.36 28.22
N GLN C 90 45.56 -24.24 28.16
CA GLN C 90 44.38 -24.07 27.31
C GLN C 90 44.54 -22.76 26.54
N MET C 91 43.67 -22.56 25.55
CA MET C 91 43.66 -21.31 24.80
C MET C 91 42.70 -20.43 25.58
N TRP C 92 43.26 -19.53 26.38
CA TRP C 92 42.48 -18.80 27.38
C TRP C 92 41.73 -17.64 26.76
N LYS C 93 40.64 -17.26 27.41
CA LYS C 93 39.85 -16.11 27.01
C LYS C 93 40.54 -14.80 27.39
N SER C 94 40.13 -13.74 26.70
CA SER C 94 40.59 -12.39 26.98
C SER C 94 40.31 -12.01 28.43
N PRO C 95 41.32 -11.60 29.19
CA PRO C 95 41.04 -11.07 30.54
C PRO C 95 40.14 -9.85 30.49
N ASN C 96 40.24 -9.03 29.44
CA ASN C 96 39.41 -7.84 29.33
C ASN C 96 37.93 -8.20 29.25
N GLY C 97 37.58 -9.16 28.39
CA GLY C 97 36.19 -9.58 28.29
C GLY C 97 35.68 -10.24 29.56
N THR C 98 36.55 -10.95 30.28
CA THR C 98 36.14 -11.56 31.53
C THR C 98 35.86 -10.49 32.58
N ILE C 99 36.78 -9.54 32.76
CA ILE C 99 36.58 -8.48 33.76
C ILE C 99 35.36 -7.64 33.39
N ARG C 100 35.23 -7.25 32.12
CA ARG C 100 34.10 -6.40 31.74
C ARG C 100 32.77 -7.10 31.94
N ASN C 101 32.70 -8.38 31.57
CA ASN C 101 31.43 -9.09 31.72
C ASN C 101 31.10 -9.42 33.17
N ILE C 102 32.07 -9.36 34.08
CA ILE C 102 31.77 -9.40 35.51
C ILE C 102 31.25 -8.04 35.99
N LEU C 103 31.96 -6.97 35.62
CA LEU C 103 31.59 -5.63 36.08
C LEU C 103 30.41 -5.02 35.32
N GLY C 104 30.38 -5.14 33.99
CA GLY C 104 29.37 -4.49 33.17
C GLY C 104 29.67 -3.02 32.91
N GLY C 105 28.71 -2.32 32.29
CA GLY C 105 28.84 -0.89 32.08
C GLY C 105 29.27 -0.48 30.68
N THR C 106 29.81 0.74 30.60
CA THR C 106 30.18 1.38 29.34
C THR C 106 31.65 1.79 29.38
N VAL C 107 32.38 1.53 28.30
CA VAL C 107 33.79 1.92 28.17
C VAL C 107 33.86 3.19 27.34
N PHE C 108 34.39 4.27 27.92
CA PHE C 108 34.49 5.56 27.24
C PHE C 108 35.92 5.77 26.76
N ARG C 109 36.09 5.95 25.46
CA ARG C 109 37.39 6.17 24.84
C ARG C 109 37.45 7.52 24.15
N GLU C 110 38.50 8.28 24.45
CA GLU C 110 38.69 9.62 23.92
C GLU C 110 40.16 9.72 23.54
N ALA C 111 40.45 10.42 22.45
CA ALA C 111 41.84 10.64 22.10
C ALA C 111 42.47 11.62 23.08
N ILE C 112 43.81 11.61 23.14
CA ILE C 112 44.60 12.53 23.95
C ILE C 112 45.32 13.46 22.99
N ILE C 113 45.06 14.77 23.10
CA ILE C 113 45.42 15.73 22.05
C ILE C 113 46.63 16.55 22.48
N CYS C 114 47.63 16.66 21.60
CA CYS C 114 48.75 17.59 21.75
C CYS C 114 48.78 18.51 20.55
N LYS C 115 48.84 19.82 20.81
CA LYS C 115 48.67 20.84 19.77
C LYS C 115 49.67 20.71 18.63
N ASN C 116 50.85 20.17 18.91
CA ASN C 116 51.92 20.08 17.91
C ASN C 116 51.86 18.81 17.08
N ILE C 117 50.95 17.90 17.38
CA ILE C 117 50.88 16.59 16.73
C ILE C 117 49.82 16.67 15.63
N PRO C 118 50.19 16.51 14.36
CA PRO C 118 49.19 16.54 13.29
C PRO C 118 48.39 15.26 13.23
N ARG C 119 47.11 15.41 12.89
CA ARG C 119 46.16 14.32 12.69
C ARG C 119 46.30 13.72 11.29
N LEU C 120 45.81 12.48 11.15
CA LEU C 120 45.60 11.91 9.82
C LEU C 120 44.25 12.31 9.21
N VAL C 121 43.27 12.70 10.02
CA VAL C 121 41.95 13.09 9.52
C VAL C 121 41.82 14.59 9.70
N SER C 122 41.63 15.31 8.58
CA SER C 122 41.83 16.76 8.58
C SER C 122 40.81 17.49 9.44
N GLY C 123 39.58 17.00 9.48
CA GLY C 123 38.49 17.79 10.01
C GLY C 123 38.33 17.79 11.52
N TRP C 124 38.97 16.86 12.24
CA TRP C 124 38.56 16.65 13.62
C TRP C 124 39.32 17.65 14.47
N VAL C 125 38.67 18.79 14.75
CA VAL C 125 39.21 19.81 15.65
C VAL C 125 38.59 19.73 17.03
N LYS C 126 37.59 18.88 17.22
CA LYS C 126 36.89 18.67 18.48
C LYS C 126 36.97 17.20 18.84
N PRO C 127 36.81 16.84 20.10
CA PRO C 127 36.99 15.43 20.50
C PRO C 127 35.82 14.55 20.08
N ILE C 128 36.14 13.31 19.70
CA ILE C 128 35.14 12.25 19.48
C ILE C 128 35.21 11.31 20.68
N ILE C 129 34.12 11.18 21.42
CA ILE C 129 34.06 10.33 22.61
C ILE C 129 33.17 9.13 22.29
N ILE C 130 33.76 7.93 22.26
CA ILE C 130 33.05 6.68 21.98
C ILE C 130 32.63 6.06 23.31
N GLY C 131 31.33 6.05 23.59
CA GLY C 131 30.82 5.12 24.58
C GLY C 131 30.58 3.73 24.01
N ARG C 132 31.33 2.75 24.50
CA ARG C 132 31.29 1.39 23.98
C ARG C 132 30.59 0.50 24.98
N HIS C 133 29.53 -0.20 24.53
CA HIS C 133 28.87 -1.17 25.37
C HIS C 133 29.84 -2.28 25.75
N ALA C 134 30.02 -2.52 27.04
CA ALA C 134 31.07 -3.40 27.52
C ALA C 134 30.64 -4.84 27.72
N TYR C 135 29.36 -5.18 27.48
CA TYR C 135 28.77 -6.45 27.88
C TYR C 135 28.22 -7.21 26.67
N GLY C 136 28.45 -8.53 26.67
CA GLY C 136 27.77 -9.41 25.73
C GLY C 136 28.34 -9.38 24.31
N ASP C 137 27.47 -9.76 23.36
CA ASP C 137 27.82 -9.85 21.93
C ASP C 137 29.04 -10.76 21.78
N GLN C 138 30.10 -10.35 21.09
CA GLN C 138 31.20 -11.25 20.75
C GLN C 138 32.02 -11.68 21.97
N ASP C 139 32.16 -10.83 22.98
CA ASP C 139 32.87 -11.23 24.19
C ASP C 139 32.25 -12.47 24.81
N ARG C 140 30.91 -12.56 24.78
CA ARG C 140 30.17 -13.64 25.39
C ARG C 140 29.75 -14.73 24.42
N ALA C 141 30.20 -14.68 23.17
CA ALA C 141 29.71 -15.58 22.14
C ALA C 141 30.14 -17.02 22.40
N THR C 142 29.33 -17.97 21.92
CA THR C 142 29.67 -19.39 21.88
C THR C 142 29.80 -19.76 20.42
N ASP C 143 31.02 -20.03 19.96
CA ASP C 143 31.26 -20.39 18.57
C ASP C 143 31.92 -21.76 18.50
N PHE C 144 31.64 -22.49 17.43
CA PHE C 144 32.12 -23.84 17.26
C PHE C 144 32.32 -24.13 15.77
N VAL C 145 33.12 -25.15 15.48
CA VAL C 145 33.31 -25.64 14.12
C VAL C 145 32.20 -26.65 13.81
N VAL C 146 31.56 -26.50 12.66
CA VAL C 146 30.63 -27.49 12.15
C VAL C 146 31.42 -28.45 11.27
N PRO C 147 31.68 -29.68 11.72
CA PRO C 147 32.63 -30.56 10.98
C PRO C 147 32.07 -31.16 9.70
N GLY C 148 30.76 -31.19 9.50
CA GLY C 148 30.22 -31.84 8.34
C GLY C 148 28.75 -31.53 8.17
N PRO C 149 28.09 -32.22 7.24
CA PRO C 149 26.69 -31.92 6.98
C PRO C 149 25.81 -32.21 8.19
N GLY C 150 24.72 -31.48 8.28
CA GLY C 150 23.84 -31.56 9.43
C GLY C 150 23.15 -30.23 9.63
N LYS C 151 22.48 -30.12 10.78
CA LYS C 151 21.58 -29.02 11.08
C LYS C 151 22.11 -28.26 12.30
N VAL C 152 21.97 -26.94 12.28
CA VAL C 152 22.33 -26.10 13.43
C VAL C 152 21.07 -25.31 13.80
N GLU C 153 20.59 -25.52 15.03
CA GLU C 153 19.40 -24.84 15.51
C GLU C 153 19.72 -24.12 16.81
N ILE C 154 18.93 -23.08 17.09
CA ILE C 154 19.04 -22.31 18.32
C ILE C 154 17.65 -22.22 18.95
N THR C 155 17.55 -22.55 20.23
CA THR C 155 16.28 -22.71 20.91
C THR C 155 16.20 -21.77 22.11
N TYR C 156 14.96 -21.42 22.50
CA TYR C 156 14.71 -20.60 23.67
C TYR C 156 13.59 -21.25 24.48
N THR C 157 13.87 -21.55 25.75
CA THR C 157 12.96 -22.27 26.64
C THR C 157 12.70 -21.42 27.87
N PRO C 158 11.60 -20.67 27.92
CA PRO C 158 11.30 -19.84 29.10
C PRO C 158 11.30 -20.68 30.38
N SER C 159 11.55 -20.01 31.51
CA SER C 159 11.71 -20.70 32.79
C SER C 159 10.44 -21.45 33.19
N ASP C 160 9.27 -20.90 32.88
CA ASP C 160 7.99 -21.52 33.19
C ASP C 160 7.76 -22.84 32.44
N GLY C 161 8.61 -23.18 31.47
CA GLY C 161 8.49 -24.42 30.72
C GLY C 161 7.26 -24.51 29.85
N THR C 162 6.49 -23.43 29.74
CA THR C 162 5.21 -23.46 29.02
C THR C 162 5.37 -23.42 27.50
N GLN C 163 6.52 -22.99 26.97
CA GLN C 163 6.73 -23.01 25.53
C GLN C 163 8.19 -23.29 25.20
N LYS C 164 8.44 -23.61 23.93
CA LYS C 164 9.76 -23.85 23.39
C LYS C 164 9.79 -23.28 21.97
N VAL C 165 10.69 -22.34 21.71
CA VAL C 165 10.84 -21.76 20.37
C VAL C 165 12.19 -22.21 19.81
N THR C 166 12.15 -22.86 18.65
CA THR C 166 13.35 -23.34 17.97
C THR C 166 13.47 -22.64 16.63
N TYR C 167 14.67 -22.14 16.32
CA TYR C 167 14.94 -21.41 15.09
C TYR C 167 15.99 -22.17 14.30
N LEU C 168 15.71 -22.44 13.02
CA LEU C 168 16.74 -23.00 12.17
C LEU C 168 17.76 -21.91 11.85
N VAL C 169 19.03 -22.19 12.17
CA VAL C 169 20.13 -21.31 11.78
C VAL C 169 20.54 -21.70 10.37
N HIS C 170 21.08 -22.91 10.21
CA HIS C 170 21.44 -23.36 8.87
C HIS C 170 21.44 -24.88 8.78
N ASN C 171 21.07 -25.37 7.60
CA ASN C 171 21.26 -26.76 7.22
C ASN C 171 22.49 -26.84 6.31
N PHE C 172 23.49 -27.60 6.73
CA PHE C 172 24.70 -27.81 5.94
C PHE C 172 24.49 -29.05 5.09
N GLU C 173 24.29 -28.88 3.78
CA GLU C 173 24.03 -30.03 2.93
C GLU C 173 25.30 -30.73 2.47
N GLU C 174 26.33 -29.97 2.10
CA GLU C 174 27.60 -30.55 1.69
C GLU C 174 28.72 -29.78 2.38
N GLY C 175 29.52 -30.47 3.17
CA GLY C 175 30.67 -29.87 3.83
C GLY C 175 30.36 -29.33 5.21
N GLY C 176 31.40 -28.80 5.84
CA GLY C 176 31.34 -28.22 7.16
C GLY C 176 31.31 -26.70 7.13
N GLY C 177 31.81 -26.11 8.21
CA GLY C 177 31.68 -24.67 8.39
C GLY C 177 31.88 -24.28 9.86
N VAL C 178 31.27 -23.16 10.22
CA VAL C 178 31.34 -22.66 11.58
C VAL C 178 29.99 -22.07 11.92
N ALA C 179 29.69 -22.03 13.23
CA ALA C 179 28.48 -21.39 13.69
C ALA C 179 28.73 -20.83 15.08
N MET C 180 27.89 -19.90 15.48
CA MET C 180 28.04 -19.27 16.77
C MET C 180 26.69 -18.75 17.23
N GLY C 181 26.62 -18.44 18.52
CA GLY C 181 25.47 -17.74 19.05
C GLY C 181 25.94 -16.75 20.10
N MET C 182 25.12 -15.73 20.30
CA MET C 182 25.47 -14.61 21.16
C MET C 182 24.18 -13.98 21.66
N TYR C 183 24.31 -13.11 22.64
CA TYR C 183 23.13 -12.58 23.31
C TYR C 183 23.48 -11.25 23.94
N ASN C 184 22.44 -10.51 24.35
CA ASN C 184 22.57 -9.39 25.27
C ASN C 184 21.39 -9.38 26.24
N GLN C 185 21.49 -8.56 27.27
CA GLN C 185 20.45 -8.41 28.29
C GLN C 185 19.83 -7.03 28.22
N ASP C 186 18.52 -6.95 28.48
CA ASP C 186 17.83 -5.66 28.47
C ASP C 186 18.43 -4.72 29.52
N LYS C 187 18.64 -5.24 30.74
CA LYS C 187 19.20 -4.44 31.82
C LYS C 187 20.56 -3.84 31.44
N SER C 188 21.38 -4.59 30.70
CA SER C 188 22.67 -4.05 30.28
C SER C 188 22.51 -2.96 29.22
N ILE C 189 21.58 -3.13 28.29
CA ILE C 189 21.35 -2.13 27.24
C ILE C 189 20.81 -0.83 27.83
N GLU C 190 19.99 -0.93 28.89
CA GLU C 190 19.41 0.25 29.51
C GLU C 190 20.47 1.07 30.23
N ASP C 191 21.34 0.41 31.01
CA ASP C 191 22.46 1.09 31.63
C ASP C 191 23.36 1.74 30.58
N PHE C 192 23.52 1.07 29.44
CA PHE C 192 24.32 1.61 28.34
C PHE C 192 23.71 2.90 27.80
N ALA C 193 22.39 2.93 27.63
CA ALA C 193 21.74 4.15 27.15
C ALA C 193 21.82 5.26 28.20
N HIS C 194 21.60 4.91 29.47
CA HIS C 194 21.64 5.92 30.53
C HIS C 194 22.99 6.62 30.58
N SER C 195 24.08 5.85 30.56
CA SER C 195 25.40 6.46 30.67
C SER C 195 25.79 7.20 29.39
N SER C 196 25.25 6.78 28.24
CA SER C 196 25.49 7.51 27.00
C SER C 196 24.74 8.84 26.97
N PHE C 197 23.50 8.85 27.48
CA PHE C 197 22.75 10.10 27.59
C PHE C 197 23.36 11.01 28.64
N GLN C 198 23.86 10.43 29.73
CA GLN C 198 24.47 11.24 30.79
C GLN C 198 25.80 11.82 30.34
N MET C 199 26.56 11.08 29.55
CA MET C 199 27.82 11.61 29.03
C MET C 199 27.58 12.73 28.03
N ALA C 200 26.60 12.58 27.14
CA ALA C 200 26.28 13.62 26.19
C ALA C 200 25.87 14.91 26.89
N LEU C 201 25.18 14.80 28.04
CA LEU C 201 24.77 15.99 28.77
C LEU C 201 25.92 16.61 29.53
N SER C 202 26.80 15.80 30.12
CA SER C 202 27.93 16.36 30.87
C SER C 202 28.97 17.02 29.95
N LYS C 203 29.08 16.56 28.71
CA LYS C 203 29.96 17.22 27.74
C LYS C 203 29.22 18.22 26.84
N GLY C 204 27.89 18.29 26.95
CA GLY C 204 27.12 19.22 26.15
C GLY C 204 27.22 19.05 24.65
N TRP C 205 27.17 17.80 24.15
CA TRP C 205 27.29 17.48 22.74
C TRP C 205 26.17 16.52 22.33
N PRO C 206 25.80 16.52 21.04
CA PRO C 206 24.85 15.52 20.54
C PRO C 206 25.37 14.10 20.70
N LEU C 207 24.44 13.15 20.66
CA LEU C 207 24.75 11.73 20.84
C LEU C 207 24.20 10.95 19.65
N TYR C 208 25.07 10.15 19.02
CA TYR C 208 24.67 9.26 17.94
C TYR C 208 24.87 7.82 18.37
N LEU C 209 23.90 6.97 18.03
CA LEU C 209 23.98 5.53 18.24
C LEU C 209 23.97 4.86 16.88
N SER C 210 24.86 3.89 16.68
CA SER C 210 24.94 3.16 15.42
C SER C 210 24.50 1.73 15.65
N THR C 211 23.60 1.23 14.79
CA THR C 211 23.27 -0.19 14.75
C THR C 211 23.20 -0.58 13.28
N LYS C 212 22.95 -1.85 12.99
CA LYS C 212 22.31 -2.16 11.71
C LYS C 212 20.97 -2.83 12.02
N ASN C 213 19.91 -2.03 12.13
CA ASN C 213 18.61 -2.62 12.48
C ASN C 213 17.79 -2.97 11.25
N THR C 214 18.23 -2.50 10.08
CA THR C 214 17.68 -2.99 8.81
C THR C 214 18.05 -4.45 8.57
N ILE C 215 19.17 -4.92 9.11
CA ILE C 215 19.70 -6.26 8.84
C ILE C 215 19.37 -7.22 9.99
N LEU C 216 19.84 -6.93 11.21
CA LEU C 216 19.37 -7.65 12.38
C LEU C 216 18.20 -6.85 12.94
N LYS C 217 16.97 -7.29 12.62
CA LYS C 217 15.82 -6.42 12.85
C LYS C 217 15.33 -6.47 14.30
N LYS C 218 15.47 -7.62 14.95
CA LYS C 218 15.15 -7.76 16.37
C LYS C 218 16.34 -7.32 17.23
N TYR C 219 17.48 -7.99 17.04
CA TYR C 219 18.64 -7.83 17.91
C TYR C 219 19.08 -6.38 18.01
N ASP C 220 19.39 -5.75 16.86
CA ASP C 220 19.75 -4.33 16.87
C ASP C 220 18.52 -3.44 17.06
N GLY C 221 17.34 -3.91 16.65
CA GLY C 221 16.13 -3.15 16.92
C GLY C 221 15.92 -2.90 18.40
N ARG C 222 16.37 -3.83 19.25
CA ARG C 222 16.17 -3.69 20.70
C ARG C 222 17.00 -2.54 21.26
N PHE C 223 18.26 -2.45 20.87
CA PHE C 223 19.09 -1.30 21.25
C PHE C 223 18.42 0.00 20.83
N LYS C 224 18.07 0.12 19.54
CA LYS C 224 17.45 1.35 19.06
C LYS C 224 16.15 1.66 19.80
N ASP C 225 15.29 0.65 20.00
CA ASP C 225 14.03 0.89 20.70
C ASP C 225 14.26 1.34 22.15
N ILE C 226 15.24 0.74 22.84
CA ILE C 226 15.49 1.12 24.24
C ILE C 226 16.06 2.52 24.35
N PHE C 227 17.01 2.86 23.46
CA PHE C 227 17.55 4.22 23.46
C PHE C 227 16.46 5.25 23.19
N GLN C 228 15.64 5.01 22.16
CA GLN C 228 14.55 5.93 21.85
C GLN C 228 13.57 6.04 23.01
N GLU C 229 13.13 4.89 23.54
CA GLU C 229 12.21 4.91 24.67
C GLU C 229 12.78 5.66 25.86
N ILE C 230 14.08 5.49 26.13
CA ILE C 230 14.72 6.22 27.22
C ILE C 230 14.97 7.68 26.83
N TYR C 231 15.21 7.95 25.55
CA TYR C 231 15.35 9.34 25.12
C TYR C 231 14.04 10.10 25.28
N ASP C 232 12.90 9.51 24.85
CA ASP C 232 11.62 10.21 24.92
C ASP C 232 11.19 10.48 26.36
N LYS C 233 11.34 9.50 27.24
CA LYS C 233 10.86 9.65 28.61
C LYS C 233 11.80 10.52 29.46
N GLN C 234 13.04 10.06 29.66
CA GLN C 234 13.95 10.68 30.63
C GLN C 234 14.76 11.88 30.10
N TYR C 235 15.39 11.77 28.93
CA TYR C 235 16.39 12.76 28.53
C TYR C 235 15.99 13.78 27.46
N LYS C 236 14.84 13.64 26.80
CA LYS C 236 14.59 14.47 25.62
C LYS C 236 14.49 15.94 25.98
N SER C 237 13.96 16.26 27.15
CA SER C 237 13.81 17.64 27.58
C SER C 237 15.16 18.27 27.88
N GLN C 238 15.99 17.59 28.69
CA GLN C 238 17.30 18.13 29.06
C GLN C 238 18.18 18.34 27.83
N PHE C 239 17.99 17.52 26.78
CA PHE C 239 18.79 17.68 25.57
C PHE C 239 18.43 18.94 24.83
N GLU C 240 17.12 19.23 24.70
CA GLU C 240 16.68 20.43 23.99
C GLU C 240 17.09 21.70 24.73
N ALA C 241 17.24 21.62 26.05
CA ALA C 241 17.73 22.78 26.79
C ALA C 241 19.14 23.17 26.34
N GLN C 242 19.98 22.18 26.04
CA GLN C 242 21.36 22.40 25.66
C GLN C 242 21.58 22.44 24.15
N LYS C 243 20.51 22.44 23.34
CA LYS C 243 20.61 22.53 21.88
C LYS C 243 21.33 21.34 21.28
N ILE C 244 21.26 20.21 21.97
CA ILE C 244 21.86 18.96 21.53
C ILE C 244 20.72 17.98 21.26
N TRP C 245 21.01 16.99 20.43
CA TRP C 245 20.00 16.02 20.03
C TRP C 245 20.55 14.62 20.16
N TYR C 246 19.65 13.65 20.25
CA TYR C 246 19.98 12.24 20.06
C TYR C 246 19.43 11.80 18.72
N GLU C 247 20.26 11.09 17.94
CA GLU C 247 19.85 10.59 16.64
C GLU C 247 20.46 9.21 16.42
N HIS C 248 19.64 8.25 16.00
CA HIS C 248 20.13 6.95 15.57
C HIS C 248 20.54 7.01 14.09
N ARG C 249 21.62 6.31 13.75
CA ARG C 249 22.04 6.14 12.37
C ARG C 249 22.36 4.68 12.13
N LEU C 250 22.28 4.27 10.86
CA LEU C 250 22.90 3.03 10.45
C LEU C 250 24.41 3.16 10.58
N ILE C 251 25.09 2.02 10.75
CA ILE C 251 26.52 2.04 11.05
C ILE C 251 27.32 2.58 9.85
N ASP C 252 26.95 2.20 8.62
CA ASP C 252 27.63 2.71 7.42
C ASP C 252 27.59 4.23 7.37
N ASP C 253 26.39 4.81 7.46
CA ASP C 253 26.27 6.26 7.45
C ASP C 253 27.01 6.89 8.63
N MET C 254 26.99 6.23 9.80
CA MET C 254 27.66 6.79 10.96
C MET C 254 29.16 6.95 10.74
N VAL C 255 29.83 5.91 10.24
CA VAL C 255 31.28 6.01 10.10
C VAL C 255 31.66 7.06 9.06
N ALA C 256 30.84 7.20 8.01
CA ALA C 256 31.09 8.26 7.04
C ALA C 256 30.90 9.62 7.68
N GLN C 257 29.79 9.80 8.40
CA GLN C 257 29.52 11.07 9.07
C GLN C 257 30.62 11.42 10.05
N ALA C 258 31.15 10.42 10.76
CA ALA C 258 32.27 10.70 11.67
C ALA C 258 33.51 11.11 10.88
N MET C 259 33.82 10.36 9.81
CA MET C 259 35.00 10.63 9.00
C MET C 259 35.05 12.08 8.52
N LYS C 260 33.96 12.56 7.88
CA LYS C 260 33.96 13.91 7.35
C LYS C 260 33.61 14.97 8.37
N SER C 261 33.30 14.59 9.61
CA SER C 261 32.88 15.56 10.59
C SER C 261 34.06 16.36 11.14
N GLU C 262 33.74 17.34 11.97
CA GLU C 262 34.72 18.10 12.73
C GLU C 262 34.89 17.57 14.16
N GLY C 263 34.22 16.46 14.48
CA GLY C 263 34.21 15.94 15.84
C GLY C 263 33.19 16.64 16.71
N GLY C 264 33.33 16.44 18.01
CA GLY C 264 32.50 17.14 18.97
C GLY C 264 31.20 16.47 19.36
N PHE C 265 31.10 15.14 19.24
CA PHE C 265 29.89 14.39 19.55
C PHE C 265 30.25 13.18 20.41
N ILE C 266 29.22 12.61 21.05
CA ILE C 266 29.35 11.32 21.73
C ILE C 266 28.83 10.24 20.78
N TRP C 267 29.56 9.13 20.68
CA TRP C 267 29.21 8.05 19.76
C TRP C 267 29.00 6.78 20.57
N ALA C 268 27.74 6.37 20.71
CA ALA C 268 27.39 5.16 21.42
C ALA C 268 27.49 3.99 20.46
N CYS C 269 28.42 3.08 20.73
CA CYS C 269 28.68 1.96 19.84
C CYS C 269 28.32 0.66 20.54
N LYS C 270 27.89 -0.32 19.74
CA LYS C 270 27.80 -1.68 20.24
C LYS C 270 29.19 -2.22 20.53
N ASN C 271 29.24 -3.30 21.32
CA ASN C 271 30.48 -3.80 21.88
C ASN C 271 31.56 -3.99 20.81
N TYR C 272 31.24 -4.69 19.73
CA TYR C 272 32.23 -4.92 18.70
C TYR C 272 32.60 -3.62 17.97
N ASP C 273 31.59 -2.87 17.52
CA ASP C 273 31.88 -1.63 16.76
C ASP C 273 32.69 -0.65 17.59
N GLY C 274 32.36 -0.51 18.87
CA GLY C 274 33.15 0.36 19.73
C GLY C 274 34.60 -0.07 19.81
N ASP C 275 34.83 -1.38 19.96
CA ASP C 275 36.20 -1.91 20.02
C ASP C 275 37.00 -1.48 18.80
N VAL C 276 36.50 -1.80 17.60
CA VAL C 276 37.23 -1.53 16.36
C VAL C 276 37.31 -0.03 16.09
N GLN C 277 36.16 0.67 16.15
CA GLN C 277 36.14 2.07 15.74
C GLN C 277 37.07 2.92 16.62
N SER C 278 37.10 2.66 17.93
CA SER C 278 37.99 3.43 18.81
C SER C 278 39.45 3.33 18.41
N ASP C 279 39.86 2.24 17.75
CA ASP C 279 41.22 2.19 17.21
C ASP C 279 41.37 3.08 15.96
N SER C 280 40.37 3.05 15.08
CA SER C 280 40.36 3.99 13.94
C SER C 280 40.43 5.44 14.42
N VAL C 281 39.63 5.78 15.43
CA VAL C 281 39.58 7.16 15.92
C VAL C 281 40.93 7.56 16.54
N ALA C 282 41.47 6.71 17.42
CA ALA C 282 42.75 7.02 18.05
C ALA C 282 43.84 7.25 17.00
N GLN C 283 43.87 6.42 15.97
CA GLN C 283 44.89 6.53 14.93
C GLN C 283 44.67 7.76 14.06
N GLY C 284 43.41 8.07 13.74
CA GLY C 284 43.12 9.27 12.96
C GLY C 284 43.58 10.54 13.65
N TYR C 285 43.44 10.59 14.98
CA TYR C 285 44.01 11.66 15.80
C TYR C 285 45.52 11.55 15.91
N GLY C 286 46.11 10.47 15.39
CA GLY C 286 47.56 10.33 15.22
C GLY C 286 48.25 9.24 16.01
N SER C 287 47.71 8.71 17.12
CA SER C 287 48.40 7.54 17.69
C SER C 287 47.49 6.65 18.52
N LEU C 288 47.71 5.33 18.39
CA LEU C 288 47.12 4.37 19.32
C LEU C 288 47.61 4.59 20.75
N GLY C 289 48.82 5.10 20.92
CA GLY C 289 49.33 5.37 22.25
C GLY C 289 48.70 6.57 22.93
N MET C 290 47.97 7.39 22.21
CA MET C 290 47.27 8.51 22.83
C MET C 290 45.79 8.18 22.75
N MET C 291 45.25 7.62 23.83
CA MET C 291 43.82 7.46 24.06
C MET C 291 43.63 7.09 25.53
N THR C 292 42.46 7.43 26.07
CA THR C 292 42.03 6.97 27.37
C THR C 292 40.93 5.93 27.15
N SER C 293 40.89 4.93 28.02
CA SER C 293 39.81 3.96 28.02
C SER C 293 39.42 3.73 29.48
N VAL C 294 38.19 4.09 29.84
CA VAL C 294 37.72 3.91 31.21
C VAL C 294 36.37 3.20 31.20
N LEU C 295 36.26 2.14 32.00
CA LEU C 295 35.00 1.40 32.15
C LEU C 295 34.23 1.98 33.32
N VAL C 296 33.06 2.55 33.04
CA VAL C 296 32.20 3.14 34.07
C VAL C 296 31.08 2.14 34.36
N CYS C 297 31.07 1.59 35.56
CA CYS C 297 30.08 0.57 35.91
C CYS C 297 28.73 1.23 36.19
N PRO C 298 27.64 0.46 36.09
CA PRO C 298 26.31 1.07 36.25
C PRO C 298 26.04 1.64 37.64
N ASP C 299 26.78 1.22 38.67
CA ASP C 299 26.57 1.70 40.04
C ASP C 299 27.00 3.15 40.26
N GLY C 300 27.60 3.81 39.26
CA GLY C 300 28.08 5.16 39.44
C GLY C 300 29.24 5.27 40.40
N LYS C 301 29.91 4.16 40.70
CA LYS C 301 30.98 4.10 41.69
C LYS C 301 32.23 3.41 41.15
N THR C 302 32.10 2.16 40.74
CA THR C 302 33.24 1.36 40.32
C THR C 302 33.69 1.72 38.91
N VAL C 303 35.00 1.74 38.71
CA VAL C 303 35.64 2.17 37.46
C VAL C 303 36.87 1.32 37.24
N GLU C 304 37.14 0.95 35.98
CA GLU C 304 38.38 0.27 35.62
C GLU C 304 38.98 0.94 34.39
N ALA C 305 40.17 1.51 34.55
CA ALA C 305 40.85 2.20 33.47
C ALA C 305 41.99 1.32 32.94
N GLU C 306 42.26 1.48 31.65
CA GLU C 306 43.12 0.57 30.90
C GLU C 306 43.68 1.32 29.70
N ALA C 307 44.69 0.73 29.09
CA ALA C 307 45.12 1.14 27.76
C ALA C 307 44.29 0.38 26.74
N ALA C 308 43.89 1.06 25.67
CA ALA C 308 43.08 0.42 24.66
C ALA C 308 43.91 -0.47 23.73
N HIS C 309 45.16 -0.09 23.47
CA HIS C 309 45.99 -0.85 22.54
C HIS C 309 46.42 -2.17 23.19
N GLY C 310 47.12 -2.99 22.40
CA GLY C 310 47.61 -4.26 22.87
C GLY C 310 48.94 -4.14 23.59
N THR C 311 49.67 -5.26 23.65
CA THR C 311 50.95 -5.37 24.32
C THR C 311 52.11 -4.94 23.43
N VAL C 312 51.83 -4.45 22.21
CA VAL C 312 52.83 -3.95 21.27
C VAL C 312 53.90 -5.03 21.04
N THR C 313 53.45 -6.22 20.66
CA THR C 313 54.31 -7.38 20.47
C THR C 313 55.46 -7.11 19.50
N ARG C 314 55.22 -6.35 18.42
CA ARG C 314 56.28 -6.15 17.44
C ARG C 314 57.46 -5.39 18.02
N HIS C 315 57.18 -4.41 18.89
CA HIS C 315 58.27 -3.68 19.54
C HIS C 315 58.98 -4.56 20.55
N TYR C 316 58.26 -5.52 21.15
CA TYR C 316 58.88 -6.41 22.13
C TYR C 316 59.89 -7.33 21.46
N ARG C 317 59.59 -7.80 20.25
CA ARG C 317 60.53 -8.67 19.53
C ARG C 317 61.83 -7.94 19.22
N MET C 318 61.73 -6.65 18.86
CA MET C 318 62.95 -5.85 18.70
C MET C 318 63.64 -5.67 20.04
N TYR C 319 62.84 -5.51 21.10
CA TYR C 319 63.41 -5.36 22.44
C TYR C 319 64.14 -6.64 22.86
N GLN C 320 63.57 -7.81 22.55
CA GLN C 320 64.18 -9.09 22.88
C GLN C 320 65.51 -9.29 22.15
N LYS C 321 65.68 -8.63 21.00
CA LYS C 321 66.91 -8.71 20.24
C LYS C 321 67.94 -7.65 20.63
N GLY C 322 67.67 -6.90 21.72
CA GLY C 322 68.59 -5.88 22.18
C GLY C 322 68.57 -4.59 21.40
N GLN C 323 67.67 -4.46 20.42
CA GLN C 323 67.57 -3.24 19.64
C GLN C 323 66.86 -2.15 20.42
N GLU C 324 67.06 -0.92 19.99
CA GLU C 324 66.45 0.22 20.67
C GLU C 324 65.00 0.37 20.21
N THR C 325 64.11 0.57 21.18
CA THR C 325 62.70 0.72 20.89
C THR C 325 62.21 2.08 21.33
N SER C 326 61.18 2.57 20.64
CA SER C 326 60.43 3.73 21.08
C SER C 326 58.96 3.30 21.10
N THR C 327 58.39 3.23 22.30
CA THR C 327 57.00 2.83 22.48
C THR C 327 56.31 3.86 23.35
N ASN C 328 55.09 4.22 22.98
CA ASN C 328 54.34 5.27 23.66
C ASN C 328 53.74 4.79 24.98
N PRO C 329 54.21 5.33 26.10
CA PRO C 329 53.59 5.03 27.41
C PRO C 329 52.29 5.79 27.73
N ILE C 330 51.95 6.85 26.99
CA ILE C 330 50.96 7.83 27.46
C ILE C 330 49.64 7.16 27.84
N ALA C 331 49.13 6.27 27.00
CA ALA C 331 47.89 5.56 27.31
C ALA C 331 48.00 4.81 28.63
N SER C 332 49.11 4.12 28.86
CA SER C 332 49.29 3.39 30.11
C SER C 332 49.33 4.33 31.31
N ILE C 333 50.03 5.47 31.18
CA ILE C 333 50.05 6.49 32.23
C ILE C 333 48.64 6.98 32.54
N PHE C 334 47.84 7.23 31.49
CA PHE C 334 46.51 7.79 31.70
C PHE C 334 45.57 6.81 32.37
N ALA C 335 45.81 5.50 32.20
CA ALA C 335 45.05 4.53 32.99
C ALA C 335 45.28 4.77 34.47
N TRP C 336 46.51 5.08 34.84
CA TRP C 336 46.84 5.39 36.23
C TRP C 336 46.21 6.72 36.66
N THR C 337 46.38 7.77 35.84
CA THR C 337 45.81 9.06 36.21
C THR C 337 44.28 8.99 36.29
N ARG C 338 43.64 8.29 35.35
CA ARG C 338 42.18 8.19 35.37
C ARG C 338 41.69 7.40 36.59
N GLY C 339 42.33 6.28 36.89
CA GLY C 339 41.93 5.53 38.08
C GLY C 339 42.18 6.33 39.35
N LEU C 340 43.35 6.97 39.45
CA LEU C 340 43.64 7.83 40.60
C LEU C 340 42.70 9.03 40.66
N ALA C 341 42.36 9.61 39.51
CA ALA C 341 41.41 10.72 39.50
C ALA C 341 40.04 10.27 40.00
N HIS C 342 39.65 9.04 39.67
CA HIS C 342 38.40 8.52 40.23
C HIS C 342 38.56 8.20 41.71
N ARG C 343 39.71 7.64 42.08
CA ARG C 343 39.99 7.33 43.48
C ARG C 343 39.85 8.57 44.35
N ALA C 344 40.42 9.69 43.90
CA ALA C 344 40.32 10.92 44.67
C ALA C 344 38.88 11.36 44.86
N LYS C 345 38.03 11.14 43.84
CA LYS C 345 36.65 11.59 43.94
C LYS C 345 35.87 10.82 45.00
N LEU C 346 36.09 9.51 45.09
CA LEU C 346 35.38 8.70 46.09
C LEU C 346 35.73 9.14 47.50
N ASP C 347 37.02 9.39 47.77
CA ASP C 347 37.49 9.68 49.11
C ASP C 347 37.56 11.17 49.41
N ASN C 348 37.22 12.03 48.45
CA ASN C 348 37.39 13.48 48.60
C ASN C 348 38.83 13.81 48.95
N ASN C 349 39.76 13.31 48.13
CA ASN C 349 41.20 13.48 48.36
C ASN C 349 41.69 14.57 47.41
N LYS C 350 41.97 15.75 47.96
CA LYS C 350 42.22 16.91 47.11
C LYS C 350 43.59 16.85 46.46
N GLU C 351 44.59 16.32 47.16
CA GLU C 351 45.96 16.29 46.64
C GLU C 351 46.15 15.17 45.61
N LEU C 352 45.55 14.01 45.86
CA LEU C 352 45.57 12.95 44.84
C LEU C 352 44.93 13.42 43.55
N ALA C 353 43.79 14.13 43.66
CA ALA C 353 43.17 14.70 42.47
C ALA C 353 44.12 15.66 41.75
N PHE C 354 44.91 16.40 42.53
CA PHE C 354 45.90 17.30 41.94
C PHE C 354 46.98 16.52 41.22
N PHE C 355 47.58 15.54 41.90
CA PHE C 355 48.62 14.72 41.29
C PHE C 355 48.14 14.09 39.99
N ALA C 356 46.90 13.57 39.98
CA ALA C 356 46.37 12.91 38.80
C ALA C 356 46.34 13.87 37.61
N ASN C 357 45.78 15.07 37.82
CA ASN C 357 45.70 16.04 36.74
C ASN C 357 47.08 16.57 36.37
N ALA C 358 47.92 16.84 37.36
CA ALA C 358 49.27 17.31 37.09
C ALA C 358 50.02 16.36 36.16
N LEU C 359 49.91 15.05 36.42
CA LEU C 359 50.64 14.07 35.62
C LEU C 359 50.11 13.98 34.19
N GLU C 360 48.81 14.16 33.99
CA GLU C 360 48.29 14.26 32.62
C GLU C 360 48.83 15.50 31.93
N GLU C 361 48.91 16.62 32.65
CA GLU C 361 49.43 17.85 32.05
C GLU C 361 50.90 17.72 31.72
N VAL C 362 51.71 17.25 32.68
CA VAL C 362 53.13 17.00 32.42
C VAL C 362 53.30 16.21 31.13
N SER C 363 52.52 15.13 30.99
CA SER C 363 52.65 14.27 29.81
C SER C 363 52.30 15.01 28.52
N ILE C 364 51.30 15.91 28.57
CA ILE C 364 50.94 16.72 27.41
C ILE C 364 51.97 17.81 27.16
N GLU C 365 52.38 18.51 28.23
CA GLU C 365 53.40 19.55 28.11
C GLU C 365 54.72 18.97 27.57
N THR C 366 55.07 17.75 27.99
CA THR C 366 56.30 17.12 27.53
C THR C 366 56.31 16.99 26.01
N ILE C 367 55.26 16.39 25.44
CA ILE C 367 55.15 16.22 23.99
C ILE C 367 55.03 17.57 23.28
N GLU C 368 54.44 18.57 23.94
CA GLU C 368 54.32 19.86 23.28
C GLU C 368 55.64 20.65 23.34
N ALA C 369 56.46 20.39 24.36
CA ALA C 369 57.81 20.97 24.38
C ALA C 369 58.76 20.34 23.36
N GLY C 370 58.34 19.26 22.67
CA GLY C 370 59.15 18.66 21.62
C GLY C 370 59.75 17.31 21.93
N PHE C 371 59.68 16.82 23.17
CA PHE C 371 60.18 15.50 23.54
C PHE C 371 59.07 14.48 23.38
N MET C 372 59.25 13.51 22.47
CA MET C 372 58.17 12.58 22.17
C MET C 372 58.72 11.24 21.69
N THR C 373 57.87 10.22 21.79
CA THR C 373 58.11 8.90 21.21
C THR C 373 58.02 8.95 19.68
N LYS C 374 58.51 7.89 19.04
CA LYS C 374 58.68 7.88 17.59
C LYS C 374 57.36 7.92 16.83
N ASP C 375 56.26 7.42 17.42
CA ASP C 375 54.98 7.48 16.74
C ASP C 375 54.53 8.92 16.55
N LEU C 376 54.77 9.76 17.56
CA LEU C 376 54.41 11.16 17.48
C LEU C 376 55.36 11.96 16.58
N ALA C 377 56.58 11.46 16.37
CA ALA C 377 57.48 12.12 15.43
C ALA C 377 57.05 11.84 13.99
N ALA C 378 56.66 10.61 13.71
CA ALA C 378 56.12 10.28 12.39
C ALA C 378 54.83 11.04 12.09
N CYS C 379 54.08 11.44 13.12
CA CYS C 379 52.93 12.31 12.86
C CYS C 379 53.37 13.65 12.29
N ILE C 380 54.43 14.23 12.86
CA ILE C 380 54.88 15.55 12.44
C ILE C 380 55.55 15.50 11.07
N LYS C 381 56.59 14.67 10.92
CA LYS C 381 57.40 14.68 9.70
C LYS C 381 57.05 13.59 8.70
N GLY C 382 56.15 12.66 9.04
CA GLY C 382 55.95 11.49 8.21
C GLY C 382 56.96 10.40 8.51
N LEU C 383 56.61 9.12 8.32
CA LEU C 383 57.49 8.05 8.77
C LEU C 383 58.82 7.98 8.02
N PRO C 384 58.86 7.94 6.68
CA PRO C 384 60.16 7.83 5.99
C PRO C 384 61.11 9.01 6.21
N ASN C 385 60.63 10.12 6.78
CA ASN C 385 61.46 11.30 7.06
C ASN C 385 61.99 11.38 8.49
N VAL C 386 61.63 10.44 9.37
CA VAL C 386 62.04 10.50 10.77
C VAL C 386 63.50 10.10 10.91
N GLN C 387 64.23 10.84 11.75
CA GLN C 387 65.60 10.51 12.15
C GLN C 387 65.62 10.27 13.65
N ARG C 388 66.65 9.54 14.11
CA ARG C 388 66.79 9.26 15.53
C ARG C 388 66.89 10.54 16.36
N SER C 389 67.33 11.63 15.74
CA SER C 389 67.35 12.94 16.39
C SER C 389 65.95 13.50 16.66
N ASP C 390 64.91 12.90 16.09
CA ASP C 390 63.55 13.44 16.23
C ASP C 390 62.85 12.99 17.52
N TYR C 391 63.19 11.81 18.05
CA TYR C 391 62.42 11.21 19.14
C TYR C 391 63.34 10.71 20.26
N LEU C 392 62.72 10.42 21.39
CA LEU C 392 63.33 9.76 22.54
C LEU C 392 62.92 8.30 22.58
N ASN C 393 63.84 7.43 23.04
CA ASN C 393 63.48 6.03 23.26
C ASN C 393 62.58 5.89 24.49
N THR C 394 61.92 4.72 24.59
CA THR C 394 60.94 4.49 25.63
C THR C 394 61.50 4.84 27.01
N PHE C 395 62.77 4.51 27.25
CA PHE C 395 63.38 4.79 28.56
C PHE C 395 63.63 6.29 28.73
N GLU C 396 64.22 6.93 27.70
CA GLU C 396 64.52 8.36 27.78
C GLU C 396 63.25 9.18 27.92
N PHE C 397 62.19 8.80 27.22
CA PHE C 397 60.94 9.55 27.31
C PHE C 397 60.35 9.46 28.71
N MET C 398 60.41 8.26 29.31
CA MET C 398 59.95 8.11 30.68
C MET C 398 60.82 8.91 31.66
N ASP C 399 62.10 9.06 31.35
CA ASP C 399 62.99 9.88 32.18
C ASP C 399 62.56 11.35 32.15
N LYS C 400 62.34 11.88 30.94
CA LYS C 400 61.89 13.26 30.82
C LYS C 400 60.58 13.48 31.56
N LEU C 401 59.66 12.52 31.49
CA LEU C 401 58.40 12.67 32.21
C LEU C 401 58.64 12.75 33.71
N GLY C 402 59.54 11.91 34.23
CA GLY C 402 59.78 11.88 35.66
C GLY C 402 60.33 13.18 36.21
N GLU C 403 61.22 13.83 35.45
CA GLU C 403 61.78 15.10 35.92
C GLU C 403 60.74 16.22 35.83
N ASN C 404 60.08 16.34 34.68
CA ASN C 404 59.05 17.36 34.52
C ASN C 404 57.92 17.18 35.53
N LEU C 405 57.65 15.92 35.91
CA LEU C 405 56.66 15.68 36.98
C LEU C 405 57.20 16.10 38.34
N LYS C 406 58.51 15.92 38.57
CA LYS C 406 59.10 16.40 39.81
C LYS C 406 59.06 17.92 39.88
N ILE C 407 59.38 18.60 38.77
CA ILE C 407 59.30 20.07 38.70
C ILE C 407 57.90 20.54 39.14
N LYS C 408 56.89 20.15 38.38
CA LYS C 408 55.53 20.67 38.59
C LYS C 408 55.01 20.34 39.99
N LEU C 409 55.30 19.14 40.48
CA LEU C 409 54.88 18.82 41.85
C LEU C 409 55.61 19.68 42.87
N ALA C 410 56.88 20.01 42.60
CA ALA C 410 57.63 20.86 43.51
C ALA C 410 57.11 22.29 43.48
N GLN C 411 56.96 22.86 42.28
CA GLN C 411 56.44 24.21 42.14
C GLN C 411 55.05 24.37 42.74
N ALA C 412 54.33 23.26 42.95
CA ALA C 412 52.98 23.34 43.50
C ALA C 412 52.99 23.82 44.95
N LYS C 413 54.14 23.79 45.61
CA LYS C 413 54.25 24.23 46.99
C LYS C 413 54.77 25.66 47.11
N LYS D 4 24.58 2.88 -33.64
CA LYS D 4 24.66 2.77 -32.19
C LYS D 4 25.68 1.70 -31.78
N ILE D 5 25.70 1.35 -30.49
CA ILE D 5 26.53 0.26 -29.98
C ILE D 5 25.58 -0.75 -29.33
N SER D 6 25.67 -2.00 -29.77
CA SER D 6 24.79 -3.07 -29.28
C SER D 6 25.57 -3.90 -28.27
N GLY D 7 25.23 -3.76 -26.99
CA GLY D 7 26.02 -4.41 -25.97
C GLY D 7 25.82 -5.90 -25.71
N GLY D 8 24.59 -6.35 -25.52
CA GLY D 8 24.35 -7.70 -25.06
C GLY D 8 23.13 -7.77 -24.17
N SER D 9 23.08 -8.85 -23.39
CA SER D 9 22.03 -9.09 -22.40
C SER D 9 22.53 -8.67 -21.02
N VAL D 10 21.77 -7.79 -20.35
CA VAL D 10 22.13 -7.26 -19.04
C VAL D 10 20.88 -7.16 -18.18
N VAL D 11 20.97 -7.63 -16.92
CA VAL D 11 19.87 -7.54 -15.96
C VAL D 11 19.93 -6.19 -15.26
N GLU D 12 18.77 -5.59 -15.00
CA GLU D 12 18.69 -4.24 -14.45
C GLU D 12 17.79 -4.26 -13.22
N MET D 13 18.24 -3.63 -12.13
CA MET D 13 17.48 -3.60 -10.88
C MET D 13 17.27 -2.17 -10.43
N GLN D 14 16.01 -1.73 -10.48
CA GLN D 14 15.56 -0.42 -10.02
C GLN D 14 15.45 -0.35 -8.50
N GLY D 15 15.37 0.88 -7.99
CA GLY D 15 15.66 1.18 -6.60
C GLY D 15 14.91 2.43 -6.18
N ASP D 16 15.23 2.97 -5.00
CA ASP D 16 14.32 3.87 -4.30
C ASP D 16 14.89 5.28 -4.14
N GLU D 17 13.98 6.21 -3.91
CA GLU D 17 14.29 7.58 -3.51
C GLU D 17 15.24 8.32 -4.45
N MET D 18 16.18 9.08 -3.85
CA MET D 18 16.99 10.02 -4.62
C MET D 18 17.86 9.32 -5.65
N THR D 19 18.16 8.03 -5.45
CA THR D 19 18.88 7.27 -6.47
C THR D 19 17.96 6.65 -7.52
N ARG D 20 16.65 6.61 -7.27
CA ARG D 20 15.72 6.23 -8.33
C ARG D 20 15.66 7.31 -9.40
N ILE D 21 15.42 8.56 -9.00
CA ILE D 21 15.41 9.67 -9.94
C ILE D 21 16.77 9.86 -10.60
N ILE D 22 17.85 9.47 -9.90
CA ILE D 22 19.20 9.54 -10.46
C ILE D 22 19.45 8.39 -11.44
N TRP D 23 18.98 7.19 -11.09
CA TRP D 23 19.19 6.01 -11.93
C TRP D 23 18.50 6.16 -13.28
N GLU D 24 17.43 6.96 -13.33
CA GLU D 24 16.71 7.18 -14.58
C GLU D 24 17.55 7.94 -15.58
N LEU D 25 18.19 9.03 -15.13
CA LEU D 25 19.02 9.83 -16.04
C LEU D 25 20.15 9.02 -16.64
N ILE D 26 20.79 8.16 -15.84
CA ILE D 26 21.85 7.29 -16.36
C ILE D 26 21.33 6.53 -17.57
N LYS D 27 20.07 6.12 -17.53
CA LYS D 27 19.48 5.43 -18.68
C LYS D 27 19.17 6.40 -19.81
N GLU D 28 18.57 7.56 -19.50
CA GLU D 28 18.16 8.46 -20.57
C GLU D 28 19.36 9.11 -21.26
N LYS D 29 20.23 9.75 -20.48
CA LYS D 29 21.32 10.50 -21.08
C LYS D 29 22.53 9.62 -21.46
N LEU D 30 22.99 8.78 -20.54
CA LEU D 30 24.31 8.16 -20.70
C LEU D 30 24.34 6.77 -21.34
N ILE D 31 23.21 6.09 -21.48
CA ILE D 31 23.24 4.69 -21.91
C ILE D 31 22.37 4.49 -23.15
N PHE D 32 21.06 4.73 -23.00
CA PHE D 32 20.12 4.57 -24.11
C PHE D 32 20.60 5.20 -25.42
N PRO D 33 21.11 6.45 -25.45
CA PRO D 33 21.54 7.01 -26.74
C PRO D 33 22.59 6.17 -27.46
N TYR D 34 23.64 5.72 -26.75
CA TYR D 34 24.76 5.03 -27.35
C TYR D 34 24.68 3.50 -27.27
N VAL D 35 23.69 2.95 -26.58
CA VAL D 35 23.64 1.51 -26.37
C VAL D 35 22.22 1.01 -26.58
N GLU D 36 22.11 -0.19 -27.17
CA GLU D 36 20.86 -0.94 -27.26
C GLU D 36 21.16 -2.36 -26.82
N LEU D 37 20.42 -2.85 -25.82
CA LEU D 37 20.75 -4.08 -25.13
C LEU D 37 19.50 -4.95 -25.04
N ASP D 38 19.69 -6.20 -24.63
CA ASP D 38 18.59 -7.04 -24.18
C ASP D 38 18.50 -6.78 -22.69
N LEU D 39 17.44 -6.10 -22.27
CA LEU D 39 17.41 -5.43 -20.96
C LEU D 39 16.26 -5.99 -20.14
N HIS D 40 16.59 -6.48 -18.95
CA HIS D 40 15.63 -7.11 -18.06
C HIS D 40 15.49 -6.19 -16.86
N SER D 41 14.37 -5.51 -16.76
CA SER D 41 14.15 -4.47 -15.75
C SER D 41 13.26 -5.02 -14.65
N TYR D 42 13.74 -4.92 -13.41
CA TYR D 42 13.00 -5.31 -12.22
C TYR D 42 12.92 -4.10 -11.31
N ASP D 43 11.71 -3.74 -10.88
CA ASP D 43 11.55 -2.59 -10.02
C ASP D 43 11.63 -3.14 -8.59
N LEU D 44 12.75 -2.85 -7.93
CA LEU D 44 12.95 -3.25 -6.54
C LEU D 44 12.61 -2.14 -5.57
N GLY D 45 12.06 -1.03 -6.08
CA GLY D 45 11.52 -0.04 -5.18
C GLY D 45 10.58 -0.67 -4.18
N ILE D 46 10.55 -0.13 -2.95
CA ILE D 46 9.81 -0.78 -1.86
C ILE D 46 8.35 -1.01 -2.24
N GLU D 47 7.81 -0.18 -3.14
CA GLU D 47 6.40 -0.31 -3.49
C GLU D 47 6.13 -1.57 -4.31
N ASN D 48 7.04 -1.94 -5.21
CA ASN D 48 6.88 -3.20 -5.93
C ASN D 48 7.14 -4.40 -5.03
N ARG D 49 8.07 -4.29 -4.08
CA ARG D 49 8.57 -5.48 -3.42
C ARG D 49 7.52 -6.12 -2.51
N ASP D 50 6.68 -5.32 -1.84
CA ASP D 50 5.62 -5.90 -1.02
C ASP D 50 4.62 -6.68 -1.87
N ALA D 51 4.04 -6.01 -2.88
CA ALA D 51 3.01 -6.65 -3.70
C ALA D 51 3.55 -7.85 -4.48
N THR D 52 4.87 -7.91 -4.71
CA THR D 52 5.49 -9.11 -5.26
C THR D 52 5.91 -10.09 -4.18
N ASN D 53 5.85 -9.70 -2.90
CA ASN D 53 6.19 -10.56 -1.77
C ASN D 53 7.62 -11.08 -1.82
N ASP D 54 8.52 -10.27 -2.38
CA ASP D 54 9.97 -10.49 -2.44
C ASP D 54 10.38 -11.60 -3.41
N GLN D 55 9.44 -12.30 -4.06
CA GLN D 55 9.81 -13.34 -5.03
C GLN D 55 10.69 -12.80 -6.15
N VAL D 56 10.52 -11.51 -6.51
CA VAL D 56 11.33 -10.91 -7.58
C VAL D 56 12.82 -11.12 -7.31
N THR D 57 13.28 -10.71 -6.11
CA THR D 57 14.68 -10.74 -5.75
C THR D 57 15.28 -12.13 -5.91
N LYS D 58 14.49 -13.17 -5.66
CA LYS D 58 14.96 -14.55 -5.82
C LYS D 58 15.13 -14.91 -7.29
N ASP D 59 14.38 -14.26 -8.18
CA ASP D 59 14.50 -14.54 -9.62
C ASP D 59 15.69 -13.82 -10.25
N ALA D 60 15.95 -12.58 -9.83
CA ALA D 60 17.10 -11.86 -10.38
C ALA D 60 18.40 -12.62 -10.15
N ALA D 61 18.56 -13.24 -8.99
CA ALA D 61 19.77 -14.02 -8.73
C ALA D 61 19.90 -15.16 -9.74
N GLU D 62 18.81 -15.85 -10.04
CA GLU D 62 18.81 -16.86 -11.08
C GLU D 62 18.74 -16.24 -12.48
N ALA D 63 18.29 -14.99 -12.58
CA ALA D 63 18.42 -14.24 -13.83
C ALA D 63 19.85 -13.74 -14.02
N ILE D 64 20.46 -13.25 -12.95
CA ILE D 64 21.89 -12.92 -12.98
C ILE D 64 22.73 -14.18 -13.14
N LYS D 65 22.20 -15.33 -12.70
CA LYS D 65 22.80 -16.61 -13.05
C LYS D 65 22.56 -16.96 -14.51
N LYS D 66 21.59 -16.31 -15.17
CA LYS D 66 21.26 -16.61 -16.57
C LYS D 66 22.10 -15.76 -17.52
N HIS D 67 21.83 -14.45 -17.57
CA HIS D 67 22.51 -13.55 -18.50
C HIS D 67 23.90 -13.11 -18.04
N ASN D 68 24.26 -13.36 -16.77
CA ASN D 68 25.59 -13.23 -16.17
C ASN D 68 25.95 -11.81 -15.70
N VAL D 69 25.14 -10.80 -15.97
CA VAL D 69 25.45 -9.44 -15.56
C VAL D 69 24.20 -8.81 -14.96
N GLY D 70 24.39 -8.02 -13.90
CA GLY D 70 23.32 -7.21 -13.37
C GLY D 70 23.89 -5.95 -12.78
N VAL D 71 23.04 -4.93 -12.70
CA VAL D 71 23.44 -3.60 -12.24
C VAL D 71 22.33 -3.08 -11.34
N LYS D 72 22.66 -2.75 -10.11
CA LYS D 72 21.66 -2.55 -9.06
C LYS D 72 21.68 -1.11 -8.55
N CYS D 73 20.51 -0.49 -8.54
CA CYS D 73 20.29 0.78 -7.85
C CYS D 73 20.17 0.52 -6.34
N ALA D 74 20.44 1.55 -5.56
CA ALA D 74 20.27 1.43 -4.11
C ALA D 74 18.80 1.27 -3.79
N THR D 75 18.50 0.36 -2.85
CA THR D 75 17.15 0.00 -2.47
C THR D 75 16.94 0.32 -0.99
N ILE D 76 15.68 0.48 -0.59
CA ILE D 76 15.36 0.68 0.82
C ILE D 76 15.13 -0.69 1.46
N THR D 77 15.92 -0.98 2.50
CA THR D 77 15.69 -2.16 3.33
C THR D 77 14.84 -1.72 4.52
N PRO D 78 13.62 -2.21 4.66
CA PRO D 78 12.67 -1.62 5.61
C PRO D 78 12.92 -2.01 7.07
N ASP D 79 12.70 -1.04 7.96
CA ASP D 79 12.45 -1.27 9.38
C ASP D 79 11.03 -0.80 9.73
N GLU D 80 10.70 -0.89 11.02
CA GLU D 80 9.35 -0.53 11.47
C GLU D 80 8.93 0.85 10.96
N LYS D 81 9.85 1.82 10.96
CA LYS D 81 9.48 3.16 10.51
C LYS D 81 9.14 3.18 9.03
N ARG D 82 9.79 2.32 8.24
CA ARG D 82 9.44 2.22 6.82
C ARG D 82 8.05 1.62 6.64
N VAL D 83 7.70 0.62 7.45
CA VAL D 83 6.45 -0.10 7.25
C VAL D 83 5.25 0.78 7.57
N GLU D 84 5.38 1.67 8.57
CA GLU D 84 4.33 2.64 8.82
C GLU D 84 4.23 3.66 7.70
N GLU D 85 5.38 4.15 7.21
CA GLU D 85 5.38 5.18 6.17
C GLU D 85 4.87 4.63 4.84
N PHE D 86 5.39 3.48 4.43
CA PHE D 86 5.06 2.90 3.12
C PHE D 86 3.97 1.83 3.17
N LYS D 87 3.40 1.57 4.36
CA LYS D 87 2.25 0.68 4.52
C LYS D 87 2.53 -0.71 3.93
N LEU D 88 3.49 -1.41 4.54
CA LEU D 88 4.00 -2.62 3.93
C LEU D 88 3.42 -3.87 4.58
N LYS D 89 3.75 -5.02 3.99
CA LYS D 89 3.29 -6.31 4.48
C LYS D 89 4.14 -6.83 5.62
N GLN D 90 5.46 -6.68 5.50
CA GLN D 90 6.43 -7.25 6.44
C GLN D 90 7.63 -6.32 6.50
N MET D 91 8.69 -6.80 7.15
CA MET D 91 10.03 -6.24 7.01
C MET D 91 10.83 -7.17 6.11
N TRP D 92 11.26 -6.65 4.96
CA TRP D 92 11.53 -7.41 3.75
C TRP D 92 12.96 -7.94 3.63
N LYS D 93 13.76 -7.79 4.68
CA LYS D 93 15.20 -8.08 4.74
C LYS D 93 15.94 -7.24 3.69
N SER D 94 16.98 -7.80 3.07
CA SER D 94 17.87 -7.08 2.17
C SER D 94 17.84 -7.69 0.79
N PRO D 95 17.42 -6.97 -0.24
CA PRO D 95 17.63 -7.50 -1.60
C PRO D 95 19.09 -7.80 -1.87
N ASN D 96 19.99 -6.90 -1.45
CA ASN D 96 21.42 -7.13 -1.61
C ASN D 96 21.85 -8.45 -0.97
N GLY D 97 21.48 -8.66 0.30
CA GLY D 97 21.87 -9.89 0.98
C GLY D 97 21.27 -11.13 0.35
N THR D 98 19.99 -11.08 -0.03
CA THR D 98 19.36 -12.20 -0.72
C THR D 98 20.13 -12.54 -2.00
N ILE D 99 20.27 -11.56 -2.88
CA ILE D 99 21.02 -11.76 -4.13
C ILE D 99 22.41 -12.29 -3.84
N ARG D 100 23.11 -11.63 -2.90
CA ARG D 100 24.50 -12.00 -2.59
C ARG D 100 24.60 -13.44 -2.12
N ASN D 101 23.62 -13.89 -1.32
CA ASN D 101 23.73 -15.23 -0.75
C ASN D 101 23.27 -16.34 -1.70
N ILE D 102 22.51 -16.00 -2.76
CA ILE D 102 22.27 -16.98 -3.82
C ILE D 102 23.45 -17.05 -4.78
N LEU D 103 23.99 -15.88 -5.17
CA LEU D 103 25.10 -15.86 -6.12
C LEU D 103 26.40 -16.33 -5.47
N GLY D 104 26.74 -15.75 -4.33
CA GLY D 104 28.02 -16.03 -3.68
C GLY D 104 29.12 -15.11 -4.18
N GLY D 105 30.33 -15.36 -3.68
CA GLY D 105 31.50 -14.63 -4.13
C GLY D 105 31.93 -13.49 -3.22
N THR D 106 32.76 -12.62 -3.79
CA THR D 106 33.40 -11.53 -3.06
C THR D 106 32.99 -10.20 -3.67
N VAL D 107 32.77 -9.19 -2.82
CA VAL D 107 32.47 -7.84 -3.26
C VAL D 107 33.75 -7.04 -3.16
N PHE D 108 34.30 -6.64 -4.30
CA PHE D 108 35.52 -5.82 -4.33
C PHE D 108 35.13 -4.35 -4.44
N ARG D 109 35.55 -3.56 -3.47
CA ARG D 109 35.24 -2.14 -3.42
C ARG D 109 36.53 -1.35 -3.44
N GLU D 110 36.54 -0.29 -4.24
CA GLU D 110 37.72 0.54 -4.43
C GLU D 110 37.24 1.96 -4.73
N ALA D 111 37.96 2.95 -4.21
CA ALA D 111 37.56 4.33 -4.44
C ALA D 111 37.80 4.71 -5.90
N ILE D 112 37.11 5.77 -6.33
CA ILE D 112 37.32 6.39 -7.64
C ILE D 112 38.00 7.73 -7.35
N ILE D 113 39.18 7.96 -7.94
CA ILE D 113 40.05 9.07 -7.55
C ILE D 113 40.02 10.14 -8.63
N CYS D 114 39.93 11.40 -8.20
CA CYS D 114 40.04 12.55 -9.08
C CYS D 114 41.03 13.53 -8.47
N LYS D 115 42.03 13.95 -9.25
CA LYS D 115 43.21 14.61 -8.72
C LYS D 115 42.88 15.95 -8.05
N ASN D 116 41.76 16.57 -8.41
CA ASN D 116 41.34 17.84 -7.82
C ASN D 116 40.69 17.67 -6.45
N ILE D 117 40.33 16.45 -6.07
CA ILE D 117 39.51 16.20 -4.88
C ILE D 117 40.46 15.90 -3.72
N PRO D 118 40.54 16.77 -2.70
CA PRO D 118 41.36 16.44 -1.52
C PRO D 118 40.70 15.37 -0.67
N ARG D 119 41.53 14.47 -0.14
CA ARG D 119 41.13 13.40 0.77
C ARG D 119 40.91 13.94 2.19
N LEU D 120 40.16 13.17 2.99
CA LEU D 120 40.18 13.38 4.44
C LEU D 120 41.35 12.69 5.15
N VAL D 121 41.97 11.68 4.54
CA VAL D 121 43.06 10.93 5.17
C VAL D 121 44.33 11.22 4.38
N SER D 122 45.32 11.81 5.05
CA SER D 122 46.44 12.43 4.34
C SER D 122 47.30 11.43 3.59
N GLY D 123 47.48 10.24 4.16
CA GLY D 123 48.50 9.35 3.64
C GLY D 123 48.18 8.57 2.40
N TRP D 124 46.92 8.45 1.98
CA TRP D 124 46.62 7.43 0.98
C TRP D 124 46.79 8.08 -0.38
N VAL D 125 47.94 7.81 -1.01
CA VAL D 125 48.20 8.16 -2.40
C VAL D 125 48.04 6.96 -3.33
N LYS D 126 47.76 5.77 -2.80
CA LYS D 126 47.61 4.54 -3.55
C LYS D 126 46.25 3.94 -3.23
N PRO D 127 45.71 3.11 -4.11
CA PRO D 127 44.35 2.59 -3.88
C PRO D 127 44.34 1.51 -2.79
N ILE D 128 43.24 1.48 -2.03
CA ILE D 128 42.95 0.40 -1.09
C ILE D 128 41.78 -0.39 -1.66
N ILE D 129 41.99 -1.68 -1.88
CA ILE D 129 40.97 -2.56 -2.44
C ILE D 129 40.50 -3.52 -1.34
N ILE D 130 39.21 -3.44 -1.01
CA ILE D 130 38.61 -4.27 0.03
C ILE D 130 37.88 -5.40 -0.68
N GLY D 131 38.39 -6.63 -0.55
CA GLY D 131 37.58 -7.81 -0.75
C GLY D 131 36.64 -8.02 0.42
N ARG D 132 35.34 -8.10 0.16
CA ARG D 132 34.35 -8.32 1.20
C ARG D 132 33.70 -9.67 0.96
N HIS D 133 33.74 -10.55 1.96
CA HIS D 133 33.04 -11.81 1.85
C HIS D 133 31.55 -11.52 1.72
N ALA D 134 30.93 -12.07 0.68
CA ALA D 134 29.53 -11.75 0.42
C ALA D 134 28.54 -12.72 1.05
N TYR D 135 29.02 -13.82 1.65
CA TYR D 135 28.15 -14.88 2.14
C TYR D 135 28.19 -14.98 3.67
N GLY D 136 27.01 -15.15 4.26
CA GLY D 136 26.92 -15.57 5.66
C GLY D 136 26.99 -14.43 6.65
N ASP D 137 27.27 -14.80 7.90
CA ASP D 137 27.44 -13.86 9.03
C ASP D 137 26.16 -13.08 9.25
N GLN D 138 26.19 -11.74 9.24
CA GLN D 138 24.99 -10.96 9.58
C GLN D 138 23.92 -11.03 8.49
N ASP D 139 24.33 -11.19 7.22
CA ASP D 139 23.41 -11.75 6.24
C ASP D 139 23.21 -13.22 6.59
N ARG D 140 21.99 -13.72 6.43
CA ARG D 140 21.67 -15.10 6.77
C ARG D 140 21.80 -15.41 8.26
N ALA D 141 21.43 -14.46 9.11
CA ALA D 141 21.52 -14.62 10.55
C ALA D 141 20.13 -14.74 11.14
N THR D 142 19.98 -15.58 12.16
CA THR D 142 18.70 -15.75 12.83
C THR D 142 18.78 -15.03 14.17
N ASP D 143 18.00 -13.95 14.31
CA ASP D 143 17.98 -13.15 15.53
C ASP D 143 16.55 -12.99 16.01
N PHE D 144 16.39 -12.90 17.33
CA PHE D 144 15.07 -12.83 17.96
C PHE D 144 15.20 -12.18 19.34
N VAL D 145 14.07 -11.64 19.82
CA VAL D 145 13.99 -11.05 21.15
C VAL D 145 13.74 -12.15 22.16
N VAL D 146 14.42 -12.08 23.30
CA VAL D 146 14.19 -12.99 24.42
C VAL D 146 13.24 -12.31 25.39
N PRO D 147 11.97 -12.73 25.50
CA PRO D 147 11.00 -11.95 26.28
C PRO D 147 11.17 -11.99 27.79
N GLY D 148 11.93 -12.94 28.34
CA GLY D 148 12.07 -13.04 29.77
C GLY D 148 12.98 -14.19 30.17
N PRO D 149 13.02 -14.53 31.46
CA PRO D 149 13.96 -15.55 31.94
C PRO D 149 13.78 -16.87 31.20
N GLY D 150 14.89 -17.57 31.00
CA GLY D 150 14.90 -18.78 30.21
C GLY D 150 16.32 -19.13 29.77
N LYS D 151 16.40 -20.08 28.85
CA LYS D 151 17.65 -20.67 28.40
C LYS D 151 17.73 -20.60 26.88
N VAL D 152 18.87 -20.13 26.36
CA VAL D 152 19.12 -20.12 24.92
C VAL D 152 20.23 -21.12 24.65
N GLU D 153 19.92 -22.12 23.83
CA GLU D 153 20.87 -23.15 23.47
C GLU D 153 20.99 -23.20 21.96
N ILE D 154 22.18 -23.56 21.48
CA ILE D 154 22.42 -23.74 20.05
C ILE D 154 22.95 -25.16 19.84
N THR D 155 22.22 -25.94 19.06
CA THR D 155 22.46 -27.36 18.89
CA THR D 155 22.55 -27.35 18.91
C THR D 155 22.89 -27.65 17.45
N TYR D 156 23.79 -28.62 17.28
CA TYR D 156 24.20 -29.11 15.97
C TYR D 156 23.95 -30.60 15.92
N THR D 157 23.07 -31.03 15.00
CA THR D 157 22.76 -32.45 14.82
C THR D 157 23.29 -32.88 13.46
N PRO D 158 24.26 -33.77 13.37
CA PRO D 158 24.74 -34.20 12.04
C PRO D 158 23.69 -34.94 11.23
N SER D 159 24.00 -35.30 9.98
CA SER D 159 23.01 -35.85 9.07
C SER D 159 22.72 -37.32 9.36
N ASP D 160 23.74 -38.08 9.77
CA ASP D 160 23.55 -39.48 10.15
C ASP D 160 22.72 -39.64 11.41
N GLY D 161 22.53 -38.56 12.18
CA GLY D 161 21.76 -38.64 13.42
C GLY D 161 22.41 -39.43 14.54
N THR D 162 23.71 -39.71 14.45
CA THR D 162 24.41 -40.51 15.46
C THR D 162 24.87 -39.72 16.67
N GLN D 163 24.81 -38.39 16.64
CA GLN D 163 25.17 -37.59 17.81
C GLN D 163 24.50 -36.22 17.71
N LYS D 164 24.68 -35.42 18.76
CA LYS D 164 24.36 -34.00 18.74
C LYS D 164 25.16 -33.31 19.83
N VAL D 165 25.35 -32.01 19.67
CA VAL D 165 26.09 -31.19 20.61
C VAL D 165 25.25 -29.95 20.88
N THR D 166 24.91 -29.72 22.15
CA THR D 166 24.14 -28.57 22.57
C THR D 166 25.07 -27.62 23.34
N TYR D 167 25.17 -26.38 22.88
CA TYR D 167 25.94 -25.35 23.55
C TYR D 167 25.00 -24.39 24.24
N LEU D 168 25.33 -24.00 25.47
CA LEU D 168 24.55 -22.99 26.16
C LEU D 168 25.01 -21.61 25.70
N VAL D 169 24.10 -20.83 25.14
CA VAL D 169 24.40 -19.44 24.82
C VAL D 169 24.31 -18.59 26.08
N HIS D 170 23.12 -18.50 26.64
CA HIS D 170 22.94 -17.81 27.91
C HIS D 170 21.74 -18.41 28.64
N ASN D 171 21.82 -18.41 29.97
CA ASN D 171 20.65 -18.60 30.82
C ASN D 171 20.27 -17.24 31.38
N PHE D 172 19.08 -16.76 31.04
CA PHE D 172 18.64 -15.45 31.51
C PHE D 172 17.91 -15.68 32.83
N GLU D 173 18.52 -15.23 33.92
CA GLU D 173 17.91 -15.41 35.25
C GLU D 173 16.88 -14.34 35.62
N GLU D 174 17.08 -13.09 35.19
CA GLU D 174 16.07 -12.06 35.42
C GLU D 174 15.94 -11.19 34.19
N GLY D 175 14.71 -11.03 33.71
CA GLY D 175 14.43 -10.21 32.54
C GLY D 175 14.88 -10.82 31.22
N GLY D 176 14.52 -10.16 30.12
CA GLY D 176 14.79 -10.65 28.79
C GLY D 176 15.99 -9.99 28.15
N GLY D 177 15.97 -9.96 26.82
CA GLY D 177 17.17 -9.61 26.07
C GLY D 177 17.04 -9.93 24.59
N VAL D 178 18.18 -10.17 23.96
CA VAL D 178 18.25 -10.56 22.55
C VAL D 178 19.22 -11.72 22.42
N ALA D 179 18.99 -12.54 21.40
CA ALA D 179 19.91 -13.63 21.08
C ALA D 179 19.88 -13.81 19.57
N MET D 180 20.98 -14.32 19.01
CA MET D 180 21.05 -14.59 17.59
C MET D 180 22.02 -15.73 17.32
N GLY D 181 21.68 -16.56 16.33
CA GLY D 181 22.65 -17.44 15.71
C GLY D 181 23.13 -16.91 14.37
N MET D 182 24.29 -17.39 13.93
CA MET D 182 24.79 -17.11 12.58
C MET D 182 25.80 -18.20 12.22
N TYR D 183 26.10 -18.30 10.93
CA TYR D 183 26.87 -19.42 10.39
C TYR D 183 27.65 -18.98 9.17
N ASN D 184 28.65 -19.77 8.79
CA ASN D 184 29.31 -19.63 7.49
C ASN D 184 29.81 -21.00 7.04
N GLN D 185 29.87 -21.18 5.71
CA GLN D 185 30.27 -22.45 5.11
C GLN D 185 31.72 -22.40 4.65
N ASP D 186 32.40 -23.55 4.77
CA ASP D 186 33.82 -23.63 4.44
C ASP D 186 34.09 -23.26 2.98
N LYS D 187 33.33 -23.86 2.06
CA LYS D 187 33.58 -23.63 0.64
C LYS D 187 33.45 -22.15 0.27
N SER D 188 32.45 -21.47 0.84
CA SER D 188 32.29 -20.04 0.60
C SER D 188 33.46 -19.23 1.17
N ILE D 189 34.14 -19.77 2.20
CA ILE D 189 35.36 -19.15 2.72
C ILE D 189 36.54 -19.45 1.81
N GLU D 190 36.63 -20.69 1.31
CA GLU D 190 37.73 -21.06 0.42
C GLU D 190 37.69 -20.27 -0.88
N ASP D 191 36.50 -20.09 -1.46
CA ASP D 191 36.37 -19.23 -2.63
C ASP D 191 36.77 -17.80 -2.28
N PHE D 192 36.43 -17.37 -1.05
CA PHE D 192 36.84 -16.05 -0.58
C PHE D 192 38.35 -15.94 -0.51
N ALA D 193 39.02 -17.02 -0.13
CA ALA D 193 40.48 -17.00 -0.11
C ALA D 193 41.06 -16.95 -1.52
N HIS D 194 40.50 -17.74 -2.44
CA HIS D 194 41.03 -17.77 -3.80
C HIS D 194 40.84 -16.43 -4.50
N SER D 195 39.62 -15.88 -4.49
CA SER D 195 39.39 -14.58 -5.11
C SER D 195 40.20 -13.46 -4.44
N SER D 196 40.59 -13.65 -3.17
CA SER D 196 41.41 -12.64 -2.50
C SER D 196 42.88 -12.79 -2.88
N PHE D 197 43.37 -14.03 -3.01
CA PHE D 197 44.76 -14.23 -3.40
C PHE D 197 45.01 -13.84 -4.85
N GLN D 198 44.08 -14.19 -5.75
CA GLN D 198 44.25 -13.87 -7.17
C GLN D 198 44.22 -12.36 -7.40
N MET D 199 43.36 -11.65 -6.66
CA MET D 199 43.28 -10.20 -6.81
C MET D 199 44.58 -9.50 -6.40
N ALA D 200 45.24 -10.00 -5.36
CA ALA D 200 46.52 -9.41 -4.97
C ALA D 200 47.59 -9.67 -6.01
N LEU D 201 47.55 -10.83 -6.67
CA LEU D 201 48.49 -11.10 -7.75
C LEU D 201 48.20 -10.24 -8.97
N SER D 202 46.93 -10.15 -9.37
CA SER D 202 46.58 -9.37 -10.55
C SER D 202 46.98 -7.89 -10.39
N LYS D 203 46.86 -7.35 -9.18
CA LYS D 203 47.34 -5.99 -8.92
C LYS D 203 48.84 -5.93 -8.68
N GLY D 204 49.43 -6.95 -8.05
CA GLY D 204 50.82 -6.88 -7.63
C GLY D 204 51.05 -6.28 -6.26
N TRP D 205 50.11 -6.42 -5.33
CA TRP D 205 50.12 -5.79 -4.03
C TRP D 205 49.99 -6.80 -2.90
N PRO D 206 50.38 -6.44 -1.68
CA PRO D 206 50.22 -7.35 -0.54
C PRO D 206 48.76 -7.53 -0.16
N LEU D 207 48.45 -8.68 0.43
CA LEU D 207 47.12 -9.03 0.89
C LEU D 207 47.11 -9.13 2.41
N TYR D 208 46.08 -8.56 3.04
CA TYR D 208 45.87 -8.66 4.47
C TYR D 208 44.46 -9.18 4.75
N LEU D 209 44.36 -10.13 5.67
CA LEU D 209 43.08 -10.60 6.19
C LEU D 209 42.93 -10.15 7.64
N SER D 210 41.76 -9.59 7.97
CA SER D 210 41.45 -9.15 9.33
C SER D 210 40.32 -9.99 9.92
N THR D 211 40.62 -10.70 11.00
CA THR D 211 39.62 -11.36 11.82
C THR D 211 39.82 -10.90 13.24
N LYS D 212 38.96 -11.34 14.16
CA LYS D 212 39.36 -11.38 15.55
C LYS D 212 39.39 -12.86 15.92
N ASN D 213 40.56 -13.48 15.89
CA ASN D 213 40.62 -14.89 16.25
C ASN D 213 41.01 -15.10 17.69
N THR D 214 41.46 -14.03 18.36
CA THR D 214 41.77 -14.11 19.77
C THR D 214 40.49 -14.15 20.59
N ILE D 215 39.42 -13.55 20.07
CA ILE D 215 38.11 -13.54 20.72
C ILE D 215 37.29 -14.74 20.22
N LEU D 216 37.00 -14.80 18.92
CA LEU D 216 36.20 -15.91 18.40
C LEU D 216 37.23 -16.88 17.86
N LYS D 217 37.47 -17.94 18.63
CA LYS D 217 38.63 -18.78 18.38
C LYS D 217 38.36 -19.82 17.30
N LYS D 218 37.17 -20.43 17.32
CA LYS D 218 36.77 -21.36 16.26
C LYS D 218 36.31 -20.61 15.03
N TYR D 219 35.43 -19.62 15.22
CA TYR D 219 34.70 -19.04 14.08
C TYR D 219 35.63 -18.22 13.20
N ASP D 220 36.36 -17.27 13.78
CA ASP D 220 37.29 -16.49 12.99
C ASP D 220 38.60 -17.25 12.74
N GLY D 221 38.98 -18.12 13.68
CA GLY D 221 40.16 -18.94 13.46
C GLY D 221 40.02 -19.92 12.30
N ARG D 222 38.80 -20.18 11.86
CA ARG D 222 38.59 -21.04 10.69
C ARG D 222 38.87 -20.29 9.40
N PHE D 223 38.46 -19.02 9.33
CA PHE D 223 38.86 -18.15 8.21
C PHE D 223 40.38 -18.06 8.12
N LYS D 224 41.02 -17.77 9.26
CA LYS D 224 42.48 -17.57 9.26
C LYS D 224 43.21 -18.83 8.83
N ASP D 225 42.74 -20.00 9.28
CA ASP D 225 43.40 -21.24 8.89
C ASP D 225 43.16 -21.58 7.42
N ILE D 226 41.97 -21.27 6.90
CA ILE D 226 41.67 -21.56 5.49
C ILE D 226 42.55 -20.72 4.58
N PHE D 227 42.68 -19.43 4.88
CA PHE D 227 43.62 -18.55 4.16
C PHE D 227 45.03 -19.11 4.19
N GLN D 228 45.62 -19.22 5.39
CA GLN D 228 47.00 -19.66 5.52
C GLN D 228 47.24 -21.02 4.87
N GLU D 229 46.27 -21.93 4.94
CA GLU D 229 46.42 -23.21 4.27
C GLU D 229 46.53 -23.02 2.76
N ILE D 230 45.58 -22.28 2.18
CA ILE D 230 45.59 -22.03 0.73
C ILE D 230 46.84 -21.25 0.33
N TYR D 231 47.29 -20.32 1.18
CA TYR D 231 48.48 -19.54 0.86
C TYR D 231 49.70 -20.45 0.71
N ASP D 232 49.88 -21.37 1.67
CA ASP D 232 51.08 -22.21 1.70
C ASP D 232 51.09 -23.24 0.58
N LYS D 233 49.95 -23.91 0.34
CA LYS D 233 49.89 -25.02 -0.61
C LYS D 233 49.58 -24.59 -2.03
N GLN D 234 49.26 -23.31 -2.27
CA GLN D 234 49.00 -22.84 -3.62
C GLN D 234 49.77 -21.58 -3.98
N TYR D 235 49.48 -20.46 -3.31
CA TYR D 235 49.86 -19.13 -3.78
C TYR D 235 51.19 -18.60 -3.27
N LYS D 236 51.84 -19.23 -2.29
CA LYS D 236 52.94 -18.56 -1.61
C LYS D 236 54.11 -18.26 -2.55
N SER D 237 54.54 -19.26 -3.31
CA SER D 237 55.68 -19.05 -4.21
C SER D 237 55.36 -18.01 -5.27
N GLN D 238 54.13 -18.01 -5.81
CA GLN D 238 53.74 -16.99 -6.77
C GLN D 238 53.72 -15.61 -6.13
N PHE D 239 53.48 -15.54 -4.82
CA PHE D 239 53.48 -14.28 -4.08
C PHE D 239 54.89 -13.78 -3.84
N GLU D 240 55.81 -14.67 -3.49
CA GLU D 240 57.20 -14.28 -3.22
C GLU D 240 57.90 -13.78 -4.47
N ALA D 241 57.53 -14.31 -5.64
CA ALA D 241 58.15 -13.88 -6.88
C ALA D 241 57.89 -12.40 -7.15
N GLN D 242 56.68 -11.93 -6.83
CA GLN D 242 56.26 -10.57 -7.11
C GLN D 242 56.60 -9.60 -5.97
N LYS D 243 57.32 -10.07 -4.95
CA LYS D 243 57.77 -9.21 -3.84
C LYS D 243 56.59 -8.65 -3.03
N ILE D 244 55.56 -9.48 -2.88
CA ILE D 244 54.39 -9.16 -2.08
C ILE D 244 54.19 -10.32 -1.11
N TRP D 245 53.42 -10.05 -0.05
CA TRP D 245 53.24 -10.99 1.02
C TRP D 245 51.76 -11.11 1.37
N TYR D 246 51.43 -12.15 2.14
CA TYR D 246 50.13 -12.29 2.77
C TYR D 246 50.33 -12.28 4.28
N GLU D 247 49.54 -11.46 4.98
CA GLU D 247 49.65 -11.34 6.43
C GLU D 247 48.26 -11.20 7.05
N HIS D 248 48.02 -11.95 8.13
CA HIS D 248 46.80 -11.82 8.92
C HIS D 248 47.04 -10.88 10.09
N ARG D 249 46.04 -10.04 10.36
CA ARG D 249 46.11 -9.11 11.47
C ARG D 249 44.79 -9.12 12.22
N LEU D 250 44.86 -8.79 13.50
CA LEU D 250 43.66 -8.48 14.25
C LEU D 250 43.04 -7.20 13.67
N ILE D 251 41.71 -7.16 13.62
CA ILE D 251 40.98 -6.05 13.02
C ILE D 251 41.30 -4.73 13.74
N ASP D 252 41.52 -4.79 15.05
CA ASP D 252 41.97 -3.61 15.80
C ASP D 252 43.22 -3.01 15.17
N ASP D 253 44.24 -3.85 15.00
CA ASP D 253 45.50 -3.42 14.40
C ASP D 253 45.30 -3.07 12.94
N MET D 254 44.55 -3.89 12.19
CA MET D 254 44.42 -3.69 10.76
C MET D 254 43.84 -2.32 10.41
N VAL D 255 42.81 -1.89 11.12
CA VAL D 255 42.20 -0.60 10.78
C VAL D 255 43.12 0.56 11.17
N ALA D 256 43.88 0.41 12.26
CA ALA D 256 44.88 1.42 12.57
C ALA D 256 45.95 1.50 11.49
N GLN D 257 46.43 0.33 11.02
CA GLN D 257 47.43 0.29 9.95
C GLN D 257 46.89 0.86 8.65
N ALA D 258 45.64 0.55 8.31
CA ALA D 258 45.02 1.17 7.13
C ALA D 258 45.05 2.69 7.25
N MET D 259 44.66 3.22 8.42
CA MET D 259 44.54 4.65 8.60
C MET D 259 45.86 5.38 8.37
N LYS D 260 46.97 4.83 8.86
CA LYS D 260 48.26 5.50 8.71
C LYS D 260 49.04 5.08 7.48
N SER D 261 48.49 4.17 6.67
CA SER D 261 49.24 3.69 5.51
C SER D 261 49.18 4.70 4.37
N GLU D 262 49.90 4.37 3.30
CA GLU D 262 49.80 5.07 2.03
C GLU D 262 48.91 4.37 1.03
N GLY D 263 48.37 3.21 1.38
CA GLY D 263 47.56 2.43 0.47
C GLY D 263 48.38 1.39 -0.27
N GLY D 264 47.80 0.87 -1.34
CA GLY D 264 48.49 -0.13 -2.13
C GLY D 264 48.43 -1.54 -1.60
N PHE D 265 47.27 -1.95 -1.07
CA PHE D 265 47.13 -3.30 -0.54
C PHE D 265 45.71 -3.81 -0.76
N ILE D 266 45.57 -5.13 -0.86
CA ILE D 266 44.27 -5.78 -0.86
C ILE D 266 43.90 -6.10 0.58
N TRP D 267 42.67 -5.73 0.98
CA TRP D 267 42.18 -5.94 2.34
C TRP D 267 41.03 -6.93 2.29
N ALA D 268 41.26 -8.15 2.78
CA ALA D 268 40.21 -9.17 2.82
C ALA D 268 39.41 -8.99 4.11
N CYS D 269 38.10 -8.77 3.98
CA CYS D 269 37.25 -8.48 5.12
C CYS D 269 36.12 -9.47 5.23
N LYS D 270 35.75 -9.82 6.46
CA LYS D 270 34.53 -10.56 6.68
C LYS D 270 33.33 -9.70 6.29
N ASN D 271 32.20 -10.35 6.04
CA ASN D 271 31.02 -9.67 5.53
C ASN D 271 30.72 -8.40 6.31
N TYR D 272 30.69 -8.50 7.64
CA TYR D 272 30.31 -7.31 8.41
C TYR D 272 31.39 -6.23 8.34
N ASP D 273 32.66 -6.62 8.49
CA ASP D 273 33.75 -5.65 8.45
C ASP D 273 33.84 -5.00 7.08
N GLY D 274 33.73 -5.79 6.01
CA GLY D 274 33.80 -5.22 4.67
C GLY D 274 32.74 -4.16 4.44
N ASP D 275 31.54 -4.39 4.98
CA ASP D 275 30.43 -3.46 4.77
C ASP D 275 30.72 -2.11 5.42
N VAL D 276 31.13 -2.10 6.68
CA VAL D 276 31.37 -0.84 7.38
C VAL D 276 32.63 -0.15 6.87
N GLN D 277 33.70 -0.94 6.65
CA GLN D 277 35.01 -0.33 6.37
C GLN D 277 35.05 0.32 5.00
N SER D 278 34.43 -0.30 3.98
CA SER D 278 34.37 0.34 2.68
C SER D 278 33.69 1.71 2.72
N ASP D 279 32.82 1.96 3.69
CA ASP D 279 32.25 3.30 3.83
C ASP D 279 33.23 4.29 4.46
N SER D 280 33.95 3.86 5.50
CA SER D 280 35.06 4.66 6.02
C SER D 280 36.05 5.03 4.92
N VAL D 281 36.47 4.04 4.12
CA VAL D 281 37.53 4.28 3.13
C VAL D 281 37.05 5.25 2.04
N ALA D 282 35.85 5.01 1.51
CA ALA D 282 35.34 5.90 0.47
C ALA D 282 35.20 7.34 0.97
N GLN D 283 34.73 7.51 2.21
CA GLN D 283 34.64 8.85 2.77
C GLN D 283 36.01 9.49 2.99
N GLY D 284 37.03 8.69 3.37
CA GLY D 284 38.36 9.24 3.57
C GLY D 284 39.04 9.61 2.26
N TYR D 285 38.83 8.82 1.21
CA TYR D 285 39.18 9.22 -0.15
C TYR D 285 38.36 10.41 -0.61
N GLY D 286 37.37 10.83 0.19
CA GLY D 286 36.60 12.05 -0.01
C GLY D 286 35.10 11.94 -0.31
N SER D 287 34.54 10.78 -0.67
CA SER D 287 33.06 10.73 -0.68
C SER D 287 32.52 9.35 -1.03
N LEU D 288 31.24 9.15 -0.65
CA LEU D 288 30.53 7.89 -0.87
C LEU D 288 30.05 7.69 -2.31
N GLY D 289 29.89 8.77 -3.08
CA GLY D 289 29.59 8.59 -4.50
C GLY D 289 30.77 8.14 -5.33
N MET D 290 31.97 8.13 -4.73
CA MET D 290 33.22 7.89 -5.41
C MET D 290 33.70 6.42 -5.35
N MET D 291 32.89 5.49 -4.89
CA MET D 291 33.31 4.09 -4.79
C MET D 291 32.65 3.21 -5.85
N THR D 292 33.40 2.21 -6.35
CA THR D 292 32.87 1.10 -7.15
C THR D 292 32.65 -0.12 -6.25
N SER D 293 31.55 -0.84 -6.49
CA SER D 293 31.28 -2.10 -5.81
C SER D 293 30.86 -3.13 -6.84
N VAL D 294 31.66 -4.19 -7.00
CA VAL D 294 31.37 -5.27 -7.94
C VAL D 294 31.52 -6.60 -7.21
N LEU D 295 30.60 -7.52 -7.47
CA LEU D 295 30.53 -8.82 -6.81
C LEU D 295 30.97 -9.89 -7.81
N VAL D 296 32.11 -10.53 -7.55
CA VAL D 296 32.66 -11.55 -8.43
C VAL D 296 32.30 -12.91 -7.86
N CYS D 297 31.44 -13.65 -8.58
CA CYS D 297 31.01 -14.97 -8.14
C CYS D 297 32.15 -15.97 -8.33
N PRO D 298 32.12 -17.10 -7.62
CA PRO D 298 33.33 -17.93 -7.52
C PRO D 298 33.90 -18.43 -8.84
N ASP D 299 33.05 -18.95 -9.74
CA ASP D 299 33.57 -19.57 -10.96
C ASP D 299 34.35 -18.58 -11.83
N GLY D 300 34.01 -17.29 -11.76
CA GLY D 300 34.74 -16.26 -12.47
C GLY D 300 34.02 -15.70 -13.68
N LYS D 301 33.02 -16.42 -14.20
CA LYS D 301 32.27 -15.95 -15.36
C LYS D 301 31.07 -15.10 -15.00
N THR D 302 30.68 -15.03 -13.72
CA THR D 302 29.48 -14.32 -13.29
C THR D 302 29.86 -13.21 -12.32
N VAL D 303 29.32 -12.01 -12.56
CA VAL D 303 29.56 -10.86 -11.69
C VAL D 303 28.28 -10.05 -11.56
N GLU D 304 28.13 -9.37 -10.43
CA GLU D 304 27.11 -8.36 -10.23
C GLU D 304 27.81 -7.07 -9.81
N ALA D 305 27.31 -5.94 -10.30
CA ALA D 305 27.84 -4.63 -9.95
C ALA D 305 26.71 -3.77 -9.40
N GLU D 306 27.07 -2.81 -8.55
CA GLU D 306 26.10 -2.00 -7.84
C GLU D 306 26.79 -0.76 -7.27
N ALA D 307 26.02 0.07 -6.60
CA ALA D 307 26.56 1.15 -5.78
C ALA D 307 26.46 0.76 -4.31
N ALA D 308 27.52 1.05 -3.55
CA ALA D 308 27.58 0.61 -2.17
C ALA D 308 26.77 1.49 -1.22
N HIS D 309 26.60 2.77 -1.54
CA HIS D 309 25.86 3.69 -0.69
C HIS D 309 24.35 3.42 -0.77
N GLY D 310 23.59 4.18 0.01
CA GLY D 310 22.15 4.01 0.09
C GLY D 310 21.39 4.91 -0.86
N THR D 311 20.13 5.14 -0.54
CA THR D 311 19.22 5.87 -1.42
C THR D 311 19.27 7.37 -1.20
N VAL D 312 20.17 7.85 -0.32
CA VAL D 312 20.35 9.28 -0.06
C VAL D 312 19.00 9.89 0.31
N THR D 313 18.35 9.28 1.30
CA THR D 313 16.99 9.65 1.66
C THR D 313 16.92 11.11 2.10
N ARG D 314 17.92 11.58 2.85
CA ARG D 314 17.89 12.95 3.35
C ARG D 314 17.89 13.99 2.22
N HIS D 315 18.26 13.58 1.01
CA HIS D 315 18.14 14.47 -0.15
C HIS D 315 16.70 14.52 -0.65
N TYR D 316 16.03 13.36 -0.66
CA TYR D 316 14.62 13.29 -1.05
C TYR D 316 13.78 14.30 -0.29
N ARG D 317 14.02 14.44 1.01
CA ARG D 317 13.21 15.33 1.84
C ARG D 317 13.48 16.80 1.50
N MET D 318 14.72 17.13 1.10
CA MET D 318 14.95 18.40 0.44
C MET D 318 14.28 18.44 -0.92
N TYR D 319 14.27 17.30 -1.62
CA TYR D 319 13.69 17.25 -2.95
C TYR D 319 12.17 17.40 -2.92
N GLN D 320 11.49 16.58 -2.12
CA GLN D 320 10.03 16.58 -2.09
C GLN D 320 9.46 17.94 -1.70
N LYS D 321 10.22 18.74 -0.95
CA LYS D 321 9.85 20.10 -0.56
C LYS D 321 9.94 21.10 -1.71
N GLY D 322 10.38 20.67 -2.90
CA GLY D 322 10.59 21.60 -4.00
C GLY D 322 11.90 22.35 -3.96
N GLN D 323 13.00 21.67 -3.65
CA GLN D 323 14.31 22.31 -3.54
C GLN D 323 15.32 21.68 -4.49
N GLU D 324 16.37 22.45 -4.74
CA GLU D 324 17.48 21.97 -5.56
C GLU D 324 18.26 20.91 -4.79
N THR D 325 18.79 19.92 -5.51
CA THR D 325 19.45 18.78 -4.92
C THR D 325 20.68 18.40 -5.76
N SER D 326 21.81 18.21 -5.09
CA SER D 326 23.04 17.79 -5.74
C SER D 326 23.48 16.47 -5.12
N THR D 327 23.43 15.40 -5.92
CA THR D 327 23.71 14.06 -5.42
C THR D 327 24.56 13.33 -6.46
N ASN D 328 25.38 12.39 -6.00
CA ASN D 328 26.50 11.92 -6.79
C ASN D 328 26.15 10.69 -7.63
N PRO D 329 25.98 10.85 -8.94
CA PRO D 329 25.69 9.68 -9.80
C PRO D 329 26.86 8.76 -10.04
N ILE D 330 28.10 9.20 -9.78
CA ILE D 330 29.30 8.48 -10.25
C ILE D 330 29.23 7.00 -9.90
N ALA D 331 28.95 6.69 -8.63
CA ALA D 331 28.89 5.29 -8.22
C ALA D 331 27.82 4.54 -9.01
N SER D 332 26.63 5.12 -9.13
CA SER D 332 25.57 4.48 -9.89
C SER D 332 25.98 4.25 -11.35
N ILE D 333 26.76 5.16 -11.94
CA ILE D 333 27.20 5.00 -13.33
C ILE D 333 28.22 3.88 -13.45
N PHE D 334 29.20 3.83 -12.54
CA PHE D 334 30.23 2.80 -12.61
C PHE D 334 29.66 1.41 -12.48
N ALA D 335 28.49 1.26 -11.83
CA ALA D 335 27.80 -0.02 -11.87
C ALA D 335 27.57 -0.48 -13.31
N TRP D 336 27.06 0.44 -14.15
CA TRP D 336 26.84 0.13 -15.55
C TRP D 336 28.15 -0.21 -16.26
N THR D 337 29.11 0.73 -16.23
CA THR D 337 30.38 0.51 -16.92
C THR D 337 31.03 -0.80 -16.47
N ARG D 338 31.09 -1.01 -15.16
CA ARG D 338 31.73 -2.22 -14.63
C ARG D 338 31.05 -3.48 -15.16
N GLY D 339 29.71 -3.52 -15.11
CA GLY D 339 29.01 -4.66 -15.67
C GLY D 339 29.11 -4.73 -17.19
N LEU D 340 28.92 -3.58 -17.85
CA LEU D 340 29.07 -3.52 -19.30
C LEU D 340 30.46 -4.00 -19.72
N ALA D 341 31.48 -3.67 -18.93
CA ALA D 341 32.82 -4.16 -19.23
C ALA D 341 32.92 -5.68 -19.06
N HIS D 342 32.08 -6.26 -18.20
CA HIS D 342 32.13 -7.72 -18.04
C HIS D 342 31.41 -8.44 -19.17
N ARG D 343 30.27 -7.91 -19.62
CA ARG D 343 29.60 -8.49 -20.78
C ARG D 343 30.54 -8.51 -21.98
N ALA D 344 31.10 -7.34 -22.32
CA ALA D 344 32.10 -7.27 -23.38
C ALA D 344 33.22 -8.29 -23.18
N LYS D 345 33.73 -8.39 -21.96
CA LYS D 345 34.77 -9.37 -21.66
C LYS D 345 34.34 -10.77 -22.06
N LEU D 346 33.09 -11.15 -21.74
CA LEU D 346 32.55 -12.42 -22.20
C LEU D 346 32.10 -12.37 -23.65
N ASP D 347 31.60 -11.22 -24.12
CA ASP D 347 31.14 -11.07 -25.50
C ASP D 347 32.28 -10.81 -26.50
N ASN D 348 33.47 -10.45 -26.02
CA ASN D 348 34.54 -9.94 -26.89
C ASN D 348 34.10 -8.71 -27.66
N ASN D 349 33.31 -7.86 -26.99
CA ASN D 349 32.64 -6.73 -27.64
C ASN D 349 33.57 -5.52 -27.51
N LYS D 350 34.13 -5.10 -28.64
CA LYS D 350 35.20 -4.10 -28.59
C LYS D 350 34.64 -2.72 -28.34
N GLU D 351 33.50 -2.40 -28.96
CA GLU D 351 32.86 -1.11 -28.70
C GLU D 351 32.30 -1.03 -27.28
N LEU D 352 31.82 -2.14 -26.74
CA LEU D 352 31.39 -2.15 -25.34
C LEU D 352 32.57 -1.89 -24.42
N ALA D 353 33.66 -2.62 -24.62
CA ALA D 353 34.88 -2.36 -23.85
C ALA D 353 35.30 -0.90 -23.96
N PHE D 354 35.27 -0.35 -25.18
CA PHE D 354 35.62 1.06 -25.37
C PHE D 354 34.60 1.96 -24.67
N PHE D 355 33.30 1.70 -24.88
CA PHE D 355 32.26 2.56 -24.34
C PHE D 355 32.34 2.64 -22.81
N ALA D 356 32.37 1.48 -22.15
CA ALA D 356 32.44 1.44 -20.70
C ALA D 356 33.62 2.26 -20.18
N ASN D 357 34.82 1.93 -20.68
CA ASN D 357 36.03 2.64 -20.28
C ASN D 357 35.89 4.14 -20.53
N ALA D 358 35.43 4.52 -21.74
CA ALA D 358 35.31 5.92 -22.09
C ALA D 358 34.39 6.66 -21.13
N LEU D 359 33.21 6.09 -20.86
CA LEU D 359 32.27 6.72 -19.94
C LEU D 359 32.88 6.92 -18.54
N GLU D 360 33.76 6.00 -18.12
CA GLU D 360 34.45 6.16 -16.85
C GLU D 360 35.45 7.32 -16.93
N GLU D 361 36.18 7.42 -18.04
CA GLU D 361 37.12 8.53 -18.22
C GLU D 361 36.37 9.86 -18.29
N VAL D 362 35.35 9.92 -19.15
CA VAL D 362 34.51 11.11 -19.23
C VAL D 362 34.07 11.54 -17.83
N SER D 363 33.59 10.57 -17.04
CA SER D 363 33.15 10.88 -15.68
C SER D 363 34.30 11.46 -14.85
N ILE D 364 35.50 10.89 -14.96
CA ILE D 364 36.64 11.42 -14.23
C ILE D 364 37.08 12.77 -14.83
N GLU D 365 37.25 12.83 -16.16
CA GLU D 365 37.64 14.08 -16.81
C GLU D 365 36.69 15.23 -16.46
N THR D 366 35.38 14.95 -16.44
CA THR D 366 34.40 15.95 -16.07
C THR D 366 34.71 16.55 -14.70
N ILE D 367 34.94 15.68 -13.71
CA ILE D 367 35.20 16.15 -12.35
C ILE D 367 36.54 16.91 -12.28
N GLU D 368 37.54 16.46 -13.03
CA GLU D 368 38.83 17.16 -13.04
C GLU D 368 38.73 18.51 -13.73
N ALA D 369 37.83 18.64 -14.72
CA ALA D 369 37.58 19.94 -15.35
C ALA D 369 37.04 20.97 -14.36
N GLY D 370 36.56 20.54 -13.19
CA GLY D 370 36.00 21.43 -12.20
C GLY D 370 34.49 21.43 -12.09
N PHE D 371 33.81 20.53 -12.79
CA PHE D 371 32.35 20.44 -12.75
C PHE D 371 31.96 19.24 -11.90
N MET D 372 31.41 19.49 -10.71
CA MET D 372 31.23 18.45 -9.71
C MET D 372 29.88 18.59 -9.03
N THR D 373 29.44 17.50 -8.39
CA THR D 373 28.31 17.57 -7.47
C THR D 373 28.76 18.25 -6.17
N LYS D 374 27.84 18.38 -5.22
CA LYS D 374 28.11 19.22 -4.05
C LYS D 374 29.09 18.59 -3.07
N ASP D 375 29.07 17.26 -2.95
CA ASP D 375 30.00 16.58 -2.06
C ASP D 375 31.45 16.87 -2.46
N LEU D 376 31.73 16.79 -3.77
CA LEU D 376 33.10 16.98 -4.23
C LEU D 376 33.62 18.40 -3.98
N ALA D 377 32.72 19.39 -3.95
CA ALA D 377 33.12 20.75 -3.60
C ALA D 377 33.37 20.89 -2.11
N ALA D 378 32.62 20.14 -1.30
CA ALA D 378 32.94 20.07 0.13
C ALA D 378 34.38 19.57 0.34
N CYS D 379 34.82 18.61 -0.48
CA CYS D 379 36.20 18.15 -0.35
C CYS D 379 37.18 19.27 -0.60
N ILE D 380 36.99 20.01 -1.70
CA ILE D 380 37.93 21.06 -2.08
C ILE D 380 37.83 22.25 -1.12
N LYS D 381 36.62 22.81 -0.97
CA LYS D 381 36.44 24.05 -0.23
C LYS D 381 36.13 23.87 1.26
N GLY D 382 35.79 22.66 1.69
CA GLY D 382 35.12 22.51 2.97
C GLY D 382 33.63 22.70 2.79
N LEU D 383 32.81 22.07 3.64
CA LEU D 383 31.37 22.25 3.53
C LEU D 383 30.92 23.68 3.86
N PRO D 384 31.34 24.30 4.98
CA PRO D 384 30.86 25.65 5.28
C PRO D 384 31.18 26.71 4.22
N ASN D 385 32.18 26.50 3.36
CA ASN D 385 32.58 27.50 2.38
C ASN D 385 32.02 27.28 0.97
N VAL D 386 31.24 26.22 0.74
CA VAL D 386 30.71 25.93 -0.59
C VAL D 386 29.51 26.83 -0.88
N GLN D 387 29.55 27.54 -2.00
CA GLN D 387 28.40 28.23 -2.55
C GLN D 387 27.82 27.40 -3.70
N ARG D 388 26.70 27.88 -4.25
CA ARG D 388 26.01 27.15 -5.32
C ARG D 388 26.83 27.15 -6.62
N SER D 389 27.68 28.16 -6.80
CA SER D 389 28.52 28.29 -7.99
C SER D 389 29.68 27.30 -8.01
N ASP D 390 29.97 26.60 -6.90
CA ASP D 390 31.07 25.65 -6.90
C ASP D 390 30.70 24.33 -7.56
N TYR D 391 29.41 23.98 -7.56
CA TYR D 391 28.98 22.66 -8.01
C TYR D 391 27.83 22.79 -9.01
N LEU D 392 27.40 21.64 -9.53
CA LEU D 392 26.23 21.51 -10.37
C LEU D 392 25.21 20.66 -9.63
N ASN D 393 23.93 20.83 -9.98
CA ASN D 393 22.94 19.91 -9.46
C ASN D 393 22.98 18.62 -10.27
N THR D 394 22.16 17.65 -9.85
CA THR D 394 22.25 16.31 -10.41
C THR D 394 21.94 16.28 -11.90
N PHE D 395 20.90 17.02 -12.32
CA PHE D 395 20.59 17.12 -13.75
C PHE D 395 21.70 17.85 -14.49
N GLU D 396 22.18 18.96 -13.92
CA GLU D 396 23.26 19.73 -14.53
C GLU D 396 24.52 18.88 -14.67
N PHE D 397 24.85 18.12 -13.62
CA PHE D 397 26.03 17.26 -13.71
C PHE D 397 25.83 16.19 -14.77
N MET D 398 24.64 15.59 -14.81
CA MET D 398 24.34 14.59 -15.84
C MET D 398 24.27 15.22 -17.23
N ASP D 399 23.99 16.52 -17.32
CA ASP D 399 24.05 17.23 -18.60
C ASP D 399 25.46 17.17 -19.16
N LYS D 400 26.45 17.57 -18.36
CA LYS D 400 27.84 17.59 -18.84
C LYS D 400 28.36 16.20 -19.16
N LEU D 401 27.90 15.18 -18.43
CA LEU D 401 28.37 13.82 -18.69
C LEU D 401 27.93 13.35 -20.08
N GLY D 402 26.64 13.52 -20.40
CA GLY D 402 26.14 13.10 -21.71
C GLY D 402 26.80 13.86 -22.84
N GLU D 403 27.01 15.17 -22.68
CA GLU D 403 27.70 15.94 -23.71
C GLU D 403 29.13 15.44 -23.89
N ASN D 404 29.90 15.38 -22.79
CA ASN D 404 31.29 14.98 -22.89
C ASN D 404 31.42 13.53 -23.36
N LEU D 405 30.41 12.69 -23.09
CA LEU D 405 30.43 11.32 -23.58
C LEU D 405 30.25 11.27 -25.10
N LYS D 406 29.25 12.00 -25.61
CA LYS D 406 29.08 12.12 -27.06
C LYS D 406 30.35 12.67 -27.70
N ILE D 407 30.89 13.76 -27.15
CA ILE D 407 32.14 14.34 -27.65
C ILE D 407 33.23 13.28 -27.75
N LYS D 408 33.47 12.56 -26.65
CA LYS D 408 34.60 11.63 -26.60
C LYS D 408 34.41 10.48 -27.58
N LEU D 409 33.19 9.95 -27.70
CA LEU D 409 32.94 8.85 -28.64
C LEU D 409 32.92 9.35 -30.08
N ALA D 410 32.52 10.61 -30.30
CA ALA D 410 32.58 11.18 -31.65
C ALA D 410 34.02 11.24 -32.13
N GLN D 411 34.93 11.70 -31.27
CA GLN D 411 36.36 11.74 -31.58
C GLN D 411 36.97 10.37 -31.73
N ALA D 412 36.22 9.32 -31.40
CA ALA D 412 36.68 7.94 -31.58
C ALA D 412 36.49 7.46 -33.02
N LYS D 413 35.96 8.31 -33.91
CA LYS D 413 35.89 7.96 -35.33
C LYS D 413 37.27 7.58 -35.86
N LEU D 414 38.26 8.47 -35.70
CA LEU D 414 39.69 8.23 -35.97
C LEU D 414 40.04 7.10 -36.94
N LYS E 3 -10.07 35.38 4.59
CA LYS E 3 -10.01 34.29 3.60
C LYS E 3 -10.52 32.96 4.19
N LYS E 4 -11.83 32.89 4.44
CA LYS E 4 -12.37 31.93 5.40
C LYS E 4 -12.32 30.48 4.90
N ILE E 5 -12.92 30.21 3.74
CA ILE E 5 -13.33 28.83 3.41
C ILE E 5 -12.13 27.89 3.39
N SER E 6 -12.34 26.68 3.91
CA SER E 6 -11.28 25.68 3.94
C SER E 6 -11.42 24.83 2.68
N GLY E 7 -10.45 24.96 1.77
CA GLY E 7 -10.51 24.31 0.48
C GLY E 7 -10.15 22.84 0.46
N GLY E 8 -9.06 22.48 1.12
CA GLY E 8 -8.47 21.16 0.99
C GLY E 8 -7.23 21.18 0.13
N SER E 9 -6.74 19.98 -0.20
CA SER E 9 -5.49 19.83 -0.93
C SER E 9 -5.73 19.88 -2.42
N VAL E 10 -5.03 20.80 -3.10
CA VAL E 10 -5.17 21.03 -4.54
C VAL E 10 -3.78 21.18 -5.15
N VAL E 11 -3.54 20.51 -6.29
CA VAL E 11 -2.31 20.67 -7.04
C VAL E 11 -2.51 21.79 -8.05
N GLU E 12 -1.77 22.88 -7.90
CA GLU E 12 -1.79 23.99 -8.86
C GLU E 12 -0.60 23.86 -9.80
N MET E 13 -0.81 24.17 -11.08
CA MET E 13 0.25 24.09 -12.07
C MET E 13 0.33 25.42 -12.81
N GLN E 14 1.46 26.10 -12.67
CA GLN E 14 1.66 27.41 -13.26
C GLN E 14 2.14 27.29 -14.70
N GLY E 15 1.66 28.20 -15.55
CA GLY E 15 1.91 28.17 -16.99
C GLY E 15 2.89 29.20 -17.54
N ASP E 16 2.67 29.60 -18.79
CA ASP E 16 3.52 30.57 -19.48
C ASP E 16 2.70 31.72 -20.05
N GLU E 17 3.40 32.81 -20.34
CA GLU E 17 2.95 33.93 -21.18
C GLU E 17 1.65 34.53 -20.63
N MET E 18 0.64 34.83 -21.48
CA MET E 18 -0.53 35.57 -21.02
C MET E 18 -1.35 34.76 -20.01
N THR E 19 -1.51 33.46 -20.24
CA THR E 19 -2.23 32.60 -19.31
C THR E 19 -1.56 32.54 -17.93
N ARG E 20 -0.26 32.84 -17.84
CA ARG E 20 0.39 32.94 -16.53
C ARG E 20 -0.05 34.21 -15.80
N ILE E 21 -0.12 35.34 -16.51
CA ILE E 21 -0.64 36.60 -15.96
C ILE E 21 -2.03 36.38 -15.38
N ILE E 22 -2.95 35.86 -16.20
CA ILE E 22 -4.34 35.64 -15.80
C ILE E 22 -4.41 34.65 -14.63
N TRP E 23 -3.54 33.64 -14.64
CA TRP E 23 -3.51 32.66 -13.55
C TRP E 23 -3.25 33.35 -12.22
N GLU E 24 -2.37 34.35 -12.21
CA GLU E 24 -2.06 35.08 -10.98
C GLU E 24 -3.21 35.99 -10.58
N LEU E 25 -3.83 36.66 -11.54
CA LEU E 25 -4.96 37.51 -11.23
C LEU E 25 -6.12 36.70 -10.67
N ILE E 26 -6.42 35.56 -11.30
CA ILE E 26 -7.44 34.65 -10.77
C ILE E 26 -7.16 34.34 -9.32
N LYS E 27 -5.91 34.01 -9.00
CA LYS E 27 -5.56 33.64 -7.63
C LYS E 27 -5.65 34.83 -6.69
N GLU E 28 -5.20 36.01 -7.14
CA GLU E 28 -5.23 37.17 -6.25
C GLU E 28 -6.67 37.64 -6.03
N LYS E 29 -7.41 37.83 -7.12
CA LYS E 29 -8.69 38.54 -7.08
C LYS E 29 -9.92 37.65 -6.93
N LEU E 30 -9.78 36.33 -7.03
CA LEU E 30 -10.93 35.44 -7.11
C LEU E 30 -10.87 34.33 -6.06
N ILE E 31 -9.82 33.50 -6.11
CA ILE E 31 -9.71 32.34 -5.22
C ILE E 31 -9.25 32.73 -3.81
N PHE E 32 -8.00 33.17 -3.68
CA PHE E 32 -7.37 33.36 -2.37
C PHE E 32 -8.17 34.20 -1.37
N PRO E 33 -8.78 35.34 -1.74
CA PRO E 33 -9.49 36.13 -0.73
C PRO E 33 -10.60 35.36 -0.02
N TYR E 34 -11.29 34.45 -0.72
CA TYR E 34 -12.36 33.68 -0.10
C TYR E 34 -11.99 32.24 0.30
N VAL E 35 -10.80 31.74 -0.03
CA VAL E 35 -10.52 30.30 0.09
C VAL E 35 -9.11 30.10 0.62
N GLU E 36 -8.96 29.15 1.55
CA GLU E 36 -7.68 28.72 2.06
C GLU E 36 -7.44 27.29 1.62
N LEU E 37 -6.37 27.06 0.87
CA LEU E 37 -6.09 25.76 0.30
C LEU E 37 -4.77 25.24 0.86
N ASP E 38 -4.64 23.91 0.90
CA ASP E 38 -3.32 23.33 1.02
C ASP E 38 -2.89 23.16 -0.43
N LEU E 39 -1.97 24.00 -0.84
CA LEU E 39 -1.76 24.26 -2.26
C LEU E 39 -0.40 23.70 -2.62
N HIS E 40 -0.39 22.63 -3.39
CA HIS E 40 0.86 22.05 -3.84
C HIS E 40 1.13 22.69 -5.19
N SER E 41 2.12 23.57 -5.24
CA SER E 41 2.32 24.44 -6.38
C SER E 41 3.55 23.97 -7.15
N TYR E 42 3.39 23.81 -8.45
CA TYR E 42 4.45 23.40 -9.36
C TYR E 42 4.52 24.43 -10.48
N ASP E 43 5.71 24.98 -10.71
CA ASP E 43 5.87 25.97 -11.76
C ASP E 43 6.23 25.19 -13.01
N LEU E 44 5.28 25.12 -13.94
CA LEU E 44 5.45 24.52 -15.26
C LEU E 44 5.79 25.56 -16.31
N GLY E 45 6.04 26.79 -15.90
CA GLY E 45 6.56 27.77 -16.84
C GLY E 45 7.84 27.28 -17.49
N ILE E 46 8.09 27.76 -18.71
CA ILE E 46 9.07 27.12 -19.58
C ILE E 46 10.47 27.13 -18.95
N GLU E 47 10.79 28.18 -18.20
CA GLU E 47 12.13 28.30 -17.62
C GLU E 47 12.37 27.28 -16.52
N ASN E 48 11.40 27.15 -15.60
CA ASN E 48 11.55 26.15 -14.55
C ASN E 48 11.56 24.73 -15.11
N ARG E 49 10.81 24.46 -16.18
CA ARG E 49 10.88 23.14 -16.79
C ARG E 49 12.26 22.88 -17.39
N ASP E 50 12.90 23.92 -17.93
CA ASP E 50 14.25 23.75 -18.42
C ASP E 50 15.22 23.52 -17.28
N ALA E 51 15.05 24.24 -16.17
CA ALA E 51 15.99 24.11 -15.06
C ALA E 51 15.87 22.77 -14.34
N THR E 52 14.68 22.17 -14.34
CA THR E 52 14.47 20.87 -13.72
C THR E 52 14.58 19.72 -14.70
N ASN E 53 14.95 20.00 -15.95
CA ASN E 53 14.96 18.98 -17.01
C ASN E 53 13.60 18.30 -17.12
N ASP E 54 12.55 19.12 -17.05
CA ASP E 54 11.16 18.66 -17.16
C ASP E 54 10.77 17.67 -16.06
N GLN E 55 11.48 17.68 -14.92
CA GLN E 55 11.12 16.77 -13.85
C GLN E 55 9.92 17.27 -13.06
N VAL E 56 9.78 18.59 -12.91
CA VAL E 56 8.62 19.15 -12.20
C VAL E 56 7.32 18.70 -12.87
N THR E 57 7.32 18.61 -14.21
CA THR E 57 6.14 18.14 -14.93
C THR E 57 5.75 16.74 -14.46
N LYS E 58 6.73 15.83 -14.41
CA LYS E 58 6.46 14.47 -13.95
C LYS E 58 6.11 14.42 -12.47
N ASP E 59 6.61 15.39 -11.68
CA ASP E 59 6.25 15.43 -10.27
C ASP E 59 4.82 15.93 -10.07
N ALA E 60 4.42 16.95 -10.82
CA ALA E 60 3.05 17.44 -10.69
C ALA E 60 2.03 16.36 -10.98
N ALA E 61 2.36 15.46 -11.93
CA ALA E 61 1.43 14.40 -12.31
C ALA E 61 1.33 13.33 -11.24
N GLU E 62 2.47 12.90 -10.68
CA GLU E 62 2.42 12.01 -9.53
C GLU E 62 1.81 12.69 -8.31
N ALA E 63 1.84 14.02 -8.25
CA ALA E 63 1.15 14.75 -7.18
C ALA E 63 -0.36 14.70 -7.36
N ILE E 64 -0.85 14.87 -8.59
CA ILE E 64 -2.30 14.84 -8.83
C ILE E 64 -2.86 13.47 -8.46
N LYS E 65 -2.13 12.40 -8.77
CA LYS E 65 -2.52 11.06 -8.35
C LYS E 65 -2.75 11.01 -6.85
N LYS E 66 -1.97 11.76 -6.08
CA LYS E 66 -2.07 11.74 -4.63
C LYS E 66 -3.29 12.52 -4.14
N HIS E 67 -3.45 13.76 -4.60
CA HIS E 67 -4.47 14.65 -4.07
C HIS E 67 -5.76 14.73 -4.90
N ASN E 68 -5.85 13.98 -6.01
CA ASN E 68 -7.10 13.72 -6.73
C ASN E 68 -7.68 14.91 -7.49
N VAL E 69 -7.10 16.09 -7.33
CA VAL E 69 -7.53 17.29 -8.03
C VAL E 69 -6.30 18.10 -8.41
N GLY E 70 -6.30 18.63 -9.63
CA GLY E 70 -5.28 19.59 -10.01
C GLY E 70 -5.85 20.52 -11.06
N VAL E 71 -5.30 21.72 -11.11
CA VAL E 71 -5.73 22.75 -12.05
C VAL E 71 -4.46 23.24 -12.75
N LYS E 72 -4.49 23.27 -14.07
CA LYS E 72 -3.29 23.49 -14.87
C LYS E 72 -3.50 24.69 -15.79
N CYS E 73 -2.59 25.65 -15.67
CA CYS E 73 -2.48 26.75 -16.61
C CYS E 73 -1.86 26.26 -17.92
N ALA E 74 -2.14 26.99 -19.00
CA ALA E 74 -1.59 26.62 -20.31
C ALA E 74 -0.07 26.80 -20.32
N THR E 75 0.63 25.91 -21.04
CA THR E 75 2.08 25.89 -21.07
C THR E 75 2.63 25.87 -22.50
N ILE E 76 3.76 26.54 -22.71
CA ILE E 76 4.47 26.46 -23.99
C ILE E 76 4.97 25.05 -24.23
N THR E 77 4.68 24.50 -25.41
CA THR E 77 5.34 23.29 -25.88
C THR E 77 6.40 23.71 -26.88
N PRO E 78 7.68 23.66 -26.53
CA PRO E 78 8.70 24.29 -27.38
C PRO E 78 8.98 23.53 -28.67
N ASP E 79 9.20 24.30 -29.73
CA ASP E 79 9.82 23.89 -30.98
C ASP E 79 11.18 24.60 -31.09
N GLU E 80 11.83 24.47 -32.24
CA GLU E 80 13.13 25.10 -32.45
C GLU E 80 13.11 26.59 -32.13
N LYS E 81 12.14 27.33 -32.67
CA LYS E 81 12.09 28.76 -32.41
C LYS E 81 12.00 29.07 -30.92
N ARG E 82 11.31 28.22 -30.17
CA ARG E 82 11.26 28.41 -28.72
C ARG E 82 12.60 28.07 -28.08
N VAL E 83 13.35 27.13 -28.66
CA VAL E 83 14.67 26.79 -28.12
C VAL E 83 15.60 27.98 -28.21
N GLU E 84 15.62 28.65 -29.37
CA GLU E 84 16.41 29.87 -29.51
C GLU E 84 15.86 30.98 -28.62
N GLU E 85 14.53 31.07 -28.50
CA GLU E 85 13.94 32.17 -27.75
C GLU E 85 14.35 32.13 -26.28
N PHE E 86 14.22 30.96 -25.66
CA PHE E 86 14.51 30.82 -24.24
C PHE E 86 15.89 30.27 -23.91
N LYS E 87 16.73 30.01 -24.93
CA LYS E 87 18.02 29.33 -24.75
C LYS E 87 17.82 28.02 -23.96
N LEU E 88 17.06 27.11 -24.55
CA LEU E 88 16.64 25.88 -23.90
C LEU E 88 17.67 24.77 -24.12
N LYS E 89 17.80 23.90 -23.11
CA LYS E 89 18.70 22.76 -23.22
C LYS E 89 18.25 21.80 -24.32
N GLN E 90 16.94 21.57 -24.44
CA GLN E 90 16.38 20.55 -25.33
C GLN E 90 15.09 21.10 -25.92
N MET E 91 14.42 20.29 -26.75
CA MET E 91 13.06 20.61 -27.19
C MET E 91 12.13 19.73 -26.35
N TRP E 92 11.49 20.34 -25.35
CA TRP E 92 10.82 19.53 -24.34
C TRP E 92 9.47 19.06 -24.87
N LYS E 93 9.05 17.88 -24.41
CA LYS E 93 7.75 17.37 -24.75
C LYS E 93 6.67 18.16 -24.03
N SER E 94 5.47 18.19 -24.64
CA SER E 94 4.35 18.94 -24.09
C SER E 94 4.04 18.47 -22.67
N PRO E 95 3.95 19.39 -21.69
CA PRO E 95 3.54 18.94 -20.35
C PRO E 95 2.16 18.31 -20.32
N ASN E 96 1.26 18.78 -21.19
CA ASN E 96 -0.09 18.19 -21.24
C ASN E 96 -0.04 16.71 -21.60
N GLY E 97 0.68 16.36 -22.68
CA GLY E 97 0.83 14.95 -23.04
C GLY E 97 1.45 14.12 -21.93
N THR E 98 2.52 14.62 -21.32
CA THR E 98 3.19 13.89 -20.24
C THR E 98 2.22 13.63 -19.07
N ILE E 99 1.48 14.65 -18.64
CA ILE E 99 0.53 14.49 -17.55
C ILE E 99 -0.56 13.49 -17.94
N ARG E 100 -1.27 13.76 -19.04
CA ARG E 100 -2.33 12.87 -19.50
C ARG E 100 -1.83 11.44 -19.70
N ASN E 101 -0.63 11.27 -20.26
CA ASN E 101 -0.04 9.95 -20.41
C ASN E 101 0.15 9.25 -19.06
N ILE E 102 0.43 10.01 -17.99
CA ILE E 102 0.60 9.43 -16.66
C ILE E 102 -0.75 9.13 -16.01
N LEU E 103 -1.71 10.07 -16.11
CA LEU E 103 -3.01 9.90 -15.47
C LEU E 103 -3.92 8.97 -16.26
N GLY E 104 -4.28 9.35 -17.48
CA GLY E 104 -5.18 8.57 -18.30
C GLY E 104 -6.59 9.11 -18.28
N GLY E 105 -7.49 8.34 -18.91
CA GLY E 105 -8.89 8.73 -18.95
C GLY E 105 -9.32 9.54 -20.16
N THR E 106 -10.37 10.34 -19.98
CA THR E 106 -10.93 11.14 -21.06
C THR E 106 -10.87 12.61 -20.66
N VAL E 107 -10.64 13.48 -21.65
CA VAL E 107 -10.79 14.92 -21.45
C VAL E 107 -12.14 15.30 -22.03
N PHE E 108 -13.01 15.84 -21.18
CA PHE E 108 -14.33 16.30 -21.60
C PHE E 108 -14.28 17.80 -21.82
N ARG E 109 -14.74 18.23 -23.00
CA ARG E 109 -14.67 19.62 -23.40
C ARG E 109 -16.05 20.09 -23.85
N GLU E 110 -16.47 21.26 -23.37
CA GLU E 110 -17.80 21.78 -23.61
C GLU E 110 -17.70 23.30 -23.64
N ALA E 111 -18.49 23.93 -24.51
CA ALA E 111 -18.48 25.37 -24.61
C ALA E 111 -19.12 25.99 -23.36
N ILE E 112 -18.84 27.28 -23.14
CA ILE E 112 -19.45 28.05 -22.05
C ILE E 112 -20.37 29.09 -22.66
N ILE E 113 -21.68 28.94 -22.44
CA ILE E 113 -22.70 29.67 -23.20
C ILE E 113 -23.17 30.89 -22.43
N CYS E 114 -23.08 32.07 -23.06
CA CYS E 114 -23.75 33.28 -22.61
C CYS E 114 -24.85 33.62 -23.62
N LYS E 115 -26.04 33.94 -23.11
CA LYS E 115 -27.22 34.04 -23.97
C LYS E 115 -27.12 35.19 -24.97
N ASN E 116 -26.32 36.21 -24.67
CA ASN E 116 -26.13 37.36 -25.54
C ASN E 116 -25.00 37.20 -26.54
N ILE E 117 -24.36 36.03 -26.60
CA ILE E 117 -23.15 35.86 -27.39
C ILE E 117 -23.51 35.09 -28.66
N PRO E 118 -23.52 35.75 -29.83
CA PRO E 118 -23.90 35.06 -31.07
C PRO E 118 -22.81 34.12 -31.55
N ARG E 119 -23.24 32.97 -32.08
CA ARG E 119 -22.38 31.95 -32.66
C ARG E 119 -21.96 32.31 -34.08
N LEU E 120 -20.83 31.75 -34.51
CA LEU E 120 -20.47 31.72 -35.92
C LEU E 120 -21.18 30.61 -36.68
N VAL E 121 -21.55 29.53 -36.00
CA VAL E 121 -22.26 28.41 -36.61
C VAL E 121 -23.75 28.57 -36.29
N SER E 122 -24.57 28.69 -37.34
CA SER E 122 -25.95 29.15 -37.17
C SER E 122 -26.76 28.25 -36.24
N GLY E 123 -26.56 26.93 -36.32
CA GLY E 123 -27.53 25.98 -35.84
C GLY E 123 -27.34 25.33 -34.48
N TRP E 124 -26.26 25.62 -33.74
CA TRP E 124 -26.09 24.84 -32.51
C TRP E 124 -26.79 25.64 -31.41
N VAL E 125 -28.01 25.20 -31.08
CA VAL E 125 -28.79 25.76 -29.98
C VAL E 125 -28.42 25.09 -28.66
N LYS E 126 -28.28 23.75 -28.67
CA LYS E 126 -27.89 22.90 -27.57
C LYS E 126 -26.38 22.71 -27.56
N PRO E 127 -25.78 22.39 -26.41
CA PRO E 127 -24.33 22.22 -26.36
C PRO E 127 -23.87 20.93 -27.02
N ILE E 128 -22.66 20.97 -27.60
CA ILE E 128 -21.94 19.78 -28.04
C ILE E 128 -20.86 19.50 -27.02
N ILE E 129 -20.75 18.24 -26.60
CA ILE E 129 -19.77 17.81 -25.59
C ILE E 129 -18.84 16.81 -26.25
N ILE E 130 -17.54 17.12 -26.27
CA ILE E 130 -16.52 16.23 -26.80
C ILE E 130 -15.85 15.54 -25.63
N GLY E 131 -15.94 14.21 -25.58
CA GLY E 131 -14.92 13.43 -24.91
C GLY E 131 -13.80 13.16 -25.90
N ARG E 132 -12.56 13.21 -25.42
CA ARG E 132 -11.45 12.83 -26.27
C ARG E 132 -10.51 11.95 -25.47
N HIS E 133 -10.29 10.73 -25.97
CA HIS E 133 -9.36 9.84 -25.30
C HIS E 133 -8.03 10.58 -25.16
N ALA E 134 -7.53 10.66 -23.93
CA ALA E 134 -6.38 11.49 -23.64
C ALA E 134 -5.05 10.77 -23.77
N TYR E 135 -5.06 9.49 -24.15
CA TYR E 135 -3.91 8.60 -23.99
C TYR E 135 -3.48 8.04 -25.34
N GLY E 136 -2.16 7.89 -25.51
CA GLY E 136 -1.56 7.23 -26.68
C GLY E 136 -1.67 8.02 -27.98
N ASP E 137 -1.71 7.31 -29.09
CA ASP E 137 -1.85 7.94 -30.41
C ASP E 137 -0.69 8.93 -30.62
N GLN E 138 -0.97 10.12 -31.18
CA GLN E 138 0.08 11.01 -31.67
CA GLN E 138 0.10 10.97 -31.67
C GLN E 138 0.89 11.66 -30.54
N ASP E 139 0.27 11.86 -29.38
CA ASP E 139 1.01 12.53 -28.31
C ASP E 139 2.05 11.62 -27.65
N ARG E 140 1.93 10.30 -27.80
CA ARG E 140 2.93 9.33 -27.36
C ARG E 140 3.85 8.80 -28.47
N ALA E 141 3.75 9.31 -29.70
CA ALA E 141 4.40 8.68 -30.84
C ALA E 141 5.93 8.84 -30.81
N THR E 142 6.60 7.97 -31.57
CA THR E 142 8.04 8.03 -31.82
C THR E 142 8.23 8.32 -33.30
N ASP E 143 8.69 9.54 -33.62
CA ASP E 143 8.92 9.97 -34.99
C ASP E 143 10.38 10.36 -35.17
N PHE E 144 10.88 10.21 -36.40
CA PHE E 144 12.29 10.48 -36.69
C PHE E 144 12.43 10.83 -38.17
N VAL E 145 13.50 11.56 -38.48
CA VAL E 145 13.79 11.92 -39.87
C VAL E 145 14.52 10.76 -40.52
N VAL E 146 14.12 10.39 -41.74
CA VAL E 146 14.79 9.36 -42.51
C VAL E 146 15.83 10.08 -43.39
N PRO E 147 17.13 9.93 -43.12
CA PRO E 147 18.14 10.72 -43.83
C PRO E 147 18.36 10.32 -45.28
N GLY E 148 18.05 9.08 -45.66
CA GLY E 148 18.28 8.64 -47.02
C GLY E 148 17.81 7.22 -47.26
N PRO E 149 18.12 6.68 -48.45
CA PRO E 149 17.57 5.38 -48.84
C PRO E 149 17.79 4.32 -47.77
N GLY E 150 16.82 3.43 -47.63
CA GLY E 150 16.83 2.49 -46.52
C GLY E 150 15.44 1.96 -46.23
N LYS E 151 15.39 1.06 -45.26
CA LYS E 151 14.21 0.27 -44.95
C LYS E 151 13.72 0.62 -43.55
N VAL E 152 12.47 1.07 -43.45
CA VAL E 152 11.83 1.32 -42.15
C VAL E 152 10.90 0.16 -41.84
N GLU E 153 11.08 -0.46 -40.67
CA GLU E 153 10.25 -1.58 -40.26
C GLU E 153 9.74 -1.33 -38.85
N ILE E 154 8.61 -1.96 -38.55
CA ILE E 154 8.03 -1.96 -37.21
C ILE E 154 7.84 -3.42 -36.78
N THR E 155 8.30 -3.74 -35.58
CA THR E 155 8.34 -5.13 -35.10
C THR E 155 7.61 -5.23 -33.77
N TYR E 156 6.94 -6.37 -33.55
CA TYR E 156 6.29 -6.69 -32.29
C TYR E 156 6.89 -7.98 -31.75
N THR E 157 7.47 -7.93 -30.55
CA THR E 157 8.05 -9.09 -29.90
C THR E 157 7.30 -9.38 -28.59
N PRO E 158 6.63 -10.53 -28.46
CA PRO E 158 5.96 -10.85 -27.20
C PRO E 158 6.94 -11.04 -26.04
N SER E 159 6.43 -10.89 -24.82
CA SER E 159 7.28 -10.85 -23.63
C SER E 159 8.12 -12.12 -23.48
N ASP E 160 7.58 -13.28 -23.88
CA ASP E 160 8.35 -14.51 -23.75
C ASP E 160 9.51 -14.62 -24.73
N GLY E 161 9.62 -13.70 -25.69
CA GLY E 161 10.71 -13.72 -26.65
C GLY E 161 10.71 -14.89 -27.60
N THR E 162 9.60 -15.61 -27.72
CA THR E 162 9.49 -16.83 -28.50
C THR E 162 8.96 -16.58 -29.92
N GLN E 163 8.61 -15.34 -30.25
CA GLN E 163 8.00 -15.03 -31.53
C GLN E 163 8.40 -13.61 -31.91
N LYS E 164 8.54 -13.36 -33.21
CA LYS E 164 8.82 -12.01 -33.69
C LYS E 164 8.02 -11.75 -34.96
N VAL E 165 7.39 -10.58 -35.01
CA VAL E 165 6.57 -10.17 -36.15
C VAL E 165 7.11 -8.85 -36.66
N THR E 166 7.63 -8.85 -37.90
CA THR E 166 8.18 -7.64 -38.52
C THR E 166 7.27 -7.18 -39.65
N TYR E 167 6.92 -5.89 -39.65
CA TYR E 167 6.11 -5.26 -40.69
C TYR E 167 6.96 -4.22 -41.42
N LEU E 168 6.95 -4.27 -42.75
CA LEU E 168 7.65 -3.26 -43.55
C LEU E 168 6.79 -2.00 -43.60
N VAL E 169 7.33 -0.88 -43.11
CA VAL E 169 6.67 0.41 -43.26
C VAL E 169 6.89 0.97 -44.66
N HIS E 170 8.15 1.24 -45.00
CA HIS E 170 8.48 1.68 -46.34
C HIS E 170 9.92 1.30 -46.65
N ASN E 171 10.19 1.01 -47.92
CA ASN E 171 11.54 0.94 -48.44
C ASN E 171 11.79 2.23 -49.22
N PHE E 172 12.65 3.11 -48.68
CA PHE E 172 12.92 4.38 -49.35
C PHE E 172 13.99 4.08 -50.39
N GLU E 173 13.62 4.21 -51.67
CA GLU E 173 14.53 3.82 -52.74
C GLU E 173 15.55 4.92 -53.08
N GLU E 174 15.11 6.18 -53.04
CA GLU E 174 16.01 7.32 -53.19
C GLU E 174 15.50 8.44 -52.32
N GLY E 175 16.43 9.19 -51.71
CA GLY E 175 16.04 10.29 -50.85
C GLY E 175 15.47 9.83 -49.53
N GLY E 176 15.28 10.78 -48.61
CA GLY E 176 14.73 10.47 -47.31
C GLY E 176 13.27 10.81 -47.13
N GLY E 177 12.93 11.16 -45.89
CA GLY E 177 11.54 11.33 -45.50
C GLY E 177 11.42 11.35 -44.00
N VAL E 178 10.25 10.96 -43.52
CA VAL E 178 9.98 10.83 -42.10
C VAL E 178 9.25 9.52 -41.88
N ALA E 179 9.31 9.02 -40.65
CA ALA E 179 8.61 7.80 -40.27
C ALA E 179 8.27 7.92 -38.80
N MET E 180 7.20 7.24 -38.39
CA MET E 180 6.79 7.26 -36.99
C MET E 180 6.05 5.99 -36.62
N GLY E 181 6.27 5.53 -35.38
CA GLY E 181 5.38 4.58 -34.76
C GLY E 181 4.45 5.25 -33.76
N MET E 182 3.33 4.59 -33.49
CA MET E 182 2.42 5.01 -32.43
C MET E 182 1.62 3.78 -31.99
N TYR E 183 0.96 3.90 -30.85
CA TYR E 183 0.34 2.76 -30.21
C TYR E 183 -0.80 3.23 -29.34
N ASN E 184 -1.66 2.28 -28.95
CA ASN E 184 -2.64 2.53 -27.90
C ASN E 184 -2.89 1.22 -27.15
N GLN E 185 -3.52 1.34 -25.98
CA GLN E 185 -3.77 0.20 -25.10
C GLN E 185 -5.25 -0.15 -25.06
N ASP E 186 -5.54 -1.46 -25.04
CA ASP E 186 -6.92 -1.92 -24.99
C ASP E 186 -7.64 -1.44 -23.72
N LYS E 187 -6.95 -1.49 -22.58
CA LYS E 187 -7.56 -1.08 -21.32
C LYS E 187 -7.90 0.41 -21.32
N SER E 188 -7.02 1.24 -21.85
CA SER E 188 -7.31 2.67 -21.94
C SER E 188 -8.47 2.96 -22.90
N ILE E 189 -8.64 2.15 -23.95
CA ILE E 189 -9.78 2.32 -24.85
C ILE E 189 -11.07 1.95 -24.14
N GLU E 190 -11.03 0.92 -23.29
CA GLU E 190 -12.22 0.52 -22.53
C GLU E 190 -12.65 1.61 -21.55
N ASP E 191 -11.71 2.10 -20.73
CA ASP E 191 -12.03 3.22 -19.84
C ASP E 191 -12.54 4.41 -20.63
N PHE E 192 -11.98 4.64 -21.82
CA PHE E 192 -12.50 5.67 -22.72
C PHE E 192 -13.96 5.39 -23.09
N ALA E 193 -14.29 4.11 -23.32
CA ALA E 193 -15.65 3.76 -23.72
C ALA E 193 -16.64 3.94 -22.57
N HIS E 194 -16.34 3.33 -21.41
CA HIS E 194 -17.22 3.47 -20.26
C HIS E 194 -17.51 4.93 -19.95
N SER E 195 -16.45 5.73 -19.86
CA SER E 195 -16.64 7.15 -19.59
C SER E 195 -17.52 7.82 -20.64
N SER E 196 -17.46 7.34 -21.88
CA SER E 196 -18.26 7.95 -22.95
C SER E 196 -19.73 7.65 -22.78
N PHE E 197 -20.09 6.38 -22.56
CA PHE E 197 -21.49 6.02 -22.37
C PHE E 197 -22.05 6.67 -21.11
N GLN E 198 -21.32 6.57 -20.00
CA GLN E 198 -21.73 7.19 -18.75
C GLN E 198 -21.99 8.69 -18.91
N MET E 199 -21.22 9.36 -19.77
CA MET E 199 -21.49 10.77 -20.03
C MET E 199 -22.78 10.97 -20.83
N ALA E 200 -23.10 10.04 -21.74
CA ALA E 200 -24.35 10.15 -22.49
C ALA E 200 -25.55 9.80 -21.63
N LEU E 201 -25.40 8.80 -20.75
CA LEU E 201 -26.45 8.47 -19.79
C LEU E 201 -26.64 9.58 -18.75
N SER E 202 -25.53 10.09 -18.21
CA SER E 202 -25.60 11.20 -17.27
C SER E 202 -26.39 12.37 -17.86
N LYS E 203 -26.03 12.80 -19.06
CA LYS E 203 -26.60 13.99 -19.66
C LYS E 203 -27.85 13.71 -20.50
N GLY E 204 -28.28 12.45 -20.59
CA GLY E 204 -29.48 12.13 -21.36
C GLY E 204 -29.38 12.38 -22.85
N TRP E 205 -28.19 12.29 -23.41
CA TRP E 205 -27.94 12.67 -24.79
C TRP E 205 -27.40 11.49 -25.59
N PRO E 206 -27.58 11.50 -26.91
CA PRO E 206 -27.02 10.42 -27.74
C PRO E 206 -25.50 10.57 -27.90
N LEU E 207 -24.84 9.43 -28.11
CA LEU E 207 -23.38 9.36 -28.17
C LEU E 207 -22.92 8.89 -29.54
N TYR E 208 -22.00 9.64 -30.16
CA TYR E 208 -21.39 9.25 -31.42
C TYR E 208 -19.88 9.04 -31.24
N LEU E 209 -19.36 7.98 -31.86
CA LEU E 209 -17.92 7.69 -31.89
C LEU E 209 -17.41 7.80 -33.32
N SER E 210 -16.37 8.61 -33.51
CA SER E 210 -15.81 8.88 -34.83
C SER E 210 -14.48 8.17 -34.99
N THR E 211 -14.33 7.39 -36.07
CA THR E 211 -13.04 6.85 -36.47
C THR E 211 -12.90 6.89 -37.99
N LYS E 212 -11.70 6.50 -38.43
CA LYS E 212 -11.29 6.26 -39.80
C LYS E 212 -11.33 4.79 -40.22
N ASN E 213 -11.99 3.91 -39.46
CA ASN E 213 -11.74 2.47 -39.49
C ASN E 213 -11.74 1.85 -40.90
N THR E 214 -12.38 2.48 -41.89
CA THR E 214 -12.17 2.02 -43.27
C THR E 214 -10.71 2.10 -43.69
N ILE E 215 -10.02 3.19 -43.36
CA ILE E 215 -8.61 3.34 -43.72
C ILE E 215 -7.73 2.51 -42.80
N LEU E 216 -7.74 2.82 -41.50
CA LEU E 216 -6.96 2.03 -40.55
C LEU E 216 -7.90 0.94 -40.08
N LYS E 217 -7.68 -0.28 -40.57
CA LYS E 217 -8.66 -1.34 -40.39
C LYS E 217 -8.52 -2.01 -39.03
N LYS E 218 -7.29 -2.29 -38.62
CA LYS E 218 -7.02 -2.83 -37.29
C LYS E 218 -7.06 -1.75 -36.21
N TYR E 219 -6.49 -0.58 -36.51
CA TYR E 219 -6.24 0.43 -35.47
C TYR E 219 -7.53 1.11 -35.03
N ASP E 220 -8.17 1.83 -35.96
CA ASP E 220 -9.44 2.48 -35.64
C ASP E 220 -10.57 1.45 -35.51
N GLY E 221 -10.44 0.31 -36.20
CA GLY E 221 -11.42 -0.75 -36.03
C GLY E 221 -11.43 -1.35 -34.64
N ARG E 222 -10.25 -1.39 -33.98
CA ARG E 222 -10.19 -1.90 -32.61
C ARG E 222 -10.98 -1.02 -31.65
N PHE E 223 -10.89 0.30 -31.81
CA PHE E 223 -11.77 1.21 -31.07
C PHE E 223 -13.22 0.84 -31.30
N LYS E 224 -13.63 0.73 -32.57
CA LYS E 224 -15.01 0.43 -32.92
C LYS E 224 -15.49 -0.87 -32.26
N ASP E 225 -14.70 -1.93 -32.37
CA ASP E 225 -15.02 -3.19 -31.71
C ASP E 225 -15.26 -2.99 -30.21
N ILE E 226 -14.29 -2.39 -29.52
CA ILE E 226 -14.36 -2.24 -28.07
C ILE E 226 -15.60 -1.44 -27.65
N PHE E 227 -15.96 -0.43 -28.46
CA PHE E 227 -17.15 0.36 -28.16
C PHE E 227 -18.43 -0.43 -28.42
N GLN E 228 -18.41 -1.35 -29.40
CA GLN E 228 -19.58 -2.15 -29.69
C GLN E 228 -19.77 -3.26 -28.65
N GLU E 229 -18.67 -3.95 -28.31
CA GLU E 229 -18.74 -5.03 -27.33
C GLU E 229 -19.19 -4.55 -25.96
N ILE E 230 -18.81 -3.32 -25.59
CA ILE E 230 -19.22 -2.76 -24.30
C ILE E 230 -20.67 -2.32 -24.32
N TYR E 231 -21.07 -1.61 -25.38
CA TYR E 231 -22.41 -1.05 -25.46
C TYR E 231 -23.48 -2.12 -25.56
N ASP E 232 -23.19 -3.22 -26.25
CA ASP E 232 -24.14 -4.33 -26.35
C ASP E 232 -24.20 -5.12 -25.04
N LYS E 233 -23.03 -5.40 -24.44
CA LYS E 233 -22.98 -6.21 -23.24
C LYS E 233 -23.49 -5.47 -22.00
N GLN E 234 -23.55 -4.13 -22.03
CA GLN E 234 -23.97 -3.38 -20.85
C GLN E 234 -25.04 -2.31 -21.10
N TYR E 235 -24.70 -1.28 -21.88
CA TYR E 235 -25.40 0.00 -21.86
C TYR E 235 -26.58 0.13 -22.83
N LYS E 236 -26.80 -0.84 -23.73
CA LYS E 236 -27.85 -0.67 -24.74
C LYS E 236 -29.23 -0.53 -24.09
N SER E 237 -29.52 -1.35 -23.08
CA SER E 237 -30.76 -1.23 -22.32
C SER E 237 -30.95 0.19 -21.81
N GLN E 238 -30.03 0.65 -20.95
CA GLN E 238 -30.15 1.98 -20.34
C GLN E 238 -30.27 3.09 -21.39
N PHE E 239 -29.69 2.89 -22.57
CA PHE E 239 -29.79 3.89 -23.64
C PHE E 239 -31.18 3.90 -24.25
N GLU E 240 -31.70 2.73 -24.61
CA GLU E 240 -33.06 2.65 -25.15
C GLU E 240 -34.08 3.16 -24.13
N ALA E 241 -33.85 2.87 -22.85
CA ALA E 241 -34.75 3.34 -21.80
C ALA E 241 -34.87 4.86 -21.79
N GLN E 242 -33.78 5.58 -22.08
CA GLN E 242 -33.78 7.03 -22.07
C GLN E 242 -34.06 7.66 -23.45
N LYS E 243 -34.38 6.83 -24.45
CA LYS E 243 -34.67 7.31 -25.82
C LYS E 243 -33.45 7.95 -26.46
N ILE E 244 -32.27 7.39 -26.17
CA ILE E 244 -31.00 7.81 -26.76
C ILE E 244 -30.37 6.58 -27.43
N TRP E 245 -29.42 6.86 -28.31
CA TRP E 245 -28.76 5.84 -29.13
C TRP E 245 -27.26 6.09 -29.12
N TYR E 246 -26.50 5.12 -29.62
CA TYR E 246 -25.08 5.29 -29.89
C TYR E 246 -24.77 4.78 -31.30
N GLU E 247 -24.23 5.66 -32.15
CA GLU E 247 -23.91 5.32 -33.54
C GLU E 247 -22.44 5.59 -33.81
N HIS E 248 -21.73 4.59 -34.35
CA HIS E 248 -20.40 4.83 -34.89
C HIS E 248 -20.53 5.54 -36.24
N ARG E 249 -19.59 6.43 -36.53
CA ARG E 249 -19.57 7.13 -37.81
C ARG E 249 -18.13 7.27 -38.30
N LEU E 250 -18.00 7.51 -39.59
CA LEU E 250 -16.74 7.94 -40.17
C LEU E 250 -16.54 9.42 -39.90
N ILE E 251 -15.31 9.78 -39.53
CA ILE E 251 -15.00 11.14 -39.11
C ILE E 251 -15.37 12.15 -40.19
N ASP E 252 -15.29 11.75 -41.47
CA ASP E 252 -15.76 12.60 -42.55
C ASP E 252 -17.25 12.91 -42.38
N ASP E 253 -18.06 11.85 -42.30
CA ASP E 253 -19.49 11.99 -42.05
C ASP E 253 -19.74 12.75 -40.75
N MET E 254 -19.03 12.37 -39.68
CA MET E 254 -19.28 12.95 -38.37
C MET E 254 -19.06 14.46 -38.36
N VAL E 255 -17.91 14.93 -38.85
CA VAL E 255 -17.64 16.37 -38.81
C VAL E 255 -18.66 17.14 -39.64
N ALA E 256 -19.19 16.52 -40.71
CA ALA E 256 -20.23 17.16 -41.49
C ALA E 256 -21.55 17.20 -40.74
N GLN E 257 -21.94 16.08 -40.11
CA GLN E 257 -23.17 16.03 -39.33
C GLN E 257 -23.13 17.02 -38.16
N ALA E 258 -22.01 17.08 -37.45
CA ALA E 258 -21.90 17.97 -36.30
C ALA E 258 -22.07 19.43 -36.73
N MET E 259 -21.51 19.79 -37.89
CA MET E 259 -21.56 21.17 -38.35
C MET E 259 -23.00 21.62 -38.62
N LYS E 260 -23.83 20.73 -39.18
CA LYS E 260 -25.19 21.11 -39.53
C LYS E 260 -26.21 20.80 -38.44
N SER E 261 -25.82 20.10 -37.38
CA SER E 261 -26.77 19.61 -36.41
C SER E 261 -27.23 20.73 -35.48
N GLU E 262 -28.15 20.38 -34.56
CA GLU E 262 -28.70 21.31 -33.58
C GLU E 262 -27.87 21.36 -32.30
N GLY E 263 -26.93 20.44 -32.14
CA GLY E 263 -26.26 20.23 -30.86
C GLY E 263 -26.91 19.09 -30.10
N GLY E 264 -26.62 19.05 -28.80
CA GLY E 264 -27.21 18.06 -27.92
C GLY E 264 -26.77 16.63 -28.15
N PHE E 265 -25.46 16.36 -28.11
CA PHE E 265 -24.95 15.01 -28.26
C PHE E 265 -23.55 14.92 -27.66
N ILE E 266 -23.14 13.70 -27.34
CA ILE E 266 -21.80 13.43 -26.83
C ILE E 266 -20.96 12.91 -27.99
N TRP E 267 -19.82 13.57 -28.26
CA TRP E 267 -18.94 13.23 -29.38
C TRP E 267 -17.67 12.62 -28.80
N ALA E 268 -17.51 11.31 -28.96
CA ALA E 268 -16.34 10.62 -28.42
C ALA E 268 -15.28 10.57 -29.51
N CYS E 269 -14.19 11.30 -29.31
CA CYS E 269 -13.18 11.47 -30.32
C CYS E 269 -11.90 10.76 -29.93
N LYS E 270 -11.19 10.29 -30.94
CA LYS E 270 -9.81 9.87 -30.72
C LYS E 270 -8.96 11.07 -30.35
N ASN E 271 -7.81 10.78 -29.73
CA ASN E 271 -6.99 11.82 -29.11
C ASN E 271 -6.74 13.00 -30.04
N TYR E 272 -6.25 12.73 -31.26
CA TYR E 272 -5.94 13.83 -32.16
C TYR E 272 -7.21 14.54 -32.64
N ASP E 273 -8.25 13.80 -33.02
CA ASP E 273 -9.50 14.43 -33.46
C ASP E 273 -10.10 15.31 -32.37
N GLY E 274 -10.24 14.76 -31.16
CA GLY E 274 -10.73 15.58 -30.06
C GLY E 274 -9.90 16.83 -29.82
N ASP E 275 -8.58 16.70 -29.93
CA ASP E 275 -7.69 17.86 -29.85
C ASP E 275 -8.12 18.94 -30.82
N VAL E 276 -8.23 18.61 -32.11
CA VAL E 276 -8.51 19.61 -33.13
C VAL E 276 -9.98 20.01 -33.12
N GLN E 277 -10.88 19.03 -33.04
CA GLN E 277 -12.30 19.34 -33.14
C GLN E 277 -12.77 20.25 -31.99
N SER E 278 -12.26 20.03 -30.77
CA SER E 278 -12.64 20.89 -29.66
C SER E 278 -12.28 22.36 -29.91
N ASP E 279 -11.21 22.64 -30.66
CA ASP E 279 -10.91 24.03 -31.00
C ASP E 279 -11.92 24.58 -32.02
N SER E 280 -12.29 23.77 -33.02
CA SER E 280 -13.26 24.22 -34.01
C SER E 280 -14.64 24.43 -33.38
N VAL E 281 -15.07 23.50 -32.52
CA VAL E 281 -16.33 23.65 -31.81
C VAL E 281 -16.30 24.89 -30.94
N ALA E 282 -15.30 24.98 -30.05
CA ALA E 282 -15.20 26.12 -29.15
C ALA E 282 -15.29 27.44 -29.90
N GLN E 283 -14.58 27.56 -31.03
CA GLN E 283 -14.68 28.77 -31.84
C GLN E 283 -16.06 28.93 -32.47
N GLY E 284 -16.73 27.81 -32.79
CA GLY E 284 -18.03 27.91 -33.45
C GLY E 284 -19.08 28.55 -32.56
N TYR E 285 -19.08 28.21 -31.27
CA TYR E 285 -19.89 28.90 -30.27
C TYR E 285 -19.38 30.31 -30.00
N GLY E 286 -18.25 30.69 -30.61
CA GLY E 286 -17.80 32.06 -30.70
C GLY E 286 -16.53 32.43 -29.94
N SER E 287 -16.05 31.61 -29.01
CA SER E 287 -14.72 31.94 -28.49
C SER E 287 -13.95 30.72 -28.01
N LEU E 288 -12.64 30.71 -28.30
CA LEU E 288 -11.75 29.76 -27.63
C LEU E 288 -11.65 30.08 -26.14
N GLY E 289 -11.87 31.33 -25.77
CA GLY E 289 -11.89 31.71 -24.38
C GLY E 289 -12.98 31.05 -23.57
N MET E 290 -14.06 30.57 -24.22
CA MET E 290 -15.13 29.92 -23.47
C MET E 290 -15.18 28.46 -23.86
N MET E 291 -14.61 27.62 -23.00
CA MET E 291 -14.72 26.17 -23.04
C MET E 291 -14.29 25.65 -21.67
N THR E 292 -14.74 24.44 -21.34
CA THR E 292 -14.30 23.76 -20.13
C THR E 292 -13.54 22.52 -20.57
N SER E 293 -12.42 22.26 -19.93
CA SER E 293 -11.62 21.09 -20.24
C SER E 293 -11.28 20.41 -18.92
N VAL E 294 -11.79 19.19 -18.73
CA VAL E 294 -11.61 18.47 -17.49
C VAL E 294 -11.20 17.04 -17.85
N LEU E 295 -10.01 16.64 -17.41
CA LEU E 295 -9.56 15.26 -17.53
C LEU E 295 -10.18 14.41 -16.43
N VAL E 296 -10.93 13.38 -16.80
CA VAL E 296 -11.57 12.49 -15.84
C VAL E 296 -10.85 11.14 -15.91
N CYS E 297 -10.16 10.77 -14.82
CA CYS E 297 -9.33 9.57 -14.78
C CYS E 297 -10.20 8.32 -14.69
N PRO E 298 -9.64 7.14 -14.97
CA PRO E 298 -10.45 5.91 -14.86
C PRO E 298 -10.99 5.66 -13.47
N ASP E 299 -10.18 5.86 -12.43
CA ASP E 299 -10.69 5.83 -11.06
C ASP E 299 -11.40 7.15 -10.81
N GLY E 300 -12.68 7.08 -10.50
CA GLY E 300 -13.56 8.25 -10.58
C GLY E 300 -13.21 9.38 -9.64
N LYS E 301 -12.22 9.17 -8.78
CA LYS E 301 -11.83 10.18 -7.79
C LYS E 301 -10.97 11.29 -8.40
N THR E 302 -10.05 10.95 -9.30
CA THR E 302 -9.00 11.88 -9.72
C THR E 302 -9.42 12.70 -10.95
N VAL E 303 -9.13 14.00 -10.89
CA VAL E 303 -9.55 14.96 -11.92
C VAL E 303 -8.45 15.99 -12.08
N GLU E 304 -8.29 16.48 -13.32
CA GLU E 304 -7.46 17.64 -13.62
C GLU E 304 -8.25 18.53 -14.56
N ALA E 305 -8.35 19.82 -14.23
CA ALA E 305 -8.99 20.79 -15.09
C ALA E 305 -7.94 21.76 -15.65
N GLU E 306 -8.20 22.23 -16.87
CA GLU E 306 -7.27 23.07 -17.61
C GLU E 306 -8.07 23.97 -18.54
N ALA E 307 -7.43 25.01 -19.03
CA ALA E 307 -7.89 25.70 -20.22
C ALA E 307 -7.29 25.02 -21.45
N ALA E 308 -8.15 24.67 -22.42
CA ALA E 308 -7.73 23.91 -23.57
C ALA E 308 -7.08 24.76 -24.66
N HIS E 309 -7.25 26.08 -24.62
CA HIS E 309 -6.48 26.94 -25.50
C HIS E 309 -5.04 27.04 -24.99
N GLY E 310 -4.23 27.80 -25.70
CA GLY E 310 -2.82 27.91 -25.39
C GLY E 310 -2.50 29.12 -24.55
N THR E 311 -1.24 29.54 -24.63
CA THR E 311 -0.74 30.65 -23.83
C THR E 311 -1.07 32.02 -24.42
N VAL E 312 -1.73 32.08 -25.58
CA VAL E 312 -2.11 33.34 -26.24
C VAL E 312 -0.87 34.19 -26.46
N THR E 313 0.06 33.73 -27.30
CA THR E 313 1.36 34.38 -27.43
C THR E 313 1.24 35.80 -27.98
N ARG E 314 0.42 35.98 -29.02
CA ARG E 314 0.29 37.29 -29.67
C ARG E 314 -0.13 38.36 -28.67
N HIS E 315 -0.99 38.01 -27.70
CA HIS E 315 -1.40 39.01 -26.72
C HIS E 315 -0.31 39.25 -25.69
N TYR E 316 0.41 38.19 -25.29
CA TYR E 316 1.57 38.36 -24.41
C TYR E 316 2.52 39.38 -24.98
N ARG E 317 2.75 39.34 -26.31
CA ARG E 317 3.67 40.26 -26.95
C ARG E 317 3.24 41.70 -26.72
N MET E 318 1.95 41.97 -26.92
CA MET E 318 1.44 43.31 -26.67
C MET E 318 1.60 43.68 -25.19
N TYR E 319 1.22 42.77 -24.29
CA TYR E 319 1.44 43.00 -22.86
C TYR E 319 2.91 43.33 -22.55
N GLN E 320 3.86 42.71 -23.27
CA GLN E 320 5.27 43.02 -23.05
C GLN E 320 5.64 44.42 -23.49
N LYS E 321 4.83 45.07 -24.34
CA LYS E 321 5.08 46.44 -24.73
C LYS E 321 4.30 47.44 -23.90
N GLY E 322 3.57 46.98 -22.88
CA GLY E 322 2.69 47.85 -22.15
C GLY E 322 1.39 48.16 -22.85
N GLN E 323 1.20 47.68 -24.08
CA GLN E 323 -0.06 47.88 -24.77
C GLN E 323 -1.18 47.20 -24.00
N GLU E 324 -2.32 47.89 -23.92
CA GLU E 324 -3.50 47.29 -23.32
C GLU E 324 -3.86 46.01 -24.06
N THR E 325 -4.35 45.03 -23.30
CA THR E 325 -4.71 43.73 -23.85
C THR E 325 -6.11 43.36 -23.35
N SER E 326 -6.80 42.56 -24.14
CA SER E 326 -8.06 41.95 -23.73
C SER E 326 -7.96 40.47 -24.08
N THR E 327 -7.92 39.62 -23.05
CA THR E 327 -7.77 38.17 -23.23
C THR E 327 -8.83 37.50 -22.37
N ASN E 328 -9.42 36.43 -22.91
CA ASN E 328 -10.57 35.87 -22.22
C ASN E 328 -10.14 34.95 -21.07
N PRO E 329 -10.37 35.38 -19.82
CA PRO E 329 -9.96 34.55 -18.66
C PRO E 329 -10.84 33.33 -18.43
N ILE E 330 -12.03 33.27 -19.03
CA ILE E 330 -13.11 32.42 -18.54
C ILE E 330 -12.69 30.96 -18.52
N ALA E 331 -12.04 30.49 -19.58
CA ALA E 331 -11.53 29.13 -19.58
C ALA E 331 -10.59 28.90 -18.40
N SER E 332 -9.72 29.86 -18.11
CA SER E 332 -8.81 29.72 -16.98
C SER E 332 -9.57 29.70 -15.65
N ILE E 333 -10.48 30.67 -15.46
CA ILE E 333 -11.31 30.70 -14.25
C ILE E 333 -12.06 29.38 -14.10
N PHE E 334 -12.71 28.94 -15.18
CA PHE E 334 -13.52 27.72 -15.13
C PHE E 334 -12.68 26.48 -14.87
N ALA E 335 -11.38 26.54 -15.10
CA ALA E 335 -10.51 25.44 -14.68
C ALA E 335 -10.45 25.34 -13.16
N TRP E 336 -10.41 26.50 -12.48
CA TRP E 336 -10.45 26.49 -11.02
C TRP E 336 -11.81 26.02 -10.50
N THR E 337 -12.91 26.57 -11.05
CA THR E 337 -14.24 26.25 -10.53
C THR E 337 -14.59 24.78 -10.75
N ARG E 338 -14.12 24.19 -11.86
CA ARG E 338 -14.33 22.76 -12.08
C ARG E 338 -13.45 21.94 -11.15
N GLY E 339 -12.21 22.40 -10.92
CA GLY E 339 -11.34 21.68 -10.00
C GLY E 339 -11.82 21.77 -8.57
N LEU E 340 -12.20 22.98 -8.12
CA LEU E 340 -12.71 23.15 -6.77
C LEU E 340 -13.96 22.32 -6.54
N ALA E 341 -14.90 22.34 -7.50
CA ALA E 341 -16.15 21.62 -7.33
C ALA E 341 -15.91 20.13 -7.11
N HIS E 342 -14.89 19.58 -7.77
CA HIS E 342 -14.59 18.17 -7.58
C HIS E 342 -13.94 17.92 -6.23
N ARG E 343 -13.08 18.85 -5.77
CA ARG E 343 -12.56 18.75 -4.41
C ARG E 343 -13.72 18.78 -3.40
N ALA E 344 -14.64 19.73 -3.58
CA ALA E 344 -15.79 19.83 -2.70
C ALA E 344 -16.57 18.52 -2.63
N LYS E 345 -16.78 17.87 -3.77
CA LYS E 345 -17.49 16.59 -3.77
C LYS E 345 -16.69 15.50 -3.08
N LEU E 346 -15.35 15.58 -3.11
CA LEU E 346 -14.53 14.48 -2.61
C LEU E 346 -14.55 14.39 -1.09
N ASP E 347 -14.39 15.52 -0.40
CA ASP E 347 -14.38 15.55 1.06
C ASP E 347 -15.75 15.88 1.65
N ASN E 348 -16.77 16.04 0.80
CA ASN E 348 -18.11 16.48 1.19
C ASN E 348 -18.05 17.84 1.90
N ASN E 349 -17.71 18.85 1.09
CA ASN E 349 -17.66 20.25 1.52
C ASN E 349 -18.77 21.00 0.77
N LYS E 350 -19.81 21.38 1.51
CA LYS E 350 -20.92 22.13 0.92
C LYS E 350 -20.60 23.62 0.76
N GLU E 351 -19.65 24.13 1.54
CA GLU E 351 -19.31 25.56 1.51
C GLU E 351 -18.46 25.87 0.28
N LEU E 352 -17.54 24.97 -0.07
CA LEU E 352 -16.72 25.15 -1.26
C LEU E 352 -17.55 24.97 -2.54
N ALA E 353 -18.42 23.96 -2.55
CA ALA E 353 -19.29 23.74 -3.70
C ALA E 353 -20.12 24.98 -4.02
N PHE E 354 -20.60 25.68 -2.99
CA PHE E 354 -21.29 26.95 -3.24
C PHE E 354 -20.36 27.96 -3.87
N PHE E 355 -19.10 28.00 -3.42
CA PHE E 355 -18.17 29.01 -3.93
C PHE E 355 -17.91 28.81 -5.42
N ALA E 356 -17.63 27.57 -5.82
CA ALA E 356 -17.31 27.31 -7.22
C ALA E 356 -18.46 27.67 -8.15
N ASN E 357 -19.67 27.14 -7.88
CA ASN E 357 -20.81 27.43 -8.74
C ASN E 357 -21.14 28.92 -8.77
N ALA E 358 -20.95 29.60 -7.64
CA ALA E 358 -21.20 31.05 -7.60
C ALA E 358 -20.26 31.78 -8.55
N LEU E 359 -19.00 31.35 -8.63
CA LEU E 359 -18.03 32.01 -9.51
C LEU E 359 -18.39 31.82 -10.97
N GLU E 360 -18.93 30.65 -11.33
CA GLU E 360 -19.40 30.46 -12.71
C GLU E 360 -20.58 31.36 -13.04
N GLU E 361 -21.59 31.39 -12.16
CA GLU E 361 -22.73 32.28 -12.38
C GLU E 361 -22.29 33.73 -12.50
N VAL E 362 -21.37 34.16 -11.63
CA VAL E 362 -20.88 35.53 -11.67
C VAL E 362 -20.26 35.84 -13.03
N SER E 363 -19.36 34.97 -13.50
CA SER E 363 -18.67 35.24 -14.77
C SER E 363 -19.65 35.28 -15.93
N ILE E 364 -20.58 34.33 -16.01
CA ILE E 364 -21.61 34.38 -17.05
C ILE E 364 -22.44 35.65 -16.91
N GLU E 365 -23.03 35.86 -15.72
CA GLU E 365 -23.88 37.03 -15.49
C GLU E 365 -23.16 38.33 -15.82
N THR E 366 -21.83 38.38 -15.63
CA THR E 366 -21.09 39.58 -15.97
C THR E 366 -21.11 39.85 -17.47
N ILE E 367 -20.97 38.80 -18.28
CA ILE E 367 -20.97 38.96 -19.73
C ILE E 367 -22.38 39.19 -20.24
N GLU E 368 -23.34 38.38 -19.76
CA GLU E 368 -24.74 38.57 -20.12
C GLU E 368 -25.24 39.96 -19.74
N ALA E 369 -24.59 40.64 -18.80
CA ALA E 369 -24.89 42.01 -18.46
C ALA E 369 -24.16 43.01 -19.33
N GLY E 370 -23.34 42.54 -20.29
CA GLY E 370 -22.71 43.43 -21.25
C GLY E 370 -21.30 43.86 -20.93
N PHE E 371 -20.63 43.22 -19.96
CA PHE E 371 -19.23 43.52 -19.64
C PHE E 371 -18.37 42.36 -20.14
N MET E 372 -17.49 42.64 -21.12
CA MET E 372 -16.85 41.55 -21.86
C MET E 372 -15.45 41.94 -22.34
N THR E 373 -14.64 40.90 -22.60
CA THR E 373 -13.41 41.05 -23.37
C THR E 373 -13.70 41.22 -24.87
N LYS E 374 -12.67 41.70 -25.59
CA LYS E 374 -12.83 42.09 -27.00
C LYS E 374 -13.37 40.96 -27.87
N ASP E 375 -12.92 39.73 -27.64
CA ASP E 375 -13.42 38.62 -28.44
C ASP E 375 -14.93 38.52 -28.36
N LEU E 376 -15.50 38.77 -27.18
CA LEU E 376 -16.94 38.70 -27.06
C LEU E 376 -17.60 39.92 -27.69
N ALA E 377 -17.03 41.11 -27.48
CA ALA E 377 -17.48 42.28 -28.23
C ALA E 377 -17.26 42.13 -29.72
N ALA E 378 -16.37 41.20 -30.13
CA ALA E 378 -16.23 40.88 -31.54
C ALA E 378 -17.39 40.03 -32.05
N CYS E 379 -17.79 39.02 -31.26
CA CYS E 379 -18.91 38.19 -31.69
C CYS E 379 -20.16 39.02 -31.92
N ILE E 380 -20.44 39.97 -31.01
CA ILE E 380 -21.69 40.72 -31.05
C ILE E 380 -21.70 41.67 -32.25
N LYS E 381 -20.71 42.55 -32.35
CA LYS E 381 -20.72 43.61 -33.35
C LYS E 381 -19.99 43.24 -34.64
N GLY E 382 -19.27 42.13 -34.66
CA GLY E 382 -18.34 41.84 -35.74
C GLY E 382 -17.01 42.49 -35.42
N LEU E 383 -15.90 41.88 -35.83
CA LEU E 383 -14.59 42.40 -35.45
C LEU E 383 -14.29 43.78 -36.03
N PRO E 384 -14.50 44.04 -37.33
CA PRO E 384 -14.08 45.34 -37.88
C PRO E 384 -14.84 46.54 -37.31
N ASN E 385 -16.00 46.35 -36.69
CA ASN E 385 -16.76 47.46 -36.12
C ASN E 385 -16.42 47.75 -34.67
N VAL E 386 -15.57 46.95 -34.04
CA VAL E 386 -15.37 47.03 -32.60
C VAL E 386 -14.67 48.33 -32.24
N GLN E 387 -15.10 48.93 -31.12
CA GLN E 387 -14.49 50.11 -30.55
C GLN E 387 -13.94 49.75 -29.19
N ARG E 388 -12.97 50.54 -28.73
CA ARG E 388 -12.41 50.33 -27.40
C ARG E 388 -13.49 50.42 -26.32
N SER E 389 -14.44 51.37 -26.48
CA SER E 389 -15.51 51.52 -25.50
C SER E 389 -16.34 50.26 -25.32
N ASP E 390 -16.34 49.36 -26.30
CA ASP E 390 -17.22 48.20 -26.31
C ASP E 390 -16.72 47.03 -25.48
N TYR E 391 -15.54 47.13 -24.86
CA TYR E 391 -15.00 45.98 -24.13
C TYR E 391 -14.14 46.47 -22.97
N LEU E 392 -13.90 45.55 -22.02
CA LEU E 392 -12.99 45.77 -20.91
C LEU E 392 -11.65 45.09 -21.19
N ASN E 393 -10.57 45.70 -20.69
CA ASN E 393 -9.27 45.03 -20.79
C ASN E 393 -9.24 43.83 -19.84
N THR E 394 -8.09 43.14 -19.82
CA THR E 394 -7.98 41.90 -19.05
C THR E 394 -8.08 42.15 -17.54
N PHE E 395 -7.49 43.24 -17.05
CA PHE E 395 -7.66 43.57 -15.63
C PHE E 395 -9.05 44.13 -15.35
N GLU E 396 -9.48 45.12 -16.17
CA GLU E 396 -10.81 45.70 -15.99
C GLU E 396 -11.88 44.61 -15.93
N PHE E 397 -11.78 43.60 -16.80
CA PHE E 397 -12.72 42.50 -16.75
C PHE E 397 -12.55 41.70 -15.46
N MET E 398 -11.31 41.31 -15.14
CA MET E 398 -11.06 40.57 -13.91
C MET E 398 -11.53 41.36 -12.68
N ASP E 399 -11.38 42.68 -12.72
CA ASP E 399 -11.79 43.51 -11.59
C ASP E 399 -13.31 43.56 -11.45
N LYS E 400 -14.01 43.78 -12.57
CA LYS E 400 -15.46 43.77 -12.56
C LYS E 400 -16.00 42.44 -12.05
N LEU E 401 -15.35 41.32 -12.43
CA LEU E 401 -15.73 40.03 -11.86
C LEU E 401 -15.48 40.00 -10.36
N GLY E 402 -14.45 40.72 -9.89
CA GLY E 402 -14.18 40.76 -8.46
C GLY E 402 -15.30 41.42 -7.69
N GLU E 403 -15.75 42.58 -8.16
CA GLU E 403 -16.89 43.26 -7.55
C GLU E 403 -18.08 42.33 -7.45
N ASN E 404 -18.48 41.76 -8.59
CA ASN E 404 -19.67 40.91 -8.63
C ASN E 404 -19.48 39.59 -7.89
N LEU E 405 -18.22 39.18 -7.62
CA LEU E 405 -18.00 38.03 -6.75
C LEU E 405 -18.13 38.41 -5.28
N LYS E 406 -17.70 39.62 -4.92
CA LYS E 406 -17.90 40.14 -3.57
C LYS E 406 -19.39 40.34 -3.30
N ILE E 407 -20.11 40.97 -4.23
CA ILE E 407 -21.57 41.10 -4.13
C ILE E 407 -22.21 39.75 -3.83
N LYS E 408 -22.05 38.80 -4.76
CA LYS E 408 -22.77 37.54 -4.70
C LYS E 408 -22.49 36.77 -3.42
N LEU E 409 -21.23 36.74 -2.97
CA LEU E 409 -20.91 36.05 -1.72
C LEU E 409 -21.37 36.83 -0.50
N ALA E 410 -21.35 38.16 -0.57
CA ALA E 410 -21.91 38.97 0.51
C ALA E 410 -23.41 38.71 0.66
N GLN E 411 -24.13 38.75 -0.46
CA GLN E 411 -25.56 38.50 -0.43
C GLN E 411 -25.88 37.11 0.09
N ALA E 412 -25.00 36.14 -0.18
CA ALA E 412 -25.22 34.80 0.36
C ALA E 412 -24.92 34.73 1.85
N LYS E 413 -24.12 35.67 2.38
CA LYS E 413 -23.89 35.72 3.82
C LYS E 413 -25.19 36.02 4.57
N LEU E 414 -26.09 36.79 3.97
CA LEU E 414 -27.40 37.08 4.54
C LEU E 414 -28.41 36.18 3.83
N SER E 415 -28.89 35.15 4.53
CA SER E 415 -29.82 34.16 3.97
C SER E 415 -30.13 33.05 4.96
N LYS F 3 -23.25 15.21 -84.75
CA LYS F 3 -22.59 16.51 -84.72
C LYS F 3 -22.20 16.90 -83.28
N LYS F 4 -21.77 15.90 -82.51
CA LYS F 4 -21.34 16.09 -81.12
C LYS F 4 -19.88 16.55 -81.06
N ILE F 5 -19.58 17.36 -80.04
CA ILE F 5 -18.22 17.86 -79.83
C ILE F 5 -17.24 16.69 -79.64
N SER F 6 -16.00 16.90 -80.08
CA SER F 6 -14.95 15.90 -79.94
C SER F 6 -14.23 16.16 -78.61
N GLY F 7 -14.35 15.23 -77.67
CA GLY F 7 -13.68 15.37 -76.40
C GLY F 7 -12.21 15.02 -76.37
N GLY F 8 -11.86 13.89 -76.97
CA GLY F 8 -10.56 13.29 -76.76
C GLY F 8 -10.64 12.16 -75.75
N SER F 9 -9.47 11.74 -75.27
CA SER F 9 -9.36 10.58 -74.40
C SER F 9 -9.52 10.99 -72.93
N VAL F 10 -10.50 10.37 -72.26
CA VAL F 10 -10.79 10.59 -70.84
C VAL F 10 -10.91 9.22 -70.18
N VAL F 11 -10.35 9.09 -68.98
CA VAL F 11 -10.48 7.87 -68.20
C VAL F 11 -11.64 8.03 -67.23
N GLU F 12 -12.58 7.09 -67.27
CA GLU F 12 -13.78 7.11 -66.44
C GLU F 12 -13.77 5.91 -65.51
N MET F 13 -14.12 6.14 -64.23
CA MET F 13 -14.12 5.08 -63.22
C MET F 13 -15.49 5.04 -62.56
N GLN F 14 -16.15 3.87 -62.66
CA GLN F 14 -17.50 3.69 -62.14
C GLN F 14 -17.49 3.40 -60.64
N GLY F 15 -18.52 3.90 -59.96
CA GLY F 15 -18.59 3.82 -58.50
C GLY F 15 -19.58 2.79 -57.95
N ASP F 16 -20.09 3.07 -56.75
CA ASP F 16 -21.05 2.20 -56.09
C ASP F 16 -22.26 3.02 -55.62
N GLU F 17 -23.34 2.29 -55.35
CA GLU F 17 -24.52 2.83 -54.66
C GLU F 17 -25.08 4.10 -55.27
N MET F 18 -25.45 5.10 -54.45
CA MET F 18 -26.20 6.24 -54.95
C MET F 18 -25.42 7.04 -56.00
N THR F 19 -24.10 7.15 -55.82
CA THR F 19 -23.29 7.87 -56.81
C THR F 19 -23.25 7.15 -58.16
N ARG F 20 -23.34 5.80 -58.14
CA ARG F 20 -23.38 5.03 -59.38
C ARG F 20 -24.62 5.38 -60.21
N ILE F 21 -25.79 5.41 -59.55
CA ILE F 21 -27.03 5.76 -60.23
C ILE F 21 -26.93 7.16 -60.84
N ILE F 22 -26.43 8.12 -60.07
CA ILE F 22 -26.29 9.50 -60.55
C ILE F 22 -25.29 9.56 -61.71
N TRP F 23 -24.18 8.81 -61.60
CA TRP F 23 -23.14 8.81 -62.62
C TRP F 23 -23.71 8.44 -64.00
N GLU F 24 -24.61 7.47 -64.04
CA GLU F 24 -25.22 7.05 -65.30
C GLU F 24 -26.26 8.05 -65.80
N LEU F 25 -26.83 8.84 -64.89
CA LEU F 25 -27.71 9.94 -65.31
C LEU F 25 -26.92 11.11 -65.88
N ILE F 26 -25.70 11.33 -65.37
CA ILE F 26 -24.89 12.43 -65.85
C ILE F 26 -24.44 12.19 -67.29
N LYS F 27 -24.05 10.94 -67.60
CA LYS F 27 -23.57 10.65 -68.95
C LYS F 27 -24.69 10.73 -69.98
N GLU F 28 -25.86 10.17 -69.66
CA GLU F 28 -26.92 10.10 -70.66
C GLU F 28 -27.65 11.42 -70.87
N LYS F 29 -27.94 12.18 -69.80
CA LYS F 29 -28.71 13.41 -69.93
C LYS F 29 -27.86 14.66 -70.11
N LEU F 30 -26.54 14.57 -69.92
CA LEU F 30 -25.69 15.75 -69.88
C LEU F 30 -24.51 15.65 -70.84
N ILE F 31 -23.65 14.65 -70.63
CA ILE F 31 -22.41 14.53 -71.39
C ILE F 31 -22.66 13.99 -72.79
N PHE F 32 -23.15 12.76 -72.89
CA PHE F 32 -23.16 12.04 -74.16
C PHE F 32 -23.94 12.71 -75.30
N PRO F 33 -25.13 13.28 -75.10
CA PRO F 33 -25.80 13.92 -76.24
C PRO F 33 -25.00 15.04 -76.91
N TYR F 34 -24.25 15.84 -76.14
CA TYR F 34 -23.50 16.95 -76.71
C TYR F 34 -22.01 16.67 -76.94
N VAL F 35 -21.48 15.53 -76.50
CA VAL F 35 -20.05 15.28 -76.53
C VAL F 35 -19.82 13.82 -76.89
N GLU F 36 -18.87 13.57 -77.79
CA GLU F 36 -18.38 12.23 -78.04
C GLU F 36 -16.95 12.13 -77.53
N LEU F 37 -16.62 10.99 -76.92
CA LEU F 37 -15.36 10.84 -76.24
C LEU F 37 -14.70 9.52 -76.63
N ASP F 38 -13.39 9.50 -76.53
CA ASP F 38 -12.64 8.25 -76.51
C ASP F 38 -12.53 7.91 -75.02
N LEU F 39 -13.26 6.89 -74.60
CA LEU F 39 -13.60 6.72 -73.20
C LEU F 39 -13.12 5.34 -72.76
N HIS F 40 -12.15 5.31 -71.87
CA HIS F 40 -11.59 4.06 -71.36
C HIS F 40 -12.23 3.83 -69.99
N SER F 41 -13.14 2.87 -69.93
CA SER F 41 -13.95 2.65 -68.75
C SER F 41 -13.32 1.58 -67.88
N TYR F 42 -13.27 1.83 -66.58
CA TYR F 42 -12.85 0.87 -65.58
C TYR F 42 -13.94 0.85 -64.53
N ASP F 43 -14.44 -0.34 -64.20
CA ASP F 43 -15.51 -0.45 -63.23
C ASP F 43 -14.87 -0.64 -61.88
N LEU F 44 -14.92 0.40 -61.05
CA LEU F 44 -14.39 0.37 -59.69
C LEU F 44 -15.46 0.07 -58.65
N GLY F 45 -16.69 -0.22 -59.08
CA GLY F 45 -17.68 -0.72 -58.14
C GLY F 45 -17.17 -1.95 -57.41
N ILE F 46 -17.69 -2.17 -56.20
CA ILE F 46 -17.08 -3.13 -55.28
C ILE F 46 -17.08 -4.54 -55.85
N GLU F 47 -18.04 -4.88 -56.71
CA GLU F 47 -18.13 -6.25 -57.21
C GLU F 47 -17.03 -6.54 -58.23
N ASN F 48 -16.72 -5.58 -59.11
CA ASN F 48 -15.62 -5.79 -60.04
C ASN F 48 -14.27 -5.80 -59.32
N ARG F 49 -14.14 -5.02 -58.24
CA ARG F 49 -12.88 -5.00 -57.50
C ARG F 49 -12.62 -6.31 -56.79
N ASP F 50 -13.67 -6.98 -56.28
CA ASP F 50 -13.48 -8.31 -55.73
C ASP F 50 -13.15 -9.30 -56.82
N ALA F 51 -13.78 -9.16 -57.99
CA ALA F 51 -13.55 -10.09 -59.08
C ALA F 51 -12.12 -9.98 -59.62
N THR F 52 -11.64 -8.74 -59.80
CA THR F 52 -10.29 -8.53 -60.31
C THR F 52 -9.24 -8.58 -59.21
N ASN F 53 -9.64 -8.83 -57.96
CA ASN F 53 -8.73 -8.75 -56.81
C ASN F 53 -8.08 -7.37 -56.72
N ASP F 54 -8.88 -6.33 -56.94
CA ASP F 54 -8.49 -4.92 -56.93
C ASP F 54 -7.57 -4.52 -58.07
N GLN F 55 -7.17 -5.46 -58.94
CA GLN F 55 -6.29 -5.13 -60.07
C GLN F 55 -6.88 -4.00 -60.93
N VAL F 56 -8.21 -3.98 -61.09
CA VAL F 56 -8.85 -2.98 -61.95
C VAL F 56 -8.52 -1.56 -61.50
N THR F 57 -8.32 -1.35 -60.20
CA THR F 57 -8.04 0.00 -59.69
C THR F 57 -6.66 0.46 -60.11
N LYS F 58 -5.66 -0.42 -60.01
CA LYS F 58 -4.32 -0.09 -60.48
C LYS F 58 -4.31 0.16 -61.99
N ASP F 59 -5.02 -0.66 -62.77
CA ASP F 59 -5.09 -0.45 -64.21
C ASP F 59 -5.67 0.93 -64.53
N ALA F 60 -6.69 1.35 -63.79
CA ALA F 60 -7.27 2.66 -64.02
C ALA F 60 -6.28 3.78 -63.70
N ALA F 61 -5.46 3.58 -62.67
CA ALA F 61 -4.43 4.56 -62.33
C ALA F 61 -3.39 4.69 -63.43
N GLU F 62 -2.86 3.55 -63.91
CA GLU F 62 -1.87 3.60 -64.99
C GLU F 62 -2.45 4.25 -66.24
N ALA F 63 -3.73 4.03 -66.49
CA ALA F 63 -4.40 4.69 -67.62
C ALA F 63 -4.42 6.20 -67.46
N ILE F 64 -4.52 6.70 -66.22
CA ILE F 64 -4.58 8.15 -66.00
C ILE F 64 -3.23 8.80 -66.30
N LYS F 65 -2.13 8.18 -65.84
CA LYS F 65 -0.79 8.62 -66.25
C LYS F 65 -0.69 8.74 -67.77
N LYS F 66 -1.23 7.74 -68.49
CA LYS F 66 -1.12 7.72 -69.93
C LYS F 66 -1.94 8.83 -70.58
N HIS F 67 -3.23 8.93 -70.23
CA HIS F 67 -4.15 9.84 -70.90
C HIS F 67 -4.30 11.20 -70.19
N ASN F 68 -3.65 11.39 -69.04
CA ASN F 68 -3.54 12.69 -68.39
C ASN F 68 -4.84 13.21 -67.75
N VAL F 69 -5.96 12.54 -67.99
CA VAL F 69 -7.27 13.00 -67.54
C VAL F 69 -8.06 11.81 -67.01
N GLY F 70 -8.68 11.98 -65.85
CA GLY F 70 -9.58 10.97 -65.34
C GLY F 70 -10.65 11.59 -64.46
N VAL F 71 -11.78 10.89 -64.39
CA VAL F 71 -12.95 11.33 -63.62
C VAL F 71 -13.48 10.10 -62.90
N LYS F 72 -13.70 10.21 -61.59
CA LYS F 72 -14.01 9.05 -60.76
C LYS F 72 -15.29 9.26 -59.98
N CYS F 73 -16.04 8.17 -59.81
CA CYS F 73 -17.28 8.15 -59.06
C CYS F 73 -17.02 7.54 -57.68
N ALA F 74 -17.75 8.04 -56.67
CA ALA F 74 -17.49 7.60 -55.30
C ALA F 74 -17.59 6.08 -55.19
N THR F 75 -16.68 5.50 -54.40
CA THR F 75 -16.55 4.06 -54.26
C THR F 75 -16.72 3.65 -52.80
N ILE F 76 -16.98 2.37 -52.58
CA ILE F 76 -17.09 1.80 -51.23
C ILE F 76 -15.69 1.34 -50.80
N THR F 77 -15.22 1.87 -49.67
CA THR F 77 -14.03 1.31 -49.03
C THR F 77 -14.52 0.35 -47.97
N PRO F 78 -14.35 -0.96 -48.14
CA PRO F 78 -15.02 -1.92 -47.26
C PRO F 78 -14.40 -2.02 -45.88
N ASP F 79 -15.20 -2.57 -44.95
CA ASP F 79 -14.80 -2.97 -43.60
C ASP F 79 -15.46 -4.32 -43.33
N GLU F 80 -15.35 -4.82 -42.09
CA GLU F 80 -15.90 -6.15 -41.76
C GLU F 80 -17.36 -6.28 -42.16
N LYS F 81 -18.15 -5.22 -41.98
CA LYS F 81 -19.56 -5.27 -42.36
C LYS F 81 -19.70 -5.42 -43.87
N ARG F 82 -19.00 -4.57 -44.64
CA ARG F 82 -19.09 -4.62 -46.09
C ARG F 82 -18.62 -5.96 -46.65
N VAL F 83 -17.65 -6.60 -46.00
CA VAL F 83 -17.20 -7.92 -46.45
C VAL F 83 -18.32 -8.94 -46.32
N GLU F 84 -19.22 -8.75 -45.35
CA GLU F 84 -20.39 -9.61 -45.23
C GLU F 84 -21.46 -9.25 -46.25
N GLU F 85 -21.65 -7.95 -46.50
CA GLU F 85 -22.67 -7.50 -47.45
C GLU F 85 -22.46 -8.12 -48.83
N PHE F 86 -21.25 -7.98 -49.39
CA PHE F 86 -20.93 -8.44 -50.74
C PHE F 86 -20.21 -9.79 -50.80
N LYS F 87 -19.89 -10.42 -49.65
CA LYS F 87 -19.12 -11.66 -49.62
C LYS F 87 -17.75 -11.52 -50.30
N LEU F 88 -16.98 -10.52 -49.86
CA LEU F 88 -15.70 -10.20 -50.47
C LEU F 88 -14.61 -11.18 -50.04
N LYS F 89 -13.60 -11.34 -50.93
CA LYS F 89 -12.46 -12.20 -50.62
C LYS F 89 -11.61 -11.60 -49.51
N GLN F 90 -11.20 -10.34 -49.69
CA GLN F 90 -10.40 -9.60 -48.73
C GLN F 90 -11.05 -8.24 -48.52
N MET F 91 -10.72 -7.60 -47.41
CA MET F 91 -11.14 -6.21 -47.20
C MET F 91 -10.21 -5.35 -48.04
N TRP F 92 -10.76 -4.66 -49.02
CA TRP F 92 -9.94 -3.97 -50.01
C TRP F 92 -9.60 -2.56 -49.54
N LYS F 93 -8.39 -2.12 -49.89
CA LYS F 93 -7.99 -0.76 -49.60
C LYS F 93 -8.83 0.21 -50.42
N SER F 94 -8.88 1.45 -49.94
CA SER F 94 -9.61 2.47 -50.65
C SER F 94 -9.05 2.62 -52.06
N PRO F 95 -9.91 2.70 -53.08
CA PRO F 95 -9.39 3.01 -54.42
C PRO F 95 -8.81 4.40 -54.54
N ASN F 96 -9.37 5.37 -53.80
CA ASN F 96 -8.82 6.72 -53.83
C ASN F 96 -7.42 6.74 -53.24
N GLY F 97 -7.18 5.95 -52.19
CA GLY F 97 -5.84 5.84 -51.65
C GLY F 97 -4.90 5.15 -52.63
N THR F 98 -5.34 4.05 -53.23
CA THR F 98 -4.50 3.35 -54.20
C THR F 98 -4.16 4.25 -55.39
N ILE F 99 -5.14 4.99 -55.91
CA ILE F 99 -4.89 5.83 -57.09
C ILE F 99 -4.02 7.02 -56.72
N ARG F 100 -4.37 7.72 -55.63
CA ARG F 100 -3.58 8.87 -55.18
C ARG F 100 -2.12 8.50 -54.99
N ASN F 101 -1.85 7.40 -54.29
CA ASN F 101 -0.47 7.04 -53.96
C ASN F 101 0.35 6.64 -55.19
N ILE F 102 -0.30 6.25 -56.29
CA ILE F 102 0.41 6.00 -57.55
C ILE F 102 0.74 7.31 -58.26
N LEU F 103 -0.25 8.20 -58.41
CA LEU F 103 -0.08 9.42 -59.20
C LEU F 103 0.69 10.51 -58.43
N GLY F 104 0.41 10.65 -57.13
CA GLY F 104 0.98 11.73 -56.34
C GLY F 104 0.23 13.05 -56.54
N GLY F 105 0.82 14.11 -56.02
CA GLY F 105 0.28 15.45 -56.19
C GLY F 105 -0.52 15.94 -54.99
N THR F 106 -1.37 16.94 -55.26
CA THR F 106 -2.15 17.60 -54.21
C THR F 106 -3.61 17.66 -54.63
N VAL F 107 -4.49 17.16 -53.77
CA VAL F 107 -5.94 17.22 -53.98
C VAL F 107 -6.39 18.62 -53.56
N PHE F 108 -7.04 19.33 -54.49
CA PHE F 108 -7.54 20.68 -54.22
C PHE F 108 -9.07 20.63 -54.09
N ARG F 109 -9.57 21.27 -53.04
CA ARG F 109 -10.99 21.23 -52.71
C ARG F 109 -11.52 22.62 -52.44
N GLU F 110 -12.69 22.91 -53.00
CA GLU F 110 -13.28 24.24 -52.91
C GLU F 110 -14.79 24.10 -53.00
N ALA F 111 -15.50 25.01 -52.33
CA ALA F 111 -16.95 24.98 -52.35
C ALA F 111 -17.50 25.52 -53.67
N ILE F 112 -18.66 25.00 -54.07
CA ILE F 112 -19.41 25.51 -55.22
C ILE F 112 -20.46 26.47 -54.67
N ILE F 113 -20.35 27.75 -55.02
CA ILE F 113 -21.09 28.82 -54.37
C ILE F 113 -22.29 29.21 -55.23
N CYS F 114 -23.49 28.98 -54.70
CA CYS F 114 -24.73 29.51 -55.25
C CYS F 114 -25.20 30.65 -54.37
N LYS F 115 -25.37 31.83 -54.96
CA LYS F 115 -25.65 33.06 -54.21
C LYS F 115 -26.89 32.98 -53.34
N ASN F 116 -27.83 32.09 -53.65
CA ASN F 116 -29.09 32.00 -52.94
C ASN F 116 -29.05 31.07 -51.73
N ILE F 117 -27.90 30.52 -51.39
CA ILE F 117 -27.78 29.48 -50.36
C ILE F 117 -27.04 30.08 -49.17
N PRO F 118 -27.65 30.11 -47.97
CA PRO F 118 -26.91 30.53 -46.78
C PRO F 118 -25.97 29.44 -46.26
N ARG F 119 -24.82 29.89 -45.75
CA ARG F 119 -23.86 29.02 -45.06
C ARG F 119 -24.26 28.80 -43.61
N LEU F 120 -23.79 27.69 -43.04
CA LEU F 120 -23.84 27.52 -41.59
C LEU F 120 -22.85 28.43 -40.87
N VAL F 121 -21.75 28.80 -41.52
CA VAL F 121 -20.70 29.60 -40.90
C VAL F 121 -20.87 31.04 -41.37
N SER F 122 -21.14 31.93 -40.41
CA SER F 122 -21.63 33.28 -40.74
C SER F 122 -20.64 34.04 -41.61
N GLY F 123 -19.34 33.86 -41.37
CA GLY F 123 -18.38 34.81 -41.86
C GLY F 123 -17.74 34.57 -43.21
N TRP F 124 -17.92 33.41 -43.86
CA TRP F 124 -17.05 33.12 -45.00
C TRP F 124 -17.74 33.68 -46.23
N VAL F 125 -17.26 34.84 -46.67
CA VAL F 125 -17.75 35.48 -47.88
C VAL F 125 -16.82 35.25 -49.07
N LYS F 126 -15.70 34.57 -48.85
CA LYS F 126 -14.68 34.32 -49.86
C LYS F 126 -14.31 32.85 -49.80
N PRO F 127 -13.81 32.30 -50.91
CA PRO F 127 -13.56 30.86 -50.94
C PRO F 127 -12.40 30.47 -50.03
N ILE F 128 -12.46 29.22 -49.55
CA ILE F 128 -11.35 28.59 -48.86
C ILE F 128 -10.97 27.37 -49.68
N ILE F 129 -9.77 27.40 -50.27
CA ILE F 129 -9.25 26.31 -51.08
C ILE F 129 -8.30 25.49 -50.21
N ILE F 130 -8.66 24.23 -49.96
CA ILE F 130 -7.78 23.31 -49.24
C ILE F 130 -6.96 22.55 -50.28
N GLY F 131 -5.65 22.84 -50.37
CA GLY F 131 -4.72 21.89 -50.95
C GLY F 131 -4.43 20.76 -49.98
N ARG F 132 -4.68 19.52 -50.35
CA ARG F 132 -4.51 18.41 -49.42
C ARG F 132 -3.52 17.41 -50.02
N HIS F 133 -2.51 17.08 -49.22
CA HIS F 133 -1.40 16.28 -49.71
C HIS F 133 -1.87 14.85 -49.94
N ALA F 134 -1.72 14.36 -51.17
CA ALA F 134 -2.34 13.10 -51.56
C ALA F 134 -1.55 11.88 -51.15
N TYR F 135 -0.31 12.03 -50.67
CA TYR F 135 0.62 10.92 -50.57
C TYR F 135 0.93 10.56 -49.12
N GLY F 136 1.05 9.25 -48.85
CA GLY F 136 1.63 8.78 -47.61
C GLY F 136 0.75 9.02 -46.39
N ASP F 137 1.39 9.03 -45.23
CA ASP F 137 0.68 9.15 -43.94
C ASP F 137 -0.32 8.00 -43.84
N GLN F 138 -1.55 8.28 -43.41
CA GLN F 138 -2.50 7.22 -43.04
C GLN F 138 -2.87 6.32 -44.22
N ASP F 139 -2.87 6.83 -45.45
CA ASP F 139 -3.21 5.98 -46.60
C ASP F 139 -2.24 4.81 -46.73
N ARG F 140 -0.95 5.05 -46.48
CA ARG F 140 0.09 4.04 -46.63
C ARG F 140 0.46 3.36 -45.32
N ALA F 141 -0.25 3.65 -44.22
CA ALA F 141 0.19 3.20 -42.92
C ALA F 141 0.12 1.69 -42.78
N THR F 142 0.92 1.15 -41.88
CA THR F 142 0.88 -0.26 -41.52
C THR F 142 0.40 -0.31 -40.07
N ASP F 143 -0.84 -0.75 -39.86
CA ASP F 143 -1.45 -0.83 -38.55
C ASP F 143 -1.76 -2.28 -38.23
N PHE F 144 -1.70 -2.63 -36.94
CA PHE F 144 -1.87 -4.01 -36.53
C PHE F 144 -2.31 -4.08 -35.08
N VAL F 145 -2.88 -5.24 -34.71
CA VAL F 145 -3.33 -5.49 -33.35
C VAL F 145 -2.17 -6.04 -32.54
N VAL F 146 -2.00 -5.54 -31.32
CA VAL F 146 -1.04 -6.09 -30.37
C VAL F 146 -1.79 -7.11 -29.50
N PRO F 147 -1.53 -8.40 -29.66
CA PRO F 147 -2.31 -9.40 -28.89
C PRO F 147 -2.03 -9.39 -27.41
N GLY F 148 -0.78 -9.16 -26.99
CA GLY F 148 -0.43 -9.24 -25.59
C GLY F 148 0.85 -8.50 -25.24
N PRO F 149 1.27 -8.60 -23.98
CA PRO F 149 2.45 -7.86 -23.52
C PRO F 149 3.67 -8.12 -24.39
N GLY F 150 4.45 -7.08 -24.61
CA GLY F 150 5.65 -7.18 -25.42
C GLY F 150 6.05 -5.82 -25.98
N LYS F 151 7.14 -5.85 -26.75
CA LYS F 151 7.77 -4.64 -27.26
C LYS F 151 7.37 -4.40 -28.71
N VAL F 152 6.90 -3.18 -28.98
CA VAL F 152 6.80 -2.67 -30.34
C VAL F 152 8.00 -1.77 -30.56
N GLU F 153 8.75 -2.01 -31.63
CA GLU F 153 9.90 -1.19 -31.98
C GLU F 153 9.79 -0.78 -33.43
N ILE F 154 10.37 0.38 -33.76
CA ILE F 154 10.52 0.84 -35.13
C ILE F 154 12.00 0.93 -35.45
N THR F 155 12.38 0.44 -36.63
CA THR F 155 13.77 0.31 -37.02
CA THR F 155 13.78 0.35 -37.00
C THR F 155 13.99 0.99 -38.38
N TYR F 156 15.21 1.47 -38.60
CA TYR F 156 15.66 2.01 -39.87
C TYR F 156 16.98 1.35 -40.24
N THR F 157 17.02 0.66 -41.38
CA THR F 157 18.23 0.01 -41.85
C THR F 157 18.69 0.71 -43.12
N PRO F 158 19.76 1.49 -43.08
CA PRO F 158 20.13 2.31 -44.26
C PRO F 158 20.75 1.49 -45.38
N SER F 159 20.54 1.96 -46.62
CA SER F 159 21.01 1.24 -47.80
C SER F 159 22.54 1.14 -47.87
N ASP F 160 23.27 2.03 -47.18
CA ASP F 160 24.72 2.07 -47.24
C ASP F 160 25.38 1.14 -46.22
N GLY F 161 24.59 0.36 -45.49
CA GLY F 161 25.12 -0.60 -44.54
C GLY F 161 25.78 -0.02 -43.31
N THR F 162 25.57 1.28 -43.01
CA THR F 162 26.28 1.89 -41.88
C THR F 162 25.92 1.22 -40.56
N GLN F 163 24.64 1.26 -40.18
CA GLN F 163 24.18 0.62 -38.94
C GLN F 163 22.69 0.84 -38.79
N LYS F 164 22.07 -0.04 -38.00
CA LYS F 164 20.64 -0.05 -37.77
C LYS F 164 20.34 0.89 -36.60
N VAL F 165 19.32 1.73 -36.76
CA VAL F 165 18.77 2.51 -35.66
C VAL F 165 17.45 1.86 -35.26
N THR F 166 17.28 1.61 -33.96
CA THR F 166 16.07 0.99 -33.40
C THR F 166 15.53 1.90 -32.31
N TYR F 167 14.22 2.14 -32.33
CA TYR F 167 13.53 2.94 -31.31
C TYR F 167 12.42 2.13 -30.66
N LEU F 168 12.26 2.28 -29.35
CA LEU F 168 11.13 1.68 -28.67
C LEU F 168 9.88 2.52 -28.93
N VAL F 169 8.86 1.91 -29.53
CA VAL F 169 7.55 2.55 -29.66
C VAL F 169 6.81 2.50 -28.33
N HIS F 170 6.51 1.29 -27.87
CA HIS F 170 5.92 1.12 -26.56
C HIS F 170 6.29 -0.26 -26.01
N ASN F 171 6.43 -0.33 -24.70
CA ASN F 171 6.52 -1.58 -23.98
C ASN F 171 5.17 -1.86 -23.35
N PHE F 172 4.53 -2.96 -23.74
CA PHE F 172 3.22 -3.29 -23.21
C PHE F 172 3.45 -4.14 -21.96
N GLU F 173 3.19 -3.57 -20.79
CA GLU F 173 3.43 -4.27 -19.54
C GLU F 173 2.28 -5.22 -19.19
N GLU F 174 1.05 -4.74 -19.34
CA GLU F 174 -0.14 -5.54 -19.08
C GLU F 174 -1.18 -5.24 -20.12
N GLY F 175 -1.70 -6.29 -20.75
CA GLY F 175 -2.73 -6.13 -21.76
C GLY F 175 -2.17 -6.03 -23.16
N GLY F 176 -2.93 -5.38 -24.04
CA GLY F 176 -2.65 -5.35 -25.45
C GLY F 176 -3.26 -4.11 -26.04
N GLY F 177 -3.25 -4.03 -27.36
CA GLY F 177 -3.62 -2.79 -28.00
C GLY F 177 -3.33 -2.79 -29.49
N VAL F 178 -3.12 -1.60 -30.02
CA VAL F 178 -2.82 -1.41 -31.43
C VAL F 178 -1.51 -0.65 -31.56
N ALA F 179 -0.88 -0.79 -32.73
CA ALA F 179 0.32 -0.05 -33.07
C ALA F 179 0.35 0.14 -34.59
N MET F 180 0.97 1.24 -35.03
CA MET F 180 1.07 1.50 -36.45
C MET F 180 2.36 2.24 -36.78
N GLY F 181 3.00 1.84 -37.89
CA GLY F 181 4.01 2.66 -38.53
C GLY F 181 3.43 3.45 -39.67
N MET F 182 4.04 4.60 -39.96
CA MET F 182 3.70 5.38 -41.15
C MET F 182 4.89 6.24 -41.54
N TYR F 183 4.86 6.75 -42.76
CA TYR F 183 6.01 7.44 -43.32
C TYR F 183 5.52 8.47 -44.34
N ASN F 184 6.40 9.41 -44.68
CA ASN F 184 6.22 10.23 -45.86
C ASN F 184 7.58 10.40 -46.54
N GLN F 185 7.57 10.94 -47.77
CA GLN F 185 8.78 11.09 -48.56
C GLN F 185 9.12 12.56 -48.78
N ASP F 186 10.42 12.87 -48.68
CA ASP F 186 10.90 14.24 -48.85
C ASP F 186 10.44 14.83 -50.18
N LYS F 187 10.57 14.07 -51.26
CA LYS F 187 10.25 14.59 -52.57
C LYS F 187 8.76 14.90 -52.70
N SER F 188 7.91 14.01 -52.21
CA SER F 188 6.46 14.27 -52.24
C SER F 188 6.12 15.52 -51.44
N ILE F 189 6.73 15.69 -50.26
CA ILE F 189 6.48 16.90 -49.46
C ILE F 189 6.86 18.16 -50.26
N GLU F 190 7.95 18.09 -51.04
CA GLU F 190 8.40 19.24 -51.80
C GLU F 190 7.41 19.62 -52.90
N ASP F 191 6.89 18.62 -53.62
CA ASP F 191 5.88 18.90 -54.64
C ASP F 191 4.58 19.40 -54.02
N PHE F 192 4.26 18.92 -52.81
CA PHE F 192 3.11 19.45 -52.06
C PHE F 192 3.32 20.92 -51.76
N ALA F 193 4.54 21.30 -51.40
CA ALA F 193 4.86 22.70 -51.12
C ALA F 193 4.74 23.55 -52.38
N HIS F 194 5.38 23.12 -53.47
CA HIS F 194 5.36 23.89 -54.71
C HIS F 194 3.93 24.15 -55.19
N SER F 195 3.12 23.09 -55.26
CA SER F 195 1.77 23.26 -55.80
C SER F 195 0.87 24.09 -54.88
N SER F 196 1.21 24.15 -53.58
CA SER F 196 0.49 25.05 -52.67
C SER F 196 0.93 26.50 -52.86
N PHE F 197 2.24 26.73 -53.00
CA PHE F 197 2.71 28.09 -53.27
C PHE F 197 2.23 28.61 -54.62
N GLN F 198 2.13 27.72 -55.62
CA GLN F 198 1.72 28.15 -56.95
C GLN F 198 0.23 28.50 -57.00
N MET F 199 -0.59 27.72 -56.30
CA MET F 199 -2.02 27.99 -56.29
C MET F 199 -2.33 29.33 -55.63
N ALA F 200 -1.64 29.63 -54.52
CA ALA F 200 -1.81 30.92 -53.87
C ALA F 200 -1.43 32.08 -54.77
N LEU F 201 -0.47 31.86 -55.69
CA LEU F 201 -0.06 32.91 -56.60
C LEU F 201 -1.05 33.12 -57.73
N SER F 202 -1.73 32.05 -58.20
CA SER F 202 -2.70 32.20 -59.26
C SER F 202 -4.04 32.78 -58.77
N LYS F 203 -4.44 32.47 -57.54
CA LYS F 203 -5.62 33.08 -56.95
C LYS F 203 -5.32 34.40 -56.26
N GLY F 204 -4.04 34.70 -56.00
CA GLY F 204 -3.69 35.88 -55.24
C GLY F 204 -4.22 35.88 -53.82
N TRP F 205 -4.11 34.76 -53.11
CA TRP F 205 -4.55 34.66 -51.73
C TRP F 205 -3.41 34.13 -50.86
N PRO F 206 -3.31 34.61 -49.62
CA PRO F 206 -2.25 34.12 -48.73
C PRO F 206 -2.41 32.63 -48.46
N LEU F 207 -1.28 32.00 -48.11
CA LEU F 207 -1.19 30.56 -47.91
C LEU F 207 -0.92 30.25 -46.45
N TYR F 208 -1.69 29.31 -45.89
CA TYR F 208 -1.44 28.79 -44.55
C TYR F 208 -1.13 27.30 -44.62
N LEU F 209 -0.16 26.86 -43.84
CA LEU F 209 0.11 25.45 -43.63
C LEU F 209 -0.19 25.10 -42.18
N SER F 210 -0.82 23.95 -41.95
CA SER F 210 -1.09 23.51 -40.58
C SER F 210 -0.35 22.21 -40.31
N THR F 211 0.34 22.14 -39.17
CA THR F 211 0.91 20.90 -38.69
C THR F 211 0.78 20.83 -37.17
N LYS F 212 1.29 19.74 -36.62
CA LYS F 212 1.42 19.51 -35.19
C LYS F 212 2.81 19.80 -34.61
N ASN F 213 3.70 20.46 -35.35
CA ASN F 213 5.15 20.30 -35.19
C ASN F 213 5.64 20.41 -33.74
N THR F 214 4.91 21.12 -32.86
CA THR F 214 5.25 21.10 -31.44
C THR F 214 5.13 19.71 -30.84
N ILE F 215 4.33 18.83 -31.43
CA ILE F 215 4.11 17.47 -30.94
C ILE F 215 4.91 16.47 -31.76
N LEU F 216 4.66 16.40 -33.07
CA LEU F 216 5.56 15.58 -33.90
C LEU F 216 6.65 16.55 -34.34
N LYS F 217 7.80 16.44 -33.68
CA LYS F 217 8.85 17.42 -33.89
C LYS F 217 9.64 17.10 -35.14
N LYS F 218 9.94 15.81 -35.35
CA LYS F 218 10.63 15.39 -36.57
C LYS F 218 9.67 15.28 -37.75
N TYR F 219 8.53 14.62 -37.56
CA TYR F 219 7.64 14.33 -38.68
C TYR F 219 7.03 15.62 -39.23
N ASP F 220 6.34 16.38 -38.37
CA ASP F 220 5.73 17.62 -38.84
C ASP F 220 6.76 18.74 -38.99
N GLY F 221 7.83 18.73 -38.19
CA GLY F 221 8.92 19.67 -38.41
C GLY F 221 9.51 19.56 -39.80
N ARG F 222 9.52 18.36 -40.38
CA ARG F 222 10.00 18.22 -41.75
C ARG F 222 9.11 18.99 -42.72
N PHE F 223 7.79 18.84 -42.60
CA PHE F 223 6.87 19.57 -43.48
C PHE F 223 7.10 21.06 -43.37
N LYS F 224 7.19 21.56 -42.14
CA LYS F 224 7.32 22.98 -41.90
C LYS F 224 8.67 23.52 -42.40
N ASP F 225 9.75 22.76 -42.19
CA ASP F 225 11.05 23.21 -42.66
C ASP F 225 11.12 23.25 -44.19
N ILE F 226 10.53 22.27 -44.86
CA ILE F 226 10.57 22.24 -46.33
C ILE F 226 9.79 23.40 -46.92
N PHE F 227 8.54 23.59 -46.46
CA PHE F 227 7.76 24.76 -46.88
C PHE F 227 8.55 26.04 -46.69
N GLN F 228 9.11 26.26 -45.49
CA GLN F 228 9.82 27.51 -45.22
C GLN F 228 11.04 27.70 -46.12
N GLU F 229 11.81 26.62 -46.37
CA GLU F 229 12.96 26.77 -47.25
C GLU F 229 12.55 27.10 -48.67
N ILE F 230 11.50 26.45 -49.19
CA ILE F 230 11.06 26.71 -50.55
C ILE F 230 10.45 28.11 -50.67
N TYR F 231 9.67 28.54 -49.68
CA TYR F 231 9.10 29.90 -49.68
C TYR F 231 10.22 30.95 -49.76
N ASP F 232 11.16 30.89 -48.81
CA ASP F 232 12.19 31.92 -48.72
C ASP F 232 13.02 32.00 -49.99
N LYS F 233 13.49 30.86 -50.50
CA LYS F 233 14.41 30.86 -51.63
C LYS F 233 13.74 30.98 -52.99
N GLN F 234 12.41 30.87 -53.06
CA GLN F 234 11.75 30.84 -54.37
C GLN F 234 10.59 31.84 -54.52
N TYR F 235 9.53 31.69 -53.71
CA TYR F 235 8.30 32.43 -53.94
C TYR F 235 8.15 33.70 -53.12
N LYS F 236 9.11 34.02 -52.23
CA LYS F 236 8.86 35.07 -51.25
C LYS F 236 8.71 36.45 -51.90
N SER F 237 9.51 36.75 -52.92
CA SER F 237 9.42 38.04 -53.58
C SER F 237 8.18 38.16 -54.45
N GLN F 238 7.73 37.05 -55.03
CA GLN F 238 6.48 37.06 -55.80
C GLN F 238 5.27 37.24 -54.88
N PHE F 239 5.31 36.63 -53.70
CA PHE F 239 4.25 36.82 -52.71
C PHE F 239 4.16 38.29 -52.29
N GLU F 240 5.29 38.86 -51.87
CA GLU F 240 5.31 40.27 -51.44
C GLU F 240 4.92 41.22 -52.56
N ALA F 241 5.22 40.87 -53.82
CA ALA F 241 4.84 41.73 -54.93
C ALA F 241 3.32 41.83 -55.06
N GLN F 242 2.61 40.73 -54.81
CA GLN F 242 1.15 40.70 -54.83
C GLN F 242 0.54 40.98 -53.46
N LYS F 243 1.36 41.32 -52.46
CA LYS F 243 0.88 41.71 -51.13
C LYS F 243 0.17 40.57 -50.41
N ILE F 244 0.67 39.35 -50.59
CA ILE F 244 0.17 38.21 -49.84
C ILE F 244 1.30 37.65 -49.00
N TRP F 245 1.01 36.62 -48.20
CA TRP F 245 1.99 36.08 -47.26
C TRP F 245 1.83 34.57 -47.16
N TYR F 246 2.83 33.93 -46.54
CA TYR F 246 2.76 32.52 -46.16
C TYR F 246 3.06 32.40 -44.68
N GLU F 247 2.28 31.60 -43.97
CA GLU F 247 2.46 31.42 -42.55
C GLU F 247 2.17 29.98 -42.16
N HIS F 248 2.98 29.45 -41.24
CA HIS F 248 2.70 28.16 -40.63
C HIS F 248 1.92 28.38 -39.34
N ARG F 249 0.98 27.48 -39.07
CA ARG F 249 0.22 27.56 -37.82
C ARG F 249 -0.05 26.16 -37.31
N LEU F 250 -0.02 26.01 -35.98
CA LEU F 250 -0.48 24.77 -35.39
C LEU F 250 -1.93 24.52 -35.81
N ILE F 251 -2.25 23.25 -36.05
CA ILE F 251 -3.59 22.91 -36.54
C ILE F 251 -4.66 23.36 -35.54
N ASP F 252 -4.35 23.31 -34.24
CA ASP F 252 -5.24 23.82 -33.20
C ASP F 252 -5.67 25.25 -33.52
N ASP F 253 -4.69 26.13 -33.69
CA ASP F 253 -4.95 27.53 -33.94
C ASP F 253 -5.56 27.75 -35.33
N MET F 254 -5.19 26.91 -36.31
CA MET F 254 -5.64 27.13 -37.69
C MET F 254 -7.14 26.94 -37.84
N VAL F 255 -7.68 25.86 -37.26
CA VAL F 255 -9.10 25.57 -37.46
C VAL F 255 -9.95 26.62 -36.77
N ALA F 256 -9.43 27.20 -35.68
CA ALA F 256 -10.14 28.29 -35.02
C ALA F 256 -10.10 29.56 -35.85
N GLN F 257 -8.92 29.90 -36.38
CA GLN F 257 -8.79 31.08 -37.23
C GLN F 257 -9.65 30.95 -38.47
N ALA F 258 -9.72 29.74 -39.04
CA ALA F 258 -10.54 29.52 -40.22
C ALA F 258 -12.02 29.77 -39.92
N MET F 259 -12.51 29.19 -38.82
CA MET F 259 -13.93 29.30 -38.48
C MET F 259 -14.38 30.75 -38.32
N LYS F 260 -13.51 31.61 -37.80
CA LYS F 260 -13.81 33.01 -37.58
C LYS F 260 -13.36 33.92 -38.70
N SER F 261 -12.81 33.38 -39.79
CA SER F 261 -12.28 34.24 -40.84
C SER F 261 -13.39 34.65 -41.80
N GLU F 262 -13.05 35.51 -42.76
CA GLU F 262 -13.92 35.87 -43.87
C GLU F 262 -13.65 35.06 -45.12
N GLY F 263 -12.74 34.09 -45.04
CA GLY F 263 -12.35 33.31 -46.18
C GLY F 263 -11.22 33.97 -46.93
N GLY F 264 -11.04 33.52 -48.18
CA GLY F 264 -9.97 34.05 -49.02
C GLY F 264 -8.57 33.67 -48.61
N PHE F 265 -8.30 32.37 -48.48
CA PHE F 265 -6.94 31.88 -48.30
C PHE F 265 -6.83 30.46 -48.84
N ILE F 266 -5.62 30.08 -49.25
CA ILE F 266 -5.30 28.68 -49.51
C ILE F 266 -4.89 28.02 -48.20
N TRP F 267 -5.37 26.81 -47.97
CA TRP F 267 -5.04 26.07 -46.76
C TRP F 267 -4.34 24.79 -47.16
N ALA F 268 -3.04 24.72 -46.90
CA ALA F 268 -2.25 23.51 -47.14
C ALA F 268 -2.42 22.57 -45.96
N CYS F 269 -2.92 21.36 -46.21
CA CYS F 269 -3.20 20.40 -45.17
C CYS F 269 -2.48 19.09 -45.44
N LYS F 270 -2.02 18.45 -44.37
CA LYS F 270 -1.53 17.10 -44.47
C LYS F 270 -2.67 16.16 -44.83
N ASN F 271 -2.31 14.96 -45.31
CA ASN F 271 -3.28 14.02 -45.86
C ASN F 271 -4.54 13.93 -45.00
N TYR F 272 -4.40 13.50 -43.74
CA TYR F 272 -5.56 13.30 -42.88
C TYR F 272 -6.34 14.60 -42.69
N ASP F 273 -5.66 15.66 -42.22
CA ASP F 273 -6.32 16.94 -42.00
C ASP F 273 -7.07 17.43 -43.25
N GLY F 274 -6.45 17.33 -44.43
CA GLY F 274 -7.12 17.76 -45.64
C GLY F 274 -8.37 16.93 -45.94
N ASP F 275 -8.28 15.62 -45.70
CA ASP F 275 -9.44 14.75 -45.87
C ASP F 275 -10.60 15.20 -44.99
N VAL F 276 -10.33 15.45 -43.69
CA VAL F 276 -11.40 15.72 -42.73
C VAL F 276 -11.91 17.16 -42.84
N GLN F 277 -11.01 18.13 -42.87
CA GLN F 277 -11.41 19.53 -42.82
C GLN F 277 -12.18 19.95 -44.06
N SER F 278 -11.85 19.39 -45.23
CA SER F 278 -12.54 19.79 -46.45
C SER F 278 -14.02 19.45 -46.41
N ASP F 279 -14.43 18.47 -45.58
CA ASP F 279 -15.84 18.17 -45.41
C ASP F 279 -16.52 19.13 -44.43
N SER F 280 -15.84 19.48 -43.33
CA SER F 280 -16.31 20.56 -42.48
C SER F 280 -16.45 21.85 -43.28
N VAL F 281 -15.55 22.09 -44.23
CA VAL F 281 -15.61 23.32 -45.03
C VAL F 281 -16.75 23.25 -46.03
N ALA F 282 -16.89 22.11 -46.71
CA ALA F 282 -18.00 21.95 -47.65
C ALA F 282 -19.34 22.07 -46.94
N GLN F 283 -19.51 21.35 -45.82
CA GLN F 283 -20.76 21.43 -45.08
C GLN F 283 -20.99 22.82 -44.51
N GLY F 284 -19.92 23.51 -44.11
CA GLY F 284 -20.07 24.85 -43.56
C GLY F 284 -20.48 25.88 -44.60
N TYR F 285 -20.13 25.64 -45.87
CA TYR F 285 -20.69 26.41 -46.98
C TYR F 285 -22.08 25.92 -47.37
N GLY F 286 -22.58 24.89 -46.67
CA GLY F 286 -23.97 24.47 -46.72
C GLY F 286 -24.24 23.12 -47.37
N SER F 287 -23.38 22.58 -48.24
CA SER F 287 -23.62 21.19 -48.64
C SER F 287 -22.34 20.46 -49.06
N LEU F 288 -22.32 19.15 -48.77
CA LEU F 288 -21.27 18.26 -49.24
C LEU F 288 -21.37 17.97 -50.73
N GLY F 289 -22.56 18.11 -51.34
CA GLY F 289 -22.70 17.96 -52.78
C GLY F 289 -22.19 19.14 -53.58
N MET F 290 -21.81 20.20 -52.88
CA MET F 290 -21.27 21.44 -53.42
C MET F 290 -19.74 21.49 -53.46
N MET F 291 -19.05 20.37 -53.23
CA MET F 291 -17.59 20.34 -53.19
C MET F 291 -16.99 19.84 -54.51
N THR F 292 -16.03 20.59 -55.07
CA THR F 292 -15.16 20.10 -56.15
C THR F 292 -13.83 19.62 -55.57
N SER F 293 -13.34 18.49 -56.09
CA SER F 293 -12.08 17.88 -55.67
C SER F 293 -11.28 17.49 -56.90
N VAL F 294 -10.10 18.11 -57.08
CA VAL F 294 -9.24 17.80 -58.23
C VAL F 294 -7.83 17.46 -57.74
N LEU F 295 -7.40 16.21 -57.98
CA LEU F 295 -6.02 15.83 -57.76
C LEU F 295 -5.17 16.41 -58.89
N VAL F 296 -4.16 17.19 -58.54
CA VAL F 296 -3.26 17.80 -59.51
C VAL F 296 -1.89 17.15 -59.31
N CYS F 297 -1.46 16.37 -60.30
CA CYS F 297 -0.23 15.62 -60.18
C CYS F 297 0.98 16.54 -60.33
N PRO F 298 2.14 16.13 -59.82
CA PRO F 298 3.33 17.00 -59.92
C PRO F 298 3.78 17.24 -61.36
N ASP F 299 3.50 16.30 -62.27
CA ASP F 299 3.65 16.58 -63.69
C ASP F 299 2.42 17.36 -64.13
N GLY F 300 2.63 18.58 -64.63
CA GLY F 300 1.53 19.54 -64.79
C GLY F 300 0.48 19.13 -65.78
N LYS F 301 0.69 18.03 -66.50
CA LYS F 301 -0.29 17.58 -67.48
C LYS F 301 -1.46 16.81 -66.87
N THR F 302 -1.21 16.02 -65.81
CA THR F 302 -2.17 15.03 -65.35
C THR F 302 -3.02 15.55 -64.18
N VAL F 303 -4.34 15.32 -64.26
CA VAL F 303 -5.27 15.61 -63.16
C VAL F 303 -6.28 14.48 -63.04
N GLU F 304 -6.84 14.34 -61.84
CA GLU F 304 -7.96 13.42 -61.59
C GLU F 304 -9.02 14.19 -60.80
N ALA F 305 -10.24 14.23 -61.34
CA ALA F 305 -11.36 14.93 -60.73
C ALA F 305 -12.38 13.93 -60.20
N GLU F 306 -12.80 14.12 -58.96
CA GLU F 306 -13.74 13.23 -58.27
C GLU F 306 -14.79 14.08 -57.58
N ALA F 307 -15.72 13.41 -56.91
CA ALA F 307 -16.54 14.04 -55.88
C ALA F 307 -15.97 13.67 -54.53
N ALA F 308 -15.71 14.68 -53.69
CA ALA F 308 -15.08 14.41 -52.40
C ALA F 308 -15.99 13.68 -51.42
N HIS F 309 -17.30 13.68 -51.65
CA HIS F 309 -18.21 12.99 -50.75
C HIS F 309 -18.21 11.49 -51.04
N GLY F 310 -18.99 10.74 -50.26
CA GLY F 310 -19.08 9.31 -50.41
C GLY F 310 -20.18 8.89 -51.37
N THR F 311 -20.57 7.62 -51.24
CA THR F 311 -21.58 6.99 -52.08
C THR F 311 -22.99 7.29 -51.62
N VAL F 312 -23.18 8.06 -50.54
CA VAL F 312 -24.49 8.42 -50.02
C VAL F 312 -25.33 7.17 -49.74
N THR F 313 -24.80 6.27 -48.91
CA THR F 313 -25.43 4.97 -48.70
C THR F 313 -26.88 5.10 -48.20
N ARG F 314 -27.14 6.04 -47.28
CA ARG F 314 -28.48 6.15 -46.71
C ARG F 314 -29.51 6.49 -47.78
N HIS F 315 -29.12 7.28 -48.79
CA HIS F 315 -30.04 7.60 -49.88
C HIS F 315 -30.20 6.42 -50.84
N TYR F 316 -29.18 5.57 -50.95
CA TYR F 316 -29.27 4.36 -51.76
C TYR F 316 -30.18 3.32 -51.14
N ARG F 317 -30.36 3.37 -49.81
CA ARG F 317 -31.25 2.44 -49.14
C ARG F 317 -32.71 2.79 -49.37
N MET F 318 -33.04 4.09 -49.40
CA MET F 318 -34.37 4.51 -49.79
C MET F 318 -34.65 4.16 -51.24
N TYR F 319 -33.70 4.47 -52.13
CA TYR F 319 -33.82 4.15 -53.55
C TYR F 319 -34.10 2.65 -53.76
N GLN F 320 -33.42 1.79 -53.01
CA GLN F 320 -33.64 0.35 -53.14
C GLN F 320 -35.06 -0.05 -52.78
N LYS F 321 -35.68 0.69 -51.85
CA LYS F 321 -37.05 0.42 -51.42
C LYS F 321 -38.09 1.06 -52.34
N GLY F 322 -37.65 1.74 -53.40
CA GLY F 322 -38.54 2.35 -54.36
C GLY F 322 -38.92 3.78 -54.06
N GLN F 323 -38.35 4.38 -53.02
CA GLN F 323 -38.83 5.65 -52.49
C GLN F 323 -38.23 6.85 -53.23
N GLU F 324 -38.64 8.03 -52.79
CA GLU F 324 -38.17 9.28 -53.37
C GLU F 324 -36.84 9.67 -52.74
N THR F 325 -35.87 10.03 -53.57
CA THR F 325 -34.57 10.49 -53.11
C THR F 325 -34.31 11.89 -53.67
N SER F 326 -33.87 12.79 -52.80
CA SER F 326 -33.24 14.03 -53.23
C SER F 326 -31.79 13.94 -52.81
N THR F 327 -30.89 13.75 -53.78
CA THR F 327 -29.46 13.59 -53.57
C THR F 327 -28.75 14.55 -54.52
N ASN F 328 -27.81 15.33 -53.98
CA ASN F 328 -27.24 16.41 -54.78
C ASN F 328 -26.24 15.88 -55.80
N PRO F 329 -26.56 15.97 -57.09
CA PRO F 329 -25.66 15.48 -58.15
C PRO F 329 -24.44 16.35 -58.41
N ILE F 330 -24.42 17.60 -57.93
CA ILE F 330 -23.56 18.63 -58.50
C ILE F 330 -22.07 18.30 -58.35
N ALA F 331 -21.67 17.68 -57.24
CA ALA F 331 -20.25 17.36 -57.09
C ALA F 331 -19.82 16.33 -58.12
N SER F 332 -20.65 15.32 -58.36
CA SER F 332 -20.37 14.35 -59.41
C SER F 332 -20.35 15.02 -60.79
N ILE F 333 -21.15 16.08 -60.97
CA ILE F 333 -21.21 16.78 -62.26
C ILE F 333 -19.92 17.57 -62.50
N PHE F 334 -19.47 18.34 -61.50
CA PHE F 334 -18.23 19.10 -61.63
C PHE F 334 -17.01 18.19 -61.71
N ALA F 335 -17.14 16.92 -61.29
CA ALA F 335 -16.08 15.96 -61.57
C ALA F 335 -15.89 15.78 -63.07
N TRP F 336 -16.99 15.85 -63.84
CA TRP F 336 -16.90 15.76 -65.30
C TRP F 336 -16.42 17.07 -65.91
N THR F 337 -16.99 18.20 -65.48
CA THR F 337 -16.64 19.48 -66.07
C THR F 337 -15.21 19.89 -65.75
N ARG F 338 -14.70 19.52 -64.55
CA ARG F 338 -13.32 19.83 -64.21
C ARG F 338 -12.35 19.10 -65.13
N GLY F 339 -12.59 17.80 -65.35
CA GLY F 339 -11.74 17.05 -66.26
C GLY F 339 -11.82 17.55 -67.69
N LEU F 340 -13.06 17.73 -68.19
CA LEU F 340 -13.25 18.25 -69.54
C LEU F 340 -12.56 19.59 -69.73
N ALA F 341 -12.65 20.48 -68.75
CA ALA F 341 -11.88 21.73 -68.82
C ALA F 341 -10.39 21.47 -68.98
N HIS F 342 -9.86 20.45 -68.29
CA HIS F 342 -8.44 20.13 -68.43
C HIS F 342 -8.16 19.40 -69.73
N ARG F 343 -9.06 18.51 -70.15
CA ARG F 343 -8.96 17.92 -71.48
C ARG F 343 -8.95 18.99 -72.56
N ALA F 344 -9.74 20.06 -72.36
CA ALA F 344 -9.80 21.14 -73.34
C ALA F 344 -8.57 22.04 -73.27
N LYS F 345 -7.99 22.24 -72.09
CA LYS F 345 -6.77 23.02 -72.00
C LYS F 345 -5.58 22.27 -72.62
N LEU F 346 -5.55 20.95 -72.49
CA LEU F 346 -4.45 20.17 -73.06
C LEU F 346 -4.60 20.04 -74.57
N ASP F 347 -5.80 19.67 -75.03
CA ASP F 347 -6.06 19.45 -76.46
C ASP F 347 -6.39 20.74 -77.19
N ASN F 348 -6.38 21.88 -76.50
CA ASN F 348 -6.69 23.18 -77.11
C ASN F 348 -8.05 23.18 -77.80
N ASN F 349 -9.00 22.45 -77.24
CA ASN F 349 -10.37 22.43 -77.74
C ASN F 349 -11.06 23.71 -77.30
N LYS F 350 -11.53 24.51 -78.26
CA LYS F 350 -12.36 25.65 -77.90
C LYS F 350 -13.79 25.20 -77.60
N GLU F 351 -14.27 24.18 -78.31
CA GLU F 351 -15.64 23.73 -78.11
C GLU F 351 -15.81 23.02 -76.77
N LEU F 352 -14.88 22.13 -76.43
CA LEU F 352 -14.99 21.43 -75.15
C LEU F 352 -14.90 22.41 -73.99
N ALA F 353 -14.00 23.39 -74.10
CA ALA F 353 -13.87 24.41 -73.05
C ALA F 353 -15.18 25.15 -72.82
N PHE F 354 -15.81 25.62 -73.89
CA PHE F 354 -17.09 26.33 -73.75
C PHE F 354 -18.14 25.44 -73.10
N PHE F 355 -18.25 24.19 -73.57
CA PHE F 355 -19.22 23.26 -73.00
C PHE F 355 -19.01 23.07 -71.50
N ALA F 356 -17.76 22.80 -71.09
CA ALA F 356 -17.46 22.61 -69.67
C ALA F 356 -17.86 23.83 -68.86
N ASN F 357 -17.48 25.03 -69.32
CA ASN F 357 -17.89 26.25 -68.63
C ASN F 357 -19.40 26.42 -68.63
N ALA F 358 -20.07 26.00 -69.71
CA ALA F 358 -21.52 26.16 -69.79
C ALA F 358 -22.25 25.23 -68.83
N LEU F 359 -21.79 23.97 -68.73
CA LEU F 359 -22.47 23.04 -67.81
C LEU F 359 -22.34 23.49 -66.37
N GLU F 360 -21.25 24.19 -66.03
CA GLU F 360 -21.13 24.75 -64.68
C GLU F 360 -22.05 25.95 -64.49
N GLU F 361 -22.09 26.85 -65.47
CA GLU F 361 -23.01 27.98 -65.38
C GLU F 361 -24.46 27.52 -65.35
N VAL F 362 -24.81 26.51 -66.15
CA VAL F 362 -26.15 25.92 -66.09
C VAL F 362 -26.44 25.38 -64.70
N SER F 363 -25.52 24.59 -64.14
CA SER F 363 -25.74 23.95 -62.85
C SER F 363 -26.00 24.97 -61.75
N ILE F 364 -25.26 26.09 -61.74
CA ILE F 364 -25.42 27.11 -60.71
C ILE F 364 -26.66 27.97 -60.96
N GLU F 365 -26.88 28.38 -62.22
CA GLU F 365 -28.06 29.19 -62.56
C GLU F 365 -29.35 28.50 -62.16
N THR F 366 -29.42 27.18 -62.37
CA THR F 366 -30.61 26.42 -61.99
C THR F 366 -30.91 26.55 -60.51
N ILE F 367 -29.92 26.23 -59.67
CA ILE F 367 -30.08 26.34 -58.22
C ILE F 367 -30.47 27.75 -57.81
N GLU F 368 -29.85 28.76 -58.44
CA GLU F 368 -30.17 30.14 -58.09
C GLU F 368 -31.55 30.57 -58.59
N ALA F 369 -32.21 29.75 -59.43
CA ALA F 369 -33.57 30.03 -59.87
C ALA F 369 -34.62 29.36 -59.01
N GLY F 370 -34.22 28.58 -58.01
CA GLY F 370 -35.17 27.91 -57.13
C GLY F 370 -35.30 26.42 -57.34
N PHE F 371 -34.55 25.83 -58.28
CA PHE F 371 -34.60 24.40 -58.56
C PHE F 371 -33.39 23.75 -57.91
N MET F 372 -33.61 22.98 -56.84
CA MET F 372 -32.53 22.45 -56.02
C MET F 372 -33.04 21.21 -55.31
N THR F 373 -32.09 20.42 -54.80
CA THR F 373 -32.43 19.21 -54.07
C THR F 373 -32.71 19.56 -52.60
N LYS F 374 -33.09 18.55 -51.82
CA LYS F 374 -33.62 18.78 -50.48
C LYS F 374 -32.59 19.44 -49.57
N ASP F 375 -31.35 18.94 -49.61
CA ASP F 375 -30.26 19.49 -48.80
C ASP F 375 -30.13 21.00 -49.01
N LEU F 376 -30.06 21.44 -50.26
CA LEU F 376 -29.93 22.87 -50.54
C LEU F 376 -31.17 23.64 -50.10
N ALA F 377 -32.34 23.01 -50.11
CA ALA F 377 -33.53 23.71 -49.65
C ALA F 377 -33.48 23.92 -48.14
N ALA F 378 -32.98 22.91 -47.41
CA ALA F 378 -32.79 23.05 -45.96
C ALA F 378 -31.86 24.20 -45.61
N CYS F 379 -30.86 24.48 -46.47
CA CYS F 379 -29.97 25.61 -46.21
C CYS F 379 -30.75 26.92 -46.06
N ILE F 380 -31.73 27.16 -46.93
CA ILE F 380 -32.46 28.42 -46.93
C ILE F 380 -33.52 28.44 -45.82
N LYS F 381 -34.23 27.33 -45.64
CA LYS F 381 -35.40 27.23 -44.77
C LYS F 381 -35.00 26.75 -43.37
N GLY F 382 -34.37 25.58 -43.31
CA GLY F 382 -34.08 24.62 -42.28
C GLY F 382 -34.88 23.35 -42.51
N LEU F 383 -34.34 22.23 -42.04
CA LEU F 383 -34.97 20.94 -42.32
C LEU F 383 -36.38 20.80 -41.75
N PRO F 384 -36.69 21.30 -40.53
CA PRO F 384 -38.08 21.21 -40.08
C PRO F 384 -39.07 21.89 -41.02
N ASN F 385 -38.70 23.04 -41.59
CA ASN F 385 -39.58 23.85 -42.43
C ASN F 385 -39.64 23.41 -43.90
N VAL F 386 -38.89 22.39 -44.30
CA VAL F 386 -38.78 22.04 -45.72
C VAL F 386 -40.02 21.29 -46.18
N GLN F 387 -40.67 21.81 -47.21
CA GLN F 387 -41.88 21.23 -47.78
C GLN F 387 -41.51 20.49 -49.06
N ARG F 388 -42.26 19.41 -49.32
CA ARG F 388 -42.06 18.62 -50.53
C ARG F 388 -42.07 19.49 -51.79
N SER F 389 -42.77 20.63 -51.76
CA SER F 389 -42.81 21.55 -52.88
C SER F 389 -41.58 22.43 -53.00
N ASP F 390 -40.72 22.47 -51.97
CA ASP F 390 -39.54 23.32 -52.00
C ASP F 390 -38.38 22.73 -52.80
N TYR F 391 -38.37 21.42 -53.02
CA TYR F 391 -37.24 20.75 -53.65
C TYR F 391 -37.71 19.77 -54.72
N LEU F 392 -36.82 19.48 -55.66
CA LEU F 392 -36.96 18.44 -56.66
C LEU F 392 -36.18 17.21 -56.22
N ASN F 393 -36.69 16.03 -56.56
CA ASN F 393 -35.93 14.82 -56.34
C ASN F 393 -34.78 14.75 -57.36
N THR F 394 -33.99 13.68 -57.27
CA THR F 394 -32.74 13.60 -58.03
C THR F 394 -32.99 13.52 -59.53
N PHE F 395 -33.87 12.60 -59.95
CA PHE F 395 -34.18 12.42 -61.37
C PHE F 395 -34.88 13.64 -61.94
N GLU F 396 -35.86 14.16 -61.21
CA GLU F 396 -36.47 15.44 -61.58
C GLU F 396 -35.40 16.50 -61.79
N PHE F 397 -34.39 16.54 -60.91
CA PHE F 397 -33.39 17.60 -60.96
C PHE F 397 -32.42 17.40 -62.12
N MET F 398 -32.03 16.15 -62.40
CA MET F 398 -31.21 15.88 -63.60
C MET F 398 -31.94 16.29 -64.86
N ASP F 399 -33.25 16.04 -64.91
CA ASP F 399 -34.03 16.42 -66.09
C ASP F 399 -34.06 17.93 -66.28
N LYS F 400 -34.21 18.68 -65.18
CA LYS F 400 -34.21 20.14 -65.29
C LYS F 400 -32.87 20.64 -65.81
N LEU F 401 -31.77 20.09 -65.30
CA LEU F 401 -30.45 20.47 -65.79
C LEU F 401 -30.30 20.19 -67.29
N GLY F 402 -30.82 19.05 -67.74
CA GLY F 402 -30.85 18.79 -69.18
C GLY F 402 -31.61 19.85 -69.93
N GLU F 403 -32.81 20.19 -69.47
CA GLU F 403 -33.61 21.21 -70.12
C GLU F 403 -32.85 22.53 -70.22
N ASN F 404 -32.17 22.92 -69.14
CA ASN F 404 -31.43 24.18 -69.17
C ASN F 404 -30.11 24.06 -69.93
N LEU F 405 -29.55 22.85 -70.05
CA LEU F 405 -28.38 22.67 -70.91
C LEU F 405 -28.77 22.79 -72.39
N LYS F 406 -29.91 22.18 -72.77
CA LYS F 406 -30.40 22.32 -74.14
C LYS F 406 -30.52 23.79 -74.53
N ILE F 407 -31.19 24.59 -73.70
CA ILE F 407 -31.40 26.00 -73.98
C ILE F 407 -30.06 26.73 -74.04
N LYS F 408 -29.22 26.53 -73.02
CA LYS F 408 -27.93 27.23 -72.95
C LYS F 408 -27.06 26.92 -74.17
N LEU F 409 -27.11 25.69 -74.66
CA LEU F 409 -26.34 25.33 -75.85
C LEU F 409 -27.03 25.77 -77.14
N ALA F 410 -28.36 25.84 -77.16
CA ALA F 410 -29.07 26.39 -78.32
C ALA F 410 -28.87 27.90 -78.42
N GLN F 411 -29.07 28.62 -77.31
CA GLN F 411 -28.84 30.07 -77.30
C GLN F 411 -27.43 30.42 -77.71
N ALA F 412 -26.47 29.52 -77.44
CA ALA F 412 -25.10 29.68 -77.91
C ALA F 412 -24.93 29.30 -79.37
N LYS F 413 -25.85 28.50 -79.92
CA LYS F 413 -25.83 28.17 -81.34
C LYS F 413 -26.25 29.34 -82.22
N LEU F 414 -26.69 30.45 -81.63
CA LEU F 414 -26.98 31.70 -82.34
C LEU F 414 -28.02 31.53 -83.46
CA CA G . -28.29 -20.16 17.05
PA NAP H . -35.12 -26.18 17.63
O1A NAP H . -34.79 -25.15 16.63
O2A NAP H . -35.77 -27.39 17.06
O5B NAP H . -36.04 -25.46 18.73
C5B NAP H . -36.43 -26.16 19.88
C4B NAP H . -37.68 -25.48 20.39
O4B NAP H . -37.66 -24.09 20.08
C3B NAP H . -38.91 -26.01 19.68
O3B NAP H . -39.37 -27.22 20.23
C2B NAP H . -39.86 -24.84 19.84
O2B NAP H . -40.32 -24.64 21.16
C1B NAP H . -38.95 -23.65 19.67
N9A NAP H . -38.96 -23.16 18.29
C8A NAP H . -37.86 -22.92 17.51
N7A NAP H . -38.28 -22.44 16.29
C5A NAP H . -39.62 -22.37 16.32
C6A NAP H . -40.56 -21.95 15.36
N6A NAP H . -40.16 -21.52 14.16
N1A NAP H . -41.91 -21.99 15.64
C2A NAP H . -42.32 -22.43 16.88
N3A NAP H . -41.40 -22.85 17.83
C4A NAP H . -40.06 -22.81 17.56
O3 NAP H . -33.81 -26.57 18.47
PN NAP H . -33.24 -28.05 18.75
O1N NAP H . -32.15 -27.93 19.76
O2N NAP H . -34.41 -28.94 18.99
O5D NAP H . -32.57 -28.49 17.35
C5D NAP H . -33.25 -29.38 16.48
C4D NAP H . -32.34 -29.57 15.27
O4D NAP H . -32.16 -28.35 14.57
C3D NAP H . -30.95 -30.11 15.60
O3D NAP H . -30.66 -31.14 14.68
C2D NAP H . -30.02 -28.95 15.31
O2D NAP H . -28.78 -29.39 14.83
C1D NAP H . -30.80 -28.19 14.24
N1N NAP H . -30.48 -26.77 14.17
C2N NAP H . -30.20 -26.24 12.95
C3N NAP H . -29.90 -24.90 12.79
C7N NAP H . -29.98 -24.33 11.40
O7N NAP H . -29.95 -25.21 10.30
N7N NAP H . -30.08 -23.03 11.22
C4N NAP H . -29.90 -24.08 13.91
C5N NAP H . -30.19 -24.62 15.16
C6N NAP H . -30.49 -25.97 15.29
P2B NAP H . -41.24 -25.63 22.03
O1X NAP H . -40.66 -27.02 22.11
O2X NAP H . -41.25 -25.01 23.41
O3X NAP H . -42.65 -25.73 21.46
C1 AKG I . -27.20 -20.92 14.06
O1 AKG I . -27.16 -20.69 12.82
O2 AKG I . -27.36 -20.00 14.89
C2 AKG I . -27.08 -22.31 14.53
O5 AKG I . -27.39 -22.62 15.66
C3 AKG I . -26.56 -23.37 13.59
C4 AKG I . -26.37 -24.66 14.38
C5 AKG I . -25.95 -25.77 13.43
O3 AKG I . -25.72 -25.47 12.22
O4 AKG I . -25.85 -26.93 13.86
CA CA J . -19.55 -12.84 35.03
PA NAP K . -18.39 -4.03 36.22
O1A NAP K . -18.86 -5.37 36.66
O2A NAP K . -17.34 -3.47 37.10
O5B NAP K . -19.71 -3.11 36.15
C5B NAP K . -20.05 -2.47 34.96
C4B NAP K . -21.48 -1.99 35.11
O4B NAP K . -22.27 -2.93 35.81
C3B NAP K . -21.54 -0.73 35.94
O3B NAP K . -21.25 0.40 35.17
C2B NAP K . -22.96 -0.78 36.49
O2B NAP K . -23.91 -0.34 35.55
C1B NAP K . -23.20 -2.27 36.68
N9A NAP K . -23.04 -2.76 38.08
C8A NAP K . -22.36 -3.91 38.44
N7A NAP K . -22.43 -4.08 39.77
C5A NAP K . -23.13 -3.07 40.30
C6A NAP K . -23.49 -2.78 41.60
N6A NAP K . -23.12 -3.56 42.61
N1A NAP K . -24.25 -1.65 41.88
C2A NAP K . -24.63 -0.84 40.83
N3A NAP K . -24.27 -1.14 39.53
C4A NAP K . -23.53 -2.24 39.25
O3 NAP K . -17.92 -4.13 34.68
PN NAP K . -16.48 -3.95 33.96
O1N NAP K . -16.52 -4.79 32.75
O2N NAP K . -16.15 -2.51 33.84
O5D NAP K . -15.41 -4.59 34.99
C5D NAP K . -14.43 -3.73 35.54
C4D NAP K . -13.29 -4.54 36.17
O4D NAP K . -13.83 -5.52 37.04
C3D NAP K . -12.43 -5.26 35.15
O3D NAP K . -11.07 -4.95 35.37
C2D NAP K . -12.71 -6.74 35.38
O2D NAP K . -11.53 -7.50 35.22
C1D NAP K . -13.19 -6.77 36.82
N1N NAP K . -14.13 -7.87 37.12
C2N NAP K . -13.90 -8.57 38.27
C3N NAP K . -14.74 -9.62 38.65
C7N NAP K . -14.45 -10.34 39.95
O7N NAP K . -13.21 -10.14 40.55
N7N NAP K . -15.37 -11.13 40.48
C4N NAP K . -15.81 -9.97 37.84
C5N NAP K . -16.02 -9.25 36.66
C6N NAP K . -15.18 -8.20 36.30
P2B NAP K . -24.15 1.21 35.10
O1X NAP K . -22.85 1.84 34.62
O2X NAP K . -25.17 1.21 33.99
O3X NAP K . -24.71 1.99 36.29
C1 AKG L . -17.16 -14.09 36.66
O1 AKG L . -16.61 -15.17 36.89
O2 AKG L . -18.40 -13.93 36.84
C2 AKG L . -16.34 -12.99 36.16
O5 AKG L . -16.84 -12.05 35.55
C3 AKG L . -14.85 -13.03 36.41
C4 AKG L . -14.15 -12.07 35.45
C5 AKG L . -12.68 -12.00 35.81
O3 AKG L . -12.28 -12.70 36.77
O4 AKG L . -11.93 -11.26 35.15
CA CA M . 40.41 -2.07 20.39
PA NAP N . 49.08 -4.03 19.45
O1A NAP N . 48.07 -3.05 19.93
O2A NAP N . 49.78 -4.64 20.62
O5B NAP N . 50.12 -3.28 18.48
C5B NAP N . 50.14 -3.51 17.08
C4B NAP N . 50.76 -2.30 16.39
O4B NAP N . 50.08 -1.08 16.70
C3B NAP N . 52.19 -2.05 16.83
O3B NAP N . 53.10 -2.82 16.07
C2B NAP N . 52.35 -0.55 16.63
O2B NAP N . 52.43 -0.22 15.27
C1B NAP N . 50.99 -0.03 17.00
N9A NAP N . 50.94 0.34 18.43
C8A NAP N . 50.06 -0.13 19.36
N7A NAP N . 50.29 0.45 20.57
C5A NAP N . 51.34 1.28 20.43
C6A NAP N . 52.01 2.11 21.33
N6A NAP N . 51.64 2.18 22.60
N1A NAP N . 53.06 2.87 20.92
C2A NAP N . 53.45 2.81 19.60
N3A NAP N . 52.80 1.99 18.70
C4A NAP N . 51.75 1.23 19.10
O3 NAP N . 48.36 -5.06 18.45
PN NAP N . 48.63 -6.60 18.09
O1N NAP N . 47.71 -7.01 17.01
O2N NAP N . 50.09 -6.75 17.81
O5D NAP N . 48.25 -7.38 19.47
C5D NAP N . 49.25 -7.63 20.42
C4D NAP N . 48.71 -8.40 21.62
O4D NAP N . 47.95 -7.57 22.47
C3D NAP N . 47.82 -9.56 21.24
O3D NAP N . 48.25 -10.70 21.98
C2D NAP N . 46.43 -9.11 21.66
O2D NAP N . 45.63 -10.19 22.07
C1D NAP N . 46.70 -8.13 22.80
N1N NAP N . 45.71 -7.03 22.97
C2N NAP N . 45.40 -6.64 24.25
C3N NAP N . 44.50 -5.61 24.49
C7N NAP N . 44.34 -5.14 25.91
O7N NAP N . 44.67 -6.04 26.92
N7N NAP N . 43.87 -3.93 26.20
C4N NAP N . 43.90 -4.95 23.42
C5N NAP N . 44.24 -5.36 22.12
C6N NAP N . 45.14 -6.39 21.90
P2B NAP N . 53.75 -0.37 14.37
O1X NAP N . 54.11 -1.83 14.14
O2X NAP N . 53.45 0.20 13.00
O3X NAP N . 54.85 0.41 15.05
C1 AKG O . 40.10 -3.66 23.41
O1 AKG O . 39.69 -3.62 24.59
O2 AKG O . 40.06 -2.64 22.66
C2 AKG O . 40.62 -4.92 22.90
O5 AKG O . 41.03 -5.02 21.75
C3 AKG O . 40.68 -6.13 23.80
C4 AKG O . 41.34 -7.27 23.02
C5 AKG O . 41.42 -8.49 23.91
O3 AKG O . 41.19 -8.34 25.14
O4 AKG O . 41.69 -9.59 23.38
CA CA P . 28.17 -0.12 3.38
PA NAP Q . 22.84 6.70 2.50
O1A NAP Q . 23.82 5.73 1.94
O2A NAP Q . 21.67 6.85 1.61
O5B NAP Q . 23.57 8.11 2.74
C5B NAP Q . 22.95 9.06 3.58
C4B NAP Q . 23.90 10.24 3.76
O4B NAP Q . 25.20 9.97 3.24
C3B NAP Q . 23.38 11.45 3.02
O3B NAP Q . 22.69 12.32 3.89
C2B NAP Q . 24.62 12.09 2.47
O2B NAP Q . 25.25 12.84 3.47
C1B NAP Q . 25.58 10.94 2.28
N9A NAP Q . 25.57 10.35 0.92
C8A NAP Q . 25.39 9.03 0.58
N7A NAP Q . 25.47 8.87 -0.78
C5A NAP Q . 25.70 10.09 -1.31
C6A NAP Q . 25.86 10.52 -2.63
N6A NAP Q . 25.80 9.68 -3.66
N1A NAP Q . 26.09 11.85 -2.90
C2A NAP Q . 26.16 12.74 -1.86
N3A NAP Q . 25.99 12.32 -0.55
C4A NAP Q . 25.77 11.01 -0.27
O3 NAP Q . 22.49 6.26 4.01
PN NAP Q . 21.14 5.99 4.86
O1N NAP Q . 21.34 4.68 5.52
O2N NAP Q . 20.86 7.22 5.66
O5D NAP Q . 19.99 5.77 3.75
C5D NAP Q . 20.13 4.61 2.98
C4D NAP Q . 18.84 3.87 2.66
O4D NAP Q . 19.26 3.00 1.63
C3D NAP Q . 18.36 2.98 3.80
O3D NAP Q . 16.95 2.84 3.73
C2D NAP Q . 19.08 1.66 3.55
O2D NAP Q . 18.25 0.56 3.87
C1D NAP Q . 19.38 1.66 2.06
N1N NAP Q . 20.72 1.13 1.72
C2N NAP Q . 20.83 0.30 0.64
C3N NAP Q . 22.05 -0.24 0.26
C7N NAP Q . 22.18 -0.67 -1.18
O7N NAP Q . 21.06 -1.21 -1.83
N7N NAP Q . 23.34 -0.52 -1.83
C4N NAP Q . 23.20 0.07 0.99
C5N NAP Q . 23.08 0.93 2.10
C6N NAP Q . 21.83 1.45 2.46
P2B NAP Q . 24.82 14.28 4.02
O1X NAP Q . 23.58 14.17 4.89
O2X NAP Q . 25.96 14.77 4.88
O3X NAP Q . 24.60 15.22 2.85
C1 AKG R . 26.21 -2.28 1.75
O1 AKG R . 26.11 -3.20 0.91
O2 AKG R . 27.24 -1.56 1.82
C2 AKG R . 25.09 -2.06 2.66
O5 AKG R . 25.11 -1.14 3.47
C3 AKG R . 23.89 -2.96 2.61
C4 AKG R . 22.85 -2.46 3.62
C5 AKG R . 21.49 -2.95 3.20
O3 AKG R . 21.42 -3.73 2.21
O4 AKG R . 20.49 -2.56 3.83
CA CA S . -6.35 21.68 -28.95
PA NAP T . -3.08 30.15 -28.94
O1A NAP T . -3.71 29.38 -27.85
O2A NAP T . -2.13 31.21 -28.49
O5B NAP T . -4.22 30.79 -29.86
C5B NAP T . -3.83 31.62 -30.91
C4B NAP T . -4.92 32.65 -31.07
O4B NAP T . -6.18 32.15 -30.61
C3B NAP T . -4.68 33.87 -30.21
O3B NAP T . -3.76 34.72 -30.82
C2B NAP T . -6.08 34.45 -30.13
O2B NAP T . -6.57 34.91 -31.37
C1B NAP T . -6.90 33.19 -29.96
N9A NAP T . -7.10 32.92 -28.53
C8A NAP T . -6.77 31.77 -27.87
N7A NAP T . -7.12 31.89 -26.57
C5A NAP T . -7.66 33.12 -26.38
C6A NAP T . -8.19 33.76 -25.27
N6A NAP T . -8.20 33.15 -24.09
N1A NAP T . -8.69 35.04 -25.36
C2A NAP T . -8.66 35.67 -26.59
N3A NAP T . -8.15 35.03 -27.70
C4A NAP T . -7.66 33.77 -27.61
O3 NAP T . -2.40 29.15 -29.99
PN NAP T . -0.88 29.10 -30.52
O1N NAP T . -0.89 28.09 -31.62
O2N NAP T . -0.40 30.49 -30.76
O5D NAP T . -0.01 28.50 -29.28
C5D NAP T . 0.63 29.35 -28.36
C4D NAP T . 1.41 28.48 -27.37
O4D NAP T . 0.51 27.76 -26.55
C3D NAP T . 2.32 27.46 -28.06
O3D NAP T . 3.59 27.45 -27.44
C2D NAP T . 1.64 26.14 -27.84
O2D NAP T . 2.58 25.10 -27.68
C1D NAP T . 0.85 26.40 -26.55
N1N NAP T . -0.37 25.60 -26.39
C2N NAP T . -0.60 25.02 -25.18
C3N NAP T . -1.74 24.27 -24.94
C7N NAP T . -2.09 24.01 -23.50
O7N NAP T . -1.08 24.19 -22.53
N7N NAP T . -3.33 23.63 -23.18
C4N NAP T . -2.68 24.11 -25.96
C5N NAP T . -2.45 24.71 -27.19
C6N NAP T . -1.29 25.47 -27.41
P2B NAP T . -6.14 36.31 -32.03
O1X NAP T . -4.65 36.37 -32.27
O2X NAP T . -6.84 36.36 -33.38
O3X NAP T . -6.58 37.48 -31.14
C1 AKG U . -4.82 20.70 -26.39
O1 AKG U . -4.78 19.97 -25.39
O2 AKG U . -5.91 21.16 -26.83
C2 AKG U . -3.55 21.02 -27.06
O5 AKG U . -3.50 21.51 -28.17
C3 AKG U . -2.27 20.70 -26.32
C4 AKG U . -1.09 21.29 -27.09
C5 AKG U . 0.18 21.04 -26.31
O3 AKG U . 0.14 20.32 -25.29
O4 AKG U . 1.23 21.57 -26.74
CA CA V . -13.43 13.42 -46.69
PA NAP W . -21.42 9.41 -47.31
O1A NAP W . -20.65 10.50 -47.98
O2A NAP W . -21.74 8.30 -48.25
O5B NAP W . -22.74 10.14 -46.79
C5B NAP W . -22.91 10.43 -45.43
C4B NAP W . -23.91 11.57 -45.36
O4B NAP W . -23.41 12.73 -45.98
C3B NAP W . -25.18 11.24 -46.13
O3B NAP W . -26.05 10.42 -45.39
C2B NAP W . -25.72 12.63 -46.38
O2B NAP W . -26.26 13.17 -45.20
C1B NAP W . -24.45 13.40 -46.68
N9A NAP W . -24.20 13.43 -48.14
C8A NAP W . -23.14 12.86 -48.81
N7A NAP W . -23.26 13.11 -50.13
C5A NAP W . -24.38 13.84 -50.32
C6A NAP W . -24.98 14.37 -51.46
N6A NAP W . -24.44 14.19 -52.66
N1A NAP W . -26.15 15.09 -51.36
C2A NAP W . -26.72 15.28 -50.12
N3A NAP W . -26.12 14.75 -48.99
C4A NAP W . -24.98 14.04 -49.09
O3 NAP W . -20.69 8.92 -45.94
PN NAP W . -20.62 7.44 -45.27
O1N NAP W . -19.83 7.56 -44.03
O2N NAP W . -21.98 6.84 -45.21
O5D NAP W . -19.79 6.57 -46.33
C5D NAP W . -20.46 5.61 -47.12
C4D NAP W . -19.48 4.93 -48.06
O4D NAP W . -18.87 5.86 -48.93
C3D NAP W . -18.36 4.23 -47.30
O3D NAP W . -18.28 2.88 -47.71
C2D NAP W . -17.10 5.00 -47.67
O2D NAP W . -16.00 4.12 -47.84
C1D NAP W . -17.47 5.67 -48.97
N1N NAP W . -16.77 6.94 -49.20
C2N NAP W . -16.16 7.12 -50.41
C3N NAP W . -15.50 8.29 -50.73
C7N NAP W . -15.02 8.50 -52.13
O7N NAP W . -14.89 7.39 -52.98
N7N NAP W . -14.73 9.71 -52.57
C4N NAP W . -15.46 9.34 -49.80
C5N NAP W . -16.10 9.15 -48.56
C6N NAP W . -16.76 7.95 -48.27
P2B NAP W . -27.77 12.97 -44.65
O1X NAP W . -27.99 11.53 -44.20
O2X NAP W . -27.90 13.91 -43.46
O3X NAP W . -28.80 13.37 -45.70
C1 AKG X . -12.22 11.51 -49.02
O1 AKG X . -11.22 11.48 -49.78
O2 AKG X . -12.84 12.58 -48.79
C2 AKG X . -12.62 10.26 -48.38
O5 AKG X . -13.35 10.25 -47.40
C3 AKG X . -12.10 8.97 -48.97
C4 AKG X . -12.62 7.80 -48.15
C5 AKG X . -12.13 6.54 -48.82
O3 AKG X . -11.42 6.65 -49.86
O4 AKG X . -12.45 5.45 -48.31
#